data_7M6E
#
_entry.id   7M6E
#
_cell.length_a   1.00
_cell.length_b   1.00
_cell.length_c   1.00
_cell.angle_alpha   90.00
_cell.angle_beta   90.00
_cell.angle_gamma   90.00
#
_symmetry.space_group_name_H-M   'P 1'
#
loop_
_entity.id
_entity.type
_entity.pdbx_description
1 polymer 'Spike glycoprotein'
2 polymer 'BG10-19 Fab Heavy Chain'
3 polymer 'BG10-19 Fab Light Chain'
4 branched 2-acetamido-2-deoxy-beta-D-glucopyranose-(1-4)-[alpha-L-fucopyranose-(1-6)]2-acetamido-2-deoxy-beta-D-glucopyranose
5 non-polymer 2-acetamido-2-deoxy-beta-D-glucopyranose
#
loop_
_entity_poly.entity_id
_entity_poly.type
_entity_poly.pdbx_seq_one_letter_code
_entity_poly.pdbx_strand_id
1 'polypeptide(L)'
;MFVFLVLLPLVSSQCVNLTTRTQLPPAYTNSFTRGVYYPDKVFRSSVLHSTQDLFLPFFSNVTWFHAIHVSGTNGTKRFD
NPVLPFNDGVYFASTEKSNIIRGWIFGTTLDSKTQSLLIVNNATNVVIKVCEFQFCNDPFLGVYYHKNNKSWMESEFRVY
SSANNCTFEYVSQPFLMDLEGKQGNFKNLREFVFKNIDGYFKIYSKHTPINLVRDLPQGFSALEPLVDLPIGINITRFQT
LLALHRSYLTPGDSSSGWTAGAAAYYVGYLQPRTFLLKYNENGTITDAVDCALDPLSETKCTLKSFTVEKGIYQTSNFRV
QPTESIVRFPNITNLCPFGEVFNATRFASVYAWNRKRISNCVADYSVLYNSASFSTFKCYGVSPTKLNDLCFTNVYADSF
VIRGDEVRQIAPGQTGKIADYNYKLPDDFTGCVIAWNSNNLDSKVGGNYNYLYRLFRKSNLKPFERDISTEIYQAGSTPC
NGVEGFNCYFPLQSYGFQPTNGVGYQPYRVVVLSFELLHAPATVCGPKKSTNLVKNKCVNFNFNGLTGTGVLTESNKKFL
PFQQFGRDIADTTDAVRDPQTLEILDITPCSFGGVSVITPGTNTSNQVAVLYQDVNCTEVPVAIHADQLTPTWRVYSTGS
NVFQTRAGCLIGAEHVNNSYECDIPIGAGICASYQTQTNSPGSASSVASQSIIAYTMSLGAENSVAYSNNSIAIPTNFTI
SVTTEILPVSMTKTSVDCTMYICGDSTECSNLLLQYGSFCTQLNRALTGIAVEQDKNTQEVFAQVKQIYKTPPIKDFGGF
NFSQILPDPSKPSKRSPIEDLLFNKVTLADAGFIKQYGDCLGDIAARDLICAQKFNGLTVLPPLLTDEMIAQYTSALLAG
TITSGWTFGAGPALQIPFPMQMAYRFNGIGVTQNVLYENQKLIANQFNSAIGKIQDSLSSTPSALGKLQDVVNQNAQALN
TLVKQLSSNFGAISSVLNDILSRLDPPEAEVQIDRLITGRLQSLQTYVTQQLIRAAEIRASANLAATKMSECVLGQSKRV
DFCGKGYHLMSFPQSAPHGVVFLHVTYVPAQEKNFTTAPAICHDGKAHFPREGVFVSNGTHWFVTQRNFYEPQIITTDNT
FVSGNCDVVIGIVNNTVYDPLQPELDSFKEELDKYFKNHTSPDVDLGDISGINASVVNIQKEIDRLNEVAKNLNESLIDL
QELGKYEQGSGYIPEAPRDGQAYVRKDGEWVLLSTFLGRSLEVLFQGPGHHHHHHHHSAWSHPQFEKGGGSGGGGSGGSA
WSHPQFEK
;
A,B,E
2 'polypeptide(L)'
;EVQLVQSGAEVKKPGESLKISCKGSGYSFTSYWIGWVRQMPGKGLEWMGVIYPGDSDTRYSPSFQGQVTISADKSISTAY
LQWSSLKASDTAMYYCARTQWGYNYGSHFFYMDVWGKGTTVTVSSASTKGPSVFPLAPSSKSTSGGTAALGCLVKDYFPE
PVTVSWNSGALTSGVHTFPAVLQSSGLYSLSSVVTVPSSSLGTQTYICNVNHKPSNTKVDKRVEPKSCDKT
;
D,F,H
3 'polypeptide(L)'
;QSVLTQPPSASGTPGQRVTISCSGSSSNIGSDHVYWYQQLPGTAPKLFIYRNNQRPSGVPDRFSGSKSGTSASLAISGLR
SEDEADYYCAAWDASLSGYVFGTGTKVTVLGQPKANPTVTLFPPSSEELQANKATLVCLISDFYPGAVTVAWKADSSPVK
AGVETTTPSKQSNNKYAASSYLSLTPEQWKSHRSYSCQVTHEGSTVEKTVAPTECS
;
C,G,L
#
loop_
_chem_comp.id
_chem_comp.type
_chem_comp.name
_chem_comp.formula
FUC L-saccharide, alpha linking alpha-L-fucopyranose 'C6 H12 O5'
NAG D-saccharide, beta linking 2-acetamido-2-deoxy-beta-D-glucopyranose 'C8 H15 N O6'
#
# COMPACT_ATOMS: atom_id res chain seq x y z
N CYS A 15 49.95 40.91 -15.64
CA CYS A 15 49.18 40.79 -16.87
C CYS A 15 49.46 41.85 -17.92
N VAL A 16 49.33 41.43 -19.18
CA VAL A 16 49.50 42.27 -20.35
C VAL A 16 48.27 42.10 -21.22
N ASN A 17 47.68 43.22 -21.64
CA ASN A 17 46.50 43.21 -22.51
C ASN A 17 46.93 43.30 -23.97
N LEU A 18 46.67 42.23 -24.73
CA LEU A 18 47.01 42.18 -26.14
C LEU A 18 45.83 42.76 -26.92
N THR A 19 46.11 43.77 -27.75
CA THR A 19 45.07 44.52 -28.46
C THR A 19 45.09 44.34 -29.97
N THR A 20 46.16 43.79 -30.54
CA THR A 20 46.31 43.65 -31.99
C THR A 20 45.53 42.42 -32.49
N ARG A 21 44.20 42.53 -32.48
CA ARG A 21 43.33 41.43 -32.88
C ARG A 21 42.21 41.95 -33.78
N THR A 22 42.01 41.26 -34.90
CA THR A 22 40.94 41.59 -35.84
C THR A 22 39.58 41.14 -35.30
N GLN A 23 38.56 41.99 -35.45
CA GLN A 23 37.22 41.71 -34.95
C GLN A 23 36.26 41.28 -36.06
N LEU A 24 36.03 39.98 -36.21
CA LEU A 24 35.09 39.41 -37.18
C LEU A 24 34.01 38.63 -36.42
N PRO A 25 32.83 38.43 -37.01
CA PRO A 25 31.80 37.63 -36.31
C PRO A 25 32.15 36.15 -36.19
N PRO A 26 31.55 35.45 -35.21
CA PRO A 26 31.76 33.99 -35.09
C PRO A 26 31.29 33.19 -36.30
N ALA A 27 32.00 32.12 -36.58
CA ALA A 27 31.63 31.15 -37.61
C ALA A 27 30.89 29.99 -36.94
N TYR A 28 30.12 29.25 -37.74
CA TYR A 28 29.36 28.09 -37.29
C TYR A 28 29.55 26.90 -38.23
N THR A 29 29.49 25.69 -37.65
CA THR A 29 29.61 24.44 -38.39
C THR A 29 28.60 23.42 -37.82
N ASN A 30 28.65 22.21 -38.37
CA ASN A 30 27.74 21.11 -38.04
C ASN A 30 28.44 20.06 -37.17
N SER A 31 27.83 19.76 -36.02
CA SER A 31 28.37 18.79 -35.05
C SER A 31 28.34 17.34 -35.50
N PHE A 32 27.55 16.99 -36.51
CA PHE A 32 27.35 15.61 -36.93
C PHE A 32 26.94 14.72 -35.75
N THR A 33 27.71 13.68 -35.38
CA THR A 33 27.34 12.77 -34.31
C THR A 33 28.36 12.73 -33.17
N ARG A 34 29.16 13.77 -33.03
CA ARG A 34 30.18 13.83 -32.00
C ARG A 34 29.60 14.30 -30.67
N GLY A 35 30.36 14.05 -29.61
CA GLY A 35 30.01 14.51 -28.27
C GLY A 35 29.35 13.49 -27.38
N VAL A 36 29.33 12.22 -27.77
CA VAL A 36 28.77 11.16 -26.95
C VAL A 36 29.86 10.63 -26.03
N TYR A 37 29.52 10.46 -24.76
CA TYR A 37 30.40 10.04 -23.70
C TYR A 37 29.81 8.92 -22.86
N TYR A 38 30.68 8.24 -22.12
CA TYR A 38 30.25 7.21 -21.21
C TYR A 38 29.51 7.86 -20.04
N PRO A 39 28.20 7.65 -19.86
CA PRO A 39 27.48 8.40 -18.82
C PRO A 39 27.77 7.92 -17.41
N ASP A 40 28.39 6.75 -17.22
CA ASP A 40 28.55 6.15 -15.91
C ASP A 40 29.83 5.33 -15.83
N LYS A 41 30.02 4.69 -14.67
CA LYS A 41 31.22 3.90 -14.34
C LYS A 41 30.93 2.41 -14.16
N VAL A 42 29.86 1.89 -14.76
CA VAL A 42 29.45 0.49 -14.59
C VAL A 42 29.56 -0.21 -15.94
N PHE A 43 30.12 -1.42 -15.95
CA PHE A 43 30.26 -2.18 -17.18
C PHE A 43 28.96 -2.88 -17.54
N ARG A 44 28.53 -2.68 -18.78
CA ARG A 44 27.40 -3.39 -19.35
C ARG A 44 27.71 -3.64 -20.81
N SER A 45 27.13 -4.69 -21.37
CA SER A 45 27.43 -5.08 -22.73
C SER A 45 26.23 -5.75 -23.38
N SER A 46 26.15 -5.63 -24.70
CA SER A 46 25.06 -6.20 -25.49
C SER A 46 23.69 -5.77 -24.97
N VAL A 47 23.59 -4.50 -24.56
CA VAL A 47 22.34 -3.93 -24.08
C VAL A 47 22.20 -2.55 -24.71
N LEU A 48 20.96 -2.07 -24.73
CA LEU A 48 20.64 -0.70 -25.10
C LEU A 48 20.12 -0.01 -23.85
N HIS A 49 20.80 1.05 -23.41
CA HIS A 49 20.45 1.73 -22.17
C HIS A 49 19.97 3.15 -22.46
N SER A 50 18.80 3.48 -21.93
CA SER A 50 18.20 4.80 -22.08
C SER A 50 18.56 5.62 -20.85
N THR A 51 19.23 6.75 -21.06
CA THR A 51 19.68 7.61 -19.97
C THR A 51 19.32 9.06 -20.26
N GLN A 52 18.93 9.77 -19.20
CA GLN A 52 18.63 11.20 -19.24
C GLN A 52 19.81 11.95 -18.61
N ASP A 53 20.54 12.71 -19.44
CA ASP A 53 21.76 13.41 -19.02
C ASP A 53 22.00 14.61 -19.94
N LEU A 54 23.08 15.35 -19.64
CA LEU A 54 23.46 16.51 -20.45
C LEU A 54 24.39 16.03 -21.56
N PHE A 55 23.89 16.09 -22.78
CA PHE A 55 24.58 15.63 -23.97
C PHE A 55 24.53 16.67 -25.09
N LEU A 56 25.51 16.59 -26.00
CA LEU A 56 25.46 17.42 -27.22
C LEU A 56 24.43 16.92 -28.24
N PRO A 57 23.42 17.72 -28.63
CA PRO A 57 22.44 17.24 -29.63
C PRO A 57 23.07 16.92 -30.98
N PHE A 58 22.49 15.94 -31.67
CA PHE A 58 22.98 15.56 -33.00
C PHE A 58 22.69 16.67 -34.00
N PHE A 59 23.63 16.90 -34.92
CA PHE A 59 23.51 17.94 -35.97
C PHE A 59 23.28 19.33 -35.38
N SER A 60 23.89 19.61 -34.22
CA SER A 60 23.74 20.94 -33.65
C SER A 60 24.76 21.91 -34.27
N ASN A 61 24.48 23.21 -34.13
CA ASN A 61 25.40 24.27 -34.56
C ASN A 61 26.56 24.51 -33.59
N VAL A 62 27.76 24.09 -33.99
CA VAL A 62 28.96 24.21 -33.17
C VAL A 62 29.74 25.41 -33.66
N THR A 63 30.09 26.32 -32.75
CA THR A 63 30.79 27.55 -33.12
C THR A 63 32.26 27.23 -33.37
N TRP A 64 32.81 27.75 -34.47
CA TRP A 64 34.14 27.36 -34.94
C TRP A 64 35.08 28.57 -35.01
N PHE A 65 36.19 28.48 -34.28
CA PHE A 65 37.19 29.53 -34.09
C PHE A 65 38.57 29.11 -34.57
N HIS A 66 39.37 30.10 -34.97
CA HIS A 66 40.74 29.87 -35.42
C HIS A 66 41.69 30.49 -34.40
N ARG A 78 44.35 34.22 -37.09
CA ARG A 78 44.05 35.37 -36.24
C ARG A 78 44.67 35.07 -34.83
N PHE A 79 43.89 35.33 -33.79
CA PHE A 79 44.07 35.01 -32.38
C PHE A 79 42.65 35.12 -31.88
N ASP A 80 41.83 34.13 -32.22
CA ASP A 80 40.40 34.22 -31.99
C ASP A 80 40.08 33.44 -30.74
N ASN A 81 39.62 34.15 -29.74
CA ASN A 81 39.35 33.61 -28.43
C ASN A 81 38.70 34.73 -27.63
N PRO A 82 37.47 35.09 -27.96
CA PRO A 82 36.76 36.06 -27.14
C PRO A 82 36.24 35.27 -25.97
N VAL A 83 35.60 35.95 -25.06
CA VAL A 83 34.95 35.24 -23.98
C VAL A 83 33.64 34.62 -24.48
N LEU A 84 33.43 33.33 -24.15
CA LEU A 84 32.24 32.59 -24.58
C LEU A 84 31.34 32.12 -23.42
N PRO A 85 30.04 31.94 -23.66
CA PRO A 85 29.16 31.33 -22.64
C PRO A 85 29.45 29.86 -22.36
N PHE A 86 29.20 29.45 -21.11
CA PHE A 86 29.18 28.06 -20.67
C PHE A 86 27.82 27.89 -20.01
N ASN A 87 26.95 27.01 -20.54
CA ASN A 87 25.57 27.00 -20.06
C ASN A 87 25.30 25.79 -19.18
N ASP A 88 24.80 24.68 -19.72
CA ASP A 88 24.61 23.45 -18.96
C ASP A 88 25.88 22.63 -18.90
N GLY A 89 26.71 22.80 -19.92
CA GLY A 89 27.98 22.13 -20.08
C GLY A 89 28.39 22.44 -21.49
N VAL A 90 29.63 22.09 -21.82
CA VAL A 90 30.12 22.37 -23.17
C VAL A 90 30.80 21.13 -23.71
N TYR A 91 30.79 21.07 -25.04
CA TYR A 91 31.54 20.11 -25.84
C TYR A 91 32.63 20.93 -26.49
N PHE A 92 33.86 20.48 -26.38
CA PHE A 92 34.97 21.25 -26.93
C PHE A 92 35.82 20.30 -27.76
N ALA A 93 36.25 20.75 -28.92
CA ALA A 93 37.17 19.96 -29.74
C ALA A 93 38.19 20.88 -30.38
N SER A 94 39.41 20.38 -30.55
CA SER A 94 40.47 21.13 -31.20
C SER A 94 41.14 20.24 -32.23
N THR A 95 41.53 20.86 -33.33
CA THR A 95 42.29 20.19 -34.36
C THR A 95 43.60 20.96 -34.39
N GLU A 96 44.69 20.24 -34.14
CA GLU A 96 46.01 20.83 -33.95
C GLU A 96 47.06 19.92 -34.56
N LYS A 97 48.20 20.51 -34.91
CA LYS A 97 49.40 19.77 -35.24
C LYS A 97 50.58 20.07 -34.32
N SER A 98 50.50 21.13 -33.51
CA SER A 98 51.64 21.56 -32.70
C SER A 98 51.25 21.97 -31.28
N ASN A 99 50.23 21.33 -30.70
CA ASN A 99 49.83 21.56 -29.31
C ASN A 99 49.68 23.06 -29.04
N ILE A 100 48.65 23.63 -29.64
CA ILE A 100 48.41 25.06 -29.49
C ILE A 100 47.51 25.27 -28.27
N ILE A 101 46.59 24.34 -28.03
CA ILE A 101 45.67 24.47 -26.90
C ILE A 101 46.46 24.34 -25.61
N ARG A 102 46.19 25.22 -24.66
CA ARG A 102 46.86 25.19 -23.37
C ARG A 102 45.93 24.86 -22.22
N GLY A 103 44.68 25.29 -22.27
CA GLY A 103 43.80 25.05 -21.14
C GLY A 103 42.64 26.02 -21.14
N TRP A 104 41.97 26.07 -19.99
CA TRP A 104 40.75 26.84 -19.80
C TRP A 104 40.69 27.49 -18.43
N ILE A 105 39.95 28.61 -18.42
CA ILE A 105 39.59 29.34 -17.23
C ILE A 105 38.08 29.25 -17.10
N PHE A 106 37.59 28.81 -15.93
CA PHE A 106 36.17 28.72 -15.63
C PHE A 106 35.89 29.56 -14.39
N GLY A 107 34.74 30.22 -14.36
CA GLY A 107 34.39 31.01 -13.19
C GLY A 107 33.12 31.78 -13.44
N THR A 108 32.88 32.77 -12.57
CA THR A 108 31.73 33.65 -12.63
C THR A 108 32.08 35.03 -13.14
N THR A 109 33.22 35.58 -12.70
CA THR A 109 33.71 36.88 -13.12
C THR A 109 35.13 36.73 -13.65
N LEU A 110 35.88 35.77 -13.10
CA LEU A 110 37.24 35.46 -13.53
C LEU A 110 38.22 36.60 -13.26
N ASP A 111 37.96 37.43 -12.25
CA ASP A 111 38.85 38.55 -11.93
C ASP A 111 39.07 38.65 -10.42
N SER A 112 39.31 37.50 -9.78
CA SER A 112 39.54 37.42 -8.34
C SER A 112 38.38 37.89 -7.46
N LYS A 113 37.24 38.27 -8.07
CA LYS A 113 36.07 38.66 -7.30
C LYS A 113 35.28 37.44 -6.83
N THR A 114 35.40 36.32 -7.55
CA THR A 114 34.74 35.07 -7.23
C THR A 114 35.78 33.96 -7.30
N GLN A 115 35.39 32.79 -6.81
CA GLN A 115 36.26 31.63 -6.91
C GLN A 115 36.33 31.20 -8.36
N SER A 116 37.54 30.88 -8.83
CA SER A 116 37.75 30.48 -10.21
C SER A 116 38.65 29.26 -10.35
N LEU A 117 38.45 28.56 -11.47
CA LEU A 117 39.15 27.35 -11.85
C LEU A 117 40.09 27.59 -13.01
N LEU A 118 41.35 27.21 -12.84
CA LEU A 118 42.34 27.29 -13.89
C LEU A 118 42.88 25.89 -14.16
N ILE A 119 42.72 25.42 -15.41
CA ILE A 119 43.27 24.14 -15.86
C ILE A 119 44.21 24.46 -16.98
N VAL A 120 45.49 24.15 -16.80
CA VAL A 120 46.50 24.43 -17.82
C VAL A 120 47.38 23.21 -17.96
N ASN A 121 47.65 22.80 -19.18
CA ASN A 121 48.61 21.74 -19.45
C ASN A 121 49.79 22.54 -19.98
N ASN A 122 50.75 22.81 -19.11
CA ASN A 122 51.92 23.59 -19.44
C ASN A 122 53.10 22.69 -19.82
N ALA A 123 54.22 23.32 -20.13
CA ALA A 123 55.41 22.61 -20.62
C ALA A 123 55.87 21.53 -19.65
N THR A 124 55.62 21.69 -18.35
CA THR A 124 56.13 20.77 -17.34
C THR A 124 55.08 19.91 -16.67
N ASN A 125 53.82 20.35 -16.57
CA ASN A 125 52.80 19.50 -15.96
C ASN A 125 51.40 19.99 -16.31
N VAL A 126 50.42 19.23 -15.85
CA VAL A 126 49.00 19.60 -15.93
C VAL A 126 48.66 20.11 -14.55
N VAL A 127 48.13 21.32 -14.46
CA VAL A 127 47.80 21.97 -13.20
C VAL A 127 46.31 22.27 -13.19
N ILE A 128 45.65 21.87 -12.10
CA ILE A 128 44.26 22.15 -11.85
C ILE A 128 44.22 22.89 -10.52
N LYS A 129 43.67 24.10 -10.52
CA LYS A 129 43.60 24.90 -9.29
C LYS A 129 42.28 25.63 -9.19
N VAL A 130 41.71 25.61 -7.98
CA VAL A 130 40.44 26.25 -7.67
C VAL A 130 40.76 27.35 -6.67
N CYS A 131 41.87 28.05 -6.92
CA CYS A 131 42.26 29.19 -6.12
C CYS A 131 41.55 30.43 -6.62
N GLU A 132 41.55 31.47 -5.79
CA GLU A 132 41.01 32.75 -6.21
C GLU A 132 42.12 33.43 -6.99
N PHE A 133 41.97 33.50 -8.31
CA PHE A 133 42.99 34.07 -9.18
C PHE A 133 42.55 35.43 -9.69
N GLN A 134 43.51 36.32 -9.88
CA GLN A 134 43.30 37.56 -10.61
C GLN A 134 43.79 37.28 -12.02
N PHE A 135 42.85 37.01 -12.92
CA PHE A 135 43.23 36.61 -14.26
C PHE A 135 43.46 37.82 -15.13
N CYS A 136 44.24 37.60 -16.18
CA CYS A 136 44.47 38.61 -17.19
C CYS A 136 43.19 38.73 -18.02
N ASN A 137 43.01 39.87 -18.67
CA ASN A 137 41.84 40.05 -19.52
C ASN A 137 42.05 39.46 -20.91
N ASP A 138 43.22 38.87 -21.15
CA ASP A 138 43.51 38.13 -22.37
C ASP A 138 44.59 37.11 -21.98
N PRO A 139 44.25 36.14 -21.15
CA PRO A 139 45.27 35.21 -20.65
C PRO A 139 45.77 34.27 -21.72
N PHE A 140 47.05 33.94 -21.66
CA PHE A 140 47.62 33.01 -22.62
C PHE A 140 49.00 32.57 -22.14
N LEU A 141 49.52 31.57 -22.84
CA LEU A 141 50.88 31.08 -22.74
C LEU A 141 51.50 31.36 -24.10
N GLY A 142 52.83 31.39 -24.18
CA GLY A 142 53.50 31.60 -25.44
C GLY A 142 54.59 30.58 -25.69
N VAL A 143 54.93 30.45 -26.97
CA VAL A 143 55.94 29.51 -27.44
C VAL A 143 56.82 30.18 -28.49
N TRP A 152 60.89 24.90 -31.75
CA TRP A 152 59.76 25.51 -31.07
C TRP A 152 59.84 25.15 -29.59
N MET A 153 59.91 26.16 -28.70
CA MET A 153 59.98 25.93 -27.27
C MET A 153 59.04 26.89 -26.55
N GLU A 154 58.50 26.44 -25.41
CA GLU A 154 57.63 27.29 -24.60
C GLU A 154 58.44 28.33 -23.85
N SER A 155 57.90 29.54 -23.75
CA SER A 155 58.56 30.63 -23.03
C SER A 155 57.62 31.41 -22.10
N GLU A 156 56.66 32.11 -22.69
CA GLU A 156 55.77 32.99 -21.94
C GLU A 156 54.72 32.24 -21.14
N PHE A 157 54.41 32.76 -19.95
CA PHE A 157 53.28 32.31 -19.13
C PHE A 157 52.67 33.57 -18.54
N ARG A 158 51.52 34.00 -19.10
CA ARG A 158 50.89 35.27 -18.74
C ARG A 158 49.38 35.06 -18.49
N VAL A 159 49.05 34.22 -17.50
CA VAL A 159 47.67 33.86 -17.24
C VAL A 159 47.04 34.67 -16.12
N TYR A 160 47.76 34.85 -15.00
CA TYR A 160 47.23 35.55 -13.85
C TYR A 160 48.33 36.26 -13.08
N SER A 161 47.91 37.21 -12.23
CA SER A 161 48.82 37.93 -11.35
C SER A 161 48.66 37.52 -9.88
N SER A 162 47.68 38.10 -9.19
CA SER A 162 47.42 37.75 -7.81
C SER A 162 46.69 36.41 -7.70
N ALA A 163 47.02 35.65 -6.65
CA ALA A 163 46.39 34.35 -6.45
C ALA A 163 46.57 33.91 -5.00
N ASN A 164 45.50 33.95 -4.19
CA ASN A 164 45.61 33.47 -2.82
C ASN A 164 44.30 32.84 -2.36
N ASN A 165 44.35 32.25 -1.16
CA ASN A 165 43.22 31.57 -0.52
C ASN A 165 42.82 30.32 -1.31
N CYS A 166 43.85 29.56 -1.69
CA CYS A 166 43.73 28.34 -2.48
C CYS A 166 43.10 27.22 -1.64
N THR A 167 42.12 26.53 -2.22
CA THR A 167 41.41 25.47 -1.53
C THR A 167 41.67 24.08 -2.09
N PHE A 168 41.98 23.94 -3.38
CA PHE A 168 42.22 22.61 -3.91
C PHE A 168 43.27 22.80 -4.99
N GLU A 169 44.22 21.87 -5.11
CA GLU A 169 45.17 21.91 -6.20
C GLU A 169 45.55 20.49 -6.56
N TYR A 170 45.84 20.26 -7.84
CA TYR A 170 46.31 18.94 -8.24
C TYR A 170 47.31 19.19 -9.37
N VAL A 171 48.44 18.48 -9.33
CA VAL A 171 49.43 18.54 -10.39
C VAL A 171 49.78 17.13 -10.87
N SER A 172 49.66 16.92 -12.17
CA SER A 172 49.96 15.64 -12.82
C SER A 172 51.47 15.42 -12.80
N GLN A 173 51.86 14.13 -12.79
CA GLN A 173 53.26 13.75 -12.91
C GLN A 173 53.89 14.51 -14.09
N PRO A 174 55.02 15.22 -13.88
CA PRO A 174 55.62 15.97 -14.99
C PRO A 174 55.95 15.16 -16.24
N PHE A 175 55.74 15.79 -17.40
CA PHE A 175 56.01 15.21 -18.70
C PHE A 175 56.27 16.34 -19.68
N LEU A 176 56.89 16.00 -20.81
CA LEU A 176 57.17 16.92 -21.90
C LEU A 176 56.21 16.70 -23.07
N MET A 177 55.48 17.75 -23.44
CA MET A 177 54.56 17.68 -24.58
C MET A 177 55.27 18.16 -25.83
N ASP A 178 54.96 17.52 -26.96
CA ASP A 178 55.53 17.96 -28.22
C ASP A 178 54.74 19.18 -28.68
N LEU A 179 55.41 20.33 -28.75
CA LEU A 179 54.80 21.60 -29.10
C LEU A 179 54.99 21.97 -30.57
N GLU A 180 55.49 21.04 -31.38
CA GLU A 180 55.69 21.29 -32.80
C GLU A 180 55.71 19.98 -33.58
N ASN A 185 46.80 18.50 -42.94
CA ASN A 185 45.97 17.69 -42.06
C ASN A 185 46.48 17.76 -40.62
N PHE A 186 45.57 17.57 -39.68
CA PHE A 186 45.89 17.55 -38.27
C PHE A 186 46.16 16.12 -37.83
N LYS A 187 46.78 15.97 -36.65
CA LYS A 187 47.10 14.65 -36.10
C LYS A 187 46.49 14.34 -34.75
N ASN A 188 46.33 15.33 -33.88
CA ASN A 188 45.87 15.08 -32.51
C ASN A 188 44.51 15.72 -32.34
N LEU A 189 43.52 14.90 -31.99
CA LEU A 189 42.18 15.34 -31.66
C LEU A 189 41.95 15.13 -30.18
N ARG A 190 41.56 16.18 -29.49
CA ARG A 190 41.20 16.12 -28.09
C ARG A 190 39.79 16.63 -28.01
N GLU A 191 38.93 15.84 -27.38
CA GLU A 191 37.54 16.20 -27.19
C GLU A 191 37.31 16.25 -25.70
N PHE A 192 36.58 17.25 -25.27
CA PHE A 192 36.27 17.42 -23.87
C PHE A 192 34.81 17.75 -23.71
N VAL A 193 34.25 17.24 -22.63
CA VAL A 193 32.94 17.62 -22.14
C VAL A 193 33.19 18.10 -20.74
N PHE A 194 32.68 19.27 -20.40
CA PHE A 194 32.93 19.83 -19.08
C PHE A 194 31.61 19.95 -18.33
N LYS A 195 31.47 19.14 -17.28
CA LYS A 195 30.28 19.11 -16.45
C LYS A 195 30.66 19.49 -15.02
N ASN A 196 29.70 20.13 -14.34
CA ASN A 196 29.80 20.60 -12.96
C ASN A 196 28.58 20.12 -12.18
N ILE A 197 28.62 18.88 -11.68
CA ILE A 197 27.45 18.23 -11.09
C ILE A 197 27.77 17.70 -9.70
N ASP A 198 26.94 18.10 -8.72
CA ASP A 198 26.97 17.59 -7.36
C ASP A 198 28.37 17.67 -6.73
N GLY A 199 29.07 18.78 -6.98
CA GLY A 199 30.35 18.98 -6.36
C GLY A 199 31.52 18.50 -7.17
N TYR A 200 31.29 17.77 -8.27
CA TYR A 200 32.35 17.25 -9.11
C TYR A 200 32.45 17.96 -10.43
N PHE A 201 33.70 18.24 -10.80
CA PHE A 201 34.05 18.70 -12.12
C PHE A 201 34.57 17.50 -12.89
N LYS A 202 33.75 17.02 -13.83
CA LYS A 202 34.06 15.78 -14.54
C LYS A 202 34.62 16.09 -15.92
N ILE A 203 35.77 15.51 -16.25
CA ILE A 203 36.43 15.69 -17.55
C ILE A 203 36.36 14.38 -18.30
N TYR A 204 35.84 14.44 -19.54
CA TYR A 204 35.77 13.26 -20.39
C TYR A 204 36.73 13.51 -21.54
N SER A 205 37.36 12.46 -22.07
CA SER A 205 38.26 12.70 -23.20
C SER A 205 38.42 11.44 -24.04
N LYS A 206 38.79 11.67 -25.29
CA LYS A 206 39.10 10.63 -26.25
C LYS A 206 40.25 11.14 -27.11
N HIS A 207 41.20 10.26 -27.42
CA HIS A 207 42.29 10.59 -28.34
C HIS A 207 42.19 9.64 -29.53
N THR A 208 42.19 10.21 -30.73
CA THR A 208 42.14 9.45 -31.97
C THR A 208 43.03 10.13 -33.00
N PRO A 209 43.44 9.41 -34.04
CA PRO A 209 43.97 10.09 -35.22
C PRO A 209 42.86 10.81 -35.98
N ILE A 210 43.23 11.88 -36.66
CA ILE A 210 42.33 12.60 -37.55
C ILE A 210 43.08 12.90 -38.83
N ASN A 211 42.32 13.09 -39.92
CA ASN A 211 42.92 13.38 -41.21
C ASN A 211 42.18 14.45 -42.04
N LEU A 212 41.23 15.18 -41.46
CA LEU A 212 40.59 16.25 -42.23
C LEU A 212 41.39 17.54 -42.11
N VAL A 213 41.28 18.37 -43.14
CA VAL A 213 41.83 19.71 -43.09
C VAL A 213 40.91 20.70 -42.38
N ARG A 214 39.62 20.69 -42.72
CA ARG A 214 38.73 21.79 -42.33
C ARG A 214 37.41 21.37 -41.69
N ASP A 215 37.30 20.20 -41.06
CA ASP A 215 36.00 19.87 -40.47
C ASP A 215 36.16 18.83 -39.36
N LEU A 216 35.02 18.51 -38.73
CA LEU A 216 34.77 17.54 -37.68
C LEU A 216 34.39 16.21 -38.33
N PRO A 217 34.94 15.05 -37.94
CA PRO A 217 34.63 13.82 -38.68
C PRO A 217 33.18 13.38 -38.48
N GLN A 218 32.71 12.60 -39.44
CA GLN A 218 31.44 11.92 -39.31
C GLN A 218 31.77 10.50 -38.85
N GLY A 219 30.94 9.97 -37.96
CA GLY A 219 31.19 8.65 -37.40
C GLY A 219 30.90 8.75 -35.93
N PHE A 220 31.10 7.67 -35.17
CA PHE A 220 30.75 7.65 -33.76
C PHE A 220 31.94 7.17 -32.94
N SER A 221 32.15 7.83 -31.81
CA SER A 221 33.13 7.41 -30.81
C SER A 221 32.61 7.92 -29.46
N ALA A 222 33.04 7.26 -28.39
CA ALA A 222 32.65 7.64 -27.04
C ALA A 222 33.85 8.19 -26.26
N LEU A 223 33.57 9.20 -25.44
CA LEU A 223 34.58 9.83 -24.61
C LEU A 223 34.63 9.11 -23.26
N GLU A 224 35.80 8.56 -22.93
CA GLU A 224 36.01 7.86 -21.68
C GLU A 224 36.28 8.83 -20.52
N PRO A 225 35.92 8.45 -19.29
CA PRO A 225 36.26 9.30 -18.14
C PRO A 225 37.76 9.40 -17.96
N LEU A 226 38.23 10.61 -17.66
CA LEU A 226 39.64 10.84 -17.43
C LEU A 226 39.96 11.03 -15.95
N VAL A 227 39.23 11.91 -15.27
CA VAL A 227 39.44 12.24 -13.85
C VAL A 227 38.14 12.78 -13.27
N ASP A 228 37.91 12.46 -11.99
CA ASP A 228 36.79 12.97 -11.20
C ASP A 228 37.37 14.01 -10.26
N LEU A 229 37.15 15.30 -10.53
CA LEU A 229 37.76 16.31 -9.69
C LEU A 229 36.77 16.71 -8.59
N PRO A 230 37.11 16.50 -7.29
CA PRO A 230 36.18 16.81 -6.20
C PRO A 230 36.18 18.29 -5.85
N ILE A 231 35.80 19.12 -6.82
CA ILE A 231 35.88 20.57 -6.67
C ILE A 231 34.49 21.20 -6.85
N GLY A 232 33.98 21.76 -5.76
CA GLY A 232 32.65 22.36 -5.76
C GLY A 232 32.75 23.78 -6.26
N ILE A 233 33.09 23.97 -7.54
CA ILE A 233 33.31 25.28 -8.12
C ILE A 233 32.15 25.64 -9.02
N ASN A 234 31.67 26.87 -8.90
CA ASN A 234 30.63 27.42 -9.75
C ASN A 234 31.16 27.78 -11.13
N ILE A 235 30.73 27.01 -12.14
CA ILE A 235 31.14 27.22 -13.52
C ILE A 235 29.91 27.62 -14.33
N THR A 236 30.01 28.86 -14.90
CA THR A 236 28.96 29.48 -15.75
C THR A 236 29.52 30.24 -16.99
N ARG A 237 30.84 30.48 -17.13
CA ARG A 237 31.44 31.13 -18.34
C ARG A 237 32.82 30.50 -18.57
N PHE A 238 33.32 30.43 -19.82
CA PHE A 238 34.61 29.76 -20.15
C PHE A 238 35.40 30.48 -21.26
N GLN A 239 36.76 30.42 -21.26
CA GLN A 239 37.64 31.02 -22.26
C GLN A 239 38.70 30.01 -22.67
N THR A 240 39.11 30.03 -23.94
CA THR A 240 40.10 29.09 -24.47
C THR A 240 41.51 29.70 -24.45
N LEU A 241 42.49 28.92 -23.95
CA LEU A 241 43.89 29.32 -23.93
C LEU A 241 44.68 28.77 -25.11
N LEU A 242 45.36 29.65 -25.83
CA LEU A 242 46.20 29.30 -26.98
C LEU A 242 47.64 29.77 -26.79
N ALA A 243 48.56 29.07 -27.45
CA ALA A 243 49.96 29.46 -27.53
C ALA A 243 50.36 29.71 -28.98
N TRP A 258 54.98 38.31 -33.63
CA TRP A 258 54.38 37.01 -33.38
C TRP A 258 53.62 36.55 -34.62
N THR A 259 53.39 35.24 -34.71
CA THR A 259 52.71 34.62 -35.84
C THR A 259 51.64 33.67 -35.33
N ALA A 260 50.77 33.25 -36.24
CA ALA A 260 49.72 32.28 -35.95
C ALA A 260 50.10 30.90 -36.48
N GLY A 261 49.61 29.87 -35.80
CA GLY A 261 49.80 28.50 -36.23
C GLY A 261 48.58 27.98 -36.97
N ALA A 262 48.67 26.71 -37.35
CA ALA A 262 47.59 26.01 -38.05
C ALA A 262 46.78 25.24 -37.02
N ALA A 263 45.58 25.74 -36.72
CA ALA A 263 44.74 25.09 -35.72
C ALA A 263 43.34 25.63 -35.86
N ALA A 264 42.39 24.87 -35.32
CA ALA A 264 41.02 25.34 -35.20
C ALA A 264 40.38 24.65 -34.01
N TYR A 265 39.33 25.28 -33.46
CA TYR A 265 38.60 24.61 -32.39
C TYR A 265 37.11 24.88 -32.53
N TYR A 266 36.35 23.99 -31.89
CA TYR A 266 34.91 23.89 -31.96
C TYR A 266 34.35 23.94 -30.54
N VAL A 267 33.24 24.68 -30.38
CA VAL A 267 32.52 24.80 -29.10
C VAL A 267 31.04 24.50 -29.34
N GLY A 268 30.51 23.49 -28.63
CA GLY A 268 29.11 23.16 -28.69
C GLY A 268 28.52 23.20 -27.29
N TYR A 269 27.20 23.05 -27.19
CA TYR A 269 26.53 23.08 -25.90
C TYR A 269 25.66 21.86 -25.67
N LEU A 270 25.64 21.42 -24.41
CA LEU A 270 24.89 20.27 -23.96
C LEU A 270 23.48 20.69 -23.58
N GLN A 271 22.55 19.77 -23.75
CA GLN A 271 21.16 19.98 -23.36
C GLN A 271 20.68 18.76 -22.58
N PRO A 272 19.66 18.95 -21.69
CA PRO A 272 19.00 17.78 -21.08
C PRO A 272 18.31 16.93 -22.13
N ARG A 273 18.82 15.74 -22.39
CA ARG A 273 18.27 14.86 -23.40
C ARG A 273 18.30 13.42 -22.92
N THR A 274 17.40 12.62 -23.51
CA THR A 274 17.39 11.18 -23.32
C THR A 274 18.03 10.55 -24.54
N PHE A 275 19.05 9.75 -24.31
CA PHE A 275 19.80 9.00 -25.32
C PHE A 275 19.70 7.51 -25.11
N LEU A 276 19.55 6.80 -26.22
CA LEU A 276 19.63 5.35 -26.24
C LEU A 276 21.02 4.97 -26.72
N LEU A 277 21.81 4.39 -25.83
CA LEU A 277 23.20 4.04 -26.06
C LEU A 277 23.38 2.54 -26.27
N LYS A 278 24.12 2.20 -27.33
CA LYS A 278 24.41 0.83 -27.71
C LYS A 278 25.78 0.38 -27.24
N TYR A 279 25.81 -0.62 -26.35
CA TYR A 279 27.04 -1.19 -25.82
C TYR A 279 27.37 -2.46 -26.58
N ASN A 280 28.62 -2.57 -27.03
CA ASN A 280 29.07 -3.73 -27.78
C ASN A 280 29.51 -4.84 -26.82
N GLU A 281 30.09 -5.91 -27.38
CA GLU A 281 30.53 -7.04 -26.59
C GLU A 281 31.54 -6.65 -25.52
N ASN A 282 32.37 -5.64 -25.79
CA ASN A 282 33.40 -5.19 -24.88
C ASN A 282 32.94 -4.05 -23.98
N GLY A 283 31.66 -3.71 -24.00
CA GLY A 283 31.15 -2.66 -23.16
C GLY A 283 31.50 -1.27 -23.65
N THR A 284 31.88 -1.14 -24.92
CA THR A 284 32.19 0.13 -25.53
C THR A 284 30.92 0.65 -26.17
N ILE A 285 30.68 1.95 -26.01
CA ILE A 285 29.52 2.57 -26.63
C ILE A 285 29.87 2.75 -28.09
N THR A 286 29.10 2.13 -28.99
CA THR A 286 29.39 2.16 -30.41
C THR A 286 28.38 2.92 -31.24
N ASP A 287 27.17 3.17 -30.74
CA ASP A 287 26.22 3.99 -31.48
C ASP A 287 25.28 4.63 -30.46
N ALA A 288 24.40 5.50 -30.95
CA ALA A 288 23.44 6.16 -30.05
C ALA A 288 22.32 6.78 -30.87
N VAL A 289 21.17 6.95 -30.21
CA VAL A 289 19.99 7.64 -30.74
C VAL A 289 19.63 8.83 -29.85
N ASP A 290 19.50 10.00 -30.50
CA ASP A 290 19.02 11.23 -29.85
C ASP A 290 17.51 11.24 -29.89
N CYS A 291 16.89 10.94 -28.75
CA CYS A 291 15.47 10.67 -28.72
C CYS A 291 14.62 11.88 -29.06
N ALA A 292 15.18 13.09 -29.03
CA ALA A 292 14.43 14.31 -29.32
C ALA A 292 14.84 14.95 -30.64
N LEU A 293 15.70 14.31 -31.42
CA LEU A 293 16.21 14.89 -32.69
C LEU A 293 15.05 15.00 -33.67
N ASP A 294 14.44 13.87 -34.05
CA ASP A 294 13.36 13.83 -35.08
C ASP A 294 12.31 12.83 -34.61
N PRO A 295 11.08 12.78 -35.18
CA PRO A 295 10.12 11.77 -34.77
C PRO A 295 10.68 10.35 -34.91
N LEU A 296 11.66 10.07 -35.78
CA LEU A 296 12.20 8.75 -36.02
C LEU A 296 13.11 8.32 -34.88
N SER A 297 13.91 9.24 -34.36
CA SER A 297 14.76 8.88 -33.23
C SER A 297 13.89 8.60 -32.01
N GLU A 298 12.80 9.35 -31.87
CA GLU A 298 11.87 9.13 -30.78
C GLU A 298 11.24 7.74 -30.91
N THR A 299 10.87 7.36 -32.13
CA THR A 299 10.32 6.02 -32.35
C THR A 299 11.35 4.96 -31.99
N LYS A 300 12.60 5.14 -32.43
CA LYS A 300 13.66 4.18 -32.10
C LYS A 300 13.79 4.01 -30.60
N CYS A 301 13.70 5.13 -29.87
CA CYS A 301 13.77 5.11 -28.42
C CYS A 301 12.58 4.38 -27.80
N THR A 302 11.38 4.55 -28.36
CA THR A 302 10.20 3.90 -27.79
C THR A 302 10.34 2.39 -27.74
N LEU A 303 10.86 1.78 -28.82
CA LEU A 303 11.01 0.34 -28.87
C LEU A 303 12.32 -0.15 -28.28
N LYS A 304 13.17 0.74 -27.80
CA LYS A 304 14.49 0.40 -27.27
C LYS A 304 15.27 -0.46 -28.26
N SER A 305 15.30 0.00 -29.51
CA SER A 305 15.99 -0.68 -30.58
C SER A 305 16.42 0.34 -31.62
N PHE A 306 17.46 0.00 -32.36
CA PHE A 306 17.95 0.86 -33.44
C PHE A 306 17.33 0.51 -34.78
N THR A 307 16.46 -0.51 -34.81
CA THR A 307 15.73 -0.92 -36.00
C THR A 307 14.25 -0.82 -35.68
N VAL A 308 13.49 -0.19 -36.55
CA VAL A 308 12.05 -0.03 -36.39
C VAL A 308 11.37 -0.70 -37.57
N GLU A 309 10.40 -1.55 -37.28
CA GLU A 309 9.66 -2.24 -38.32
C GLU A 309 8.55 -1.33 -38.86
N LYS A 310 8.06 -1.67 -40.04
CA LYS A 310 6.96 -0.94 -40.64
C LYS A 310 5.73 -1.02 -39.74
N GLY A 311 5.11 0.12 -39.49
CA GLY A 311 3.91 0.16 -38.67
C GLY A 311 3.68 1.55 -38.11
N ILE A 312 2.72 1.60 -37.19
CA ILE A 312 2.34 2.82 -36.48
C ILE A 312 2.57 2.59 -34.99
N TYR A 313 3.30 3.51 -34.36
CA TYR A 313 3.66 3.39 -32.96
C TYR A 313 3.23 4.66 -32.23
N GLN A 314 2.66 4.50 -31.04
CA GLN A 314 2.30 5.63 -30.19
C GLN A 314 3.45 5.91 -29.23
N THR A 315 4.12 7.05 -29.43
CA THR A 315 5.35 7.36 -28.72
C THR A 315 5.27 8.53 -27.74
N SER A 316 4.31 9.44 -27.91
CA SER A 316 4.27 10.60 -27.03
C SER A 316 2.84 11.15 -27.02
N ASN A 317 2.69 12.33 -26.44
CA ASN A 317 1.41 13.02 -26.37
C ASN A 317 1.63 14.47 -26.69
N PHE A 318 0.84 14.98 -27.63
CA PHE A 318 0.90 16.38 -28.01
C PHE A 318 -0.02 17.14 -27.07
N ARG A 319 0.44 18.29 -26.63
CA ARG A 319 -0.35 19.18 -25.81
C ARG A 319 0.08 20.61 -26.02
N VAL A 320 -0.88 21.48 -26.25
CA VAL A 320 -0.61 22.91 -26.35
C VAL A 320 -0.38 23.42 -24.94
N GLN A 321 0.71 24.16 -24.75
CA GLN A 321 1.05 24.61 -23.40
C GLN A 321 0.43 25.97 -23.11
N PRO A 322 0.05 26.22 -21.84
CA PRO A 322 -0.49 27.54 -21.49
C PRO A 322 0.57 28.62 -21.61
N THR A 323 0.12 29.80 -22.03
CA THR A 323 0.98 30.96 -22.22
C THR A 323 0.76 32.07 -21.20
N GLU A 324 -0.35 32.05 -20.46
CA GLU A 324 -0.67 33.07 -19.48
C GLU A 324 -1.13 32.42 -18.18
N SER A 325 -0.96 33.16 -17.09
CA SER A 325 -1.44 32.79 -15.76
C SER A 325 -2.56 33.74 -15.41
N ILE A 326 -3.78 33.21 -15.31
CA ILE A 326 -4.98 34.02 -15.08
C ILE A 326 -5.41 33.84 -13.63
N VAL A 327 -5.29 34.89 -12.84
CA VAL A 327 -5.61 34.87 -11.42
C VAL A 327 -6.74 35.85 -11.21
N ARG A 328 -7.86 35.37 -10.67
CA ARG A 328 -9.03 36.21 -10.42
C ARG A 328 -9.49 35.94 -9.00
N PHE A 329 -9.46 36.97 -8.17
CA PHE A 329 -9.98 36.90 -6.81
C PHE A 329 -10.88 38.11 -6.61
N PRO A 330 -11.79 38.07 -5.63
CA PRO A 330 -12.58 39.27 -5.33
C PRO A 330 -11.66 40.42 -4.97
N ASN A 331 -12.01 41.63 -5.43
CA ASN A 331 -11.13 42.78 -5.25
C ASN A 331 -11.37 43.51 -3.94
N ILE A 332 -11.54 42.77 -2.85
CA ILE A 332 -11.85 43.33 -1.54
C ILE A 332 -10.49 43.40 -0.84
N THR A 333 -9.86 44.58 -0.88
CA THR A 333 -8.50 44.75 -0.39
C THR A 333 -8.45 45.20 1.08
N ASN A 334 -9.58 45.22 1.78
CA ASN A 334 -9.54 45.48 3.23
C ASN A 334 -8.64 44.47 3.90
N LEU A 335 -7.73 44.93 4.75
CA LEU A 335 -6.76 44.01 5.33
C LEU A 335 -7.51 43.05 6.24
N CYS A 336 -7.12 41.78 6.19
CA CYS A 336 -7.82 40.80 7.01
C CYS A 336 -7.30 40.84 8.45
N PRO A 337 -8.20 40.81 9.54
CA PRO A 337 -7.72 41.01 10.90
C PRO A 337 -7.12 39.78 11.56
N PHE A 338 -6.21 39.11 10.85
CA PHE A 338 -5.49 38.00 11.45
C PHE A 338 -4.63 38.48 12.60
N GLY A 339 -3.99 39.63 12.41
CA GLY A 339 -3.09 40.21 13.42
C GLY A 339 -3.78 40.40 14.76
N GLU A 340 -5.10 40.66 14.79
CA GLU A 340 -5.76 40.92 16.05
C GLU A 340 -6.05 39.62 16.78
N VAL A 341 -6.07 38.50 16.05
CA VAL A 341 -6.15 37.22 16.74
C VAL A 341 -4.84 37.01 17.50
N PHE A 342 -3.71 37.48 16.97
CA PHE A 342 -2.36 37.25 17.57
C PHE A 342 -2.06 38.32 18.62
N ASN A 343 -2.21 39.60 18.27
CA ASN A 343 -2.04 40.73 19.22
C ASN A 343 -2.95 40.57 20.41
N ALA A 344 -4.23 40.26 20.19
CA ALA A 344 -5.28 40.22 21.22
C ALA A 344 -4.74 40.33 22.66
N THR A 345 -5.03 41.45 23.35
CA THR A 345 -4.70 41.66 24.74
C THR A 345 -5.15 40.45 25.52
N ARG A 346 -6.37 40.00 25.29
CA ARG A 346 -6.90 38.86 26.00
C ARG A 346 -6.80 37.70 25.05
N PHE A 347 -7.09 36.54 25.58
CA PHE A 347 -7.07 35.17 25.09
C PHE A 347 -7.74 34.36 26.17
N ALA A 348 -8.24 33.24 25.72
CA ALA A 348 -9.09 32.37 26.49
C ALA A 348 -8.31 31.47 27.43
N SER A 349 -9.03 30.47 27.90
CA SER A 349 -8.57 29.36 28.67
C SER A 349 -8.97 28.14 27.86
N VAL A 350 -8.25 27.03 28.06
CA VAL A 350 -8.48 25.88 27.19
C VAL A 350 -9.90 25.35 27.31
N TYR A 351 -10.50 25.41 28.51
CA TYR A 351 -11.84 24.83 28.65
C TYR A 351 -12.85 25.61 27.80
N ALA A 352 -12.78 26.94 27.83
CA ALA A 352 -13.61 27.83 27.01
C ALA A 352 -12.66 28.51 26.04
N TRP A 353 -12.52 27.95 24.86
CA TRP A 353 -11.54 28.42 23.87
C TRP A 353 -12.19 29.48 22.98
N ASN A 354 -11.64 30.70 23.00
CA ASN A 354 -12.24 31.77 22.22
C ASN A 354 -12.13 31.44 20.74
N ARG A 355 -13.15 31.83 19.99
CA ARG A 355 -13.13 31.68 18.53
C ARG A 355 -13.55 32.98 17.84
N LYS A 356 -12.75 33.40 16.87
CA LYS A 356 -13.08 34.50 15.98
C LYS A 356 -13.28 33.90 14.60
N ARG A 357 -14.39 34.24 13.94
CA ARG A 357 -14.64 33.82 12.57
C ARG A 357 -14.24 34.97 11.66
N ILE A 358 -13.17 34.77 10.92
CA ILE A 358 -12.60 35.81 10.08
C ILE A 358 -13.18 35.67 8.68
N SER A 359 -13.70 36.78 8.14
CA SER A 359 -14.37 36.73 6.84
C SER A 359 -14.35 38.07 6.13
N ASN A 360 -14.67 38.01 4.83
CA ASN A 360 -14.75 39.16 3.93
C ASN A 360 -13.45 39.98 3.92
N CYS A 361 -12.32 39.30 3.70
CA CYS A 361 -11.06 40.02 3.76
C CYS A 361 -9.99 39.38 2.88
N VAL A 362 -8.93 40.16 2.60
CA VAL A 362 -7.73 39.67 1.93
C VAL A 362 -6.69 39.38 3.01
N ALA A 363 -6.22 38.15 3.08
CA ALA A 363 -5.32 37.67 4.12
C ALA A 363 -3.93 37.40 3.56
N ASP A 364 -2.91 38.02 4.15
CA ASP A 364 -1.52 37.79 3.80
C ASP A 364 -0.88 36.84 4.81
N TYR A 365 -0.44 35.68 4.34
CA TYR A 365 0.14 34.66 5.20
C TYR A 365 1.67 34.72 5.22
N SER A 366 2.27 35.60 4.43
CA SER A 366 3.73 35.74 4.45
C SER A 366 4.20 36.16 5.84
N VAL A 367 3.42 37.01 6.49
CA VAL A 367 3.78 37.53 7.80
C VAL A 367 3.89 36.38 8.81
N LEU A 368 3.01 35.38 8.69
CA LEU A 368 3.05 34.26 9.63
C LEU A 368 4.31 33.45 9.38
N TYR A 369 4.57 33.08 8.13
CA TYR A 369 5.74 32.26 7.81
C TYR A 369 7.05 33.02 7.99
N ASN A 370 7.10 34.29 7.56
CA ASN A 370 8.39 34.98 7.68
C ASN A 370 8.75 35.29 9.13
N SER A 371 7.82 35.10 10.06
CA SER A 371 8.05 35.43 11.45
C SER A 371 9.17 34.59 12.03
N ALA A 372 10.00 35.20 12.87
CA ALA A 372 11.17 34.57 13.45
C ALA A 372 10.94 34.16 14.90
N SER A 373 9.69 34.25 15.37
CA SER A 373 9.36 34.08 16.78
C SER A 373 8.62 32.81 17.13
N PHE A 374 7.75 32.29 16.25
CA PHE A 374 6.93 31.15 16.63
C PHE A 374 7.79 29.95 16.96
N SER A 375 7.53 29.35 18.13
CA SER A 375 8.22 28.10 18.50
C SER A 375 7.75 26.93 17.65
N THR A 376 6.44 26.80 17.47
CA THR A 376 5.82 25.70 16.75
C THR A 376 4.91 26.27 15.68
N PHE A 377 5.14 25.91 14.42
CA PHE A 377 4.23 26.30 13.34
C PHE A 377 3.93 25.03 12.53
N LYS A 378 3.13 24.14 13.11
CA LYS A 378 2.84 22.84 12.49
C LYS A 378 1.54 22.88 11.71
N CYS A 379 1.60 22.61 10.40
CA CYS A 379 0.44 22.72 9.53
C CYS A 379 0.05 21.36 8.98
N TYR A 380 -1.19 20.96 9.22
CA TYR A 380 -1.74 19.67 8.83
C TYR A 380 -2.76 19.88 7.71
N GLY A 381 -2.52 19.25 6.57
CA GLY A 381 -3.36 19.36 5.39
C GLY A 381 -2.88 20.39 4.38
N VAL A 382 -2.18 21.43 4.85
CA VAL A 382 -1.63 22.49 4.02
C VAL A 382 -0.24 22.83 4.54
N SER A 383 0.56 23.49 3.67
CA SER A 383 1.89 23.95 4.05
C SER A 383 1.96 25.48 4.08
N PRO A 384 2.65 26.08 5.07
CA PRO A 384 2.57 27.54 5.22
C PRO A 384 2.97 28.36 4.00
N THR A 385 4.05 27.95 3.31
CA THR A 385 4.54 28.72 2.18
C THR A 385 3.52 28.79 1.07
N LYS A 386 2.79 27.71 0.84
CA LYS A 386 1.84 27.64 -0.25
C LYS A 386 0.45 28.08 0.19
N LEU A 387 0.30 28.54 1.44
CA LEU A 387 -1.00 29.02 1.89
C LEU A 387 -1.45 30.26 1.12
N ASN A 388 -0.52 31.12 0.68
CA ASN A 388 -0.89 32.36 -0.01
C ASN A 388 -1.64 32.10 -1.30
N ASP A 389 -1.35 30.99 -1.96
CA ASP A 389 -1.91 30.77 -3.29
C ASP A 389 -3.43 30.64 -3.26
N LEU A 390 -3.97 29.95 -2.26
CA LEU A 390 -5.38 29.59 -2.19
C LEU A 390 -6.27 30.60 -1.48
N CYS A 391 -7.58 30.48 -1.76
CA CYS A 391 -8.64 31.22 -1.12
C CYS A 391 -9.53 30.25 -0.36
N PHE A 392 -9.87 30.61 0.87
CA PHE A 392 -10.59 29.77 1.79
C PHE A 392 -11.99 30.33 2.02
N THR A 393 -12.98 29.44 2.06
CA THR A 393 -14.35 29.88 2.28
C THR A 393 -14.53 30.51 3.65
N ASN A 394 -13.98 29.89 4.68
CA ASN A 394 -14.05 30.40 6.03
C ASN A 394 -12.80 30.03 6.80
N VAL A 395 -12.36 30.93 7.67
CA VAL A 395 -11.24 30.65 8.53
C VAL A 395 -11.68 30.94 9.96
N TYR A 396 -11.36 30.01 10.85
CA TYR A 396 -11.71 30.12 12.25
C TYR A 396 -10.39 30.23 12.97
N ALA A 397 -10.38 31.01 14.06
CA ALA A 397 -9.12 31.24 14.78
C ALA A 397 -9.36 31.00 16.26
N ASP A 398 -9.34 29.73 16.65
CA ASP A 398 -9.45 29.40 18.06
C ASP A 398 -8.20 29.89 18.77
N SER A 399 -8.39 30.42 19.98
CA SER A 399 -7.29 31.00 20.76
C SER A 399 -7.40 30.58 22.22
N PHE A 400 -6.27 30.13 22.77
CA PHE A 400 -6.22 29.59 24.13
C PHE A 400 -4.76 29.43 24.56
N VAL A 401 -4.56 29.29 25.88
CA VAL A 401 -3.23 29.21 26.50
C VAL A 401 -3.07 27.82 27.10
N ILE A 402 -2.37 26.94 26.38
CA ILE A 402 -2.01 25.61 26.88
C ILE A 402 -0.67 25.56 27.60
N ARG A 403 -0.40 24.47 28.33
CA ARG A 403 0.89 24.24 28.96
C ARG A 403 1.87 23.66 27.92
N GLY A 404 3.18 23.82 28.19
CA GLY A 404 4.19 23.47 27.19
C GLY A 404 4.21 22.00 26.81
N ASP A 405 4.15 21.10 27.81
CA ASP A 405 4.21 19.67 27.54
C ASP A 405 3.03 19.24 26.70
N GLU A 406 1.93 19.94 26.85
CA GLU A 406 0.66 19.65 26.23
C GLU A 406 0.58 20.16 24.80
N VAL A 407 1.58 20.92 24.32
CA VAL A 407 1.49 21.46 22.96
C VAL A 407 1.35 20.34 21.95
N ARG A 408 1.99 19.19 22.22
CA ARG A 408 1.89 18.07 21.30
C ARG A 408 0.44 17.60 21.20
N GLN A 409 -0.32 17.72 22.29
CA GLN A 409 -1.69 17.21 22.32
C GLN A 409 -2.56 17.97 21.33
N ILE A 410 -2.33 19.28 21.17
CA ILE A 410 -3.17 20.06 20.26
C ILE A 410 -2.66 19.81 18.85
N ALA A 411 -2.77 18.56 18.41
CA ALA A 411 -2.40 18.10 17.08
C ALA A 411 -3.39 17.01 16.71
N PRO A 412 -3.58 16.74 15.41
CA PRO A 412 -4.61 15.77 15.01
C PRO A 412 -4.42 14.40 15.64
N GLY A 413 -5.50 13.85 16.18
CA GLY A 413 -5.49 12.49 16.71
C GLY A 413 -4.52 12.22 17.84
N GLN A 414 -4.40 13.15 18.79
CA GLN A 414 -3.55 12.99 19.95
C GLN A 414 -4.41 12.99 21.21
N THR A 415 -3.84 12.47 22.29
CA THR A 415 -4.58 12.21 23.52
C THR A 415 -3.88 12.82 24.72
N GLY A 416 -4.67 13.00 25.76
CA GLY A 416 -4.25 13.62 26.99
C GLY A 416 -5.40 14.38 27.59
N LYS A 417 -5.14 15.04 28.71
CA LYS A 417 -6.21 15.75 29.40
C LYS A 417 -6.72 16.87 28.53
N ILE A 418 -5.80 17.62 27.91
CA ILE A 418 -6.17 18.78 27.13
C ILE A 418 -6.95 18.35 25.90
N ALA A 419 -6.49 17.28 25.26
CA ALA A 419 -7.09 16.84 24.02
C ALA A 419 -8.46 16.23 24.24
N ASP A 420 -8.58 15.36 25.26
CA ASP A 420 -9.84 14.69 25.52
C ASP A 420 -10.91 15.60 26.13
N TYR A 421 -10.63 16.28 27.25
CA TYR A 421 -11.70 17.01 27.94
C TYR A 421 -11.71 18.53 27.80
N ASN A 422 -10.75 19.13 27.10
CA ASN A 422 -10.67 20.59 27.01
C ASN A 422 -10.83 21.11 25.59
N TYR A 423 -9.99 20.67 24.67
CA TYR A 423 -10.10 21.05 23.28
C TYR A 423 -9.63 19.86 22.45
N LYS A 424 -10.45 19.44 21.49
CA LYS A 424 -10.11 18.32 20.62
C LYS A 424 -10.05 18.82 19.21
N LEU A 425 -8.95 18.55 18.56
CA LEU A 425 -8.74 18.88 17.17
C LEU A 425 -9.33 17.76 16.30
N PRO A 426 -10.13 18.07 15.27
CA PRO A 426 -10.75 16.98 14.49
C PRO A 426 -9.68 16.14 13.80
N ASP A 427 -9.98 14.84 13.65
CA ASP A 427 -8.97 13.94 13.11
C ASP A 427 -8.60 14.26 11.66
N ASP A 428 -9.43 15.04 10.97
CA ASP A 428 -9.21 15.40 9.57
C ASP A 428 -8.80 16.86 9.44
N PHE A 429 -8.18 17.40 10.49
CA PHE A 429 -7.91 18.83 10.61
C PHE A 429 -7.14 19.37 9.41
N THR A 430 -7.68 20.45 8.85
CA THR A 430 -6.98 21.26 7.86
C THR A 430 -6.68 22.57 8.59
N GLY A 431 -5.41 22.78 8.94
CA GLY A 431 -5.11 23.97 9.71
C GLY A 431 -3.66 24.06 10.08
N CYS A 432 -3.35 25.10 10.84
CA CYS A 432 -2.01 25.36 11.33
C CYS A 432 -2.09 25.61 12.83
N VAL A 433 -1.25 24.91 13.59
CA VAL A 433 -1.15 25.10 15.03
C VAL A 433 0.09 25.99 15.23
N ILE A 434 -0.18 27.27 15.50
CA ILE A 434 0.85 28.28 15.68
C ILE A 434 1.01 28.51 17.17
N ALA A 435 2.18 28.24 17.71
CA ALA A 435 2.44 28.34 19.13
C ALA A 435 3.76 29.05 19.37
N TRP A 436 3.82 29.76 20.49
CA TRP A 436 4.98 30.54 20.89
C TRP A 436 5.18 30.35 22.38
N ASN A 437 6.35 30.74 22.87
CA ASN A 437 6.69 30.59 24.29
C ASN A 437 6.13 31.78 25.07
N SER A 438 4.82 31.72 25.34
CA SER A 438 4.20 32.77 26.11
C SER A 438 4.42 32.64 27.62
N ASN A 439 5.67 32.42 28.06
CA ASN A 439 6.01 32.18 29.47
C ASN A 439 6.34 33.47 30.18
N ASN A 440 6.44 34.54 29.43
CA ASN A 440 6.81 35.84 29.93
C ASN A 440 5.69 36.85 29.87
N LEU A 441 4.51 36.47 29.34
CA LEU A 441 3.33 37.32 29.35
C LEU A 441 2.21 36.80 30.24
N ASP A 442 1.96 35.49 30.22
CA ASP A 442 0.83 34.86 30.88
C ASP A 442 1.20 34.19 32.19
N SER A 443 2.46 34.29 32.61
CA SER A 443 2.89 33.76 33.89
C SER A 443 3.33 34.89 34.79
N LYS A 444 2.87 34.84 36.02
CA LYS A 444 3.13 35.79 37.07
C LYS A 444 3.90 35.08 38.18
N VAL A 445 4.58 35.88 39.01
CA VAL A 445 5.41 35.30 40.07
C VAL A 445 4.55 34.44 40.98
N GLY A 446 3.36 34.94 41.32
CA GLY A 446 2.45 34.26 42.23
C GLY A 446 1.65 33.13 41.63
N GLY A 447 1.66 32.99 40.30
CA GLY A 447 0.88 31.96 39.62
C GLY A 447 -0.47 32.34 39.04
N ASN A 448 -0.55 32.65 37.74
CA ASN A 448 -1.87 32.98 37.20
C ASN A 448 -2.80 31.80 37.22
N TYR A 449 -4.00 32.05 37.72
CA TYR A 449 -5.09 31.08 37.81
C TYR A 449 -6.26 31.33 36.88
N ASN A 450 -6.22 32.40 36.08
CA ASN A 450 -7.38 32.73 35.26
C ASN A 450 -7.64 31.65 34.22
N TYR A 451 -6.60 30.92 33.83
CA TYR A 451 -6.67 29.91 32.78
C TYR A 451 -6.98 28.54 33.38
N LEU A 452 -8.13 27.98 33.01
CA LEU A 452 -8.69 26.77 33.61
C LEU A 452 -8.75 25.65 32.58
N TYR A 453 -8.28 24.45 32.94
CA TYR A 453 -8.39 23.28 32.08
C TYR A 453 -9.28 22.26 32.79
N ARG A 454 -10.19 21.61 32.05
CA ARG A 454 -11.16 20.71 32.69
C ARG A 454 -10.50 19.36 32.82
N LEU A 455 -10.13 19.01 34.07
CA LEU A 455 -9.37 17.80 34.32
C LEU A 455 -10.16 16.52 34.10
N PHE A 456 -11.42 16.46 34.54
CA PHE A 456 -12.21 15.24 34.47
C PHE A 456 -13.54 15.56 33.80
N ARG A 457 -13.92 14.72 32.84
CA ARG A 457 -15.23 14.80 32.20
C ARG A 457 -15.83 13.40 32.15
N LYS A 458 -17.16 13.36 32.06
CA LYS A 458 -17.84 12.06 31.97
C LYS A 458 -17.42 11.30 30.72
N SER A 459 -17.31 12.00 29.59
CA SER A 459 -16.87 11.40 28.34
C SER A 459 -16.04 12.42 27.58
N ASN A 460 -15.24 11.92 26.64
CA ASN A 460 -14.33 12.79 25.91
C ASN A 460 -15.10 13.85 25.14
N LEU A 461 -14.45 14.98 24.94
CA LEU A 461 -15.06 16.09 24.21
C LEU A 461 -15.10 15.79 22.72
N LYS A 462 -16.25 16.02 22.09
CA LYS A 462 -16.37 15.82 20.66
C LYS A 462 -15.66 16.93 19.91
N PRO A 463 -15.25 16.69 18.66
CA PRO A 463 -14.46 17.68 17.91
C PRO A 463 -15.13 19.05 17.84
N PHE A 464 -14.33 20.09 18.14
CA PHE A 464 -14.78 21.49 18.05
C PHE A 464 -16.04 21.74 18.88
N GLU A 465 -16.09 21.16 20.07
CA GLU A 465 -17.18 21.38 21.01
C GLU A 465 -16.62 22.06 22.25
N ARG A 466 -17.34 23.08 22.72
CA ARG A 466 -16.91 23.88 23.85
C ARG A 466 -17.79 23.50 25.03
N ASP A 467 -17.18 23.14 26.15
CA ASP A 467 -17.91 22.82 27.38
C ASP A 467 -17.66 23.91 28.41
N ILE A 468 -18.72 24.60 28.79
CA ILE A 468 -18.69 25.65 29.80
C ILE A 468 -19.34 25.17 31.09
N SER A 469 -19.60 23.86 31.20
CA SER A 469 -20.29 23.29 32.34
C SER A 469 -19.51 23.54 33.62
N THR A 470 -20.22 23.81 34.70
CA THR A 470 -19.60 24.02 36.01
C THR A 470 -20.14 23.00 37.02
N GLU A 471 -20.76 21.92 36.52
CA GLU A 471 -21.35 20.90 37.38
C GLU A 471 -20.28 20.16 38.16
N ILE A 472 -20.63 19.72 39.36
CA ILE A 472 -19.68 19.07 40.26
C ILE A 472 -19.63 17.60 39.87
N TYR A 473 -18.43 17.06 39.69
CA TYR A 473 -18.25 15.70 39.17
C TYR A 473 -18.06 14.68 40.30
N GLN A 474 -19.07 13.83 40.45
CA GLN A 474 -19.08 12.73 41.41
C GLN A 474 -18.25 11.55 40.90
N ALA A 475 -17.27 11.11 41.69
CA ALA A 475 -16.40 9.99 41.33
C ALA A 475 -16.62 8.76 42.22
N GLY A 476 -17.73 8.71 42.97
CA GLY A 476 -18.04 7.54 43.78
C GLY A 476 -19.51 7.16 43.61
N SER A 477 -19.89 6.01 44.16
CA SER A 477 -21.29 5.58 44.03
C SER A 477 -22.22 6.54 44.76
N THR A 478 -21.76 7.12 45.86
CA THR A 478 -22.56 8.03 46.65
C THR A 478 -22.94 9.22 45.76
N PRO A 479 -24.17 9.74 45.83
CA PRO A 479 -24.35 11.02 45.12
C PRO A 479 -23.44 11.93 45.89
N CYS A 480 -22.62 12.71 45.20
CA CYS A 480 -21.71 13.53 45.98
C CYS A 480 -22.51 14.63 46.71
N ASN A 481 -23.71 14.98 46.18
CA ASN A 481 -24.69 16.00 46.60
C ASN A 481 -24.58 17.43 46.03
N GLY A 482 -23.76 17.68 45.01
CA GLY A 482 -23.72 19.03 44.46
C GLY A 482 -23.08 20.13 45.28
N VAL A 483 -22.17 19.79 46.18
CA VAL A 483 -21.48 20.73 47.06
C VAL A 483 -20.16 20.02 47.30
N GLU A 484 -19.12 20.73 47.74
CA GLU A 484 -17.90 19.96 47.79
C GLU A 484 -17.91 18.98 48.96
N GLY A 485 -17.03 17.99 48.85
CA GLY A 485 -16.85 16.98 49.86
C GLY A 485 -15.97 15.91 49.27
N PHE A 486 -15.86 14.78 49.97
CA PHE A 486 -15.14 13.66 49.39
C PHE A 486 -15.87 13.27 48.09
N ASN A 487 -15.10 13.18 47.01
CA ASN A 487 -15.56 12.82 45.67
C ASN A 487 -16.46 13.88 45.03
N CYS A 488 -16.41 15.12 45.53
CA CYS A 488 -17.02 16.30 44.91
C CYS A 488 -15.96 17.38 44.88
N TYR A 489 -15.67 17.85 43.67
CA TYR A 489 -14.63 18.84 43.47
C TYR A 489 -15.04 19.61 42.24
N PHE A 490 -14.55 20.83 42.14
CA PHE A 490 -14.82 21.62 40.95
C PHE A 490 -14.11 20.93 39.78
N PRO A 491 -14.71 20.87 38.58
CA PRO A 491 -14.07 20.09 37.51
C PRO A 491 -12.96 20.78 36.72
N LEU A 492 -12.80 22.07 36.87
CA LEU A 492 -11.78 22.83 36.16
C LEU A 492 -10.74 23.03 37.24
N GLN A 493 -9.56 22.45 37.06
CA GLN A 493 -8.51 22.57 38.06
C GLN A 493 -7.53 23.60 37.53
N SER A 494 -7.28 24.62 38.33
CA SER A 494 -6.45 25.72 37.89
C SER A 494 -4.98 25.43 38.10
N TYR A 495 -4.26 25.35 36.99
CA TYR A 495 -2.81 25.23 37.02
C TYR A 495 -2.13 26.56 37.36
N GLY A 496 -0.96 26.46 38.00
CA GLY A 496 -0.19 27.63 38.42
C GLY A 496 1.22 27.80 37.89
N PHE A 497 1.39 28.71 36.92
CA PHE A 497 2.69 29.11 36.35
C PHE A 497 3.43 30.20 37.06
N GLN A 498 4.73 30.01 37.21
CA GLN A 498 5.62 31.02 37.72
C GLN A 498 6.68 31.21 36.64
N PRO A 499 7.36 32.36 36.56
CA PRO A 499 8.27 32.57 35.43
C PRO A 499 9.38 31.56 35.28
N THR A 500 9.92 31.02 36.37
CA THR A 500 11.08 30.15 36.31
C THR A 500 10.73 28.67 36.16
N ASN A 501 9.49 28.31 35.80
CA ASN A 501 9.16 26.89 35.75
C ASN A 501 9.84 26.22 34.57
N GLY A 502 9.84 24.89 34.60
CA GLY A 502 10.46 24.14 33.56
C GLY A 502 9.61 24.20 32.30
N VAL A 503 10.24 23.87 31.17
CA VAL A 503 9.59 23.99 29.87
C VAL A 503 8.36 23.09 29.80
N GLY A 504 8.31 22.04 30.62
CA GLY A 504 7.11 21.23 30.69
C GLY A 504 5.92 22.02 31.20
N TYR A 505 6.13 22.90 32.17
CA TYR A 505 5.08 23.72 32.77
C TYR A 505 5.07 25.15 32.25
N GLN A 506 5.87 25.45 31.28
CA GLN A 506 5.83 26.76 30.66
C GLN A 506 4.64 26.92 29.72
N PRO A 507 4.00 28.10 29.68
CA PRO A 507 2.82 28.29 28.83
C PRO A 507 3.14 28.50 27.38
N TYR A 508 2.40 27.81 26.54
CA TYR A 508 2.59 27.93 25.12
C TYR A 508 1.22 28.33 24.65
N ARG A 509 1.12 29.58 24.26
CA ARG A 509 -0.13 30.06 23.73
C ARG A 509 -0.35 29.38 22.38
N VAL A 510 -1.60 29.16 22.01
CA VAL A 510 -1.89 28.61 20.70
C VAL A 510 -3.01 29.40 20.03
N VAL A 511 -2.91 29.47 18.69
CA VAL A 511 -3.92 30.04 17.83
C VAL A 511 -4.11 29.12 16.63
N VAL A 512 -4.77 27.99 16.83
CA VAL A 512 -5.04 27.08 15.72
C VAL A 512 -5.89 27.82 14.70
N LEU A 513 -5.50 27.76 13.44
CA LEU A 513 -6.28 28.37 12.34
C LEU A 513 -6.94 27.24 11.56
N SER A 514 -8.24 27.06 11.79
CA SER A 514 -9.00 25.99 11.16
C SER A 514 -9.55 26.50 9.84
N PHE A 515 -8.78 26.25 8.77
CA PHE A 515 -9.14 26.67 7.43
C PHE A 515 -10.21 25.75 6.86
N GLU A 516 -11.33 26.31 6.41
CA GLU A 516 -12.46 25.55 5.87
C GLU A 516 -12.40 25.58 4.35
N LEU A 517 -12.31 24.40 3.76
CA LEU A 517 -12.16 24.22 2.32
C LEU A 517 -13.43 23.72 1.65
N LEU A 518 -14.56 23.75 2.35
CA LEU A 518 -15.83 23.33 1.75
C LEU A 518 -16.12 24.17 0.51
N HIS A 519 -16.96 23.61 -0.37
CA HIS A 519 -17.31 24.26 -1.62
C HIS A 519 -18.46 25.25 -1.40
N ALA A 520 -18.19 26.55 -1.64
CA ALA A 520 -19.15 27.63 -1.40
C ALA A 520 -18.48 28.95 -1.77
N PRO A 521 -19.15 30.11 -1.63
CA PRO A 521 -18.45 31.37 -1.87
C PRO A 521 -17.29 31.55 -0.91
N ALA A 522 -16.16 32.02 -1.43
CA ALA A 522 -14.95 32.21 -0.64
C ALA A 522 -14.59 33.67 -0.49
N THR A 523 -14.43 34.09 0.77
CA THR A 523 -14.25 35.47 1.15
C THR A 523 -12.83 35.76 1.63
N VAL A 524 -12.32 34.97 2.58
CA VAL A 524 -10.92 35.13 2.98
C VAL A 524 -10.04 34.60 1.85
N CYS A 525 -9.01 35.36 1.49
CA CYS A 525 -8.14 34.98 0.38
C CYS A 525 -6.69 35.39 0.61
N GLY A 526 -5.85 34.87 -0.27
CA GLY A 526 -4.43 35.11 -0.30
C GLY A 526 -4.15 36.49 -0.84
N PRO A 527 -2.93 37.01 -0.64
CA PRO A 527 -2.65 38.39 -1.05
C PRO A 527 -2.30 38.51 -2.53
N LYS A 528 -2.56 37.47 -3.31
CA LYS A 528 -2.15 37.45 -4.70
C LYS A 528 -2.90 38.51 -5.50
N LYS A 529 -2.22 39.06 -6.50
CA LYS A 529 -2.81 40.04 -7.40
C LYS A 529 -3.50 39.34 -8.57
N SER A 530 -4.60 39.92 -9.02
CA SER A 530 -5.35 39.41 -10.14
C SER A 530 -4.90 40.03 -11.46
N THR A 531 -5.09 39.26 -12.53
CA THR A 531 -4.78 39.65 -13.89
C THR A 531 -6.05 39.77 -14.71
N ASN A 532 -5.91 40.23 -15.95
CA ASN A 532 -7.05 40.32 -16.85
C ASN A 532 -7.49 38.93 -17.29
N LEU A 533 -8.80 38.78 -17.49
CA LEU A 533 -9.37 37.53 -17.94
C LEU A 533 -9.11 37.35 -19.44
N VAL A 534 -8.61 36.18 -19.80
CA VAL A 534 -8.31 35.81 -21.19
C VAL A 534 -9.20 34.64 -21.57
N LYS A 535 -9.94 34.79 -22.66
CA LYS A 535 -10.85 33.76 -23.15
C LYS A 535 -10.37 33.20 -24.49
N ASN A 536 -10.83 31.97 -24.78
CA ASN A 536 -10.54 31.29 -26.03
C ASN A 536 -9.04 31.07 -26.25
N LYS A 537 -8.29 30.86 -25.16
CA LYS A 537 -6.86 30.60 -25.23
C LYS A 537 -6.49 29.61 -24.14
N CYS A 538 -5.45 28.83 -24.40
CA CYS A 538 -4.91 27.94 -23.37
C CYS A 538 -4.17 28.75 -22.32
N VAL A 539 -4.69 28.72 -21.09
CA VAL A 539 -4.12 29.48 -19.99
C VAL A 539 -4.08 28.62 -18.73
N ASN A 540 -3.24 29.05 -17.79
CA ASN A 540 -3.25 28.53 -16.42
C ASN A 540 -4.14 29.46 -15.62
N PHE A 541 -5.22 28.92 -15.07
CA PHE A 541 -6.17 29.77 -14.35
C PHE A 541 -6.20 29.41 -12.87
N ASN A 542 -6.57 30.43 -12.09
CA ASN A 542 -6.82 30.32 -10.65
C ASN A 542 -8.04 31.19 -10.35
N PHE A 543 -9.18 30.57 -10.17
CA PHE A 543 -10.45 31.23 -9.88
C PHE A 543 -10.84 31.00 -8.42
N ASN A 544 -10.52 31.97 -7.57
CA ASN A 544 -10.92 31.93 -6.16
C ASN A 544 -10.46 30.67 -5.44
N GLY A 545 -9.26 30.19 -5.80
CA GLY A 545 -8.68 28.99 -5.24
C GLY A 545 -8.78 27.77 -6.13
N LEU A 546 -9.64 27.80 -7.14
CA LEU A 546 -9.78 26.70 -8.09
C LEU A 546 -8.71 26.87 -9.15
N THR A 547 -7.80 25.91 -9.27
CA THR A 547 -6.67 26.03 -10.18
C THR A 547 -6.67 24.92 -11.22
N GLY A 548 -6.11 25.25 -12.38
CA GLY A 548 -5.99 24.27 -13.44
C GLY A 548 -5.50 24.91 -14.71
N THR A 549 -5.43 24.10 -15.75
CA THR A 549 -4.98 24.54 -17.07
C THR A 549 -6.10 24.26 -18.06
N GLY A 550 -6.42 25.22 -18.91
CA GLY A 550 -7.48 25.00 -19.87
C GLY A 550 -7.81 26.24 -20.67
N VAL A 551 -8.89 26.11 -21.44
CA VAL A 551 -9.40 27.16 -22.32
C VAL A 551 -10.73 27.61 -21.75
N LEU A 552 -10.84 28.91 -21.50
CA LEU A 552 -12.01 29.54 -20.92
C LEU A 552 -12.87 30.10 -22.04
N THR A 553 -14.14 29.69 -22.10
CA THR A 553 -15.05 30.18 -23.12
C THR A 553 -16.33 30.69 -22.46
N GLU A 554 -17.09 31.48 -23.21
CA GLU A 554 -18.36 31.96 -22.70
C GLU A 554 -19.35 30.80 -22.66
N SER A 555 -20.05 30.68 -21.54
CA SER A 555 -20.99 29.60 -21.28
C SER A 555 -22.42 30.05 -21.53
N ASN A 556 -23.28 29.08 -21.84
CA ASN A 556 -24.71 29.27 -21.97
C ASN A 556 -25.46 28.58 -20.83
N LYS A 557 -24.76 28.22 -19.75
CA LYS A 557 -25.40 27.59 -18.60
C LYS A 557 -26.07 28.63 -17.71
N LYS A 558 -27.26 28.29 -17.21
CA LYS A 558 -28.03 29.17 -16.33
C LYS A 558 -27.73 28.87 -14.86
N PHE A 559 -26.62 29.43 -14.37
CA PHE A 559 -26.28 29.26 -12.98
C PHE A 559 -27.24 30.05 -12.10
N LEU A 560 -27.60 29.46 -10.98
CA LEU A 560 -28.42 30.18 -10.02
C LEU A 560 -27.57 31.19 -9.25
N PRO A 561 -28.19 32.26 -8.70
CA PRO A 561 -27.42 33.32 -8.01
C PRO A 561 -26.44 32.89 -6.94
N PHE A 562 -26.65 31.71 -6.34
CA PHE A 562 -25.82 31.24 -5.23
C PHE A 562 -24.72 30.28 -5.65
N GLN A 563 -24.74 29.80 -6.89
CA GLN A 563 -23.79 28.79 -7.34
C GLN A 563 -22.51 29.46 -7.82
N GLN A 564 -21.35 28.97 -7.35
CA GLN A 564 -20.07 29.62 -7.65
C GLN A 564 -19.26 28.90 -8.73
N PHE A 565 -19.45 27.61 -8.89
CA PHE A 565 -18.72 26.84 -9.90
C PHE A 565 -19.53 25.60 -10.19
N GLY A 566 -19.16 24.90 -11.28
CA GLY A 566 -19.84 23.67 -11.66
C GLY A 566 -18.91 22.49 -11.84
N ARG A 567 -19.53 21.32 -11.90
CA ARG A 567 -18.85 20.06 -12.13
C ARG A 567 -19.55 19.25 -13.20
N ASP A 568 -18.76 18.41 -13.87
CA ASP A 568 -19.21 17.55 -14.95
C ASP A 568 -19.77 16.24 -14.42
N ILE A 569 -20.17 15.35 -15.33
CA ILE A 569 -20.67 14.03 -14.96
C ILE A 569 -19.62 13.30 -14.14
N ALA A 570 -18.35 13.50 -14.45
CA ALA A 570 -17.22 12.91 -13.75
C ALA A 570 -17.02 13.52 -12.36
N ASP A 571 -17.79 14.55 -12.00
CA ASP A 571 -17.64 15.25 -10.74
C ASP A 571 -16.29 15.96 -10.67
N THR A 572 -15.86 16.48 -11.82
CA THR A 572 -14.68 17.31 -11.95
C THR A 572 -15.14 18.68 -12.41
N THR A 573 -14.38 19.71 -12.05
CA THR A 573 -14.79 21.07 -12.38
C THR A 573 -14.83 21.28 -13.89
N ASP A 574 -15.94 21.85 -14.38
CA ASP A 574 -16.07 22.15 -15.81
C ASP A 574 -16.66 23.53 -16.10
N ALA A 575 -16.90 24.35 -15.07
CA ALA A 575 -17.43 25.69 -15.27
C ALA A 575 -17.14 26.48 -14.01
N VAL A 576 -16.93 27.79 -14.18
CA VAL A 576 -16.66 28.65 -13.03
C VAL A 576 -17.30 30.02 -13.21
N ARG A 577 -17.78 30.57 -12.11
CA ARG A 577 -18.25 31.95 -12.05
C ARG A 577 -17.05 32.82 -11.69
N ASP A 578 -16.75 33.81 -12.52
CA ASP A 578 -15.62 34.68 -12.23
C ASP A 578 -15.90 35.46 -10.94
N PRO A 579 -14.94 35.54 -10.00
CA PRO A 579 -15.22 36.23 -8.72
C PRO A 579 -15.40 37.75 -8.79
N GLN A 580 -15.05 38.42 -9.89
CA GLN A 580 -15.17 39.88 -9.98
C GLN A 580 -16.34 40.34 -10.82
N THR A 581 -16.58 39.71 -11.96
CA THR A 581 -17.73 39.97 -12.82
C THR A 581 -18.52 38.68 -12.85
N LEU A 582 -19.84 38.75 -12.68
CA LEU A 582 -20.59 37.51 -12.49
C LEU A 582 -20.94 36.87 -13.84
N GLU A 583 -19.88 36.55 -14.57
CA GLU A 583 -19.94 35.89 -15.86
C GLU A 583 -19.76 34.41 -15.59
N ILE A 584 -20.51 33.57 -16.28
CA ILE A 584 -20.36 32.13 -16.15
C ILE A 584 -19.51 31.68 -17.31
N LEU A 585 -18.39 31.01 -17.02
CA LEU A 585 -17.48 30.51 -18.03
C LEU A 585 -17.50 29.00 -18.05
N ASP A 586 -17.35 28.44 -19.25
CA ASP A 586 -17.13 27.00 -19.41
C ASP A 586 -15.64 26.81 -19.50
N ILE A 587 -15.16 25.73 -18.88
CA ILE A 587 -13.75 25.39 -18.84
C ILE A 587 -13.56 24.09 -19.60
N THR A 588 -12.69 24.13 -20.61
CA THR A 588 -12.33 22.92 -21.32
C THR A 588 -10.82 22.74 -21.14
N PRO A 589 -10.29 21.52 -21.21
CA PRO A 589 -8.84 21.36 -21.20
C PRO A 589 -8.23 21.97 -22.45
N CYS A 590 -6.95 22.28 -22.34
CA CYS A 590 -6.24 22.72 -23.52
C CYS A 590 -6.07 21.51 -24.42
N SER A 591 -6.08 21.78 -25.73
CA SER A 591 -6.11 20.71 -26.71
C SER A 591 -4.94 19.75 -26.50
N PHE A 592 -5.24 18.46 -26.58
CA PHE A 592 -4.24 17.42 -26.42
C PHE A 592 -4.66 16.18 -27.17
N GLY A 593 -3.69 15.27 -27.32
CA GLY A 593 -3.97 14.00 -27.97
C GLY A 593 -2.71 13.21 -28.15
N GLY A 594 -2.89 11.95 -28.55
CA GLY A 594 -1.75 11.08 -28.73
C GLY A 594 -0.96 11.46 -29.97
N VAL A 595 0.32 11.09 -29.98
CA VAL A 595 1.19 11.32 -31.13
C VAL A 595 1.66 9.96 -31.63
N SER A 596 1.33 9.65 -32.88
CA SER A 596 1.72 8.40 -33.51
C SER A 596 2.68 8.72 -34.64
N VAL A 597 3.70 7.90 -34.82
CA VAL A 597 4.70 8.11 -35.86
C VAL A 597 4.46 7.07 -36.92
N ILE A 598 4.23 7.54 -38.14
CA ILE A 598 3.97 6.72 -39.29
C ILE A 598 5.32 6.60 -39.97
N THR A 599 5.83 5.38 -40.15
CA THR A 599 7.15 5.27 -40.74
C THR A 599 7.40 3.99 -41.53
N PRO A 600 8.14 4.06 -42.65
CA PRO A 600 8.69 2.82 -43.20
C PRO A 600 9.83 2.40 -42.30
N GLY A 601 10.20 1.13 -42.40
CA GLY A 601 11.27 0.63 -41.57
C GLY A 601 12.59 1.29 -41.87
N THR A 602 13.52 1.17 -40.93
CA THR A 602 14.84 1.76 -41.11
C THR A 602 15.64 1.08 -42.22
N ASN A 603 15.12 -0.03 -42.77
CA ASN A 603 15.70 -0.63 -43.96
C ASN A 603 15.53 0.26 -45.19
N THR A 604 14.36 0.89 -45.29
CA THR A 604 13.98 1.66 -46.49
C THR A 604 14.26 3.15 -46.29
N SER A 605 13.64 3.79 -45.30
CA SER A 605 13.76 5.26 -45.17
C SER A 605 13.86 5.75 -43.74
N ASN A 606 14.42 6.94 -43.55
CA ASN A 606 14.50 7.62 -42.23
C ASN A 606 13.46 8.74 -42.29
N GLN A 607 12.74 8.90 -43.40
CA GLN A 607 11.63 9.84 -43.53
C GLN A 607 10.43 9.32 -42.76
N VAL A 608 9.77 10.19 -42.01
CA VAL A 608 8.59 9.84 -41.22
C VAL A 608 7.48 10.85 -41.43
N ALA A 609 6.27 10.45 -41.04
CA ALA A 609 5.09 11.29 -40.96
C ALA A 609 4.56 11.16 -39.54
N VAL A 610 3.94 12.20 -39.01
CA VAL A 610 3.44 12.21 -37.65
C VAL A 610 1.94 12.47 -37.67
N LEU A 611 1.19 11.63 -36.97
CA LEU A 611 -0.25 11.77 -36.82
C LEU A 611 -0.54 12.29 -35.42
N TYR A 612 -1.22 13.44 -35.35
CA TYR A 612 -1.70 14.02 -34.10
C TYR A 612 -3.15 13.61 -33.91
N GLN A 613 -3.38 12.70 -32.97
CA GLN A 613 -4.66 12.00 -32.85
C GLN A 613 -5.71 12.93 -32.25
N ASP A 614 -6.82 13.08 -32.97
CA ASP A 614 -7.91 13.96 -32.56
C ASP A 614 -7.43 15.38 -32.26
N VAL A 615 -6.58 15.90 -33.14
CA VAL A 615 -6.08 17.27 -33.06
C VAL A 615 -6.35 17.90 -34.42
N ASN A 616 -6.75 19.17 -34.41
CA ASN A 616 -6.99 19.90 -35.63
C ASN A 616 -5.70 20.47 -36.22
N CYS A 617 -5.64 20.61 -37.54
CA CYS A 617 -4.43 21.12 -38.19
C CYS A 617 -4.23 22.63 -38.00
N THR A 618 -5.19 23.32 -37.39
CA THR A 618 -5.07 24.74 -37.08
C THR A 618 -4.53 24.95 -35.67
N GLU A 619 -4.47 23.87 -34.90
CA GLU A 619 -4.09 23.81 -33.51
C GLU A 619 -2.66 23.33 -33.29
N VAL A 620 -2.15 22.48 -34.21
CA VAL A 620 -0.83 21.89 -34.03
C VAL A 620 0.28 22.94 -33.88
N PRO A 621 0.36 23.98 -34.73
CA PRO A 621 1.46 24.94 -34.55
C PRO A 621 1.16 26.03 -33.53
N ASN A 641 2.78 19.54 -46.51
CA ASN A 641 2.11 18.25 -46.42
C ASN A 641 1.33 18.14 -45.12
N VAL A 642 0.25 18.91 -45.03
CA VAL A 642 -0.64 18.91 -43.87
C VAL A 642 -2.00 18.37 -44.32
N PHE A 643 -2.36 17.17 -43.84
CA PHE A 643 -3.59 16.49 -44.27
C PHE A 643 -4.49 16.28 -43.06
N GLN A 644 -5.66 16.92 -43.09
CA GLN A 644 -6.65 16.80 -42.02
C GLN A 644 -7.62 15.67 -42.31
N THR A 645 -7.74 14.71 -41.38
CA THR A 645 -8.69 13.62 -41.53
C THR A 645 -9.47 13.47 -40.23
N ARG A 646 -10.48 12.60 -40.26
CA ARG A 646 -11.33 12.43 -39.09
C ARG A 646 -10.52 11.90 -37.91
N ALA A 647 -9.49 11.11 -38.18
CA ALA A 647 -8.67 10.56 -37.11
C ALA A 647 -7.77 11.60 -36.48
N GLY A 648 -7.52 12.73 -37.13
CA GLY A 648 -6.60 13.73 -36.63
C GLY A 648 -5.84 14.39 -37.75
N CYS A 649 -4.81 15.15 -37.36
CA CYS A 649 -3.99 15.89 -38.32
C CYS A 649 -2.71 15.12 -38.63
N LEU A 650 -2.56 14.70 -39.89
CA LEU A 650 -1.39 13.92 -40.34
C LEU A 650 -0.46 14.83 -41.13
N ILE A 651 0.77 15.01 -40.64
CA ILE A 651 1.75 15.89 -41.25
C ILE A 651 2.95 15.07 -41.67
N GLY A 652 3.37 15.23 -42.93
CA GLY A 652 4.51 14.52 -43.48
C GLY A 652 4.14 13.44 -44.47
N ALA A 653 2.86 13.08 -44.56
CA ALA A 653 2.37 12.11 -45.52
C ALA A 653 1.65 12.88 -46.62
N GLU A 654 1.93 12.54 -47.87
CA GLU A 654 1.31 13.19 -49.00
C GLU A 654 -0.03 12.54 -49.31
N HIS A 655 -1.10 13.33 -49.30
CA HIS A 655 -2.42 12.82 -49.61
C HIS A 655 -2.54 12.68 -51.12
N VAL A 656 -3.01 11.53 -51.56
CA VAL A 656 -3.19 11.25 -52.98
C VAL A 656 -4.64 10.84 -53.25
N ASN A 657 -5.01 10.93 -54.53
CA ASN A 657 -6.32 10.51 -54.99
C ASN A 657 -6.36 9.04 -55.39
N ASN A 658 -5.23 8.33 -55.30
CA ASN A 658 -5.12 6.92 -55.66
C ASN A 658 -5.24 6.01 -54.46
N SER A 659 -6.22 5.11 -54.48
CA SER A 659 -6.37 4.15 -53.39
C SER A 659 -5.49 2.93 -53.65
N TYR A 660 -5.05 2.29 -52.56
CA TYR A 660 -4.26 1.07 -52.62
C TYR A 660 -4.66 0.23 -51.41
N GLU A 661 -4.09 -0.97 -51.30
CA GLU A 661 -4.35 -1.77 -50.10
C GLU A 661 -3.72 -1.10 -48.89
N CYS A 662 -4.37 -1.27 -47.73
CA CYS A 662 -3.86 -0.72 -46.48
C CYS A 662 -2.49 -1.29 -46.13
N ASP A 663 -1.55 -0.40 -45.83
CA ASP A 663 -0.21 -0.79 -45.40
C ASP A 663 0.00 -0.41 -43.94
N ILE A 664 0.20 0.89 -43.66
CA ILE A 664 0.29 1.40 -42.30
C ILE A 664 -1.03 2.09 -41.97
N PRO A 665 -1.81 1.58 -41.00
CA PRO A 665 -3.12 2.21 -40.74
C PRO A 665 -2.97 3.59 -40.11
N ILE A 666 -3.80 4.51 -40.58
CA ILE A 666 -3.89 5.87 -40.03
C ILE A 666 -5.12 6.02 -39.15
N GLY A 667 -6.27 5.60 -39.66
CA GLY A 667 -7.51 5.66 -38.89
C GLY A 667 -8.61 6.27 -39.72
N ALA A 668 -9.86 5.96 -39.34
CA ALA A 668 -11.03 6.52 -40.01
C ALA A 668 -10.97 6.26 -41.51
N GLY A 669 -10.49 5.07 -41.87
CA GLY A 669 -10.44 4.67 -43.25
C GLY A 669 -9.20 5.05 -44.00
N ILE A 670 -8.30 5.80 -43.38
CA ILE A 670 -7.08 6.27 -44.03
C ILE A 670 -5.93 5.34 -43.65
N CYS A 671 -5.14 4.97 -44.65
CA CYS A 671 -3.93 4.19 -44.47
C CYS A 671 -2.81 4.94 -45.17
N ALA A 672 -1.57 4.64 -44.76
CA ALA A 672 -0.39 5.26 -45.35
C ALA A 672 0.60 4.20 -45.78
N SER A 673 1.42 4.56 -46.76
CA SER A 673 2.46 3.65 -47.24
C SER A 673 3.60 4.44 -47.84
N TYR A 674 4.73 3.76 -48.00
CA TYR A 674 5.92 4.35 -48.60
C TYR A 674 6.06 3.85 -50.03
N GLN A 675 5.93 4.77 -50.99
CA GLN A 675 6.00 4.43 -52.40
C GLN A 675 6.78 5.53 -53.12
N GLN A 690 11.17 7.98 -53.72
CA GLN A 690 10.04 7.37 -53.04
C GLN A 690 9.67 8.28 -51.87
N SER A 691 8.42 8.25 -51.40
CA SER A 691 8.01 9.07 -50.28
C SER A 691 6.84 8.42 -49.55
N ILE A 692 6.48 8.98 -48.40
CA ILE A 692 5.34 8.53 -47.62
C ILE A 692 4.08 9.22 -48.11
N ILE A 693 3.02 8.44 -48.37
CA ILE A 693 1.75 8.95 -48.82
C ILE A 693 0.68 8.50 -47.84
N ALA A 694 -0.42 9.23 -47.85
CA ALA A 694 -1.63 8.94 -47.10
C ALA A 694 -2.76 8.84 -48.09
N TYR A 695 -3.69 7.92 -47.87
CA TYR A 695 -4.76 7.73 -48.83
C TYR A 695 -5.94 7.07 -48.16
N THR A 696 -7.07 7.13 -48.84
CA THR A 696 -8.21 6.34 -48.42
C THR A 696 -7.89 4.93 -48.90
N MET A 697 -7.98 3.97 -47.99
CA MET A 697 -7.54 2.63 -48.34
C MET A 697 -8.49 2.00 -49.34
N SER A 698 -7.92 1.18 -50.21
CA SER A 698 -8.75 0.41 -51.11
C SER A 698 -9.18 -0.81 -50.33
N LEU A 699 -10.41 -1.23 -50.58
CA LEU A 699 -10.96 -2.42 -49.96
C LEU A 699 -10.84 -3.64 -50.86
N GLY A 700 -10.21 -3.46 -52.01
CA GLY A 700 -10.05 -4.48 -53.03
C GLY A 700 -10.52 -3.93 -54.35
N ALA A 701 -10.20 -4.67 -55.41
CA ALA A 701 -10.68 -4.23 -56.70
C ALA A 701 -12.19 -4.42 -56.71
N GLU A 702 -12.89 -3.54 -57.40
CA GLU A 702 -14.34 -3.73 -57.50
C GLU A 702 -14.61 -4.73 -58.60
N ASN A 703 -15.69 -5.50 -58.42
CA ASN A 703 -16.09 -6.49 -59.40
C ASN A 703 -17.61 -6.53 -59.39
N SER A 704 -18.22 -5.95 -60.43
CA SER A 704 -19.66 -6.01 -60.58
C SER A 704 -19.98 -7.40 -61.11
N VAL A 705 -20.83 -8.13 -60.40
CA VAL A 705 -21.12 -9.49 -60.81
C VAL A 705 -22.18 -9.45 -61.91
N ALA A 706 -21.92 -10.19 -62.97
CA ALA A 706 -22.82 -10.22 -64.13
C ALA A 706 -24.02 -11.11 -63.81
N TYR A 707 -24.80 -10.67 -62.83
CA TYR A 707 -25.93 -11.46 -62.38
C TYR A 707 -27.10 -11.34 -63.35
N SER A 708 -27.69 -12.49 -63.66
CA SER A 708 -28.91 -12.57 -64.46
C SER A 708 -29.60 -13.86 -64.08
N ASN A 709 -30.86 -13.99 -64.50
CA ASN A 709 -31.62 -15.17 -64.13
C ASN A 709 -31.28 -16.39 -64.95
N ASN A 710 -30.47 -16.26 -66.01
CA ASN A 710 -30.12 -17.36 -66.89
C ASN A 710 -28.64 -17.43 -67.21
N SER A 711 -27.78 -17.01 -66.29
CA SER A 711 -26.33 -17.04 -66.50
C SER A 711 -25.67 -17.71 -65.31
N ILE A 712 -24.84 -18.71 -65.61
CA ILE A 712 -24.12 -19.50 -64.61
C ILE A 712 -22.65 -19.44 -64.99
N ALA A 713 -21.78 -19.23 -64.02
CA ALA A 713 -20.35 -19.36 -64.23
C ALA A 713 -19.96 -20.72 -63.69
N ILE A 714 -19.07 -21.42 -64.40
CA ILE A 714 -18.56 -22.70 -63.92
C ILE A 714 -17.06 -22.83 -64.16
N PRO A 715 -16.25 -23.09 -63.13
CA PRO A 715 -14.81 -23.24 -63.33
C PRO A 715 -14.48 -24.38 -64.29
N THR A 716 -13.52 -24.12 -65.17
CA THR A 716 -13.05 -25.13 -66.12
C THR A 716 -11.69 -25.69 -65.74
N ASN A 717 -11.04 -25.11 -64.75
CA ASN A 717 -9.73 -25.53 -64.31
C ASN A 717 -9.66 -25.14 -62.85
N PHE A 718 -8.57 -25.52 -62.20
CA PHE A 718 -8.42 -25.20 -60.79
C PHE A 718 -6.94 -25.22 -60.49
N THR A 719 -6.60 -24.70 -59.34
CA THR A 719 -5.26 -24.82 -58.83
C THR A 719 -5.34 -25.48 -57.46
N ILE A 720 -4.23 -26.07 -57.08
CA ILE A 720 -4.05 -26.63 -55.76
C ILE A 720 -3.19 -25.65 -55.02
N SER A 721 -3.71 -25.16 -53.92
CA SER A 721 -3.04 -24.13 -53.16
C SER A 721 -2.65 -24.77 -51.84
N VAL A 722 -1.47 -24.40 -51.35
CA VAL A 722 -1.05 -24.82 -50.05
C VAL A 722 -0.94 -23.53 -49.27
N THR A 723 -1.75 -23.44 -48.23
CA THR A 723 -1.83 -22.27 -47.38
C THR A 723 -1.15 -22.64 -46.08
N THR A 724 -0.33 -21.74 -45.56
CA THR A 724 0.34 -21.99 -44.30
C THR A 724 -0.50 -21.29 -43.25
N GLU A 725 -1.00 -22.07 -42.30
CA GLU A 725 -1.75 -21.53 -41.17
C GLU A 725 -0.92 -21.87 -39.96
N ILE A 726 -0.57 -20.84 -39.20
CA ILE A 726 0.34 -20.98 -38.08
C ILE A 726 -0.47 -20.72 -36.81
N LEU A 727 -0.44 -21.67 -35.88
CA LEU A 727 -1.18 -21.51 -34.64
C LEU A 727 -0.28 -21.75 -33.42
N PRO A 728 -0.34 -20.89 -32.41
CA PRO A 728 0.28 -21.23 -31.13
C PRO A 728 -0.37 -22.47 -30.53
N VAL A 729 0.47 -23.31 -29.94
CA VAL A 729 0.05 -24.50 -29.22
C VAL A 729 0.43 -24.45 -27.76
N SER A 730 1.62 -23.97 -27.46
CA SER A 730 2.15 -23.98 -26.12
C SER A 730 2.87 -22.68 -25.86
N MET A 731 3.21 -22.51 -24.60
CA MET A 731 3.91 -21.33 -24.10
C MET A 731 5.13 -21.85 -23.37
N THR A 732 6.18 -21.03 -23.33
CA THR A 732 7.38 -21.42 -22.60
C THR A 732 6.94 -21.68 -21.16
N LYS A 733 7.35 -22.83 -20.62
CA LYS A 733 6.87 -23.19 -19.30
C LYS A 733 7.75 -22.52 -18.26
N THR A 734 7.42 -21.26 -18.00
CA THR A 734 8.20 -20.53 -17.04
C THR A 734 7.69 -20.91 -15.66
N SER A 735 8.56 -20.73 -14.67
CA SER A 735 8.20 -20.96 -13.28
C SER A 735 8.94 -19.92 -12.47
N VAL A 736 8.18 -19.11 -11.73
CA VAL A 736 8.76 -18.07 -10.92
C VAL A 736 8.45 -18.46 -9.48
N ASP A 737 9.50 -18.62 -8.70
CA ASP A 737 9.38 -18.92 -7.28
C ASP A 737 9.15 -17.61 -6.54
N CYS A 738 7.93 -17.43 -6.04
CA CYS A 738 7.54 -16.16 -5.44
C CYS A 738 8.49 -15.79 -4.31
N THR A 739 8.80 -16.75 -3.44
CA THR A 739 9.70 -16.46 -2.34
C THR A 739 11.09 -16.10 -2.86
N MET A 740 11.59 -16.88 -3.81
CA MET A 740 12.90 -16.59 -4.39
C MET A 740 12.91 -15.26 -5.16
N TYR A 741 11.87 -15.02 -5.96
CA TYR A 741 11.80 -13.80 -6.77
C TYR A 741 11.73 -12.55 -5.91
N ILE A 742 10.84 -12.54 -4.91
CA ILE A 742 10.65 -11.35 -4.10
C ILE A 742 11.74 -11.24 -3.05
N CYS A 743 12.02 -12.35 -2.37
CA CYS A 743 12.90 -12.38 -1.21
C CYS A 743 14.08 -13.33 -1.39
N GLY A 744 14.74 -13.27 -2.53
CA GLY A 744 15.82 -14.19 -2.83
C GLY A 744 16.94 -14.24 -1.81
N ASP A 745 17.19 -15.43 -1.26
CA ASP A 745 18.28 -15.66 -0.30
C ASP A 745 18.22 -14.68 0.87
N SER A 746 17.01 -14.35 1.32
CA SER A 746 16.80 -13.41 2.43
C SER A 746 15.79 -13.98 3.41
N THR A 747 16.25 -14.30 4.62
CA THR A 747 15.36 -14.83 5.65
C THR A 747 14.39 -13.77 6.16
N GLU A 748 14.88 -12.55 6.36
CA GLU A 748 14.04 -11.48 6.91
C GLU A 748 12.89 -11.14 5.96
N CYS A 749 13.21 -11.08 4.66
CA CYS A 749 12.17 -10.79 3.69
C CYS A 749 11.19 -11.94 3.60
N SER A 750 11.68 -13.18 3.58
CA SER A 750 10.78 -14.34 3.49
C SER A 750 9.80 -14.36 4.66
N ASN A 751 10.29 -14.05 5.86
CA ASN A 751 9.41 -14.04 7.00
C ASN A 751 8.38 -12.92 6.87
N LEU A 752 8.78 -11.73 6.36
CA LEU A 752 7.78 -10.71 6.11
C LEU A 752 6.80 -11.18 5.05
N LEU A 753 7.28 -11.93 4.05
CA LEU A 753 6.42 -12.43 2.99
C LEU A 753 5.38 -13.39 3.53
N LEU A 754 5.62 -13.96 4.71
CA LEU A 754 4.63 -14.88 5.27
C LEU A 754 3.44 -14.12 5.84
N GLN A 755 3.54 -12.80 5.99
CA GLN A 755 2.43 -12.01 6.51
C GLN A 755 1.34 -11.81 5.48
N TYR A 756 1.58 -12.21 4.24
CA TYR A 756 0.66 -12.11 3.12
C TYR A 756 0.00 -13.46 2.84
N GLY A 757 0.13 -14.41 3.75
CA GLY A 757 -0.56 -15.69 3.66
C GLY A 757 -0.14 -16.55 2.48
N SER A 758 -1.13 -16.96 1.70
CA SER A 758 -0.93 -17.89 0.60
C SER A 758 -0.68 -17.23 -0.76
N PHE A 759 -0.49 -15.91 -0.81
CA PHE A 759 -0.31 -15.23 -2.10
C PHE A 759 0.77 -15.91 -2.93
N CYS A 760 1.91 -16.20 -2.32
CA CYS A 760 2.95 -16.92 -3.05
C CYS A 760 2.55 -18.34 -3.36
N THR A 761 1.79 -18.98 -2.47
CA THR A 761 1.40 -20.36 -2.74
C THR A 761 0.46 -20.40 -3.95
N GLN A 762 -0.51 -19.49 -4.00
CA GLN A 762 -1.45 -19.48 -5.11
C GLN A 762 -0.82 -18.95 -6.40
N LEU A 763 0.21 -18.11 -6.31
CA LEU A 763 0.91 -17.68 -7.52
C LEU A 763 1.75 -18.81 -8.08
N ASN A 764 2.42 -19.55 -7.20
CA ASN A 764 3.22 -20.69 -7.64
C ASN A 764 2.29 -21.75 -8.21
N ARG A 765 1.11 -21.89 -7.60
CA ARG A 765 0.14 -22.85 -8.09
C ARG A 765 -0.39 -22.45 -9.46
N ALA A 766 -0.68 -21.16 -9.65
CA ALA A 766 -1.19 -20.70 -10.94
C ALA A 766 -0.16 -20.92 -12.03
N LEU A 767 1.12 -20.64 -11.74
CA LEU A 767 2.13 -20.86 -12.77
C LEU A 767 2.39 -22.35 -12.99
N THR A 768 2.29 -23.16 -11.94
CA THR A 768 2.43 -24.61 -12.11
C THR A 768 1.30 -25.13 -12.97
N GLY A 769 0.08 -24.65 -12.70
CA GLY A 769 -1.07 -25.04 -13.48
C GLY A 769 -0.90 -24.65 -14.94
N ILE A 770 -0.31 -23.48 -15.20
CA ILE A 770 -0.06 -23.09 -16.58
C ILE A 770 0.93 -24.05 -17.22
N ALA A 771 2.04 -24.37 -16.54
CA ALA A 771 3.02 -25.29 -17.10
C ALA A 771 2.41 -26.65 -17.41
N VAL A 772 1.57 -27.14 -16.50
CA VAL A 772 0.89 -28.41 -16.73
C VAL A 772 -0.04 -28.27 -17.91
N GLU A 773 -0.75 -27.14 -17.99
CA GLU A 773 -1.63 -26.88 -19.11
C GLU A 773 -0.86 -26.89 -20.42
N GLN A 774 0.38 -26.38 -20.43
CA GLN A 774 1.13 -26.36 -21.68
C GLN A 774 1.53 -27.77 -22.10
N ASP A 775 1.80 -28.65 -21.12
CA ASP A 775 2.08 -30.05 -21.50
C ASP A 775 0.81 -30.73 -21.98
N LYS A 776 -0.31 -30.42 -21.33
CA LYS A 776 -1.58 -30.97 -21.75
C LYS A 776 -1.95 -30.50 -23.15
N ASN A 777 -1.75 -29.20 -23.41
CA ASN A 777 -2.09 -28.60 -24.69
C ASN A 777 -1.30 -29.25 -25.81
N THR A 778 -0.01 -29.49 -25.58
CA THR A 778 0.79 -30.14 -26.61
C THR A 778 0.24 -31.55 -26.81
N GLN A 779 -0.13 -32.22 -25.72
CA GLN A 779 -0.65 -33.57 -25.85
C GLN A 779 -1.95 -33.59 -26.65
N GLU A 780 -2.86 -32.67 -26.37
CA GLU A 780 -4.16 -32.61 -27.09
C GLU A 780 -3.80 -32.52 -28.55
N VAL A 781 -3.01 -31.53 -28.97
CA VAL A 781 -2.71 -31.26 -30.40
C VAL A 781 -1.93 -32.39 -31.07
N PHE A 782 -0.88 -32.96 -30.48
CA PHE A 782 0.00 -33.92 -31.19
C PHE A 782 -0.25 -35.38 -30.79
N ALA A 783 -0.64 -35.71 -29.56
CA ALA A 783 -0.86 -37.09 -29.13
C ALA A 783 -2.30 -37.53 -29.43
N GLN A 784 -2.67 -37.44 -30.70
CA GLN A 784 -3.99 -37.86 -31.18
C GLN A 784 -3.92 -39.18 -31.92
N VAL A 785 -2.73 -39.78 -31.97
CA VAL A 785 -2.50 -41.02 -32.68
C VAL A 785 -2.10 -42.08 -31.67
N LYS A 786 -2.75 -43.24 -31.75
CA LYS A 786 -2.54 -44.31 -30.78
C LYS A 786 -1.17 -44.95 -30.94
N GLN A 787 -0.72 -45.12 -32.17
CA GLN A 787 0.55 -45.77 -32.50
C GLN A 787 1.45 -44.79 -33.24
N ILE A 788 2.76 -45.01 -33.16
CA ILE A 788 3.72 -44.19 -33.89
C ILE A 788 3.96 -44.82 -35.25
N TYR A 789 3.37 -44.23 -36.27
CA TYR A 789 3.41 -44.75 -37.63
C TYR A 789 4.67 -44.26 -38.34
N LYS A 790 5.22 -45.11 -39.20
CA LYS A 790 6.35 -44.76 -40.04
C LYS A 790 6.03 -45.10 -41.49
N THR A 791 6.59 -44.32 -42.39
CA THR A 791 6.43 -44.53 -43.82
C THR A 791 7.29 -45.70 -44.29
N PRO A 792 6.97 -46.30 -45.44
CA PRO A 792 7.80 -47.37 -45.97
C PRO A 792 9.13 -46.85 -46.50
N PRO A 793 10.15 -47.71 -46.59
CA PRO A 793 11.40 -47.30 -47.28
C PRO A 793 11.21 -46.77 -48.68
N ILE A 794 10.24 -47.27 -49.44
CA ILE A 794 10.00 -46.85 -50.82
C ILE A 794 8.83 -45.87 -50.83
N LYS A 795 9.15 -44.59 -51.01
CA LYS A 795 8.16 -43.52 -50.96
C LYS A 795 7.57 -43.31 -52.36
N ASP A 796 6.85 -44.34 -52.81
CA ASP A 796 6.15 -44.32 -54.09
C ASP A 796 4.68 -43.96 -53.80
N PHE A 797 4.34 -42.69 -54.01
CA PHE A 797 3.03 -42.14 -53.70
C PHE A 797 2.28 -41.68 -54.93
N GLY A 798 2.45 -42.39 -56.05
CA GLY A 798 1.67 -42.11 -57.24
C GLY A 798 2.06 -40.82 -57.94
N GLY A 799 3.30 -40.39 -57.77
CA GLY A 799 3.79 -39.15 -58.35
C GLY A 799 3.82 -37.99 -57.39
N PHE A 800 3.21 -38.15 -56.21
CA PHE A 800 3.18 -37.10 -55.20
C PHE A 800 4.48 -37.18 -54.41
N ASN A 801 5.23 -36.09 -54.37
CA ASN A 801 6.51 -36.05 -53.67
C ASN A 801 6.28 -35.51 -52.27
N PHE A 802 6.69 -36.27 -51.26
CA PHE A 802 6.56 -35.87 -49.86
C PHE A 802 7.89 -35.80 -49.14
N SER A 803 9.01 -35.88 -49.86
CA SER A 803 10.31 -35.82 -49.20
C SER A 803 10.48 -34.48 -48.52
N GLN A 804 9.71 -33.48 -48.95
CA GLN A 804 9.72 -32.14 -48.41
C GLN A 804 8.94 -32.05 -47.10
N ILE A 805 7.96 -32.93 -46.90
CA ILE A 805 7.14 -32.90 -45.68
C ILE A 805 7.45 -34.08 -44.78
N LEU A 806 8.10 -35.14 -45.29
CA LEU A 806 8.47 -36.33 -44.53
C LEU A 806 9.88 -36.19 -43.98
N PRO A 807 10.13 -36.67 -42.76
CA PRO A 807 11.45 -36.45 -42.15
C PRO A 807 12.58 -37.01 -43.01
N ASP A 808 13.68 -36.27 -43.09
CA ASP A 808 14.84 -36.72 -43.86
C ASP A 808 15.80 -37.49 -42.95
N PRO A 809 16.12 -38.76 -43.23
CA PRO A 809 16.96 -39.54 -42.30
C PRO A 809 18.38 -39.01 -42.08
N SER A 810 18.94 -38.26 -43.05
CA SER A 810 20.35 -37.87 -42.96
C SER A 810 20.70 -37.03 -41.74
N LYS A 811 19.95 -35.97 -41.47
CA LYS A 811 20.30 -35.14 -40.33
C LYS A 811 19.93 -35.88 -39.04
N PRO A 812 20.68 -35.66 -37.92
CA PRO A 812 20.40 -36.42 -36.69
C PRO A 812 18.95 -36.35 -36.26
N SER A 813 18.45 -35.13 -36.04
CA SER A 813 17.05 -34.91 -35.72
C SER A 813 16.20 -35.40 -36.88
N LYS A 814 15.27 -36.32 -36.62
CA LYS A 814 14.52 -36.92 -37.73
C LYS A 814 13.37 -35.97 -38.09
N ARG A 815 13.78 -34.79 -38.56
CA ARG A 815 12.89 -33.73 -38.99
C ARG A 815 12.86 -33.65 -40.51
N SER A 816 11.82 -32.99 -41.00
CA SER A 816 11.69 -32.74 -42.42
C SER A 816 12.43 -31.45 -42.76
N PRO A 817 12.67 -31.17 -44.05
CA PRO A 817 13.27 -29.87 -44.39
C PRO A 817 12.37 -28.68 -44.04
N ILE A 818 11.05 -28.71 -44.31
CA ILE A 818 10.20 -27.59 -43.90
C ILE A 818 10.28 -27.39 -42.41
N GLU A 819 10.29 -28.49 -41.65
CA GLU A 819 10.42 -28.34 -40.20
C GLU A 819 11.73 -27.67 -39.85
N ASP A 820 12.81 -28.04 -40.54
CA ASP A 820 14.09 -27.37 -40.32
C ASP A 820 14.01 -25.88 -40.63
N LEU A 821 13.27 -25.51 -41.69
CA LEU A 821 13.15 -24.09 -42.03
C LEU A 821 12.35 -23.35 -40.96
N LEU A 822 11.27 -23.97 -40.49
CA LEU A 822 10.42 -23.34 -39.47
C LEU A 822 11.19 -23.18 -38.18
N PHE A 823 12.01 -24.16 -37.81
CA PHE A 823 12.77 -24.09 -36.58
C PHE A 823 13.90 -23.07 -36.69
N ASN A 824 14.54 -22.98 -37.87
CA ASN A 824 15.62 -22.01 -38.04
C ASN A 824 15.10 -20.58 -38.03
N LYS A 825 13.90 -20.35 -38.55
CA LYS A 825 13.38 -18.99 -38.57
C LYS A 825 13.00 -18.52 -37.17
N VAL A 826 12.39 -19.40 -36.38
CA VAL A 826 11.98 -19.08 -35.01
C VAL A 826 12.66 -20.05 -34.06
N LEU A 849 21.07 -14.43 -22.07
CA LEU A 849 19.80 -13.91 -21.56
C LEU A 849 19.19 -14.87 -20.55
N ILE A 850 19.22 -16.17 -20.86
CA ILE A 850 18.59 -17.16 -20.00
C ILE A 850 19.27 -17.16 -18.64
N CYS A 851 20.56 -16.85 -18.60
CA CYS A 851 21.26 -16.76 -17.33
C CYS A 851 20.80 -15.54 -16.55
N ALA A 852 20.68 -14.39 -17.22
CA ALA A 852 20.26 -13.17 -16.54
C ALA A 852 18.89 -13.33 -15.91
N GLN A 853 17.98 -14.04 -16.58
CA GLN A 853 16.66 -14.27 -16.02
C GLN A 853 16.71 -15.31 -14.91
N LYS A 854 17.34 -16.46 -15.18
CA LYS A 854 17.40 -17.54 -14.19
C LYS A 854 17.98 -17.06 -12.87
N PHE A 855 19.01 -16.21 -12.92
CA PHE A 855 19.71 -15.78 -11.72
C PHE A 855 18.82 -15.05 -10.71
N ASN A 856 17.60 -14.66 -11.09
CA ASN A 856 16.66 -13.99 -10.20
C ASN A 856 15.56 -14.94 -9.75
N GLY A 857 15.74 -16.25 -9.92
CA GLY A 857 14.73 -17.21 -9.53
C GLY A 857 13.68 -17.47 -10.56
N LEU A 858 13.97 -17.26 -11.84
CA LEU A 858 13.01 -17.40 -12.93
C LEU A 858 13.46 -18.58 -13.78
N THR A 859 13.01 -19.78 -13.44
CA THR A 859 13.50 -20.94 -14.16
C THR A 859 12.51 -21.31 -15.26
N VAL A 860 12.99 -22.14 -16.18
CA VAL A 860 12.17 -22.65 -17.28
C VAL A 860 12.21 -24.17 -17.21
N LEU A 861 11.04 -24.78 -17.21
CA LEU A 861 10.94 -26.23 -17.15
C LEU A 861 10.95 -26.80 -18.56
N PRO A 862 11.60 -27.94 -18.78
CA PRO A 862 11.61 -28.52 -20.10
C PRO A 862 10.23 -29.05 -20.47
N PRO A 863 9.86 -29.00 -21.74
CA PRO A 863 8.63 -29.69 -22.13
C PRO A 863 8.77 -31.17 -21.82
N LEU A 864 7.64 -31.79 -21.48
CA LEU A 864 7.64 -33.23 -21.28
C LEU A 864 7.97 -33.90 -22.60
N LEU A 865 7.47 -33.35 -23.68
CA LEU A 865 7.66 -33.84 -25.02
C LEU A 865 8.79 -33.05 -25.66
N THR A 866 9.90 -33.72 -25.97
CA THR A 866 11.04 -33.03 -26.54
C THR A 866 10.82 -32.75 -28.02
N ASP A 867 11.66 -31.88 -28.57
CA ASP A 867 11.57 -31.55 -29.98
C ASP A 867 11.72 -32.81 -30.82
N GLU A 868 12.55 -33.75 -30.37
CA GLU A 868 12.67 -34.99 -31.12
C GLU A 868 11.35 -35.77 -31.04
N MET A 869 10.63 -35.66 -29.92
CA MET A 869 9.34 -36.35 -29.78
C MET A 869 8.24 -35.61 -30.48
N ILE A 870 8.32 -34.29 -30.56
CA ILE A 870 7.31 -33.59 -31.33
C ILE A 870 7.51 -33.96 -32.78
N ALA A 871 8.77 -34.04 -33.22
CA ALA A 871 9.04 -34.49 -34.58
C ALA A 871 8.53 -35.92 -34.79
N GLN A 872 8.69 -36.81 -33.80
CA GLN A 872 8.16 -38.16 -33.93
C GLN A 872 6.63 -38.18 -33.98
N TYR A 873 5.96 -37.34 -33.20
CA TYR A 873 4.50 -37.24 -33.28
C TYR A 873 4.04 -36.66 -34.61
N THR A 874 4.72 -35.64 -35.11
CA THR A 874 4.32 -35.09 -36.39
C THR A 874 4.61 -36.09 -37.49
N SER A 875 5.68 -36.87 -37.33
CA SER A 875 5.96 -37.93 -38.30
C SER A 875 4.88 -38.99 -38.27
N ALA A 876 4.44 -39.40 -37.07
CA ALA A 876 3.39 -40.41 -36.97
C ALA A 876 2.06 -39.90 -37.51
N LEU A 877 1.68 -38.68 -37.17
CA LEU A 877 0.42 -38.12 -37.64
C LEU A 877 0.44 -37.88 -39.14
N LEU A 878 1.55 -37.36 -39.65
CA LEU A 878 1.66 -37.06 -41.06
C LEU A 878 1.78 -38.35 -41.87
N ALA A 879 2.58 -39.32 -41.39
CA ALA A 879 2.73 -40.60 -42.07
C ALA A 879 1.40 -41.32 -42.09
N GLY A 880 0.64 -41.23 -41.01
CA GLY A 880 -0.67 -41.82 -40.99
C GLY A 880 -1.57 -41.14 -42.00
N THR A 881 -1.55 -39.81 -42.01
CA THR A 881 -2.39 -39.08 -42.95
C THR A 881 -2.11 -39.47 -44.39
N ILE A 882 -0.83 -39.62 -44.76
CA ILE A 882 -0.51 -39.97 -46.15
C ILE A 882 -0.86 -41.42 -46.47
N THR A 883 -0.55 -42.38 -45.57
CA THR A 883 -0.73 -43.79 -45.89
C THR A 883 -2.07 -44.39 -45.46
N SER A 884 -2.81 -43.73 -44.59
CA SER A 884 -4.09 -44.22 -44.09
C SER A 884 -5.21 -43.20 -44.16
N GLY A 885 -4.96 -42.01 -44.71
CA GLY A 885 -5.99 -40.99 -44.76
C GLY A 885 -6.48 -40.64 -43.36
N TRP A 886 -7.79 -40.66 -43.20
CA TRP A 886 -8.44 -40.33 -41.93
C TRP A 886 -8.77 -41.56 -41.11
N THR A 887 -8.50 -42.76 -41.62
CA THR A 887 -8.96 -43.96 -40.94
C THR A 887 -8.21 -44.22 -39.64
N PHE A 888 -6.98 -43.73 -39.53
CA PHE A 888 -6.22 -43.94 -38.31
C PHE A 888 -6.75 -43.13 -37.13
N GLY A 889 -7.56 -42.11 -37.40
CA GLY A 889 -8.11 -41.26 -36.36
C GLY A 889 -9.43 -41.74 -35.81
N ALA A 890 -9.99 -42.82 -36.37
CA ALA A 890 -11.30 -43.35 -35.96
C ALA A 890 -11.23 -44.86 -35.67
N GLY A 891 -10.05 -45.40 -35.40
CA GLY A 891 -9.87 -46.82 -35.19
C GLY A 891 -8.55 -47.31 -35.76
N PRO A 892 -8.45 -48.57 -36.18
CA PRO A 892 -7.17 -49.02 -36.76
C PRO A 892 -6.87 -48.32 -38.07
N ALA A 893 -5.59 -48.08 -38.31
CA ALA A 893 -5.21 -47.45 -39.56
C ALA A 893 -5.34 -48.45 -40.70
N LEU A 894 -6.10 -48.05 -41.70
CA LEU A 894 -6.22 -48.79 -42.94
C LEU A 894 -5.09 -48.38 -43.88
N GLN A 895 -4.67 -49.29 -44.73
CA GLN A 895 -3.79 -48.91 -45.81
C GLN A 895 -4.67 -48.36 -46.93
N ILE A 896 -4.16 -47.39 -47.66
CA ILE A 896 -4.83 -46.87 -48.86
C ILE A 896 -3.77 -46.32 -49.80
N PRO A 897 -3.84 -46.56 -51.11
CA PRO A 897 -2.95 -45.85 -52.03
C PRO A 897 -3.15 -44.35 -51.92
N PHE A 898 -2.07 -43.57 -52.00
CA PHE A 898 -2.25 -42.13 -51.86
C PHE A 898 -3.13 -41.49 -52.94
N PRO A 899 -3.04 -41.84 -54.24
CA PRO A 899 -3.97 -41.18 -55.15
C PRO A 899 -5.43 -41.52 -54.83
N MET A 900 -5.72 -42.71 -54.31
CA MET A 900 -7.09 -43.01 -53.91
C MET A 900 -7.47 -42.19 -52.69
N GLN A 901 -6.51 -41.94 -51.79
CA GLN A 901 -6.80 -41.06 -50.66
C GLN A 901 -7.22 -39.69 -51.16
N MET A 902 -6.50 -39.18 -52.17
CA MET A 902 -6.88 -37.90 -52.75
C MET A 902 -8.26 -38.00 -53.40
N ALA A 903 -8.58 -39.15 -53.99
CA ALA A 903 -9.89 -39.32 -54.61
C ALA A 903 -11.00 -39.25 -53.56
N TYR A 904 -10.73 -39.78 -52.37
CA TYR A 904 -11.73 -39.74 -51.31
C TYR A 904 -11.91 -38.29 -50.89
N ARG A 905 -10.79 -37.58 -50.82
CA ARG A 905 -10.81 -36.19 -50.42
C ARG A 905 -11.49 -35.31 -51.44
N PHE A 906 -11.35 -35.63 -52.73
CA PHE A 906 -12.07 -34.89 -53.76
C PHE A 906 -13.56 -35.13 -53.65
N ASN A 907 -13.96 -36.38 -53.36
CA ASN A 907 -15.38 -36.65 -53.17
C ASN A 907 -15.94 -35.83 -52.02
N GLY A 908 -15.14 -35.65 -50.96
CA GLY A 908 -15.60 -34.89 -49.82
C GLY A 908 -16.03 -33.47 -50.14
N ILE A 909 -15.35 -32.80 -51.08
CA ILE A 909 -15.66 -31.42 -51.44
C ILE A 909 -16.67 -31.29 -52.58
N GLY A 910 -17.29 -32.40 -52.97
CA GLY A 910 -18.29 -32.33 -54.02
C GLY A 910 -17.70 -32.36 -55.40
N VAL A 911 -16.51 -32.92 -55.56
CA VAL A 911 -15.83 -33.06 -56.83
C VAL A 911 -15.61 -34.55 -57.06
N THR A 912 -15.95 -35.01 -58.26
CA THR A 912 -15.92 -36.44 -58.52
C THR A 912 -14.48 -36.94 -58.54
N GLN A 913 -14.35 -38.27 -58.41
CA GLN A 913 -13.04 -38.90 -58.29
C GLN A 913 -12.23 -38.70 -59.56
N ASN A 914 -12.89 -38.65 -60.72
CA ASN A 914 -12.21 -38.60 -62.00
C ASN A 914 -11.46 -37.29 -62.22
N VAL A 915 -11.82 -36.25 -61.49
CA VAL A 915 -11.14 -34.98 -61.67
C VAL A 915 -9.69 -35.11 -61.24
N LEU A 916 -9.46 -35.80 -60.12
CA LEU A 916 -8.10 -36.06 -59.66
C LEU A 916 -7.30 -36.90 -60.63
N TYR A 917 -7.86 -38.03 -61.06
CA TYR A 917 -7.10 -39.00 -61.84
C TYR A 917 -6.78 -38.50 -63.24
N GLU A 918 -7.70 -37.79 -63.89
CA GLU A 918 -7.40 -37.30 -65.22
C GLU A 918 -6.22 -36.34 -65.21
N ASN A 919 -6.09 -35.57 -64.12
CA ASN A 919 -5.00 -34.63 -63.94
C ASN A 919 -4.02 -35.08 -62.87
N GLN A 920 -3.91 -36.42 -62.61
CA GLN A 920 -3.06 -36.90 -61.53
C GLN A 920 -1.63 -36.38 -61.68
N LYS A 921 -1.15 -36.29 -62.92
CA LYS A 921 0.20 -35.81 -63.15
C LYS A 921 0.25 -34.31 -62.91
N LEU A 922 -0.74 -33.58 -63.42
CA LEU A 922 -0.81 -32.16 -63.19
C LEU A 922 -0.96 -31.85 -61.72
N ILE A 923 -1.83 -32.58 -61.02
CA ILE A 923 -2.04 -32.28 -59.60
C ILE A 923 -0.76 -32.57 -58.82
N ALA A 924 -0.08 -33.67 -59.13
CA ALA A 924 1.18 -33.94 -58.45
C ALA A 924 2.20 -32.85 -58.73
N ASN A 925 2.24 -32.35 -59.97
CA ASN A 925 3.15 -31.26 -60.29
C ASN A 925 2.74 -29.95 -59.62
N GLN A 926 1.44 -29.64 -59.62
CA GLN A 926 0.97 -28.41 -58.97
C GLN A 926 1.16 -28.47 -57.48
N PHE A 927 0.92 -29.62 -56.86
CA PHE A 927 1.13 -29.79 -55.44
C PHE A 927 2.61 -29.65 -55.11
N ASN A 928 3.47 -30.36 -55.85
CA ASN A 928 4.90 -30.30 -55.57
C ASN A 928 5.42 -28.89 -55.82
N SER A 929 4.88 -28.22 -56.84
CA SER A 929 5.24 -26.84 -57.15
C SER A 929 4.81 -25.91 -56.04
N ALA A 930 3.57 -26.09 -55.53
CA ALA A 930 3.10 -25.27 -54.43
C ALA A 930 4.00 -25.46 -53.23
N ILE A 931 4.45 -26.70 -52.99
CA ILE A 931 5.38 -26.97 -51.89
C ILE A 931 6.71 -26.25 -52.14
N GLY A 932 7.20 -26.29 -53.38
CA GLY A 932 8.43 -25.56 -53.71
C GLY A 932 8.23 -24.09 -53.42
N LYS A 933 7.02 -23.56 -53.66
CA LYS A 933 6.71 -22.13 -53.37
C LYS A 933 6.56 -21.99 -51.85
N ILE A 934 6.28 -23.06 -51.12
CA ILE A 934 6.29 -23.04 -49.63
C ILE A 934 7.76 -22.93 -49.23
N GLN A 935 8.68 -23.55 -49.96
CA GLN A 935 10.14 -23.43 -49.68
C GLN A 935 10.57 -21.97 -49.83
N ASP A 936 10.27 -21.32 -50.95
CA ASP A 936 10.72 -19.96 -51.25
C ASP A 936 10.05 -18.94 -50.33
N SER A 937 8.75 -19.12 -50.05
CA SER A 937 8.05 -18.19 -49.17
C SER A 937 8.61 -18.19 -47.76
N LEU A 938 8.87 -19.37 -47.20
CA LEU A 938 9.43 -19.44 -45.85
C LEU A 938 10.88 -18.98 -45.81
N SER A 939 11.68 -19.36 -46.82
CA SER A 939 13.09 -18.97 -46.82
C SER A 939 13.26 -17.48 -47.02
N SER A 940 12.39 -16.86 -47.83
CA SER A 940 12.52 -15.45 -48.16
C SER A 940 11.93 -14.54 -47.09
N THR A 941 10.67 -14.76 -46.70
CA THR A 941 9.96 -13.80 -45.88
C THR A 941 10.12 -14.08 -44.39
N PRO A 942 10.86 -13.26 -43.63
CA PRO A 942 11.03 -13.57 -42.20
C PRO A 942 9.75 -13.49 -41.36
N SER A 943 8.80 -12.62 -41.69
CA SER A 943 7.59 -12.40 -40.90
C SER A 943 6.54 -13.47 -41.10
N ALA A 944 6.78 -14.45 -41.97
CA ALA A 944 5.77 -15.46 -42.28
C ALA A 944 5.32 -16.20 -41.02
N LEU A 945 6.21 -16.35 -40.04
CA LEU A 945 5.92 -17.07 -38.81
C LEU A 945 5.65 -16.11 -37.66
N GLY A 946 5.18 -14.90 -37.98
CA GLY A 946 4.89 -13.91 -36.97
C GLY A 946 3.95 -14.40 -35.88
N LYS A 947 3.00 -15.28 -36.23
CA LYS A 947 2.06 -15.78 -35.24
C LYS A 947 2.76 -16.52 -34.12
N LEU A 948 3.88 -17.18 -34.41
CA LEU A 948 4.62 -17.84 -33.36
C LEU A 948 5.61 -16.89 -32.73
N GLN A 949 6.20 -16.03 -33.56
CA GLN A 949 7.22 -15.13 -33.05
C GLN A 949 6.61 -14.11 -32.10
N ASP A 950 5.39 -13.65 -32.37
CA ASP A 950 4.78 -12.69 -31.47
C ASP A 950 4.56 -13.35 -30.12
N VAL A 951 4.20 -14.64 -30.12
CA VAL A 951 4.00 -15.32 -28.85
C VAL A 951 5.34 -15.42 -28.13
N VAL A 952 6.37 -15.80 -28.88
CA VAL A 952 7.70 -15.86 -28.28
C VAL A 952 8.10 -14.48 -27.81
N ASN A 953 7.82 -13.47 -28.64
CA ASN A 953 8.21 -12.12 -28.26
C ASN A 953 7.40 -11.68 -27.07
N GLN A 954 6.10 -12.02 -27.04
CA GLN A 954 5.28 -11.61 -25.91
C GLN A 954 5.79 -12.28 -24.65
N ASN A 955 6.17 -13.55 -24.76
CA ASN A 955 6.65 -14.19 -23.56
C ASN A 955 8.02 -13.71 -23.20
N ALA A 956 8.86 -13.46 -24.20
CA ALA A 956 10.16 -12.92 -23.89
C ALA A 956 9.99 -11.53 -23.29
N GLN A 957 9.06 -10.76 -23.86
CA GLN A 957 8.81 -9.44 -23.34
C GLN A 957 8.19 -9.55 -21.96
N ALA A 958 7.30 -10.53 -21.78
CA ALA A 958 6.67 -10.71 -20.48
C ALA A 958 7.73 -11.02 -19.44
N LEU A 959 8.71 -11.85 -19.80
CA LEU A 959 9.78 -12.11 -18.86
C LEU A 959 10.70 -10.92 -18.73
N ASN A 960 10.96 -10.23 -19.85
CA ASN A 960 11.85 -9.08 -19.80
C ASN A 960 11.23 -7.96 -18.98
N THR A 961 9.92 -7.80 -19.07
CA THR A 961 9.28 -6.79 -18.26
C THR A 961 9.36 -7.18 -16.79
N LEU A 962 9.07 -8.46 -16.48
CA LEU A 962 9.10 -8.93 -15.10
C LEU A 962 10.47 -8.76 -14.49
N VAL A 963 11.50 -9.13 -15.24
CA VAL A 963 12.86 -9.00 -14.72
C VAL A 963 13.19 -7.54 -14.53
N LYS A 964 12.80 -6.68 -15.48
CA LYS A 964 13.08 -5.26 -15.32
C LYS A 964 12.35 -4.68 -14.12
N GLN A 965 11.23 -5.28 -13.71
CA GLN A 965 10.56 -4.75 -12.53
C GLN A 965 11.42 -4.91 -11.28
N LEU A 966 12.42 -5.80 -11.31
CA LEU A 966 13.30 -5.95 -10.17
C LEU A 966 14.26 -4.77 -10.04
N SER A 967 14.37 -3.94 -11.08
CA SER A 967 15.23 -2.77 -11.02
C SER A 967 14.48 -1.53 -10.53
N SER A 968 13.18 -1.65 -10.27
CA SER A 968 12.35 -0.56 -9.79
C SER A 968 12.40 -0.48 -8.27
N ASN A 969 12.35 0.74 -7.75
CA ASN A 969 12.38 0.93 -6.30
C ASN A 969 11.00 0.78 -5.68
N PHE A 970 9.94 1.17 -6.39
CA PHE A 970 8.57 1.14 -5.87
C PHE A 970 8.43 1.99 -4.60
N GLY A 971 9.29 3.00 -4.44
CA GLY A 971 9.28 3.87 -3.29
C GLY A 971 10.35 3.54 -2.27
N ALA A 972 11.02 2.41 -2.42
CA ALA A 972 12.08 2.00 -1.51
C ALA A 972 13.36 2.81 -1.78
N ILE A 973 14.25 2.82 -0.79
CA ILE A 973 15.54 3.48 -0.95
C ILE A 973 16.43 2.82 -2.00
N SER A 974 16.20 1.55 -2.32
CA SER A 974 17.00 0.86 -3.32
C SER A 974 16.22 -0.33 -3.87
N SER A 975 16.39 -0.62 -5.15
CA SER A 975 15.75 -1.81 -5.71
C SER A 975 16.43 -3.13 -5.35
N VAL A 976 17.67 -3.12 -4.87
CA VAL A 976 18.41 -4.35 -4.56
C VAL A 976 18.26 -4.65 -3.08
N LEU A 977 17.71 -5.83 -2.80
CA LEU A 977 17.36 -6.27 -1.46
C LEU A 977 18.56 -6.40 -0.52
N ASN A 978 19.70 -6.82 -1.06
CA ASN A 978 20.86 -6.98 -0.21
C ASN A 978 21.37 -5.66 0.34
N ASP A 979 21.22 -4.56 -0.41
CA ASP A 979 21.72 -3.29 0.10
C ASP A 979 20.82 -2.77 1.21
N ILE A 980 19.51 -2.99 1.09
CA ILE A 980 18.60 -2.56 2.15
C ILE A 980 18.91 -3.32 3.43
N LEU A 981 19.10 -4.63 3.31
CA LEU A 981 19.40 -5.42 4.50
C LEU A 981 20.80 -5.13 5.04
N SER A 982 21.73 -4.73 4.17
CA SER A 982 23.08 -4.38 4.60
C SER A 982 23.14 -3.02 5.27
N ARG A 983 22.23 -2.10 4.94
CA ARG A 983 22.26 -0.76 5.51
C ARG A 983 21.36 -0.61 6.73
N LEU A 984 20.15 -1.18 6.70
CA LEU A 984 19.16 -0.96 7.74
C LEU A 984 19.03 -2.16 8.67
N ASP A 985 18.61 -1.89 9.89
CA ASP A 985 18.24 -2.88 10.89
C ASP A 985 16.77 -3.24 10.76
N PRO A 986 16.34 -4.43 11.22
CA PRO A 986 14.93 -4.87 11.07
C PRO A 986 13.90 -3.80 11.38
N PRO A 987 14.04 -3.02 12.47
CA PRO A 987 13.01 -1.99 12.77
C PRO A 987 12.82 -0.99 11.66
N GLU A 988 13.84 -0.78 10.82
CA GLU A 988 13.81 0.14 9.69
C GLU A 988 13.76 -0.60 8.38
N ALA A 989 14.45 -1.74 8.32
CA ALA A 989 14.51 -2.52 7.09
C ALA A 989 13.14 -3.06 6.71
N GLU A 990 12.32 -3.44 7.70
CA GLU A 990 11.02 -4.05 7.39
C GLU A 990 10.10 -3.10 6.63
N VAL A 991 10.15 -1.81 6.88
CA VAL A 991 9.28 -0.88 6.14
C VAL A 991 9.68 -0.82 4.67
N GLN A 992 10.98 -0.70 4.39
CA GLN A 992 11.44 -0.62 3.02
C GLN A 992 11.22 -1.96 2.31
N ILE A 993 11.38 -3.05 3.05
CA ILE A 993 11.18 -4.36 2.45
C ILE A 993 9.71 -4.54 2.15
N ASP A 994 8.83 -4.12 3.06
CA ASP A 994 7.40 -4.19 2.79
C ASP A 994 7.07 -3.44 1.50
N ARG A 995 7.76 -2.32 1.26
CA ARG A 995 7.52 -1.58 0.01
C ARG A 995 7.97 -2.38 -1.20
N LEU A 996 9.12 -3.05 -1.11
CA LEU A 996 9.55 -3.87 -2.24
C LEU A 996 8.68 -5.10 -2.39
N ILE A 997 8.23 -5.69 -1.30
CA ILE A 997 7.36 -6.86 -1.38
C ILE A 997 6.06 -6.47 -2.05
N THR A 998 5.49 -5.33 -1.64
CA THR A 998 4.23 -4.90 -2.25
C THR A 998 4.41 -4.68 -3.74
N GLY A 999 5.48 -3.99 -4.14
CA GLY A 999 5.67 -3.74 -5.56
C GLY A 999 5.99 -5.00 -6.36
N ARG A 1000 6.83 -5.87 -5.81
CA ARG A 1000 7.19 -7.09 -6.53
C ARG A 1000 6.05 -8.08 -6.54
N LEU A 1001 5.28 -8.15 -5.46
CA LEU A 1001 4.13 -9.03 -5.42
C LEU A 1001 3.06 -8.54 -6.39
N GLN A 1002 2.86 -7.23 -6.47
CA GLN A 1002 1.90 -6.70 -7.45
C GLN A 1002 2.40 -6.98 -8.85
N SER A 1003 3.71 -6.88 -9.07
CA SER A 1003 4.26 -7.15 -10.39
C SER A 1003 4.15 -8.62 -10.74
N LEU A 1004 4.36 -9.51 -9.77
CA LEU A 1004 4.24 -10.93 -10.03
C LEU A 1004 2.78 -11.32 -10.25
N GLN A 1005 1.86 -10.71 -9.50
CA GLN A 1005 0.45 -10.96 -9.73
C GLN A 1005 0.05 -10.46 -11.11
N THR A 1006 0.59 -9.31 -11.52
CA THR A 1006 0.31 -8.79 -12.84
C THR A 1006 0.83 -9.75 -13.90
N TYR A 1007 2.06 -10.23 -13.71
CA TYR A 1007 2.64 -11.21 -14.62
C TYR A 1007 1.79 -12.47 -14.69
N VAL A 1008 1.41 -13.02 -13.54
CA VAL A 1008 0.62 -14.25 -13.52
C VAL A 1008 -0.74 -14.01 -14.17
N THR A 1009 -1.37 -12.86 -13.93
CA THR A 1009 -2.73 -12.54 -14.43
C THR A 1009 -2.68 -12.33 -15.94
N GLN A 1010 -1.56 -11.84 -16.48
CA GLN A 1010 -1.41 -11.63 -17.94
C GLN A 1010 -0.85 -12.90 -18.55
N GLN A 1011 -0.44 -13.89 -17.75
CA GLN A 1011 0.00 -15.22 -18.26
C GLN A 1011 -1.19 -16.17 -18.13
N LEU A 1012 -2.16 -15.91 -17.25
CA LEU A 1012 -3.39 -16.68 -17.23
C LEU A 1012 -4.28 -16.28 -18.40
N ILE A 1013 -4.33 -15.00 -18.72
CA ILE A 1013 -5.10 -14.55 -19.87
C ILE A 1013 -4.43 -15.00 -21.17
N ARG A 1014 -3.10 -14.83 -21.24
CA ARG A 1014 -2.36 -15.27 -22.42
C ARG A 1014 -2.46 -16.78 -22.58
N ALA A 1015 -2.41 -17.52 -21.47
CA ALA A 1015 -2.55 -18.95 -21.53
C ALA A 1015 -3.94 -19.32 -22.00
N ALA A 1016 -4.96 -18.57 -21.57
CA ALA A 1016 -6.30 -18.88 -22.03
C ALA A 1016 -6.43 -18.65 -23.52
N GLU A 1017 -5.83 -17.57 -24.05
CA GLU A 1017 -5.91 -17.37 -25.51
C GLU A 1017 -5.12 -18.44 -26.26
N ILE A 1018 -3.91 -18.77 -25.80
CA ILE A 1018 -3.15 -19.84 -26.46
C ILE A 1018 -3.85 -21.18 -26.27
N ARG A 1019 -4.41 -21.45 -25.10
CA ARG A 1019 -5.16 -22.69 -24.90
C ARG A 1019 -6.35 -22.75 -25.86
N ALA A 1020 -7.05 -21.64 -26.04
CA ALA A 1020 -8.15 -21.61 -27.00
C ALA A 1020 -7.61 -21.86 -28.41
N SER A 1021 -6.46 -21.28 -28.72
CA SER A 1021 -5.83 -21.51 -30.02
C SER A 1021 -5.42 -22.96 -30.15
N ALA A 1022 -4.86 -23.55 -29.09
CA ALA A 1022 -4.48 -24.95 -29.10
C ALA A 1022 -5.71 -25.84 -29.26
N ASN A 1023 -6.84 -25.43 -28.67
CA ASN A 1023 -8.07 -26.19 -28.85
C ASN A 1023 -8.56 -26.08 -30.28
N LEU A 1024 -8.34 -24.91 -30.89
CA LEU A 1024 -8.67 -24.75 -32.31
C LEU A 1024 -7.73 -25.59 -33.15
N ALA A 1025 -6.43 -25.59 -32.80
CA ALA A 1025 -5.45 -26.39 -33.51
C ALA A 1025 -5.75 -27.88 -33.35
N ALA A 1026 -6.19 -28.30 -32.18
CA ALA A 1026 -6.56 -29.70 -31.97
C ALA A 1026 -7.81 -30.03 -32.77
N THR A 1027 -8.73 -29.08 -32.86
CA THR A 1027 -9.92 -29.29 -33.68
C THR A 1027 -9.51 -29.43 -35.13
N LYS A 1028 -8.57 -28.58 -35.56
CA LYS A 1028 -8.01 -28.66 -36.90
C LYS A 1028 -7.23 -29.96 -37.09
N MET A 1029 -6.54 -30.42 -36.06
CA MET A 1029 -5.82 -31.69 -36.16
C MET A 1029 -6.82 -32.79 -36.49
N SER A 1030 -7.91 -32.81 -35.73
CA SER A 1030 -8.92 -33.83 -35.92
C SER A 1030 -9.68 -33.68 -37.25
N GLU A 1031 -10.11 -32.46 -37.58
CA GLU A 1031 -10.96 -32.23 -38.73
C GLU A 1031 -10.23 -31.92 -40.03
N CYS A 1032 -9.01 -31.42 -39.99
CA CYS A 1032 -8.27 -31.04 -41.19
C CYS A 1032 -7.17 -32.04 -41.53
N VAL A 1033 -6.59 -32.68 -40.51
CA VAL A 1033 -5.47 -33.60 -40.68
C VAL A 1033 -5.92 -35.04 -40.51
N LEU A 1034 -6.73 -35.30 -39.48
CA LEU A 1034 -7.22 -36.63 -39.18
C LEU A 1034 -8.60 -36.83 -39.79
N GLY A 1035 -8.95 -35.99 -40.76
CA GLY A 1035 -10.25 -36.05 -41.40
C GLY A 1035 -10.28 -35.02 -42.50
N GLN A 1036 -11.49 -34.76 -42.98
CA GLN A 1036 -11.73 -33.73 -43.97
C GLN A 1036 -12.90 -32.89 -43.51
N SER A 1037 -12.67 -31.59 -43.40
CA SER A 1037 -13.67 -30.68 -42.86
C SER A 1037 -14.49 -30.15 -44.02
N LYS A 1038 -15.77 -29.95 -43.75
CA LYS A 1038 -16.71 -29.32 -44.68
C LYS A 1038 -17.05 -27.91 -44.22
N ARG A 1039 -16.31 -27.39 -43.24
CA ARG A 1039 -16.50 -26.06 -42.70
C ARG A 1039 -15.72 -25.09 -43.57
N VAL A 1040 -16.44 -24.12 -44.15
CA VAL A 1040 -15.85 -23.19 -45.09
C VAL A 1040 -14.82 -22.32 -44.37
N ASP A 1041 -13.63 -22.19 -44.98
CA ASP A 1041 -12.53 -21.38 -44.48
C ASP A 1041 -12.01 -21.85 -43.13
N PHE A 1042 -12.36 -23.06 -42.71
CA PHE A 1042 -11.83 -23.61 -41.47
C PHE A 1042 -10.43 -24.14 -41.69
N CYS A 1043 -10.21 -24.83 -42.81
CA CYS A 1043 -8.94 -25.47 -43.11
C CYS A 1043 -8.33 -24.82 -44.35
N GLY A 1044 -8.24 -23.50 -44.37
CA GLY A 1044 -7.68 -22.78 -45.50
C GLY A 1044 -8.74 -22.20 -46.42
N LYS A 1045 -8.29 -21.33 -47.33
CA LYS A 1045 -9.17 -20.63 -48.25
C LYS A 1045 -9.32 -21.46 -49.51
N GLY A 1046 -10.51 -22.01 -49.70
CA GLY A 1046 -10.85 -22.90 -50.78
C GLY A 1046 -11.60 -24.08 -50.24
N TYR A 1047 -11.73 -25.12 -51.06
CA TYR A 1047 -12.37 -26.35 -50.66
C TYR A 1047 -11.29 -27.24 -50.07
N HIS A 1048 -11.44 -27.61 -48.80
CA HIS A 1048 -10.40 -28.35 -48.13
C HIS A 1048 -10.22 -29.76 -48.66
N LEU A 1049 -8.97 -30.11 -48.97
CA LEU A 1049 -8.60 -31.46 -49.34
C LEU A 1049 -7.92 -32.16 -48.17
N MET A 1050 -6.83 -31.58 -47.66
CA MET A 1050 -6.11 -32.24 -46.57
C MET A 1050 -5.14 -31.26 -45.95
N SER A 1051 -4.58 -31.64 -44.82
CA SER A 1051 -3.58 -30.81 -44.16
C SER A 1051 -2.44 -31.68 -43.64
N PHE A 1052 -1.31 -31.02 -43.41
CA PHE A 1052 -0.11 -31.65 -42.91
C PHE A 1052 0.37 -30.90 -41.68
N PRO A 1053 0.55 -31.58 -40.54
CA PRO A 1053 1.10 -30.90 -39.38
C PRO A 1053 2.60 -30.76 -39.53
N GLN A 1054 3.13 -29.68 -38.96
CA GLN A 1054 4.56 -29.50 -38.85
C GLN A 1054 4.84 -28.96 -37.46
N SER A 1055 5.92 -29.47 -36.86
CA SER A 1055 6.33 -28.98 -35.56
C SER A 1055 6.88 -27.58 -35.71
N ALA A 1056 6.62 -26.72 -34.74
CA ALA A 1056 7.18 -25.38 -34.75
C ALA A 1056 7.50 -24.98 -33.33
N PRO A 1057 8.39 -24.00 -33.13
CA PRO A 1057 8.69 -23.53 -31.76
C PRO A 1057 7.44 -23.12 -31.02
N HIS A 1058 7.17 -23.83 -29.93
CA HIS A 1058 6.01 -23.56 -29.08
C HIS A 1058 4.72 -23.48 -29.89
N GLY A 1059 4.62 -24.24 -30.97
CA GLY A 1059 3.44 -24.14 -31.80
C GLY A 1059 3.42 -25.16 -32.92
N VAL A 1060 2.40 -25.04 -33.76
CA VAL A 1060 2.21 -25.96 -34.87
C VAL A 1060 1.96 -25.14 -36.12
N VAL A 1061 2.46 -25.64 -37.25
CA VAL A 1061 2.23 -25.04 -38.55
C VAL A 1061 1.49 -26.08 -39.38
N PHE A 1062 0.36 -25.68 -39.96
CA PHE A 1062 -0.43 -26.55 -40.80
C PHE A 1062 -0.23 -26.11 -42.24
N LEU A 1063 0.04 -27.09 -43.10
CA LEU A 1063 0.08 -26.85 -44.53
C LEU A 1063 -1.24 -27.39 -45.04
N HIS A 1064 -2.15 -26.49 -45.38
CA HIS A 1064 -3.49 -26.86 -45.79
C HIS A 1064 -3.49 -26.93 -47.30
N VAL A 1065 -3.87 -28.07 -47.83
CA VAL A 1065 -3.92 -28.32 -49.25
C VAL A 1065 -5.38 -28.18 -49.61
N THR A 1066 -5.68 -27.18 -50.44
CA THR A 1066 -7.04 -26.84 -50.81
C THR A 1066 -7.16 -26.83 -52.32
N TYR A 1067 -8.39 -27.11 -52.75
CA TYR A 1067 -8.81 -27.06 -54.14
C TYR A 1067 -9.41 -25.69 -54.34
N VAL A 1068 -8.91 -24.93 -55.32
CA VAL A 1068 -9.41 -23.58 -55.57
C VAL A 1068 -9.77 -23.46 -57.05
N PRO A 1069 -11.03 -23.17 -57.39
CA PRO A 1069 -11.39 -22.91 -58.78
C PRO A 1069 -10.58 -21.79 -59.41
N ALA A 1070 -10.19 -21.97 -60.68
CA ALA A 1070 -9.38 -20.98 -61.36
C ALA A 1070 -10.12 -20.43 -62.56
N GLN A 1071 -9.89 -20.95 -63.76
CA GLN A 1071 -10.36 -20.28 -64.97
C GLN A 1071 -11.88 -20.21 -65.08
N GLU A 1072 -12.36 -19.10 -65.62
CA GLU A 1072 -13.77 -18.72 -65.71
C GLU A 1072 -14.37 -18.99 -67.09
N LYS A 1073 -15.62 -19.45 -67.13
CA LYS A 1073 -16.38 -19.47 -68.38
C LYS A 1073 -17.86 -19.32 -68.06
N ASN A 1074 -18.53 -18.43 -68.80
CA ASN A 1074 -19.98 -18.24 -68.69
C ASN A 1074 -20.75 -19.19 -69.59
N PHE A 1075 -21.90 -19.65 -69.09
CA PHE A 1075 -22.89 -20.51 -69.75
C PHE A 1075 -24.29 -20.10 -69.34
N THR A 1076 -25.25 -20.44 -70.19
CA THR A 1076 -26.65 -20.22 -69.89
C THR A 1076 -27.14 -21.44 -69.13
N THR A 1077 -28.01 -21.20 -68.15
CA THR A 1077 -28.51 -22.22 -67.24
C THR A 1077 -30.03 -22.15 -67.17
N ALA A 1078 -30.58 -23.10 -66.41
CA ALA A 1078 -32.01 -23.14 -66.21
C ALA A 1078 -32.28 -23.91 -64.93
N PRO A 1079 -33.28 -23.53 -64.14
CA PRO A 1079 -33.58 -24.26 -62.91
C PRO A 1079 -34.17 -25.64 -63.13
N ALA A 1080 -34.75 -25.91 -64.29
CA ALA A 1080 -35.41 -27.17 -64.52
C ALA A 1080 -35.52 -27.38 -66.01
N ILE A 1081 -35.76 -28.64 -66.40
CA ILE A 1081 -35.99 -28.95 -67.80
C ILE A 1081 -37.37 -29.56 -68.05
N CYS A 1082 -38.08 -29.03 -69.06
CA CYS A 1082 -39.38 -29.56 -69.50
C CYS A 1082 -39.13 -30.50 -70.69
N HIS A 1083 -39.29 -31.82 -70.49
CA HIS A 1083 -39.01 -32.76 -71.57
C HIS A 1083 -40.30 -33.23 -72.24
N ASP A 1084 -41.06 -34.07 -71.53
CA ASP A 1084 -42.35 -34.59 -71.98
C ASP A 1084 -43.49 -33.87 -71.28
N GLY A 1085 -43.22 -32.70 -70.71
CA GLY A 1085 -44.14 -31.95 -69.90
C GLY A 1085 -43.82 -32.05 -68.43
N LYS A 1086 -42.93 -32.96 -68.05
CA LYS A 1086 -42.46 -33.14 -66.69
C LYS A 1086 -41.23 -32.28 -66.46
N ALA A 1087 -41.03 -31.84 -65.22
CA ALA A 1087 -39.90 -31.00 -64.85
C ALA A 1087 -38.74 -31.89 -64.40
N HIS A 1088 -37.62 -31.80 -65.10
CA HIS A 1088 -36.42 -32.56 -64.79
C HIS A 1088 -35.45 -31.65 -64.06
N PHE A 1089 -34.94 -32.12 -62.92
CA PHE A 1089 -33.99 -31.45 -62.05
C PHE A 1089 -32.68 -32.24 -61.99
N PRO A 1090 -31.51 -31.60 -61.84
CA PRO A 1090 -30.28 -32.37 -61.73
C PRO A 1090 -30.16 -33.06 -60.38
N ARG A 1091 -29.58 -34.27 -60.36
CA ARG A 1091 -29.40 -34.97 -59.09
C ARG A 1091 -28.14 -34.48 -58.36
N GLU A 1092 -27.05 -34.27 -59.09
CA GLU A 1092 -25.77 -33.90 -58.48
C GLU A 1092 -25.21 -32.56 -58.95
N GLY A 1093 -25.44 -32.16 -60.20
CA GLY A 1093 -24.84 -30.96 -60.74
C GLY A 1093 -25.84 -29.88 -61.12
N VAL A 1094 -25.50 -29.10 -62.15
CA VAL A 1094 -26.36 -28.03 -62.64
C VAL A 1094 -26.50 -28.18 -64.15
N PHE A 1095 -27.59 -27.59 -64.68
CA PHE A 1095 -27.83 -27.52 -66.11
C PHE A 1095 -27.13 -26.29 -66.67
N VAL A 1096 -26.41 -26.46 -67.77
CA VAL A 1096 -25.67 -25.43 -68.46
C VAL A 1096 -25.96 -25.50 -69.96
N SER A 1097 -25.67 -24.40 -70.66
CA SER A 1097 -25.73 -24.38 -72.11
C SER A 1097 -24.56 -23.61 -72.68
N ASN A 1098 -24.04 -24.11 -73.79
CA ASN A 1098 -22.98 -23.45 -74.53
C ASN A 1098 -23.51 -22.53 -75.62
N GLY A 1099 -24.84 -22.34 -75.67
CA GLY A 1099 -25.51 -21.50 -76.64
C GLY A 1099 -26.36 -22.26 -77.63
N THR A 1100 -26.06 -23.54 -77.86
CA THR A 1100 -26.86 -24.40 -78.74
C THR A 1100 -27.27 -25.70 -78.08
N HIS A 1101 -26.40 -26.31 -77.27
CA HIS A 1101 -26.66 -27.57 -76.59
C HIS A 1101 -26.64 -27.37 -75.08
N TRP A 1102 -27.46 -28.15 -74.39
CA TRP A 1102 -27.53 -28.16 -72.94
C TRP A 1102 -26.84 -29.40 -72.38
N PHE A 1103 -26.06 -29.19 -71.32
CA PHE A 1103 -25.30 -30.25 -70.66
C PHE A 1103 -25.51 -30.12 -69.16
N VAL A 1104 -25.21 -31.18 -68.42
CA VAL A 1104 -25.19 -31.15 -66.95
C VAL A 1104 -23.76 -31.35 -66.49
N THR A 1105 -23.33 -30.54 -65.53
CA THR A 1105 -21.95 -30.59 -65.06
C THR A 1105 -21.91 -30.43 -63.54
N GLN A 1106 -20.88 -31.03 -62.94
CA GLN A 1106 -20.64 -30.90 -61.52
C GLN A 1106 -20.35 -29.44 -61.18
N ARG A 1107 -20.85 -29.02 -60.02
CA ARG A 1107 -20.89 -27.61 -59.66
C ARG A 1107 -19.52 -26.95 -59.58
N ASN A 1108 -18.52 -27.65 -59.07
CA ASN A 1108 -17.21 -27.03 -58.82
C ASN A 1108 -16.14 -27.34 -59.87
N PHE A 1109 -16.49 -27.99 -60.98
CA PHE A 1109 -15.49 -28.31 -61.99
C PHE A 1109 -16.16 -28.65 -63.32
N TYR A 1110 -15.85 -27.89 -64.36
CA TYR A 1110 -16.53 -28.12 -65.63
C TYR A 1110 -16.12 -29.46 -66.22
N GLU A 1111 -17.10 -30.33 -66.39
CA GLU A 1111 -16.89 -31.68 -66.91
C GLU A 1111 -18.21 -32.03 -67.59
N PRO A 1112 -18.41 -31.59 -68.82
CA PRO A 1112 -19.75 -31.67 -69.42
C PRO A 1112 -20.19 -33.09 -69.66
N GLN A 1113 -21.44 -33.35 -69.32
CA GLN A 1113 -22.05 -34.65 -69.57
C GLN A 1113 -23.38 -34.41 -70.27
N ILE A 1114 -23.78 -35.39 -71.07
CA ILE A 1114 -25.09 -35.34 -71.70
C ILE A 1114 -26.15 -35.43 -70.60
N ILE A 1115 -27.20 -34.64 -70.72
CA ILE A 1115 -28.23 -34.64 -69.68
C ILE A 1115 -29.06 -35.90 -69.91
N THR A 1116 -29.10 -36.77 -68.90
CA THR A 1116 -29.79 -38.05 -68.99
C THR A 1116 -30.65 -38.29 -67.75
N THR A 1117 -31.44 -39.35 -67.83
CA THR A 1117 -32.28 -39.78 -66.72
C THR A 1117 -31.49 -40.41 -65.58
N ASP A 1118 -30.19 -40.63 -65.75
CA ASP A 1118 -29.35 -41.22 -64.71
C ASP A 1118 -28.71 -40.18 -63.82
N ASN A 1119 -28.82 -38.89 -64.17
CA ASN A 1119 -28.26 -37.79 -63.41
C ASN A 1119 -29.30 -36.70 -63.13
N THR A 1120 -30.58 -36.99 -63.38
CA THR A 1120 -31.69 -36.09 -63.08
C THR A 1120 -32.78 -36.86 -62.35
N PHE A 1121 -33.74 -36.11 -61.79
CA PHE A 1121 -34.93 -36.69 -61.19
C PHE A 1121 -36.14 -35.86 -61.61
N VAL A 1122 -37.32 -36.47 -61.55
CA VAL A 1122 -38.56 -35.88 -62.03
C VAL A 1122 -39.53 -35.68 -60.87
N SER A 1123 -40.09 -34.47 -60.79
CA SER A 1123 -41.12 -34.15 -59.81
C SER A 1123 -41.96 -32.99 -60.34
N GLY A 1124 -43.25 -33.24 -60.59
CA GLY A 1124 -44.13 -32.20 -61.11
C GLY A 1124 -43.93 -31.94 -62.59
N ASN A 1125 -44.57 -30.88 -63.07
CA ASN A 1125 -44.53 -30.49 -64.47
C ASN A 1125 -43.95 -29.10 -64.65
N CYS A 1126 -43.77 -28.70 -65.91
CA CYS A 1126 -43.11 -27.44 -66.23
C CYS A 1126 -43.98 -26.21 -66.03
N ASP A 1127 -45.24 -26.34 -65.66
CA ASP A 1127 -46.11 -25.17 -65.51
C ASP A 1127 -45.99 -24.51 -64.15
N VAL A 1128 -45.23 -25.11 -63.22
CA VAL A 1128 -45.04 -24.57 -61.88
C VAL A 1128 -43.66 -23.95 -61.70
N VAL A 1129 -42.63 -24.52 -62.34
CA VAL A 1129 -41.24 -24.11 -62.14
C VAL A 1129 -40.93 -22.86 -62.94
N ILE A 1130 -40.45 -21.83 -62.25
CA ILE A 1130 -40.11 -20.55 -62.86
C ILE A 1130 -38.74 -20.64 -63.52
N GLY A 1131 -38.69 -20.39 -64.83
CA GLY A 1131 -37.47 -20.44 -65.62
C GLY A 1131 -37.19 -21.73 -66.34
N ILE A 1132 -38.09 -22.70 -66.33
CA ILE A 1132 -37.89 -23.96 -67.04
C ILE A 1132 -37.82 -23.77 -68.55
N VAL A 1133 -36.88 -24.49 -69.19
CA VAL A 1133 -36.67 -24.44 -70.64
C VAL A 1133 -36.89 -25.82 -71.26
N ASN A 1134 -37.24 -25.82 -72.55
CA ASN A 1134 -37.45 -27.05 -73.33
C ASN A 1134 -36.18 -27.60 -73.97
N ASN A 1135 -35.91 -28.89 -73.78
CA ASN A 1135 -34.82 -29.62 -74.45
C ASN A 1135 -35.05 -31.11 -74.18
N THR A 1136 -34.13 -31.95 -74.65
CA THR A 1136 -34.25 -33.41 -74.57
C THR A 1136 -33.37 -34.03 -73.49
N VAL A 1137 -33.98 -34.89 -72.67
CA VAL A 1137 -33.28 -35.69 -71.65
C VAL A 1137 -33.26 -37.14 -72.13
N TYR A 1138 -32.08 -37.73 -72.14
CA TYR A 1138 -31.84 -39.07 -72.69
C TYR A 1138 -31.95 -40.14 -71.60
N ASP A 1139 -32.39 -41.33 -72.00
CA ASP A 1139 -32.60 -42.45 -71.07
C ASP A 1139 -31.86 -43.70 -71.56
N PRO A 1140 -30.51 -43.70 -71.49
CA PRO A 1140 -29.67 -44.80 -72.02
C PRO A 1140 -30.12 -46.21 -71.62
N CYS B 15 -43.16 41.23 29.21
CA CYS B 15 -43.99 40.12 28.74
C CYS B 15 -45.37 40.02 29.35
N VAL B 16 -46.29 39.51 28.54
CA VAL B 16 -47.68 39.29 28.92
C VAL B 16 -48.03 37.85 28.56
N ASN B 17 -48.61 37.12 29.52
CA ASN B 17 -49.02 35.74 29.30
C ASN B 17 -50.47 35.69 28.86
N LEU B 18 -50.70 35.24 27.61
CA LEU B 18 -52.05 35.12 27.05
C LEU B 18 -52.58 33.75 27.43
N THR B 19 -53.74 33.71 28.08
CA THR B 19 -54.32 32.48 28.61
C THR B 19 -55.61 32.03 27.92
N THR B 20 -56.24 32.90 27.13
CA THR B 20 -57.53 32.59 26.50
C THR B 20 -57.32 31.74 25.24
N ARG B 21 -56.94 30.48 25.46
CA ARG B 21 -56.65 29.56 24.36
C ARG B 21 -57.28 28.20 24.62
N THR B 22 -57.98 27.68 23.61
CA THR B 22 -58.60 26.37 23.67
C THR B 22 -57.56 25.26 23.53
N GLN B 23 -57.68 24.21 24.37
CA GLN B 23 -56.72 23.11 24.38
C GLN B 23 -57.28 21.86 23.68
N LEU B 24 -56.89 21.65 22.42
CA LEU B 24 -57.27 20.47 21.63
C LEU B 24 -56.00 19.72 21.23
N PRO B 25 -56.08 18.42 20.94
CA PRO B 25 -54.88 17.67 20.51
C PRO B 25 -54.37 18.09 19.14
N PRO B 26 -53.07 17.86 18.86
CA PRO B 26 -52.52 18.14 17.52
C PRO B 26 -53.17 17.34 16.40
N ALA B 27 -53.27 17.98 15.24
CA ALA B 27 -53.74 17.34 14.02
C ALA B 27 -52.51 16.88 13.20
N TYR B 28 -52.74 15.93 12.29
CA TYR B 28 -51.70 15.39 11.41
C TYR B 28 -52.18 15.32 9.98
N THR B 29 -51.24 15.49 9.05
CA THR B 29 -51.49 15.40 7.61
C THR B 29 -50.33 14.67 6.93
N ASN B 30 -50.40 14.58 5.60
CA ASN B 30 -49.46 13.86 4.75
C ASN B 30 -48.53 14.83 4.01
N SER B 31 -47.22 14.62 4.16
CA SER B 31 -46.19 15.47 3.54
C SER B 31 -46.07 15.35 2.03
N PHE B 32 -46.62 14.29 1.43
CA PHE B 32 -46.45 14.02 0.01
C PHE B 32 -44.96 14.03 -0.40
N THR B 33 -44.51 14.90 -1.31
CA THR B 33 -43.12 14.93 -1.77
C THR B 33 -42.42 16.24 -1.50
N ARG B 34 -42.90 17.02 -0.53
CA ARG B 34 -42.31 18.30 -0.21
C ARG B 34 -41.12 18.15 0.73
N GLY B 35 -40.32 19.21 0.80
CA GLY B 35 -39.19 19.28 1.71
C GLY B 35 -37.85 18.97 1.11
N VAL B 36 -37.74 18.85 -0.21
CA VAL B 36 -36.48 18.62 -0.89
C VAL B 36 -35.80 19.96 -1.16
N TYR B 37 -34.52 20.04 -0.85
CA TYR B 37 -33.69 21.22 -0.96
C TYR B 37 -32.38 20.95 -1.67
N TYR B 38 -31.76 22.04 -2.13
CA TYR B 38 -30.45 21.94 -2.76
C TYR B 38 -29.42 21.59 -1.69
N PRO B 39 -28.79 20.40 -1.73
CA PRO B 39 -27.91 20.02 -0.62
C PRO B 39 -26.58 20.75 -0.60
N ASP B 40 -26.20 21.43 -1.68
CA ASP B 40 -24.87 22.02 -1.81
C ASP B 40 -24.90 23.29 -2.65
N LYS B 41 -23.70 23.86 -2.88
CA LYS B 41 -23.50 25.12 -3.59
C LYS B 41 -22.74 24.95 -4.91
N VAL B 42 -22.77 23.77 -5.51
CA VAL B 42 -22.01 23.48 -6.74
C VAL B 42 -23.01 23.19 -7.86
N PHE B 43 -22.75 23.76 -9.04
CA PHE B 43 -23.62 23.53 -10.19
C PHE B 43 -23.31 22.21 -10.87
N ARG B 44 -24.36 21.42 -11.07
CA ARG B 44 -24.26 20.19 -11.84
C ARG B 44 -25.58 20.03 -12.59
N SER B 45 -25.52 19.35 -13.72
CA SER B 45 -26.70 19.22 -14.57
C SER B 45 -26.67 17.90 -15.33
N SER B 46 -27.86 17.41 -15.66
CA SER B 46 -28.04 16.16 -16.38
C SER B 46 -27.31 15.01 -15.68
N VAL B 47 -27.36 14.99 -14.35
CA VAL B 47 -26.75 13.93 -13.56
C VAL B 47 -27.74 13.55 -12.47
N LEU B 48 -27.55 12.35 -11.93
CA LEU B 48 -28.25 11.88 -10.75
C LEU B 48 -27.22 11.76 -9.63
N HIS B 49 -27.42 12.50 -8.55
CA HIS B 49 -26.44 12.54 -7.46
C HIS B 49 -27.05 11.94 -6.20
N SER B 50 -26.34 10.98 -5.62
CA SER B 50 -26.74 10.31 -4.38
C SER B 50 -26.04 11.01 -3.22
N THR B 51 -26.84 11.54 -2.29
CA THR B 51 -26.29 12.28 -1.14
C THR B 51 -26.95 11.80 0.15
N GLN B 52 -26.13 11.73 1.20
CA GLN B 52 -26.57 11.39 2.55
C GLN B 52 -26.64 12.68 3.37
N ASP B 53 -27.85 13.08 3.75
CA ASP B 53 -28.09 14.35 4.46
C ASP B 53 -29.40 14.25 5.24
N LEU B 54 -29.71 15.34 5.96
CA LEU B 54 -30.95 15.42 6.75
C LEU B 54 -32.05 15.96 5.85
N PHE B 55 -33.00 15.11 5.53
CA PHE B 55 -34.11 15.41 4.64
C PHE B 55 -35.45 14.99 5.23
N LEU B 56 -36.52 15.63 4.78
CA LEU B 56 -37.88 15.18 5.14
C LEU B 56 -38.31 13.90 4.41
N PRO B 57 -38.61 12.79 5.10
CA PRO B 57 -39.04 11.57 4.40
C PRO B 57 -40.32 11.76 3.58
N PHE B 58 -40.42 11.02 2.48
CA PHE B 58 -41.61 11.09 1.63
C PHE B 58 -42.81 10.46 2.36
N PHE B 59 -43.99 11.06 2.18
CA PHE B 59 -45.23 10.60 2.81
C PHE B 59 -45.12 10.49 4.33
N SER B 60 -44.39 11.43 4.94
CA SER B 60 -44.30 11.43 6.39
C SER B 60 -45.48 12.16 7.01
N ASN B 61 -45.73 11.90 8.30
CA ASN B 61 -46.75 12.61 9.07
C ASN B 61 -46.32 14.00 9.54
N VAL B 62 -46.90 15.02 8.93
CA VAL B 62 -46.57 16.41 9.21
C VAL B 62 -47.67 16.97 10.12
N THR B 63 -47.28 17.55 11.25
CA THR B 63 -48.26 18.06 12.22
C THR B 63 -48.81 19.39 11.73
N TRP B 64 -50.13 19.56 11.79
CA TRP B 64 -50.81 20.69 11.17
C TRP B 64 -51.58 21.50 12.21
N PHE B 65 -51.24 22.80 12.28
CA PHE B 65 -51.73 23.77 13.26
C PHE B 65 -52.44 24.94 12.59
N HIS B 66 -53.37 25.54 13.32
CA HIS B 66 -54.11 26.72 12.85
C HIS B 66 -53.71 27.92 13.69
N ARG B 78 -58.20 29.48 16.09
CA ARG B 78 -57.74 29.43 17.47
C ARG B 78 -56.58 30.45 17.61
N PHE B 79 -55.51 30.02 18.28
CA PHE B 79 -54.21 30.65 18.44
C PHE B 79 -53.36 29.44 18.82
N ASP B 80 -53.07 28.60 17.84
CA ASP B 80 -52.48 27.30 18.12
C ASP B 80 -50.99 27.42 17.83
N ASN B 81 -50.21 27.26 18.87
CA ASN B 81 -48.78 27.43 18.84
C ASN B 81 -48.26 27.03 20.21
N PRO B 82 -48.30 25.74 20.53
CA PRO B 82 -47.70 25.29 21.77
C PRO B 82 -46.22 25.19 21.48
N VAL B 83 -45.46 24.83 22.47
CA VAL B 83 -44.06 24.57 22.22
C VAL B 83 -43.89 23.21 21.57
N LEU B 84 -43.08 23.15 20.48
CA LEU B 84 -42.85 21.92 19.73
C LEU B 84 -41.39 21.43 19.76
N PRO B 85 -41.14 20.12 19.62
CA PRO B 85 -39.76 19.64 19.47
C PRO B 85 -39.08 20.04 18.15
N PHE B 86 -37.76 20.22 18.22
CA PHE B 86 -36.89 20.37 17.05
C PHE B 86 -35.82 19.30 17.23
N ASN B 87 -35.72 18.34 16.29
CA ASN B 87 -34.88 17.18 16.55
C ASN B 87 -33.60 17.24 15.73
N ASP B 88 -33.55 16.63 14.54
CA ASP B 88 -32.38 16.72 13.67
C ASP B 88 -32.44 17.99 12.83
N GLY B 89 -33.64 18.45 12.58
CA GLY B 89 -33.95 19.62 11.79
C GLY B 89 -35.43 19.56 11.57
N VAL B 90 -35.98 20.65 11.04
CA VAL B 90 -37.42 20.69 10.80
C VAL B 90 -37.67 21.21 9.40
N TYR B 91 -38.82 20.80 8.88
CA TYR B 91 -39.43 21.29 7.66
C TYR B 91 -40.63 22.09 8.13
N PHE B 92 -40.75 23.31 7.66
CA PHE B 92 -41.83 24.16 8.10
C PHE B 92 -42.49 24.75 6.86
N ALA B 93 -43.82 24.79 6.86
CA ALA B 93 -44.55 25.43 5.77
C ALA B 93 -45.75 26.16 6.33
N SER B 94 -46.09 27.30 5.72
CA SER B 94 -47.26 28.08 6.10
C SER B 94 -48.06 28.42 4.88
N THR B 95 -49.37 28.42 5.05
CA THR B 95 -50.29 28.86 4.02
C THR B 95 -50.96 30.06 4.63
N GLU B 96 -50.83 31.20 3.96
CA GLU B 96 -51.26 32.49 4.46
C GLU B 96 -51.81 33.33 3.32
N LYS B 97 -52.67 34.28 3.69
CA LYS B 97 -53.07 35.34 2.78
C LYS B 97 -52.71 36.73 3.28
N SER B 98 -52.33 36.88 4.56
CA SER B 98 -52.11 38.20 5.15
C SER B 98 -50.87 38.26 6.04
N ASN B 99 -49.84 37.49 5.72
CA ASN B 99 -48.55 37.53 6.44
C ASN B 99 -48.78 37.43 7.95
N ILE B 100 -49.22 36.23 8.36
CA ILE B 100 -49.49 36.01 9.77
C ILE B 100 -48.22 35.53 10.45
N ILE B 101 -47.39 34.76 9.74
CA ILE B 101 -46.16 34.23 10.30
C ILE B 101 -45.22 35.39 10.56
N ARG B 102 -44.58 35.39 11.72
CA ARG B 102 -43.64 36.44 12.08
C ARG B 102 -42.23 35.92 12.24
N GLY B 103 -42.05 34.70 12.72
CA GLY B 103 -40.69 34.23 12.95
C GLY B 103 -40.67 33.08 13.95
N TRP B 104 -39.46 32.82 14.45
CA TRP B 104 -39.19 31.69 15.33
C TRP B 104 -38.19 32.03 16.41
N ILE B 105 -38.34 31.29 17.50
CA ILE B 105 -37.42 31.29 18.62
C ILE B 105 -36.82 29.90 18.71
N PHE B 106 -35.49 29.82 18.72
CA PHE B 106 -34.75 28.56 18.85
C PHE B 106 -33.86 28.66 20.07
N GLY B 107 -33.72 27.54 20.79
CA GLY B 107 -32.85 27.55 21.96
C GLY B 107 -32.94 26.23 22.70
N THR B 108 -32.45 26.25 23.94
CA THR B 108 -32.46 25.10 24.83
C THR B 108 -33.51 25.24 25.92
N THR B 109 -33.63 26.43 26.50
CA THR B 109 -34.62 26.72 27.54
C THR B 109 -35.46 27.91 27.11
N LEU B 110 -34.87 28.82 26.34
CA LEU B 110 -35.55 29.99 25.80
C LEU B 110 -36.01 30.97 26.88
N ASP B 111 -35.32 31.01 28.03
CA ASP B 111 -35.69 31.91 29.12
C ASP B 111 -34.46 32.60 29.70
N SER B 112 -33.55 33.06 28.82
CA SER B 112 -32.32 33.73 29.23
C SER B 112 -31.35 32.87 30.04
N LYS B 113 -31.68 31.60 30.28
CA LYS B 113 -30.78 30.71 31.00
C LYS B 113 -29.70 30.15 30.08
N THR B 114 -29.99 30.08 28.78
CA THR B 114 -29.08 29.60 27.77
C THR B 114 -29.06 30.60 26.62
N GLN B 115 -28.10 30.43 25.72
CA GLN B 115 -28.04 31.25 24.53
C GLN B 115 -29.22 30.88 23.63
N SER B 116 -29.89 31.90 23.07
CA SER B 116 -31.04 31.68 22.21
C SER B 116 -31.01 32.55 20.96
N LEU B 117 -31.70 32.03 19.94
CA LEU B 117 -31.82 32.61 18.61
C LEU B 117 -33.23 33.14 18.37
N LEU B 118 -33.32 34.41 17.98
CA LEU B 118 -34.59 35.02 17.63
C LEU B 118 -34.50 35.49 16.18
N ILE B 119 -35.39 34.97 15.33
CA ILE B 119 -35.51 35.38 13.93
C ILE B 119 -36.92 35.93 13.79
N VAL B 120 -37.04 37.21 13.45
CA VAL B 120 -38.34 37.83 13.30
C VAL B 120 -38.30 38.67 12.03
N ASN B 121 -39.33 38.56 11.20
CA ASN B 121 -39.49 39.43 10.06
C ASN B 121 -40.61 40.36 10.52
N ASN B 122 -40.21 41.53 11.01
CA ASN B 122 -41.15 42.52 11.53
C ASN B 122 -41.51 43.54 10.47
N ALA B 123 -42.35 44.51 10.86
CA ALA B 123 -42.88 45.50 9.95
C ALA B 123 -41.79 46.28 9.22
N THR B 124 -40.62 46.44 9.84
CA THR B 124 -39.57 47.26 9.28
C THR B 124 -38.35 46.50 8.78
N ASN B 125 -38.04 45.33 9.32
CA ASN B 125 -36.89 44.58 8.82
C ASN B 125 -36.95 43.12 9.26
N VAL B 126 -35.97 42.36 8.80
CA VAL B 126 -35.75 40.97 9.21
C VAL B 126 -34.59 41.05 10.19
N VAL B 127 -34.79 40.54 11.39
CA VAL B 127 -33.79 40.59 12.45
C VAL B 127 -33.43 39.18 12.85
N ILE B 128 -32.12 38.91 12.90
CA ILE B 128 -31.57 37.64 13.36
C ILE B 128 -30.63 37.99 14.50
N LYS B 129 -30.90 37.44 15.68
CA LYS B 129 -30.05 37.72 16.85
C LYS B 129 -29.82 36.47 17.67
N VAL B 130 -28.57 36.31 18.11
CA VAL B 130 -28.13 35.17 18.91
C VAL B 130 -27.73 35.75 20.26
N CYS B 131 -28.52 36.71 20.73
CA CYS B 131 -28.31 37.28 22.05
C CYS B 131 -28.98 36.41 23.10
N GLU B 132 -28.60 36.64 24.36
CA GLU B 132 -29.26 35.95 25.46
C GLU B 132 -30.53 36.74 25.74
N PHE B 133 -31.68 36.18 25.37
CA PHE B 133 -32.96 36.86 25.53
C PHE B 133 -33.74 36.23 26.67
N GLN B 134 -34.51 37.06 27.36
CA GLN B 134 -35.53 36.59 28.30
C GLN B 134 -36.83 36.62 27.51
N PHE B 135 -37.25 35.46 27.03
CA PHE B 135 -38.41 35.41 26.16
C PHE B 135 -39.69 35.33 26.99
N CYS B 136 -40.77 35.75 26.38
CA CYS B 136 -42.08 35.61 26.95
C CYS B 136 -42.48 34.14 26.88
N ASN B 137 -43.41 33.73 27.75
CA ASN B 137 -43.85 32.34 27.71
C ASN B 137 -44.95 32.13 26.67
N ASP B 138 -45.30 33.19 25.95
CA ASP B 138 -46.22 33.12 24.81
C ASP B 138 -45.86 34.30 23.91
N PRO B 139 -44.67 34.26 23.31
CA PRO B 139 -44.21 35.42 22.53
C PRO B 139 -45.00 35.59 21.25
N PHE B 140 -45.21 36.85 20.86
CA PHE B 140 -45.92 37.12 19.61
C PHE B 140 -45.76 38.59 19.26
N LEU B 141 -46.18 38.89 18.03
CA LEU B 141 -46.34 40.24 17.52
C LEU B 141 -47.83 40.39 17.26
N GLY B 142 -48.31 41.64 17.16
CA GLY B 142 -49.70 41.89 16.89
C GLY B 142 -49.91 42.87 15.76
N VAL B 143 -51.11 42.80 15.17
CA VAL B 143 -51.50 43.64 14.05
C VAL B 143 -52.93 44.13 14.26
N TRP B 152 -55.23 47.17 7.89
CA TRP B 152 -54.49 46.28 8.79
C TRP B 152 -53.08 46.83 8.94
N MET B 153 -52.67 47.14 10.17
CA MET B 153 -51.33 47.65 10.45
C MET B 153 -50.74 46.95 11.66
N GLU B 154 -49.41 46.81 11.67
CA GLU B 154 -48.73 46.21 12.81
C GLU B 154 -48.66 47.18 13.97
N SER B 155 -48.83 46.66 15.19
CA SER B 155 -48.76 47.47 16.41
C SER B 155 -47.94 46.84 17.52
N GLU B 156 -48.40 45.72 18.04
CA GLU B 156 -47.77 45.08 19.20
C GLU B 156 -46.48 44.34 18.85
N PHE B 157 -45.52 44.40 19.77
CA PHE B 157 -44.29 43.61 19.71
C PHE B 157 -44.01 43.16 21.14
N ARG B 158 -44.31 41.89 21.44
CA ARG B 158 -44.24 41.34 22.80
C ARG B 158 -43.49 40.01 22.80
N VAL B 159 -42.24 40.02 22.39
CA VAL B 159 -41.46 38.79 22.24
C VAL B 159 -40.55 38.54 23.44
N TYR B 160 -39.84 39.56 23.91
CA TYR B 160 -38.89 39.38 25.00
C TYR B 160 -38.78 40.64 25.84
N SER B 161 -38.24 40.47 27.05
CA SER B 161 -37.98 41.59 27.97
C SER B 161 -36.49 41.91 28.10
N SER B 162 -35.78 41.17 28.94
CA SER B 162 -34.34 41.36 29.11
C SER B 162 -33.58 40.75 27.94
N ALA B 163 -32.48 41.42 27.57
CA ALA B 163 -31.66 40.92 26.46
C ALA B 163 -30.27 41.55 26.52
N ASN B 164 -29.25 40.80 26.92
CA ASN B 164 -27.89 41.34 26.93
C ASN B 164 -26.87 40.26 26.60
N ASN B 165 -25.61 40.71 26.45
CA ASN B 165 -24.47 39.85 26.11
C ASN B 165 -24.62 39.27 24.71
N CYS B 166 -24.99 40.16 23.79
CA CYS B 166 -25.23 39.85 22.38
C CYS B 166 -23.92 39.55 21.68
N THR B 167 -23.89 38.45 20.90
CA THR B 167 -22.69 38.03 20.19
C THR B 167 -22.80 38.15 18.68
N PHE B 168 -23.99 38.05 18.09
CA PHE B 168 -24.07 38.16 16.64
C PHE B 168 -25.41 38.81 16.37
N GLU B 169 -25.47 39.70 15.38
CA GLU B 169 -26.75 40.27 14.98
C GLU B 169 -26.69 40.57 13.50
N TYR B 170 -27.84 40.46 12.82
CA TYR B 170 -27.88 40.84 11.42
C TYR B 170 -29.27 41.41 11.19
N VAL B 171 -29.33 42.52 10.45
CA VAL B 171 -30.60 43.14 10.06
C VAL B 171 -30.64 43.36 8.55
N SER B 172 -31.68 42.84 7.92
CA SER B 172 -31.90 42.99 6.49
C SER B 172 -32.28 44.43 6.16
N GLN B 173 -31.92 44.85 4.94
CA GLN B 173 -32.34 46.15 4.43
C GLN B 173 -33.83 46.37 4.69
N PRO B 174 -34.23 47.47 5.34
CA PRO B 174 -35.66 47.68 5.62
C PRO B 174 -36.59 47.63 4.41
N PHE B 175 -37.77 47.04 4.62
CA PHE B 175 -38.81 46.92 3.62
C PHE B 175 -40.15 46.83 4.32
N LEU B 176 -41.21 47.07 3.56
CA LEU B 176 -42.58 46.97 4.05
C LEU B 176 -43.26 45.70 3.51
N MET B 177 -43.73 44.85 4.42
CA MET B 177 -44.45 43.63 4.05
C MET B 177 -45.94 43.90 4.01
N ASP B 178 -46.62 43.27 3.05
CA ASP B 178 -48.07 43.41 2.99
C ASP B 178 -48.65 42.48 4.04
N LEU B 179 -49.32 43.06 5.03
CA LEU B 179 -49.88 42.32 6.16
C LEU B 179 -51.37 42.03 5.99
N GLU B 180 -51.92 42.28 4.81
CA GLU B 180 -53.34 42.03 4.55
C GLU B 180 -53.58 41.85 3.05
N ASN B 185 -58.67 30.53 -0.84
CA ASN B 185 -57.36 30.05 -1.22
C ASN B 185 -56.27 30.97 -0.72
N PHE B 186 -55.09 30.41 -0.50
CA PHE B 186 -53.92 31.14 -0.06
C PHE B 186 -53.12 31.60 -1.28
N LYS B 187 -52.21 32.56 -1.06
CA LYS B 187 -51.36 33.07 -2.14
C LYS B 187 -49.87 32.93 -1.91
N ASN B 188 -49.38 33.00 -0.68
CA ASN B 188 -47.95 33.01 -0.43
C ASN B 188 -47.61 31.74 0.34
N LEU B 189 -46.71 30.95 -0.23
CA LEU B 189 -46.17 29.76 0.41
C LEU B 189 -44.71 30.00 0.71
N ARG B 190 -44.35 29.81 1.97
CA ARG B 190 -42.98 29.91 2.42
C ARG B 190 -42.64 28.57 3.03
N GLU B 191 -41.56 27.98 2.58
CA GLU B 191 -41.09 26.70 3.07
C GLU B 191 -39.72 26.94 3.64
N PHE B 192 -39.46 26.35 4.80
CA PHE B 192 -38.18 26.48 5.45
C PHE B 192 -37.72 25.13 5.93
N VAL B 193 -36.42 24.96 5.86
CA VAL B 193 -35.72 23.85 6.48
C VAL B 193 -34.70 24.51 7.39
N PHE B 194 -34.66 24.09 8.64
CA PHE B 194 -33.75 24.72 9.60
C PHE B 194 -32.73 23.69 10.06
N LYS B 195 -31.47 23.91 9.68
CA LYS B 195 -30.36 23.04 10.03
C LYS B 195 -29.34 23.83 10.83
N ASN B 196 -28.67 23.11 11.74
CA ASN B 196 -27.63 23.62 12.63
C ASN B 196 -26.42 22.72 12.54
N ILE B 197 -25.56 22.95 11.55
CA ILE B 197 -24.45 22.05 11.24
C ILE B 197 -23.12 22.80 11.19
N ASP B 198 -22.15 22.30 11.96
CA ASP B 198 -20.77 22.78 11.94
C ASP B 198 -20.66 24.29 12.13
N GLY B 199 -21.48 24.84 13.01
CA GLY B 199 -21.39 26.25 13.32
C GLY B 199 -22.30 27.12 12.50
N TYR B 200 -22.95 26.58 11.46
CA TYR B 200 -23.84 27.35 10.61
C TYR B 200 -25.29 27.01 10.82
N PHE B 201 -26.09 28.07 10.86
CA PHE B 201 -27.52 27.99 10.81
C PHE B 201 -27.95 28.27 9.39
N LYS B 202 -28.37 27.23 8.69
CA LYS B 202 -28.66 27.34 7.26
C LYS B 202 -30.17 27.43 7.04
N ILE B 203 -30.62 28.44 6.29
CA ILE B 203 -32.03 28.67 5.97
C ILE B 203 -32.22 28.40 4.49
N TYR B 204 -33.18 27.53 4.15
CA TYR B 204 -33.50 27.24 2.76
C TYR B 204 -34.90 27.79 2.54
N SER B 205 -35.20 28.25 1.33
CA SER B 205 -36.55 28.75 1.09
C SER B 205 -36.91 28.68 -0.37
N LYS B 206 -38.22 28.64 -0.62
CA LYS B 206 -38.81 28.67 -1.95
C LYS B 206 -40.08 29.47 -1.85
N HIS B 207 -40.35 30.31 -2.85
CA HIS B 207 -41.60 31.06 -2.94
C HIS B 207 -42.30 30.62 -4.21
N THR B 208 -43.56 30.22 -4.09
CA THR B 208 -44.38 29.83 -5.22
C THR B 208 -45.81 30.32 -5.00
N PRO B 209 -46.61 30.41 -6.06
CA PRO B 209 -48.05 30.53 -5.87
C PRO B 209 -48.63 29.22 -5.37
N ILE B 210 -49.73 29.32 -4.62
CA ILE B 210 -50.48 28.16 -4.19
C ILE B 210 -51.96 28.46 -4.39
N ASN B 211 -52.76 27.40 -4.53
CA ASN B 211 -54.20 27.54 -4.74
C ASN B 211 -55.06 26.56 -3.97
N LEU B 212 -54.53 25.81 -3.01
CA LEU B 212 -55.38 24.93 -2.22
C LEU B 212 -55.97 25.68 -1.04
N VAL B 213 -57.14 25.23 -0.60
CA VAL B 213 -57.73 25.72 0.64
C VAL B 213 -57.16 25.03 1.88
N ARG B 214 -57.06 23.69 1.85
CA ARG B 214 -56.83 22.93 3.08
C ARG B 214 -55.71 21.90 3.01
N ASP B 215 -54.72 22.02 2.13
CA ASP B 215 -53.68 20.99 2.12
C ASP B 215 -52.39 21.52 1.51
N LEU B 216 -51.38 20.65 1.51
CA LEU B 216 -50.02 20.77 0.98
C LEU B 216 -50.03 20.24 -0.46
N PRO B 217 -49.45 20.94 -1.44
CA PRO B 217 -49.58 20.45 -2.82
C PRO B 217 -48.82 19.16 -3.06
N GLN B 218 -49.26 18.43 -4.08
CA GLN B 218 -48.51 17.29 -4.59
C GLN B 218 -47.72 17.80 -5.78
N GLY B 219 -46.49 17.31 -5.91
CA GLY B 219 -45.62 17.76 -6.98
C GLY B 219 -44.25 17.94 -6.36
N PHE B 220 -43.27 18.41 -7.13
CA PHE B 220 -41.90 18.51 -6.65
C PHE B 220 -41.36 19.91 -6.91
N SER B 221 -40.65 20.44 -5.92
CA SER B 221 -39.91 21.68 -6.04
C SER B 221 -38.74 21.60 -5.08
N ALA B 222 -37.69 22.36 -5.37
CA ALA B 222 -36.51 22.41 -4.51
C ALA B 222 -36.37 23.76 -3.83
N LEU B 223 -35.91 23.72 -2.59
CA LEU B 223 -35.70 24.92 -1.79
C LEU B 223 -34.27 25.41 -2.00
N GLU B 224 -34.13 26.63 -2.49
CA GLU B 224 -32.84 27.26 -2.75
C GLU B 224 -32.24 27.83 -1.46
N PRO B 225 -30.90 27.88 -1.37
CA PRO B 225 -30.29 28.54 -0.21
C PRO B 225 -30.61 30.02 -0.17
N LEU B 226 -30.91 30.52 1.02
CA LEU B 226 -31.21 31.92 1.22
C LEU B 226 -30.05 32.67 1.87
N VAL B 227 -29.54 32.16 2.99
CA VAL B 227 -28.46 32.78 3.76
C VAL B 227 -27.73 31.71 4.56
N ASP B 228 -26.41 31.90 4.71
CA ASP B 228 -25.55 31.07 5.55
C ASP B 228 -25.25 31.89 6.79
N LEU B 229 -25.87 31.54 7.93
CA LEU B 229 -25.66 32.34 9.12
C LEU B 229 -24.52 31.74 9.93
N PRO B 230 -23.40 32.46 10.16
CA PRO B 230 -22.26 31.90 10.89
C PRO B 230 -22.47 31.96 12.40
N ILE B 231 -23.50 31.28 12.87
CA ILE B 231 -23.89 31.34 14.28
C ILE B 231 -23.84 29.96 14.90
N GLY B 232 -22.92 29.78 15.85
CA GLY B 232 -22.73 28.50 16.51
C GLY B 232 -23.69 28.40 17.67
N ILE B 233 -24.99 28.32 17.38
CA ILE B 233 -26.03 28.31 18.40
C ILE B 233 -26.60 26.89 18.51
N ASN B 234 -26.77 26.44 19.75
CA ASN B 234 -27.41 25.17 20.06
C ASN B 234 -28.92 25.23 19.88
N ILE B 235 -29.41 24.54 18.86
CA ILE B 235 -30.84 24.49 18.55
C ILE B 235 -31.33 23.06 18.75
N THR B 236 -32.29 22.94 19.69
CA THR B 236 -32.93 21.65 20.09
C THR B 236 -34.46 21.76 20.34
N ARG B 237 -35.08 22.96 20.40
CA ARG B 237 -36.56 23.13 20.55
C ARG B 237 -36.98 24.40 19.79
N PHE B 238 -38.21 24.49 19.25
CA PHE B 238 -38.66 25.63 18.42
C PHE B 238 -40.13 26.02 18.65
N GLN B 239 -40.52 27.31 18.48
CA GLN B 239 -41.88 27.81 18.64
C GLN B 239 -42.22 28.73 17.46
N THR B 240 -43.49 28.73 17.03
CA THR B 240 -43.94 29.53 15.89
C THR B 240 -44.54 30.86 16.36
N LEU B 241 -44.12 31.97 15.73
CA LEU B 241 -44.67 33.29 16.00
C LEU B 241 -45.78 33.69 15.02
N LEU B 242 -46.93 34.09 15.55
CA LEU B 242 -48.08 34.55 14.77
C LEU B 242 -48.51 35.95 15.16
N ALA B 243 -49.11 36.65 14.21
CA ALA B 243 -49.76 37.95 14.44
C ALA B 243 -51.25 37.86 14.16
N TRP B 258 -59.75 40.51 20.28
CA TRP B 258 -58.91 40.06 19.19
C TRP B 258 -59.61 38.97 18.39
N THR B 259 -59.17 38.77 17.14
CA THR B 259 -59.75 37.79 16.24
C THR B 259 -58.64 36.97 15.60
N ALA B 260 -59.05 35.87 14.96
CA ALA B 260 -58.14 34.99 14.24
C ALA B 260 -58.25 35.23 12.74
N GLY B 261 -57.13 35.03 12.04
CA GLY B 261 -57.10 35.11 10.59
C GLY B 261 -57.19 33.75 9.94
N ALA B 262 -57.12 33.76 8.62
CA ALA B 262 -57.18 32.55 7.81
C ALA B 262 -55.74 32.12 7.50
N ALA B 263 -55.29 31.05 8.16
CA ALA B 263 -53.94 30.58 7.96
C ALA B 263 -53.81 29.18 8.52
N ALA B 264 -52.79 28.48 8.07
CA ALA B 264 -52.43 27.20 8.66
C ALA B 264 -50.94 26.99 8.47
N TYR B 265 -50.35 26.14 9.31
CA TYR B 265 -48.95 25.80 9.11
C TYR B 265 -48.71 24.33 9.44
N TYR B 266 -47.61 23.85 8.87
CA TYR B 266 -47.19 22.45 8.87
C TYR B 266 -45.78 22.36 9.45
N VAL B 267 -45.56 21.33 10.27
CA VAL B 267 -44.26 21.05 10.87
C VAL B 267 -43.91 19.58 10.62
N GLY B 268 -42.78 19.32 9.97
CA GLY B 268 -42.29 17.98 9.74
C GLY B 268 -40.88 17.87 10.30
N TYR B 269 -40.34 16.65 10.29
CA TYR B 269 -39.00 16.41 10.82
C TYR B 269 -38.11 15.70 9.82
N LEU B 270 -36.84 16.08 9.84
CA LEU B 270 -35.80 15.55 8.97
C LEU B 270 -35.18 14.32 9.60
N GLN B 271 -34.74 13.41 8.75
CA GLN B 271 -34.04 12.21 9.19
C GLN B 271 -32.78 12.02 8.35
N PRO B 272 -31.74 11.33 8.90
CA PRO B 272 -30.60 10.93 8.07
C PRO B 272 -31.03 9.98 6.97
N ARG B 273 -30.99 10.44 5.72
CA ARG B 273 -31.43 9.62 4.60
C ARG B 273 -30.51 9.84 3.41
N THR B 274 -30.48 8.84 2.53
CA THR B 274 -29.81 8.94 1.25
C THR B 274 -30.88 9.19 0.19
N PHE B 275 -30.69 10.26 -0.56
CA PHE B 275 -31.56 10.69 -1.66
C PHE B 275 -30.83 10.71 -2.98
N LEU B 276 -31.53 10.25 -4.01
CA LEU B 276 -31.06 10.36 -5.38
C LEU B 276 -31.78 11.55 -6.01
N LEU B 277 -31.02 12.59 -6.31
CA LEU B 277 -31.53 13.86 -6.83
C LEU B 277 -31.25 14.01 -8.32
N LYS B 278 -32.30 14.40 -9.06
CA LYS B 278 -32.25 14.60 -10.50
C LYS B 278 -32.09 16.07 -10.86
N TYR B 279 -30.97 16.40 -11.50
CA TYR B 279 -30.66 17.75 -11.95
C TYR B 279 -31.01 17.88 -13.42
N ASN B 280 -31.74 18.93 -13.77
CA ASN B 280 -32.14 19.17 -15.15
C ASN B 280 -31.04 19.91 -15.90
N GLU B 281 -31.35 20.33 -17.13
CA GLU B 281 -30.37 21.03 -17.97
C GLU B 281 -29.87 22.31 -17.31
N ASN B 282 -30.71 22.99 -16.53
CA ASN B 282 -30.37 24.24 -15.86
C ASN B 282 -29.83 24.04 -14.45
N GLY B 283 -29.59 22.80 -14.04
CA GLY B 283 -29.04 22.54 -12.73
C GLY B 283 -30.06 22.67 -11.63
N THR B 284 -31.34 22.63 -11.97
CA THR B 284 -32.42 22.69 -11.01
C THR B 284 -32.80 21.27 -10.64
N ILE B 285 -33.02 21.05 -9.35
CA ILE B 285 -33.44 19.73 -8.89
C ILE B 285 -34.91 19.61 -9.24
N THR B 286 -35.25 18.61 -10.07
CA THR B 286 -36.61 18.45 -10.55
C THR B 286 -37.31 17.20 -10.02
N ASP B 287 -36.59 16.20 -9.54
CA ASP B 287 -37.23 15.04 -8.96
C ASP B 287 -36.26 14.45 -7.94
N ALA B 288 -36.73 13.42 -7.21
CA ALA B 288 -35.89 12.78 -6.22
C ALA B 288 -36.48 11.43 -5.81
N VAL B 289 -35.60 10.54 -5.36
CA VAL B 289 -35.96 9.23 -4.80
C VAL B 289 -35.47 9.11 -3.36
N ASP B 290 -36.41 8.76 -2.46
CA ASP B 290 -36.13 8.46 -1.06
C ASP B 290 -35.71 7.01 -0.94
N CYS B 291 -34.40 6.79 -0.79
CA CYS B 291 -33.85 5.45 -0.92
C CYS B 291 -34.30 4.50 0.17
N ALA B 292 -34.87 5.00 1.26
CA ALA B 292 -35.32 4.16 2.37
C ALA B 292 -36.84 4.11 2.49
N LEU B 293 -37.58 4.72 1.56
CA LEU B 293 -39.06 4.79 1.65
C LEU B 293 -39.61 3.37 1.56
N ASP B 294 -39.37 2.67 0.47
CA ASP B 294 -39.93 1.31 0.22
C ASP B 294 -38.91 0.54 -0.61
N PRO B 295 -39.01 -0.80 -0.79
CA PRO B 295 -37.99 -1.53 -1.53
C PRO B 295 -37.78 -0.99 -2.95
N LEU B 296 -38.75 -0.34 -3.59
CA LEU B 296 -38.66 0.15 -4.96
C LEU B 296 -37.78 1.39 -5.04
N SER B 297 -37.88 2.27 -4.05
CA SER B 297 -37.01 3.44 -4.07
C SER B 297 -35.58 3.00 -3.87
N GLU B 298 -35.38 1.99 -3.02
CA GLU B 298 -34.05 1.45 -2.78
C GLU B 298 -33.50 0.85 -4.08
N THR B 299 -34.35 0.14 -4.83
CA THR B 299 -33.90 -0.40 -6.12
C THR B 299 -33.52 0.71 -7.08
N LYS B 300 -34.35 1.77 -7.14
CA LYS B 300 -34.05 2.90 -8.03
C LYS B 300 -32.70 3.51 -7.67
N CYS B 301 -32.41 3.61 -6.37
CA CYS B 301 -31.14 4.14 -5.91
C CYS B 301 -29.97 3.23 -6.28
N THR B 302 -30.17 1.90 -6.23
CA THR B 302 -29.08 0.97 -6.55
C THR B 302 -28.56 1.17 -7.96
N LEU B 303 -29.45 1.36 -8.93
CA LEU B 303 -29.05 1.53 -10.32
C LEU B 303 -28.75 2.98 -10.68
N LYS B 304 -28.89 3.91 -9.73
CA LYS B 304 -28.69 5.34 -9.98
C LYS B 304 -29.52 5.80 -11.18
N SER B 305 -30.80 5.42 -11.18
CA SER B 305 -31.73 5.76 -12.24
C SER B 305 -33.12 5.82 -11.67
N PHE B 306 -33.99 6.59 -12.31
CA PHE B 306 -35.38 6.69 -11.91
C PHE B 306 -36.26 5.69 -12.65
N THR B 307 -35.68 4.89 -13.54
CA THR B 307 -36.37 3.84 -14.27
C THR B 307 -35.66 2.53 -13.97
N VAL B 308 -36.43 1.51 -13.61
CA VAL B 308 -35.91 0.19 -13.29
C VAL B 308 -36.52 -0.79 -14.27
N GLU B 309 -35.67 -1.60 -14.89
CA GLU B 309 -36.13 -2.60 -15.84
C GLU B 309 -36.59 -3.84 -15.09
N LYS B 310 -37.37 -4.67 -15.77
CA LYS B 310 -37.83 -5.94 -15.21
C LYS B 310 -36.63 -6.82 -14.88
N GLY B 311 -36.61 -7.37 -13.68
CA GLY B 311 -35.54 -8.25 -13.27
C GLY B 311 -35.45 -8.34 -11.76
N ILE B 312 -34.35 -8.97 -11.32
CA ILE B 312 -34.04 -9.16 -9.90
C ILE B 312 -32.71 -8.46 -9.64
N TYR B 313 -32.68 -7.62 -8.61
CA TYR B 313 -31.50 -6.83 -8.27
C TYR B 313 -31.17 -7.04 -6.81
N GLN B 314 -29.89 -7.22 -6.51
CA GLN B 314 -29.41 -7.34 -5.13
C GLN B 314 -29.02 -5.96 -4.64
N THR B 315 -29.79 -5.42 -3.69
CA THR B 315 -29.63 -4.04 -3.24
C THR B 315 -29.15 -3.86 -1.82
N SER B 316 -29.32 -4.84 -0.94
CA SER B 316 -28.93 -4.66 0.45
C SER B 316 -28.68 -6.02 1.07
N ASN B 317 -28.53 -6.03 2.40
CA ASN B 317 -28.31 -7.25 3.15
C ASN B 317 -29.17 -7.19 4.41
N PHE B 318 -29.94 -8.24 4.62
CA PHE B 318 -30.78 -8.37 5.80
C PHE B 318 -29.93 -8.98 6.89
N ARG B 319 -30.09 -8.42 8.09
CA ARG B 319 -29.42 -8.97 9.26
C ARG B 319 -30.24 -8.65 10.50
N VAL B 320 -30.46 -9.69 11.31
CA VAL B 320 -31.11 -9.50 12.59
C VAL B 320 -30.11 -8.86 13.54
N GLN B 321 -30.53 -7.79 14.20
CA GLN B 321 -29.59 -7.08 15.05
C GLN B 321 -29.61 -7.62 16.48
N PRO B 322 -28.46 -7.60 17.18
CA PRO B 322 -28.45 -8.05 18.57
C PRO B 322 -29.24 -7.12 19.47
N THR B 323 -29.89 -7.72 20.47
CA THR B 323 -30.72 -6.99 21.42
C THR B 323 -30.14 -6.93 22.82
N GLU B 324 -29.14 -7.75 23.14
CA GLU B 324 -28.53 -7.77 24.46
C GLU B 324 -27.02 -7.79 24.32
N SER B 325 -26.35 -7.31 25.38
CA SER B 325 -24.90 -7.34 25.51
C SER B 325 -24.57 -8.34 26.61
N ILE B 326 -23.92 -9.44 26.25
CA ILE B 326 -23.64 -10.53 27.18
C ILE B 326 -22.16 -10.50 27.52
N VAL B 327 -21.87 -10.18 28.78
CA VAL B 327 -20.50 -10.03 29.26
C VAL B 327 -20.31 -11.08 30.34
N ARG B 328 -19.32 -11.96 30.16
CA ARG B 328 -19.04 -13.02 31.12
C ARG B 328 -17.55 -13.00 31.39
N PHE B 329 -17.18 -12.76 32.64
CA PHE B 329 -15.79 -12.82 33.07
C PHE B 329 -15.74 -13.65 34.34
N PRO B 330 -14.59 -14.21 34.71
CA PRO B 330 -14.50 -14.91 35.99
C PRO B 330 -14.86 -13.97 37.12
N ASN B 331 -15.58 -14.49 38.12
CA ASN B 331 -16.08 -13.62 39.19
C ASN B 331 -15.10 -13.49 40.34
N ILE B 332 -13.83 -13.28 40.04
CA ILE B 332 -12.77 -13.18 41.03
C ILE B 332 -12.59 -11.68 41.23
N THR B 333 -13.22 -11.13 42.26
CA THR B 333 -13.25 -9.69 42.49
C THR B 333 -12.12 -9.20 43.41
N ASN B 334 -11.16 -10.05 43.75
CA ASN B 334 -9.99 -9.59 44.49
C ASN B 334 -9.30 -8.48 43.70
N LEU B 335 -8.99 -7.37 44.36
CA LEU B 335 -8.45 -6.23 43.61
C LEU B 335 -7.08 -6.64 43.08
N CYS B 336 -6.80 -6.24 41.84
CA CYS B 336 -5.53 -6.61 41.26
C CYS B 336 -4.42 -5.66 41.74
N PRO B 337 -3.17 -6.19 42.14
CA PRO B 337 -2.17 -5.31 42.77
C PRO B 337 -1.33 -4.50 41.78
N PHE B 338 -2.01 -3.83 40.85
CA PHE B 338 -1.32 -2.92 39.96
C PHE B 338 -0.72 -1.76 40.73
N GLY B 339 -1.43 -1.32 41.77
CA GLY B 339 -1.00 -0.14 42.48
C GLY B 339 0.37 -0.38 43.10
N GLU B 340 0.61 -1.60 43.55
CA GLU B 340 1.83 -1.85 44.29
C GLU B 340 3.02 -1.85 43.33
N VAL B 341 2.77 -2.06 42.05
CA VAL B 341 3.84 -1.87 41.08
C VAL B 341 4.20 -0.40 41.04
N PHE B 342 3.20 0.48 40.99
CA PHE B 342 3.50 1.91 40.85
C PHE B 342 3.70 2.58 42.21
N ASN B 343 3.26 1.92 43.28
CA ASN B 343 3.30 2.49 44.65
C ASN B 343 4.50 1.92 45.39
N ALA B 344 5.39 1.20 44.70
CA ALA B 344 6.44 0.52 45.44
C ALA B 344 7.42 1.49 46.04
N THR B 345 7.91 1.09 47.19
CA THR B 345 8.96 1.82 47.85
C THR B 345 10.22 1.68 47.02
N ARG B 346 10.54 0.48 46.60
CA ARG B 346 11.73 0.22 45.83
C ARG B 346 11.26 0.07 44.40
N PHE B 347 12.22 -0.01 43.51
CA PHE B 347 12.26 -0.08 42.06
C PHE B 347 13.70 -0.36 41.72
N ALA B 348 13.83 -0.93 40.56
CA ALA B 348 15.08 -1.47 40.08
C ALA B 348 15.99 -0.41 39.48
N SER B 349 16.97 -0.92 38.77
CA SER B 349 17.90 -0.19 37.94
C SER B 349 17.73 -0.78 36.56
N VAL B 350 18.07 0.00 35.54
CA VAL B 350 17.76 -0.45 34.19
C VAL B 350 18.49 -1.75 33.84
N TYR B 351 19.71 -1.95 34.33
CA TYR B 351 20.44 -3.16 33.96
C TYR B 351 19.72 -4.40 34.47
N ALA B 352 19.27 -4.38 35.73
CA ALA B 352 18.49 -5.45 36.34
C ALA B 352 17.10 -4.88 36.59
N TRP B 353 16.20 -5.10 35.64
CA TRP B 353 14.86 -4.48 35.67
C TRP B 353 13.90 -5.41 36.41
N ASN B 354 13.33 -4.92 37.51
CA ASN B 354 12.45 -5.77 38.30
C ASN B 354 11.22 -6.12 37.48
N ARG B 355 10.72 -7.34 37.66
CA ARG B 355 9.48 -7.76 37.04
C ARG B 355 8.54 -8.41 38.04
N LYS B 356 7.28 -7.96 38.05
CA LYS B 356 6.21 -8.60 38.80
C LYS B 356 5.25 -9.19 37.78
N ARG B 357 4.90 -10.47 37.97
CA ARG B 357 3.90 -11.12 37.12
C ARG B 357 2.58 -11.07 37.87
N ILE B 358 1.67 -10.26 37.35
CA ILE B 358 0.39 -10.02 37.99
C ILE B 358 -0.65 -11.00 37.43
N SER B 359 -1.35 -11.71 38.32
CA SER B 359 -2.27 -12.75 37.89
C SER B 359 -3.39 -13.00 38.90
N ASN B 360 -4.42 -13.70 38.43
CA ASN B 360 -5.59 -14.09 39.21
C ASN B 360 -6.28 -12.89 39.86
N CYS B 361 -6.58 -11.87 39.06
CA CYS B 361 -7.16 -10.67 39.66
C CYS B 361 -8.04 -9.90 38.69
N VAL B 362 -8.87 -9.02 39.24
CA VAL B 362 -9.67 -8.06 38.46
C VAL B 362 -8.93 -6.73 38.49
N ALA B 363 -8.58 -6.22 37.31
CA ALA B 363 -7.76 -5.03 37.15
C ALA B 363 -8.58 -3.87 36.59
N ASP B 364 -8.59 -2.74 37.31
CA ASP B 364 -9.24 -1.52 36.86
C ASP B 364 -8.21 -0.57 36.26
N TYR B 365 -8.35 -0.25 34.98
CA TYR B 365 -7.42 0.60 34.27
C TYR B 365 -7.87 2.06 34.22
N SER B 366 -9.07 2.36 34.73
CA SER B 366 -9.54 3.75 34.75
C SER B 366 -8.60 4.60 35.58
N VAL B 367 -8.08 4.03 36.67
CA VAL B 367 -7.20 4.77 37.57
C VAL B 367 -5.95 5.22 36.82
N LEU B 368 -5.43 4.38 35.91
CA LEU B 368 -4.23 4.76 35.17
C LEU B 368 -4.54 5.91 34.23
N TYR B 369 -5.60 5.77 33.44
CA TYR B 369 -5.96 6.82 32.48
C TYR B 369 -6.47 8.08 33.14
N ASN B 370 -7.29 7.97 34.19
CA ASN B 370 -7.82 9.19 34.78
C ASN B 370 -6.76 9.98 35.53
N SER B 371 -5.57 9.39 35.75
CA SER B 371 -4.53 10.03 36.52
C SER B 371 -4.06 11.30 35.84
N ALA B 372 -3.78 12.33 36.62
CA ALA B 372 -3.40 13.65 36.14
C ALA B 372 -1.90 13.88 36.27
N SER B 373 -1.13 12.85 36.61
CA SER B 373 0.27 12.98 36.95
C SER B 373 1.26 12.43 35.94
N PHE B 374 0.92 11.35 35.22
CA PHE B 374 1.90 10.72 34.35
C PHE B 374 2.34 11.69 33.26
N SER B 375 3.66 11.82 33.11
CA SER B 375 4.22 12.63 32.03
C SER B 375 4.02 11.96 30.67
N THR B 376 4.30 10.66 30.59
CA THR B 376 4.22 9.90 29.35
C THR B 376 3.36 8.68 29.59
N PHE B 377 2.29 8.51 28.81
CA PHE B 377 1.47 7.30 28.88
C PHE B 377 1.29 6.81 27.44
N LYS B 378 2.36 6.25 26.87
CA LYS B 378 2.35 5.84 25.47
C LYS B 378 2.03 4.36 25.34
N CYS B 379 0.95 4.02 24.64
CA CYS B 379 0.48 2.64 24.53
C CYS B 379 0.59 2.16 23.10
N TYR B 380 1.31 1.06 22.90
CA TYR B 380 1.58 0.46 21.60
C TYR B 380 0.83 -0.85 21.49
N GLY B 381 -0.06 -0.96 20.49
CA GLY B 381 -0.88 -2.14 20.27
C GLY B 381 -2.27 -2.03 20.86
N VAL B 382 -2.43 -1.26 21.93
CA VAL B 382 -3.70 -1.04 22.60
C VAL B 382 -3.78 0.44 22.99
N SER B 383 -5.02 0.91 23.26
CA SER B 383 -5.24 2.28 23.71
C SER B 383 -5.77 2.30 25.14
N PRO B 384 -5.31 3.23 25.99
CA PRO B 384 -5.67 3.16 27.43
C PRO B 384 -7.15 3.14 27.74
N THR B 385 -7.94 3.96 27.04
CA THR B 385 -9.37 4.05 27.34
C THR B 385 -10.06 2.73 27.11
N LYS B 386 -9.66 2.00 26.07
CA LYS B 386 -10.32 0.77 25.70
C LYS B 386 -9.66 -0.44 26.37
N LEU B 387 -8.68 -0.20 27.24
CA LEU B 387 -8.05 -1.31 27.94
C LEU B 387 -9.03 -2.02 28.88
N ASN B 388 -9.99 -1.31 29.47
CA ASN B 388 -10.92 -1.92 30.42
C ASN B 388 -11.75 -3.02 29.80
N ASP B 389 -12.05 -2.92 28.52
CA ASP B 389 -12.99 -3.85 27.89
C ASP B 389 -12.44 -5.29 27.89
N LEU B 390 -11.15 -5.46 27.64
CA LEU B 390 -10.54 -6.76 27.44
C LEU B 390 -10.00 -7.43 28.69
N CYS B 391 -9.81 -8.74 28.57
CA CYS B 391 -9.17 -9.59 29.58
C CYS B 391 -7.89 -10.16 28.98
N PHE B 392 -6.83 -10.11 29.78
CA PHE B 392 -5.49 -10.49 29.36
C PHE B 392 -5.06 -11.75 30.07
N THR B 393 -4.42 -12.66 29.32
CA THR B 393 -3.95 -13.90 29.91
C THR B 393 -2.91 -13.67 30.99
N ASN B 394 -1.95 -12.80 30.70
CA ASN B 394 -0.89 -12.47 31.66
C ASN B 394 -0.47 -11.04 31.47
N VAL B 395 -0.15 -10.38 32.58
CA VAL B 395 0.39 -9.04 32.53
C VAL B 395 1.68 -9.03 33.30
N TYR B 396 2.70 -8.41 32.72
CA TYR B 396 4.01 -8.31 33.33
C TYR B 396 4.21 -6.84 33.58
N ALA B 397 4.91 -6.50 34.66
CA ALA B 397 5.09 -5.12 35.04
C ALA B 397 6.56 -4.87 35.33
N ASP B 398 7.33 -4.67 34.28
CA ASP B 398 8.72 -4.34 34.46
C ASP B 398 8.81 -2.95 35.06
N SER B 399 9.76 -2.75 35.98
CA SER B 399 9.92 -1.50 36.69
C SER B 399 11.39 -1.14 36.81
N PHE B 400 11.70 0.13 36.49
CA PHE B 400 13.08 0.61 36.43
C PHE B 400 13.08 2.14 36.34
N VAL B 401 14.23 2.75 36.64
CA VAL B 401 14.41 4.20 36.67
C VAL B 401 15.37 4.59 35.55
N ILE B 402 14.83 5.07 34.43
CA ILE B 402 15.63 5.60 33.32
C ILE B 402 15.88 7.11 33.42
N ARG B 403 16.81 7.62 32.62
CA ARG B 403 17.06 9.06 32.52
C ARG B 403 16.05 9.68 31.54
N GLY B 404 15.83 11.00 31.69
CA GLY B 404 14.76 11.67 30.94
C GLY B 404 14.92 11.61 29.43
N ASP B 405 16.14 11.91 28.94
CA ASP B 405 16.39 11.93 27.50
C ASP B 405 16.15 10.56 26.90
N GLU B 406 16.36 9.53 27.70
CA GLU B 406 16.30 8.15 27.32
C GLU B 406 14.88 7.61 27.31
N VAL B 407 13.90 8.38 27.77
CA VAL B 407 12.53 7.86 27.84
C VAL B 407 12.06 7.45 26.45
N ARG B 408 12.49 8.18 25.42
CA ARG B 408 12.11 7.83 24.05
C ARG B 408 12.61 6.44 23.69
N GLN B 409 13.78 6.06 24.24
CA GLN B 409 14.40 4.78 23.87
C GLN B 409 13.52 3.62 24.32
N ILE B 410 12.85 3.75 25.47
CA ILE B 410 12.03 2.64 25.96
C ILE B 410 10.71 2.69 25.21
N ALA B 411 10.78 2.49 23.89
CA ALA B 411 9.64 2.44 22.99
C ALA B 411 9.99 1.43 21.92
N PRO B 412 9.00 0.86 21.23
CA PRO B 412 9.30 -0.22 20.27
C PRO B 412 10.26 0.21 19.18
N GLY B 413 11.26 -0.63 18.93
CA GLY B 413 12.19 -0.40 17.83
C GLY B 413 13.00 0.87 17.89
N GLN B 414 13.48 1.25 19.08
CA GLN B 414 14.31 2.44 19.26
C GLN B 414 15.69 1.99 19.74
N THR B 415 16.66 2.90 19.59
CA THR B 415 18.07 2.59 19.82
C THR B 415 18.72 3.60 20.74
N GLY B 416 19.81 3.17 21.32
CA GLY B 416 20.55 3.93 22.30
C GLY B 416 21.18 2.99 23.30
N LYS B 417 21.86 3.57 24.27
CA LYS B 417 22.55 2.75 25.26
C LYS B 417 21.54 1.93 26.06
N ILE B 418 20.46 2.60 26.48
CA ILE B 418 19.47 1.97 27.33
C ILE B 418 18.76 0.87 26.57
N ALA B 419 18.44 1.13 25.31
CA ALA B 419 17.66 0.20 24.51
C ALA B 419 18.49 -1.02 24.12
N ASP B 420 19.72 -0.78 23.67
CA ASP B 420 20.58 -1.88 23.23
C ASP B 420 21.13 -2.74 24.36
N TYR B 421 21.80 -2.15 25.37
CA TYR B 421 22.47 -2.98 26.37
C TYR B 421 21.83 -3.08 27.74
N ASN B 422 20.71 -2.41 28.00
CA ASN B 422 20.11 -2.41 29.33
C ASN B 422 18.71 -3.02 29.35
N TYR B 423 17.79 -2.49 28.56
CA TYR B 423 16.45 -3.04 28.44
C TYR B 423 15.99 -2.81 27.02
N LYS B 424 15.54 -3.87 26.35
CA LYS B 424 15.05 -3.78 24.98
C LYS B 424 13.59 -4.18 24.97
N LEU B 425 12.78 -3.32 24.41
CA LEU B 425 11.38 -3.58 24.23
C LEU B 425 11.17 -4.37 22.94
N PRO B 426 10.39 -5.46 22.93
CA PRO B 426 10.26 -6.25 21.70
C PRO B 426 9.62 -5.42 20.59
N ASP B 427 10.02 -5.70 19.35
CA ASP B 427 9.56 -4.88 18.24
C ASP B 427 8.05 -4.99 18.02
N ASP B 428 7.41 -6.01 18.57
CA ASP B 428 5.97 -6.26 18.42
C ASP B 428 5.24 -5.96 19.72
N PHE B 429 5.79 -5.06 20.53
CA PHE B 429 5.31 -4.81 21.89
C PHE B 429 3.84 -4.48 21.93
N THR B 430 3.13 -5.19 22.79
CA THR B 430 1.76 -4.87 23.17
C THR B 430 1.85 -4.40 24.61
N GLY B 431 1.72 -3.11 24.84
CA GLY B 431 1.90 -2.62 26.19
C GLY B 431 1.74 -1.13 26.29
N CYS B 432 1.97 -0.63 27.50
CA CYS B 432 1.90 0.79 27.81
C CYS B 432 3.17 1.17 28.56
N VAL B 433 3.84 2.21 28.09
CA VAL B 433 5.01 2.77 28.75
C VAL B 433 4.51 3.96 29.55
N ILE B 434 4.40 3.75 30.86
CA ILE B 434 3.89 4.75 31.80
C ILE B 434 5.09 5.35 32.52
N ALA B 435 5.31 6.66 32.35
CA ALA B 435 6.45 7.33 32.91
C ALA B 435 6.02 8.64 33.55
N TRP B 436 6.74 9.02 34.59
CA TRP B 436 6.48 10.21 35.38
C TRP B 436 7.82 10.88 35.68
N ASN B 437 7.76 12.13 36.12
CA ASN B 437 8.96 12.89 36.44
C ASN B 437 9.40 12.56 37.86
N SER B 438 10.06 11.41 38.00
CA SER B 438 10.58 11.01 39.30
C SER B 438 11.90 11.70 39.67
N ASN B 439 11.98 13.03 39.52
CA ASN B 439 13.21 13.80 39.75
C ASN B 439 13.29 14.30 41.17
N ASN B 440 12.23 14.11 41.92
CA ASN B 440 12.11 14.57 43.26
C ASN B 440 12.05 13.45 44.28
N LEU B 441 12.06 12.19 43.84
CA LEU B 441 12.14 11.04 44.72
C LEU B 441 13.45 10.27 44.63
N ASP B 442 13.95 10.07 43.41
CA ASP B 442 15.11 9.22 43.13
C ASP B 442 16.39 10.00 42.92
N SER B 443 16.35 11.33 43.06
CA SER B 443 17.53 12.16 42.96
C SER B 443 17.80 12.81 44.30
N LYS B 444 19.06 12.77 44.70
CA LYS B 444 19.59 13.30 45.94
C LYS B 444 20.58 14.40 45.59
N VAL B 445 20.83 15.28 46.55
CA VAL B 445 21.71 16.41 46.32
C VAL B 445 23.09 15.91 45.89
N GLY B 446 23.58 14.87 46.56
CA GLY B 446 24.90 14.32 46.31
C GLY B 446 24.99 13.41 45.10
N GLY B 447 23.86 13.00 44.52
CA GLY B 447 23.84 12.09 43.38
C GLY B 447 23.62 10.62 43.64
N ASN B 448 22.38 10.12 43.50
CA ASN B 448 22.18 8.70 43.74
C ASN B 448 22.89 7.86 42.71
N TYR B 449 23.61 6.85 43.20
CA TYR B 449 24.36 5.89 42.40
C TYR B 449 23.80 4.48 42.41
N ASN B 450 22.70 4.23 43.13
CA ASN B 450 22.22 2.87 43.25
C ASN B 450 21.75 2.32 41.91
N TYR B 451 21.34 3.21 41.01
CA TYR B 451 20.79 2.87 39.72
C TYR B 451 21.89 2.81 38.66
N LEU B 452 22.11 1.62 38.10
CA LEU B 452 23.22 1.31 37.21
C LEU B 452 22.70 0.97 35.82
N TYR B 453 23.30 1.56 34.78
CA TYR B 453 22.99 1.23 33.40
C TYR B 453 24.24 0.65 32.75
N ARG B 454 24.08 -0.43 31.97
CA ARG B 454 25.25 -1.11 31.40
C ARG B 454 25.64 -0.39 30.14
N LEU B 455 26.75 0.35 30.21
CA LEU B 455 27.16 1.21 29.10
C LEU B 455 27.66 0.42 27.87
N PHE B 456 28.44 -0.64 28.07
CA PHE B 456 29.05 -1.37 26.97
C PHE B 456 28.74 -2.85 27.14
N ARG B 457 28.29 -3.49 26.06
CA ARG B 457 28.09 -4.92 26.02
C ARG B 457 28.72 -5.46 24.74
N LYS B 458 29.06 -6.75 24.76
CA LYS B 458 29.63 -7.38 23.58
C LYS B 458 28.66 -7.35 22.41
N SER B 459 27.38 -7.61 22.66
CA SER B 459 26.35 -7.56 21.64
C SER B 459 25.07 -7.05 22.28
N ASN B 460 24.17 -6.57 21.43
CA ASN B 460 22.94 -5.95 21.92
C ASN B 460 22.12 -6.96 22.71
N LEU B 461 21.35 -6.45 23.66
CA LEU B 461 20.51 -7.29 24.49
C LEU B 461 19.30 -7.77 23.71
N LYS B 462 19.02 -9.07 23.80
CA LYS B 462 17.86 -9.63 23.14
C LYS B 462 16.57 -9.22 23.87
N PRO B 463 15.43 -9.21 23.18
CA PRO B 463 14.18 -8.73 23.80
C PRO B 463 13.85 -9.43 25.11
N PHE B 464 13.51 -8.63 26.12
CA PHE B 464 13.08 -9.12 27.44
C PHE B 464 14.11 -10.08 28.05
N GLU B 465 15.38 -9.73 27.92
CA GLU B 465 16.47 -10.48 28.53
C GLU B 465 17.18 -9.59 29.54
N ARG B 466 17.46 -10.16 30.71
CA ARG B 466 18.05 -9.43 31.82
C ARG B 466 19.50 -9.90 31.93
N ASP B 467 20.43 -8.94 31.91
CA ASP B 467 21.84 -9.25 32.10
C ASP B 467 22.32 -8.72 33.45
N ILE B 468 22.73 -9.64 34.32
CA ILE B 468 23.25 -9.34 35.65
C ILE B 468 24.77 -9.53 35.68
N SER B 469 25.39 -9.70 34.50
CA SER B 469 26.81 -9.99 34.42
C SER B 469 27.62 -8.85 35.02
N THR B 470 28.71 -9.19 35.70
CA THR B 470 29.60 -8.22 36.29
C THR B 470 31.02 -8.38 35.71
N GLU B 471 31.13 -9.08 34.58
CA GLU B 471 32.43 -9.33 33.96
C GLU B 471 33.05 -8.05 33.45
N ILE B 472 34.37 -7.99 33.48
CA ILE B 472 35.12 -6.80 33.10
C ILE B 472 35.27 -6.82 31.58
N TYR B 473 34.93 -5.71 30.92
CA TYR B 473 34.89 -5.66 29.46
C TYR B 473 36.18 -5.10 28.88
N GLN B 474 36.92 -5.97 28.20
CA GLN B 474 38.17 -5.64 27.50
C GLN B 474 37.87 -4.98 26.16
N ALA B 475 38.42 -3.78 25.94
CA ALA B 475 38.24 -3.03 24.70
C ALA B 475 39.51 -2.92 23.87
N GLY B 476 40.54 -3.75 24.15
CA GLY B 476 41.75 -3.75 23.36
C GLY B 476 42.17 -5.18 23.06
N SER B 477 43.18 -5.33 22.20
CA SER B 477 43.63 -6.68 21.87
C SER B 477 44.23 -7.38 23.08
N THR B 478 44.86 -6.62 23.96
CA THR B 478 45.50 -7.17 25.15
C THR B 478 44.41 -7.85 25.98
N PRO B 479 44.66 -9.01 26.60
CA PRO B 479 43.64 -9.44 27.55
C PRO B 479 43.74 -8.36 28.62
N CYS B 480 42.60 -7.84 29.04
CA CYS B 480 42.73 -6.76 30.01
C CYS B 480 43.25 -7.33 31.35
N ASN B 481 43.01 -8.64 31.59
CA ASN B 481 43.33 -9.48 32.77
C ASN B 481 42.30 -9.60 33.91
N GLY B 482 41.05 -9.15 33.73
CA GLY B 482 40.09 -9.33 34.81
C GLY B 482 40.24 -8.49 36.07
N VAL B 483 40.89 -7.34 35.98
CA VAL B 483 41.12 -6.45 37.11
C VAL B 483 41.17 -5.10 36.42
N GLU B 484 41.01 -4.01 37.16
CA GLU B 484 40.95 -2.80 36.35
C GLU B 484 42.34 -2.41 35.83
N GLY B 485 42.32 -1.57 34.80
CA GLY B 485 43.51 -1.06 34.18
C GLY B 485 43.08 -0.37 32.90
N PHE B 486 44.07 0.00 32.09
CA PHE B 486 43.72 0.54 30.79
C PHE B 486 42.93 -0.54 30.03
N ASN B 487 41.77 -0.14 29.53
CA ASN B 487 40.84 -0.98 28.76
C ASN B 487 40.18 -2.07 29.61
N CYS B 488 40.18 -1.92 30.93
CA CYS B 488 39.40 -2.73 31.88
C CYS B 488 38.67 -1.77 32.80
N TYR B 489 37.37 -1.88 32.81
CA TYR B 489 36.52 -0.99 33.58
C TYR B 489 35.28 -1.80 33.92
N PHE B 490 34.62 -1.40 34.99
CA PHE B 490 33.38 -2.05 35.36
C PHE B 490 32.37 -1.72 34.25
N PRO B 491 31.50 -2.66 33.83
CA PRO B 491 30.62 -2.35 32.68
C PRO B 491 29.36 -1.57 32.98
N LEU B 492 28.99 -1.42 34.23
CA LEU B 492 27.78 -0.70 34.62
C LEU B 492 28.35 0.62 35.09
N GLN B 493 28.04 1.70 34.41
CA GLN B 493 28.56 3.01 34.78
C GLN B 493 27.45 3.74 35.48
N SER B 494 27.73 4.18 36.69
CA SER B 494 26.70 4.79 37.51
C SER B 494 26.54 6.27 37.19
N TYR B 495 25.38 6.62 36.69
CA TYR B 495 25.01 8.00 36.48
C TYR B 495 24.64 8.71 37.79
N GLY B 496 24.89 10.03 37.82
CA GLY B 496 24.62 10.84 39.00
C GLY B 496 23.66 12.01 38.87
N PHE B 497 22.43 11.85 39.37
CA PHE B 497 21.40 12.89 39.45
C PHE B 497 21.42 13.78 40.67
N GLN B 498 21.22 15.06 40.44
CA GLN B 498 21.06 16.04 41.48
C GLN B 498 19.71 16.69 41.21
N PRO B 499 19.04 17.28 42.22
CA PRO B 499 17.68 17.79 41.97
C PRO B 499 17.56 18.84 40.87
N THR B 500 18.56 19.69 40.70
CA THR B 500 18.44 20.81 39.78
C THR B 500 18.94 20.49 38.36
N ASN B 501 19.12 19.21 38.00
CA ASN B 501 19.67 18.93 36.68
C ASN B 501 18.64 19.22 35.60
N GLY B 502 19.14 19.29 34.36
CA GLY B 502 18.27 19.57 33.25
C GLY B 502 17.41 18.38 32.95
N VAL B 503 16.32 18.64 32.21
CA VAL B 503 15.33 17.61 31.92
C VAL B 503 15.95 16.45 31.16
N GLY B 504 17.06 16.70 30.46
CA GLY B 504 17.76 15.60 29.81
C GLY B 504 18.30 14.60 30.81
N TYR B 505 18.79 15.08 31.96
CA TYR B 505 19.36 14.23 33.01
C TYR B 505 18.41 14.00 34.16
N GLN B 506 17.20 14.46 34.06
CA GLN B 506 16.21 14.20 35.08
C GLN B 506 15.68 12.76 35.01
N PRO B 507 15.42 12.10 36.14
CA PRO B 507 14.97 10.71 36.13
C PRO B 507 13.50 10.56 35.80
N TYR B 508 13.22 9.61 34.93
CA TYR B 508 11.86 9.36 34.53
C TYR B 508 11.72 7.89 34.87
N ARG B 509 10.96 7.64 35.92
CA ARG B 509 10.71 6.27 36.27
C ARG B 509 9.82 5.66 35.20
N VAL B 510 9.94 4.36 34.97
CA VAL B 510 9.05 3.70 34.02
C VAL B 510 8.53 2.40 34.62
N VAL B 511 7.30 2.08 34.22
CA VAL B 511 6.63 0.83 34.55
C VAL B 511 5.94 0.30 33.30
N VAL B 512 6.71 -0.22 32.35
CA VAL B 512 6.13 -0.79 31.14
C VAL B 512 5.22 -1.94 31.56
N LEU B 513 4.00 -1.96 31.04
CA LEU B 513 3.06 -3.06 31.29
C LEU B 513 2.96 -3.89 30.02
N SER B 514 3.61 -5.04 30.03
CA SER B 514 3.65 -5.93 28.88
C SER B 514 2.47 -6.89 28.95
N PHE B 515 1.37 -6.47 28.30
CA PHE B 515 0.14 -7.24 28.27
C PHE B 515 0.28 -8.41 27.29
N GLU B 516 0.03 -9.63 27.74
CA GLU B 516 0.16 -10.85 26.93
C GLU B 516 -1.22 -11.26 26.43
N LEU B 517 -1.36 -11.31 25.12
CA LEU B 517 -2.62 -11.61 24.46
C LEU B 517 -2.66 -13.01 23.86
N LEU B 518 -1.70 -13.87 24.20
CA LEU B 518 -1.70 -15.24 23.71
C LEU B 518 -3.01 -15.93 24.09
N HIS B 519 -3.34 -16.99 23.34
CA HIS B 519 -4.58 -17.73 23.56
C HIS B 519 -4.38 -18.79 24.64
N ALA B 520 -5.11 -18.66 25.75
CA ALA B 520 -4.99 -19.53 26.93
C ALA B 520 -5.98 -19.05 27.99
N PRO B 521 -6.05 -19.69 29.17
CA PRO B 521 -6.92 -19.14 30.22
C PRO B 521 -6.48 -17.74 30.62
N ALA B 522 -7.45 -16.85 30.81
CA ALA B 522 -7.18 -15.46 31.15
C ALA B 522 -7.66 -15.12 32.55
N THR B 523 -6.73 -14.60 33.35
CA THR B 523 -6.93 -14.36 34.77
C THR B 523 -7.03 -12.87 35.08
N VAL B 524 -6.07 -12.06 34.63
CA VAL B 524 -6.18 -10.61 34.80
C VAL B 524 -7.28 -10.11 33.86
N CYS B 525 -8.18 -9.27 34.37
CA CYS B 525 -9.29 -8.77 33.58
C CYS B 525 -9.68 -7.35 33.93
N GLY B 526 -10.54 -6.80 33.07
CA GLY B 526 -11.07 -5.47 33.17
C GLY B 526 -12.11 -5.41 34.27
N PRO B 527 -12.47 -4.21 34.73
CA PRO B 527 -13.42 -4.12 35.86
C PRO B 527 -14.87 -4.26 35.45
N LYS B 528 -15.12 -4.71 34.22
CA LYS B 528 -16.48 -4.75 33.70
C LYS B 528 -17.33 -5.74 34.48
N LYS B 529 -18.60 -5.43 34.61
CA LYS B 529 -19.57 -6.30 35.26
C LYS B 529 -20.16 -7.29 34.26
N SER B 530 -20.42 -8.50 34.74
CA SER B 530 -21.02 -9.55 33.93
C SER B 530 -22.53 -9.55 34.03
N THR B 531 -23.17 -10.04 32.96
CA THR B 531 -24.61 -10.17 32.83
C THR B 531 -24.98 -11.65 32.77
N ASN B 532 -26.28 -11.91 32.77
CA ASN B 532 -26.78 -13.27 32.64
C ASN B 532 -26.54 -13.79 31.22
N LEU B 533 -26.28 -15.09 31.13
CA LEU B 533 -26.08 -15.72 29.83
C LEU B 533 -27.41 -15.93 29.13
N VAL B 534 -27.49 -15.53 27.86
CA VAL B 534 -28.68 -15.66 27.04
C VAL B 534 -28.34 -16.58 25.87
N LYS B 535 -29.13 -17.64 25.70
CA LYS B 535 -28.93 -18.61 24.63
C LYS B 535 -30.08 -18.57 23.62
N ASN B 536 -29.77 -19.04 22.41
CA ASN B 536 -30.74 -19.13 21.31
C ASN B 536 -31.30 -17.77 20.92
N LYS B 537 -30.49 -16.72 21.05
CA LYS B 537 -30.90 -15.36 20.66
C LYS B 537 -29.70 -14.64 20.08
N CYS B 538 -29.97 -13.69 19.18
CA CYS B 538 -28.92 -12.83 18.65
C CYS B 538 -28.48 -11.83 19.71
N VAL B 539 -27.23 -11.94 20.15
CA VAL B 539 -26.69 -11.09 21.19
C VAL B 539 -25.28 -10.63 20.80
N ASN B 540 -24.84 -9.55 21.46
CA ASN B 540 -23.46 -9.12 21.43
C ASN B 540 -22.79 -9.75 22.64
N PHE B 541 -21.79 -10.60 22.42
CA PHE B 541 -21.16 -11.30 23.53
C PHE B 541 -19.72 -10.86 23.70
N ASN B 542 -19.26 -11.00 24.95
CA ASN B 542 -17.87 -10.78 25.35
C ASN B 542 -17.54 -11.88 26.37
N PHE B 543 -16.82 -12.89 25.92
CA PHE B 543 -16.40 -14.03 26.74
C PHE B 543 -14.91 -13.94 27.06
N ASN B 544 -14.58 -13.40 28.23
CA ASN B 544 -13.21 -13.34 28.70
C ASN B 544 -12.27 -12.63 27.72
N GLY B 545 -12.78 -11.60 27.07
CA GLY B 545 -12.04 -10.83 26.08
C GLY B 545 -12.38 -11.15 24.65
N LEU B 546 -13.03 -12.29 24.40
CA LEU B 546 -13.45 -12.68 23.06
C LEU B 546 -14.77 -11.99 22.77
N THR B 547 -14.82 -11.14 21.76
CA THR B 547 -16.01 -10.35 21.48
C THR B 547 -16.54 -10.63 20.09
N GLY B 548 -17.86 -10.47 19.96
CA GLY B 548 -18.50 -10.66 18.67
C GLY B 548 -20.00 -10.61 18.81
N THR B 549 -20.66 -10.83 17.68
CA THR B 549 -22.12 -10.83 17.61
C THR B 549 -22.57 -12.18 17.09
N GLY B 550 -23.56 -12.79 17.74
CA GLY B 550 -24.01 -14.09 17.28
C GLY B 550 -25.04 -14.70 18.20
N VAL B 551 -25.36 -15.96 17.90
CA VAL B 551 -26.34 -16.76 18.61
C VAL B 551 -25.59 -17.86 19.34
N LEU B 552 -25.79 -17.92 20.66
CA LEU B 552 -25.14 -18.87 21.53
C LEU B 552 -26.07 -20.06 21.74
N THR B 553 -25.59 -21.27 21.43
CA THR B 553 -26.40 -22.47 21.62
C THR B 553 -25.60 -23.50 22.41
N GLU B 554 -26.31 -24.48 22.96
CA GLU B 554 -25.64 -25.55 23.68
C GLU B 554 -24.90 -26.44 22.68
N SER B 555 -23.65 -26.73 23.01
CA SER B 555 -22.77 -27.52 22.15
C SER B 555 -22.71 -28.98 22.60
N ASN B 556 -22.39 -29.85 21.64
CA ASN B 556 -22.13 -31.26 21.90
C ASN B 556 -20.65 -31.60 21.70
N LYS B 557 -19.78 -30.59 21.67
CA LYS B 557 -18.35 -30.81 21.52
C LYS B 557 -17.72 -31.21 22.85
N LYS B 558 -16.79 -32.17 22.79
CA LYS B 558 -16.09 -32.66 23.97
C LYS B 558 -14.77 -31.90 24.17
N PHE B 559 -14.88 -30.73 24.78
CA PHE B 559 -13.67 -29.95 25.06
C PHE B 559 -12.88 -30.61 26.18
N LEU B 560 -11.57 -30.60 26.04
CA LEU B 560 -10.72 -31.10 27.10
C LEU B 560 -10.65 -30.09 28.25
N PRO B 561 -10.34 -30.55 29.48
CA PRO B 561 -10.33 -29.64 30.65
C PRO B 561 -9.51 -28.36 30.53
N PHE B 562 -8.52 -28.33 29.65
CA PHE B 562 -7.62 -27.18 29.51
C PHE B 562 -8.00 -26.24 28.39
N GLN B 563 -8.91 -26.62 27.53
CA GLN B 563 -9.25 -25.83 26.35
C GLN B 563 -10.31 -24.78 26.71
N GLN B 564 -10.07 -23.52 26.33
CA GLN B 564 -10.95 -22.42 26.73
C GLN B 564 -11.91 -21.96 25.64
N PHE B 565 -11.54 -22.14 24.38
CA PHE B 565 -12.40 -21.74 23.27
C PHE B 565 -11.98 -22.56 22.05
N GLY B 566 -12.81 -22.52 21.01
CA GLY B 566 -12.51 -23.24 19.78
C GLY B 566 -12.55 -22.36 18.55
N ARG B 567 -12.00 -22.94 17.47
CA ARG B 567 -11.97 -22.31 16.16
C ARG B 567 -12.43 -23.29 15.09
N ASP B 568 -12.98 -22.72 14.02
CA ASP B 568 -13.51 -23.45 12.88
C ASP B 568 -12.41 -23.77 11.88
N ILE B 569 -12.80 -24.40 10.76
CA ILE B 569 -11.85 -24.72 9.68
C ILE B 569 -11.18 -23.45 9.20
N ALA B 570 -11.92 -22.34 9.18
CA ALA B 570 -11.43 -21.03 8.78
C ALA B 570 -10.47 -20.42 9.81
N ASP B 571 -10.26 -21.08 10.95
CA ASP B 571 -9.44 -20.57 12.04
C ASP B 571 -10.04 -19.29 12.61
N THR B 572 -11.37 -19.26 12.68
CA THR B 572 -12.13 -18.20 13.32
C THR B 572 -12.87 -18.83 14.48
N THR B 573 -13.14 -18.04 15.52
CA THR B 573 -13.79 -18.58 16.71
C THR B 573 -15.19 -19.08 16.41
N ASP B 574 -15.47 -20.32 16.85
CA ASP B 574 -16.81 -20.89 16.67
C ASP B 574 -17.37 -21.58 17.91
N ALA B 575 -16.68 -21.52 19.04
CA ALA B 575 -17.15 -22.14 20.25
C ALA B 575 -16.40 -21.51 21.41
N VAL B 576 -17.06 -21.40 22.56
CA VAL B 576 -16.42 -20.81 23.74
C VAL B 576 -16.87 -21.52 25.00
N ARG B 577 -15.93 -21.65 25.93
CA ARG B 577 -16.22 -22.13 27.28
C ARG B 577 -16.56 -20.91 28.13
N ASP B 578 -17.73 -20.92 28.76
CA ASP B 578 -18.12 -19.78 29.59
C ASP B 578 -17.16 -19.67 30.78
N PRO B 579 -16.65 -18.48 31.10
CA PRO B 579 -15.67 -18.37 32.20
C PRO B 579 -16.20 -18.61 33.61
N GLN B 580 -17.51 -18.63 33.84
CA GLN B 580 -18.05 -18.84 35.18
C GLN B 580 -18.61 -20.24 35.42
N THR B 581 -19.33 -20.79 34.45
CA THR B 581 -19.83 -22.16 34.51
C THR B 581 -19.18 -22.87 33.33
N LEU B 582 -18.64 -24.06 33.56
CA LEU B 582 -17.82 -24.69 32.53
C LEU B 582 -18.69 -25.42 31.50
N GLU B 583 -19.55 -24.63 30.86
CA GLU B 583 -20.45 -25.07 29.82
C GLU B 583 -19.75 -24.75 28.51
N ILE B 584 -19.85 -25.64 27.54
CA ILE B 584 -19.28 -25.43 26.23
C ILE B 584 -20.42 -24.95 25.33
N LEU B 585 -20.25 -23.78 24.73
CA LEU B 585 -21.26 -23.21 23.85
C LEU B 585 -20.74 -23.18 22.42
N ASP B 586 -21.65 -23.39 21.48
CA ASP B 586 -21.38 -23.19 20.07
C ASP B 586 -21.83 -21.78 19.74
N ILE B 587 -21.05 -21.11 18.90
CA ILE B 587 -21.33 -19.74 18.48
C ILE B 587 -21.61 -19.75 16.99
N THR B 588 -22.78 -19.24 16.62
CA THR B 588 -23.11 -19.07 15.21
C THR B 588 -23.34 -17.58 14.99
N PRO B 589 -23.13 -17.06 13.78
CA PRO B 589 -23.52 -15.68 13.52
C PRO B 589 -25.02 -15.49 13.61
N CYS B 590 -25.41 -14.26 13.85
CA CYS B 590 -26.83 -13.97 13.81
C CYS B 590 -27.27 -14.05 12.36
N SER B 591 -28.51 -14.47 12.16
CA SER B 591 -29.00 -14.76 10.83
C SER B 591 -28.85 -13.56 9.91
N PHE B 592 -28.38 -13.82 8.70
CA PHE B 592 -28.17 -12.78 7.71
C PHE B 592 -28.28 -13.37 6.31
N GLY B 593 -28.40 -12.47 5.34
CA GLY B 593 -28.46 -12.90 3.95
C GLY B 593 -28.71 -11.72 3.04
N GLY B 594 -28.58 -11.97 1.75
CA GLY B 594 -28.79 -10.92 0.79
C GLY B 594 -30.25 -10.57 0.66
N VAL B 595 -30.53 -9.34 0.20
CA VAL B 595 -31.89 -8.88 -0.04
C VAL B 595 -32.01 -8.55 -1.51
N SER B 596 -32.90 -9.23 -2.20
CA SER B 596 -33.15 -9.02 -3.62
C SER B 596 -34.56 -8.47 -3.78
N VAL B 597 -34.74 -7.52 -4.68
CA VAL B 597 -36.03 -6.90 -4.92
C VAL B 597 -36.54 -7.43 -6.24
N ILE B 598 -37.72 -8.04 -6.19
CA ILE B 598 -38.38 -8.62 -7.34
C ILE B 598 -39.35 -7.53 -7.77
N THR B 599 -39.24 -7.07 -9.03
CA THR B 599 -40.12 -5.99 -9.43
C THR B 599 -40.46 -5.97 -10.91
N PRO B 600 -41.69 -5.61 -11.29
CA PRO B 600 -41.93 -5.21 -12.68
C PRO B 600 -41.32 -3.83 -12.87
N GLY B 601 -41.10 -3.47 -14.11
CA GLY B 601 -40.50 -2.18 -14.38
C GLY B 601 -41.40 -1.04 -13.96
N THR B 602 -40.80 0.14 -13.82
CA THR B 602 -41.55 1.34 -13.44
C THR B 602 -42.56 1.76 -14.51
N ASN B 603 -42.51 1.12 -15.69
CA ASN B 603 -43.53 1.32 -16.71
C ASN B 603 -44.87 0.76 -16.28
N THR B 604 -44.82 -0.42 -15.66
CA THR B 604 -46.04 -1.19 -15.31
C THR B 604 -46.48 -0.88 -13.88
N SER B 605 -45.66 -1.18 -12.88
CA SER B 605 -46.10 -1.05 -11.47
C SER B 605 -44.98 -0.59 -10.55
N ASN B 606 -45.35 -0.02 -9.40
CA ASN B 606 -44.39 0.38 -8.34
C ASN B 606 -44.50 -0.68 -7.25
N GLN B 607 -45.44 -1.64 -7.37
CA GLN B 607 -45.54 -2.76 -6.44
C GLN B 607 -44.32 -3.65 -6.58
N VAL B 608 -43.75 -4.07 -5.44
CA VAL B 608 -42.57 -4.93 -5.42
C VAL B 608 -42.78 -6.09 -4.46
N ALA B 609 -41.92 -7.09 -4.62
CA ALA B 609 -41.79 -8.22 -3.70
C ALA B 609 -40.32 -8.28 -3.31
N VAL B 610 -40.03 -8.74 -2.10
CA VAL B 610 -38.65 -8.80 -1.59
C VAL B 610 -38.32 -10.23 -1.23
N LEU B 611 -37.17 -10.70 -1.73
CA LEU B 611 -36.66 -12.03 -1.43
C LEU B 611 -35.51 -11.90 -0.44
N TYR B 612 -35.64 -12.55 0.70
CA TYR B 612 -34.59 -12.64 1.71
C TYR B 612 -33.84 -13.95 1.50
N GLN B 613 -32.61 -13.84 0.98
CA GLN B 613 -31.88 -15.00 0.47
C GLN B 613 -31.35 -15.84 1.61
N ASP B 614 -31.71 -17.12 1.61
CA ASP B 614 -31.31 -18.06 2.66
C ASP B 614 -31.69 -17.55 4.05
N VAL B 615 -32.92 -17.05 4.17
CA VAL B 615 -33.46 -16.59 5.44
C VAL B 615 -34.80 -17.29 5.59
N ASN B 616 -35.12 -17.70 6.82
CA ASN B 616 -36.38 -18.35 7.11
C ASN B 616 -37.48 -17.32 7.34
N CYS B 617 -38.73 -17.68 7.02
CA CYS B 617 -39.84 -16.75 7.20
C CYS B 617 -40.27 -16.56 8.65
N THR B 618 -39.67 -17.29 9.58
CA THR B 618 -39.93 -17.13 11.01
C THR B 618 -38.91 -16.19 11.64
N GLU B 619 -37.87 -15.86 10.89
CA GLU B 619 -36.73 -15.06 11.27
C GLU B 619 -36.81 -13.63 10.78
N VAL B 620 -37.48 -13.40 9.64
CA VAL B 620 -37.52 -12.06 9.05
C VAL B 620 -38.08 -11.00 9.99
N PRO B 621 -39.23 -11.22 10.68
CA PRO B 621 -39.73 -10.15 11.55
C PRO B 621 -39.11 -10.16 12.94
N ASN B 641 -48.87 -12.43 2.32
CA ASN B 641 -48.14 -12.99 1.19
C ASN B 641 -46.72 -13.33 1.59
N VAL B 642 -46.57 -14.36 2.43
CA VAL B 642 -45.27 -14.85 2.90
C VAL B 642 -45.08 -16.25 2.34
N PHE B 643 -44.13 -16.40 1.40
CA PHE B 643 -43.89 -17.67 0.72
C PHE B 643 -42.47 -18.16 1.00
N GLN B 644 -42.36 -19.30 1.69
CA GLN B 644 -41.07 -19.89 2.01
C GLN B 644 -40.65 -20.88 0.92
N THR B 645 -39.46 -20.66 0.34
CA THR B 645 -38.92 -21.57 -0.65
C THR B 645 -37.49 -21.91 -0.28
N ARG B 646 -36.90 -22.84 -1.03
CA ARG B 646 -35.54 -23.29 -0.74
C ARG B 646 -34.55 -22.13 -0.88
N ALA B 647 -34.83 -21.21 -1.80
CA ALA B 647 -33.95 -20.07 -2.03
C ALA B 647 -34.01 -19.05 -0.90
N GLY B 648 -35.07 -19.07 -0.08
CA GLY B 648 -35.24 -18.08 0.95
C GLY B 648 -36.70 -17.71 1.13
N CYS B 649 -36.93 -16.65 1.91
CA CYS B 649 -38.28 -16.19 2.21
C CYS B 649 -38.68 -15.04 1.28
N LEU B 650 -39.70 -15.26 0.44
CA LEU B 650 -40.19 -14.28 -0.52
C LEU B 650 -41.49 -13.67 -0.02
N ILE B 651 -41.48 -12.36 0.23
CA ILE B 651 -42.63 -11.65 0.77
C ILE B 651 -43.09 -10.60 -0.24
N GLY B 652 -44.37 -10.61 -0.55
CA GLY B 652 -44.97 -9.68 -1.49
C GLY B 652 -45.36 -10.30 -2.80
N ALA B 653 -44.92 -11.53 -3.07
CA ALA B 653 -45.29 -12.25 -4.28
C ALA B 653 -46.31 -13.30 -3.87
N GLU B 654 -47.39 -13.41 -4.65
CA GLU B 654 -48.43 -14.39 -4.36
C GLU B 654 -48.08 -15.74 -4.98
N HIS B 655 -48.02 -16.76 -4.15
CA HIS B 655 -47.72 -18.10 -4.63
C HIS B 655 -48.97 -18.67 -5.26
N VAL B 656 -48.83 -19.22 -6.46
CA VAL B 656 -49.93 -19.82 -7.19
C VAL B 656 -49.60 -21.27 -7.56
N ASN B 657 -50.65 -22.02 -7.88
CA ASN B 657 -50.50 -23.40 -8.32
C ASN B 657 -50.35 -23.50 -9.84
N ASN B 658 -50.36 -22.37 -10.56
CA ASN B 658 -50.23 -22.33 -12.01
C ASN B 658 -48.80 -22.06 -12.44
N SER B 659 -48.21 -22.96 -13.22
CA SER B 659 -46.87 -22.74 -13.74
C SER B 659 -46.95 -21.93 -15.04
N TYR B 660 -45.89 -21.16 -15.30
CA TYR B 660 -45.75 -20.37 -16.52
C TYR B 660 -44.28 -20.35 -16.88
N GLU B 661 -43.93 -19.74 -18.01
CA GLU B 661 -42.52 -19.58 -18.32
C GLU B 661 -41.86 -18.63 -17.33
N CYS B 662 -40.58 -18.88 -17.05
CA CYS B 662 -39.82 -18.03 -16.14
C CYS B 662 -39.71 -16.60 -16.67
N ASP B 663 -40.04 -15.64 -15.81
CA ASP B 663 -39.92 -14.22 -16.13
C ASP B 663 -38.83 -13.58 -15.28
N ILE B 664 -39.09 -13.35 -14.00
CA ILE B 664 -38.09 -12.86 -13.06
C ILE B 664 -37.63 -14.03 -12.21
N PRO B 665 -36.36 -14.46 -12.28
CA PRO B 665 -35.95 -15.64 -11.50
C PRO B 665 -35.92 -15.36 -10.01
N ILE B 666 -36.40 -16.33 -9.24
CA ILE B 666 -36.36 -16.28 -7.77
C ILE B 666 -35.26 -17.19 -7.24
N GLY B 667 -35.21 -18.42 -7.73
CA GLY B 667 -34.18 -19.36 -7.32
C GLY B 667 -34.79 -20.68 -6.94
N ALA B 668 -33.98 -21.74 -6.99
CA ALA B 668 -34.40 -23.07 -6.61
C ALA B 668 -35.66 -23.48 -7.36
N GLY B 669 -35.71 -23.10 -8.64
CA GLY B 669 -36.82 -23.47 -9.49
C GLY B 669 -37.98 -22.52 -9.49
N ILE B 670 -37.98 -21.50 -8.64
CA ILE B 670 -39.08 -20.57 -8.51
C ILE B 670 -38.77 -19.33 -9.34
N CYS B 671 -39.77 -18.88 -10.09
CA CYS B 671 -39.70 -17.64 -10.85
C CYS B 671 -40.92 -16.81 -10.48
N ALA B 672 -40.83 -15.50 -10.71
CA ALA B 672 -41.93 -14.59 -10.43
C ALA B 672 -42.25 -13.74 -11.64
N SER B 673 -43.49 -13.28 -11.70
CA SER B 673 -43.91 -12.41 -12.80
C SER B 673 -45.06 -11.54 -12.35
N TYR B 674 -45.30 -10.49 -13.13
CA TYR B 674 -46.41 -9.57 -12.88
C TYR B 674 -47.54 -9.87 -13.84
N GLN B 675 -48.68 -10.31 -13.29
CA GLN B 675 -49.84 -10.68 -14.09
C GLN B 675 -51.09 -10.20 -13.36
N GLN B 690 -53.81 -6.30 -11.62
CA GLN B 690 -52.65 -7.15 -11.87
C GLN B 690 -51.81 -7.16 -10.59
N SER B 691 -51.01 -8.20 -10.36
CA SER B 691 -50.17 -8.27 -9.17
C SER B 691 -48.95 -9.15 -9.45
N ILE B 692 -48.01 -9.14 -8.50
CA ILE B 692 -46.82 -9.97 -8.57
C ILE B 692 -47.11 -11.35 -7.99
N ILE B 693 -46.75 -12.39 -8.73
CA ILE B 693 -46.94 -13.76 -8.30
C ILE B 693 -45.59 -14.46 -8.32
N ALA B 694 -45.52 -15.54 -7.54
CA ALA B 694 -44.37 -16.43 -7.48
C ALA B 694 -44.89 -17.82 -7.82
N TYR B 695 -44.09 -18.59 -8.54
CA TYR B 695 -44.57 -19.90 -8.95
C TYR B 695 -43.38 -20.80 -9.26
N THR B 696 -43.65 -22.09 -9.35
CA THR B 696 -42.66 -23.01 -9.86
C THR B 696 -42.70 -22.80 -11.36
N MET B 697 -41.52 -22.56 -11.95
CA MET B 697 -41.51 -22.22 -13.36
C MET B 697 -41.89 -23.40 -14.21
N SER B 698 -42.54 -23.11 -15.32
CA SER B 698 -42.83 -24.15 -16.28
C SER B 698 -41.58 -24.28 -17.13
N LEU B 699 -41.28 -25.50 -17.52
CA LEU B 699 -40.15 -25.80 -18.37
C LEU B 699 -40.57 -25.92 -19.82
N GLY B 700 -41.84 -25.68 -20.11
CA GLY B 700 -42.45 -25.81 -21.42
C GLY B 700 -43.66 -26.69 -21.32
N ALA B 701 -44.45 -26.69 -22.39
CA ALA B 701 -45.60 -27.57 -22.38
C ALA B 701 -45.08 -28.99 -22.45
N GLU B 702 -45.79 -29.90 -21.81
CA GLU B 702 -45.38 -31.29 -21.90
C GLU B 702 -45.91 -31.87 -23.20
N ASN B 703 -45.17 -32.80 -23.76
CA ASN B 703 -45.56 -33.46 -25.01
C ASN B 703 -45.09 -34.91 -24.92
N SER B 704 -46.03 -35.82 -24.69
CA SER B 704 -45.70 -37.24 -24.69
C SER B 704 -45.59 -37.66 -26.13
N VAL B 705 -44.45 -38.21 -26.52
CA VAL B 705 -44.25 -38.58 -27.91
C VAL B 705 -44.92 -39.92 -28.16
N ALA B 706 -45.70 -39.99 -29.24
CA ALA B 706 -46.44 -41.19 -29.59
C ALA B 706 -45.48 -42.20 -30.22
N TYR B 707 -44.52 -42.66 -29.42
CA TYR B 707 -43.51 -43.56 -29.92
C TYR B 707 -44.06 -44.97 -30.05
N SER B 708 -43.77 -45.59 -31.19
CA SER B 708 -44.07 -46.98 -31.43
C SER B 708 -43.08 -47.49 -32.47
N ASN B 709 -43.02 -48.81 -32.62
CA ASN B 709 -42.05 -49.39 -33.55
C ASN B 709 -42.46 -49.27 -35.01
N ASN B 710 -43.70 -48.83 -35.29
CA ASN B 710 -44.20 -48.74 -36.66
C ASN B 710 -44.91 -47.42 -36.95
N SER B 711 -44.50 -46.34 -36.31
CA SER B 711 -45.12 -45.03 -36.52
C SER B 711 -44.03 -44.01 -36.80
N ILE B 712 -44.19 -43.28 -37.90
CA ILE B 712 -43.27 -42.26 -38.35
C ILE B 712 -44.06 -40.97 -38.55
N ALA B 713 -43.52 -39.86 -38.07
CA ALA B 713 -44.11 -38.56 -38.38
C ALA B 713 -43.27 -37.98 -39.50
N ILE B 714 -43.92 -37.32 -40.46
CA ILE B 714 -43.21 -36.65 -41.55
C ILE B 714 -43.84 -35.29 -41.86
N PRO B 715 -43.08 -34.20 -41.81
CA PRO B 715 -43.63 -32.88 -42.14
C PRO B 715 -44.20 -32.83 -43.56
N THR B 716 -45.36 -32.20 -43.69
CA THR B 716 -45.98 -32.01 -45.00
C THR B 716 -45.88 -30.58 -45.49
N ASN B 717 -45.40 -29.67 -44.67
CA ASN B 717 -45.25 -28.28 -45.01
C ASN B 717 -44.12 -27.77 -44.15
N PHE B 718 -43.74 -26.53 -44.37
CA PHE B 718 -42.64 -25.96 -43.61
C PHE B 718 -42.83 -24.46 -43.64
N THR B 719 -42.08 -23.79 -42.77
CA THR B 719 -41.99 -22.35 -42.83
C THR B 719 -40.53 -21.99 -42.97
N ILE B 720 -40.32 -20.79 -43.48
CA ILE B 720 -39.00 -20.20 -43.58
C ILE B 720 -38.95 -19.19 -42.46
N SER B 721 -37.98 -19.35 -41.60
CA SER B 721 -37.86 -18.51 -40.43
C SER B 721 -36.60 -17.72 -40.61
N VAL B 722 -36.65 -16.46 -40.18
CA VAL B 722 -35.47 -15.63 -40.17
C VAL B 722 -35.26 -15.34 -38.70
N THR B 723 -34.12 -15.78 -38.19
CA THR B 723 -33.75 -15.63 -36.80
C THR B 723 -32.67 -14.57 -36.76
N THR B 724 -32.78 -13.66 -35.82
CA THR B 724 -31.78 -12.63 -35.67
C THR B 724 -30.83 -13.12 -34.59
N GLU B 725 -29.56 -13.27 -34.95
CA GLU B 725 -28.52 -13.65 -34.01
C GLU B 725 -27.57 -12.48 -33.98
N ILE B 726 -27.35 -11.95 -32.79
CA ILE B 726 -26.60 -10.73 -32.61
C ILE B 726 -25.33 -11.11 -31.87
N LEU B 727 -24.17 -10.76 -32.45
CA LEU B 727 -22.90 -11.08 -31.81
C LEU B 727 -22.01 -9.85 -31.70
N PRO B 728 -21.39 -9.61 -30.54
CA PRO B 728 -20.32 -8.62 -30.47
C PRO B 728 -19.17 -9.00 -31.38
N VAL B 729 -18.60 -7.99 -32.04
CA VAL B 729 -17.43 -8.14 -32.87
C VAL B 729 -16.26 -7.32 -32.36
N SER B 730 -16.53 -6.11 -31.90
CA SER B 730 -15.49 -5.20 -31.49
C SER B 730 -15.93 -4.46 -30.25
N MET B 731 -14.98 -3.75 -29.67
CA MET B 731 -15.15 -2.98 -28.46
C MET B 731 -14.69 -1.58 -28.79
N THR B 732 -15.25 -0.60 -28.09
CA THR B 732 -14.82 0.78 -28.30
C THR B 732 -13.33 0.82 -28.03
N LYS B 733 -12.58 1.42 -28.94
CA LYS B 733 -11.13 1.40 -28.80
C LYS B 733 -10.71 2.52 -27.88
N THR B 734 -10.82 2.24 -26.59
CA THR B 734 -10.46 3.25 -25.64
C THR B 734 -8.95 3.22 -25.48
N SER B 735 -8.39 4.34 -25.06
CA SER B 735 -6.97 4.44 -24.76
C SER B 735 -6.84 5.36 -23.57
N VAL B 736 -6.23 4.84 -22.50
CA VAL B 736 -6.04 5.60 -21.29
C VAL B 736 -4.54 5.77 -21.15
N ASP B 737 -4.11 7.01 -21.11
CA ASP B 737 -2.72 7.35 -20.90
C ASP B 737 -2.43 7.32 -19.41
N CYS B 738 -1.69 6.31 -18.97
CA CYS B 738 -1.47 6.08 -17.55
C CYS B 738 -0.89 7.33 -16.90
N THR B 739 0.12 7.92 -17.52
CA THR B 739 0.73 9.12 -16.94
C THR B 739 -0.28 10.25 -16.90
N MET B 740 -1.02 10.46 -17.98
CA MET B 740 -2.03 11.51 -18.01
C MET B 740 -3.16 11.24 -17.02
N TYR B 741 -3.65 9.99 -16.99
CA TYR B 741 -4.76 9.62 -16.12
C TYR B 741 -4.41 9.79 -14.65
N ILE B 742 -3.27 9.25 -14.23
CA ILE B 742 -2.90 9.28 -12.82
C ILE B 742 -2.34 10.65 -12.45
N CYS B 743 -1.43 11.17 -13.28
CA CYS B 743 -0.65 12.36 -12.98
C CYS B 743 -0.83 13.45 -14.02
N GLY B 744 -2.08 13.73 -14.40
CA GLY B 744 -2.36 14.69 -15.46
C GLY B 744 -1.78 16.07 -15.25
N ASP B 745 -0.95 16.53 -16.19
CA ASP B 745 -0.34 17.86 -16.15
C ASP B 745 0.38 18.14 -14.84
N SER B 746 1.03 17.12 -14.28
CA SER B 746 1.75 17.23 -13.02
C SER B 746 3.13 16.59 -13.13
N THR B 747 4.17 17.42 -13.06
CA THR B 747 5.54 16.90 -13.14
C THR B 747 5.92 16.11 -11.90
N GLU B 748 5.53 16.59 -10.71
CA GLU B 748 5.89 15.93 -9.47
C GLU B 748 5.28 14.54 -9.38
N CYS B 749 4.03 14.43 -9.79
CA CYS B 749 3.36 13.14 -9.77
C CYS B 749 3.98 12.22 -10.81
N SER B 750 4.25 12.72 -12.02
CA SER B 750 4.84 11.88 -13.05
C SER B 750 6.18 11.31 -12.60
N ASN B 751 6.99 12.14 -11.94
CA ASN B 751 8.26 11.65 -11.47
C ASN B 751 8.06 10.60 -10.39
N LEU B 752 7.08 10.78 -9.50
CA LEU B 752 6.81 9.71 -8.53
C LEU B 752 6.33 8.46 -9.25
N LEU B 753 5.56 8.63 -10.34
CA LEU B 753 5.05 7.51 -11.10
C LEU B 753 6.18 6.73 -11.74
N LEU B 754 7.35 7.34 -11.90
CA LEU B 754 8.46 6.60 -12.48
C LEU B 754 9.07 5.62 -11.49
N GLN B 755 8.72 5.71 -10.20
CA GLN B 755 9.25 4.80 -9.20
C GLN B 755 8.59 3.43 -9.28
N TYR B 756 7.54 3.30 -10.10
CA TYR B 756 6.81 2.07 -10.32
C TYR B 756 7.22 1.40 -11.62
N GLY B 757 8.32 1.84 -12.22
CA GLY B 757 8.89 1.20 -13.40
C GLY B 757 8.02 1.26 -14.63
N SER B 758 7.76 0.09 -15.21
CA SER B 758 7.05 -0.03 -16.46
C SER B 758 5.55 -0.23 -16.33
N PHE B 759 4.98 -0.12 -15.12
CA PHE B 759 3.55 -0.37 -14.93
C PHE B 759 2.71 0.43 -15.94
N CYS B 760 3.01 1.71 -16.09
CA CYS B 760 2.30 2.49 -17.09
C CYS B 760 2.64 2.07 -18.50
N THR B 761 3.88 1.65 -18.75
CA THR B 761 4.23 1.23 -20.09
C THR B 761 3.46 -0.03 -20.47
N GLN B 762 3.40 -1.00 -19.56
CA GLN B 762 2.69 -2.24 -19.86
C GLN B 762 1.17 -2.06 -19.84
N LEU B 763 0.65 -1.08 -19.10
CA LEU B 763 -0.79 -0.81 -19.17
C LEU B 763 -1.15 -0.13 -20.49
N ASN B 764 -0.31 0.80 -20.93
CA ASN B 764 -0.55 1.45 -22.21
C ASN B 764 -0.41 0.44 -23.33
N ARG B 765 0.54 -0.50 -23.16
CA ARG B 765 0.73 -1.54 -24.15
C ARG B 765 -0.46 -2.48 -24.20
N ALA B 766 -0.98 -2.87 -23.03
CA ALA B 766 -2.14 -3.75 -23.00
C ALA B 766 -3.35 -3.11 -23.66
N LEU B 767 -3.58 -1.82 -23.40
CA LEU B 767 -4.71 -1.17 -24.04
C LEU B 767 -4.47 -0.95 -25.52
N THR B 768 -3.23 -0.68 -25.92
CA THR B 768 -2.92 -0.54 -27.34
C THR B 768 -3.16 -1.88 -28.03
N GLY B 769 -2.72 -2.96 -27.40
CA GLY B 769 -2.93 -4.29 -27.94
C GLY B 769 -4.41 -4.58 -28.10
N ILE B 770 -5.21 -4.16 -27.12
CA ILE B 770 -6.65 -4.35 -27.24
C ILE B 770 -7.20 -3.57 -28.44
N ALA B 771 -6.80 -2.31 -28.58
CA ALA B 771 -7.29 -1.51 -29.71
C ALA B 771 -6.91 -2.14 -31.06
N VAL B 772 -5.68 -2.64 -31.15
CA VAL B 772 -5.23 -3.32 -32.35
C VAL B 772 -6.06 -4.57 -32.55
N GLU B 773 -6.29 -5.31 -31.48
CA GLU B 773 -7.12 -6.50 -31.54
C GLU B 773 -8.51 -6.17 -32.06
N GLN B 774 -9.07 -5.02 -31.67
CA GLN B 774 -10.41 -4.69 -32.14
C GLN B 774 -10.42 -4.40 -33.63
N ASP B 775 -9.33 -3.81 -34.14
CA ASP B 775 -9.26 -3.61 -35.61
C ASP B 775 -9.06 -4.94 -36.31
N LYS B 776 -8.26 -5.81 -35.70
CA LYS B 776 -8.06 -7.13 -36.28
C LYS B 776 -9.35 -7.93 -36.27
N ASN B 777 -10.09 -7.87 -35.17
CA ASN B 777 -11.35 -8.61 -35.01
C ASN B 777 -12.35 -8.18 -36.06
N THR B 778 -12.45 -6.88 -36.31
CA THR B 778 -13.38 -6.42 -37.33
C THR B 778 -12.90 -6.96 -38.67
N GLN B 779 -11.58 -6.95 -38.90
CA GLN B 779 -11.08 -7.43 -40.18
C GLN B 779 -11.39 -8.92 -40.36
N GLU B 780 -11.21 -9.73 -39.32
CA GLU B 780 -11.46 -11.18 -39.41
C GLU B 780 -12.89 -11.34 -39.87
N VAL B 781 -13.86 -10.77 -39.15
CA VAL B 781 -15.31 -10.94 -39.42
C VAL B 781 -15.74 -10.37 -40.77
N PHE B 782 -15.35 -9.16 -41.16
CA PHE B 782 -15.90 -8.51 -42.38
C PHE B 782 -14.95 -8.55 -43.59
N ALA B 783 -13.62 -8.51 -43.44
CA ALA B 783 -12.70 -8.54 -44.57
C ALA B 783 -12.38 -9.97 -44.97
N GLN B 784 -13.42 -10.73 -45.29
CA GLN B 784 -13.31 -12.10 -45.74
C GLN B 784 -13.53 -12.22 -47.23
N VAL B 785 -13.72 -11.10 -47.91
CA VAL B 785 -14.00 -11.06 -49.34
C VAL B 785 -12.85 -10.32 -50.01
N LYS B 786 -12.32 -10.93 -51.07
CA LYS B 786 -11.16 -10.39 -51.76
C LYS B 786 -11.49 -9.11 -52.53
N GLN B 787 -12.67 -9.05 -53.14
CA GLN B 787 -13.11 -7.95 -53.96
C GLN B 787 -14.38 -7.35 -53.36
N ILE B 788 -14.63 -6.07 -53.64
CA ILE B 788 -15.85 -5.42 -53.19
C ILE B 788 -16.92 -5.58 -54.27
N TYR B 789 -17.85 -6.49 -54.02
CA TYR B 789 -18.88 -6.85 -54.97
C TYR B 789 -20.07 -5.89 -54.84
N LYS B 790 -20.70 -5.61 -55.98
CA LYS B 790 -21.92 -4.80 -56.02
C LYS B 790 -22.98 -5.55 -56.81
N THR B 791 -24.23 -5.32 -56.43
CA THR B 791 -25.37 -5.91 -57.10
C THR B 791 -25.65 -5.19 -58.42
N PRO B 792 -26.36 -5.84 -59.34
CA PRO B 792 -26.71 -5.17 -60.60
C PRO B 792 -27.76 -4.10 -60.39
N PRO B 793 -27.86 -3.12 -61.30
CA PRO B 793 -28.98 -2.17 -61.25
C PRO B 793 -30.36 -2.81 -61.21
N ILE B 794 -30.57 -3.94 -61.88
CA ILE B 794 -31.86 -4.62 -61.92
C ILE B 794 -31.84 -5.76 -60.92
N LYS B 795 -32.56 -5.55 -59.81
CA LYS B 795 -32.58 -6.52 -58.70
C LYS B 795 -33.72 -7.53 -58.94
N ASP B 796 -33.54 -8.32 -60.00
CA ASP B 796 -34.48 -9.38 -60.37
C ASP B 796 -33.91 -10.69 -59.82
N PHE B 797 -34.42 -11.12 -58.68
CA PHE B 797 -33.93 -12.29 -57.95
C PHE B 797 -34.98 -13.41 -57.88
N GLY B 798 -35.77 -13.56 -58.95
CA GLY B 798 -36.68 -14.69 -59.02
C GLY B 798 -37.87 -14.58 -58.08
N GLY B 799 -38.25 -13.37 -57.72
CA GLY B 799 -39.34 -13.13 -56.79
C GLY B 799 -38.88 -12.84 -55.38
N PHE B 800 -37.61 -13.05 -55.08
CA PHE B 800 -37.07 -12.78 -53.75
C PHE B 800 -36.73 -11.31 -53.65
N ASN B 801 -37.30 -10.62 -52.68
CA ASN B 801 -37.08 -9.19 -52.51
C ASN B 801 -35.96 -8.99 -51.51
N PHE B 802 -34.92 -8.26 -51.91
CA PHE B 802 -33.78 -7.97 -51.05
C PHE B 802 -33.57 -6.49 -50.84
N SER B 803 -34.52 -5.64 -51.25
CA SER B 803 -34.34 -4.20 -51.06
C SER B 803 -34.25 -3.87 -49.58
N GLN B 804 -34.76 -4.77 -48.74
CA GLN B 804 -34.74 -4.64 -47.29
C GLN B 804 -33.37 -4.98 -46.72
N ILE B 805 -32.59 -5.81 -47.38
CA ILE B 805 -31.28 -6.22 -46.89
C ILE B 805 -30.15 -5.60 -47.70
N LEU B 806 -30.44 -5.11 -48.92
CA LEU B 806 -29.47 -4.49 -49.81
C LEU B 806 -29.45 -2.97 -49.60
N PRO B 807 -28.28 -2.33 -49.65
CA PRO B 807 -28.22 -0.91 -49.34
C PRO B 807 -29.12 -0.07 -50.25
N ASP B 808 -29.78 0.92 -49.67
CA ASP B 808 -30.65 1.79 -50.45
C ASP B 808 -29.88 3.01 -50.92
N PRO B 809 -29.79 3.27 -52.24
CA PRO B 809 -28.94 4.39 -52.71
C PRO B 809 -29.37 5.79 -52.26
N SER B 810 -30.64 6.00 -51.92
CA SER B 810 -31.14 7.34 -51.64
C SER B 810 -30.45 8.02 -50.46
N LYS B 811 -30.34 7.36 -49.32
CA LYS B 811 -29.73 8.01 -48.17
C LYS B 811 -28.22 8.10 -48.40
N PRO B 812 -27.53 9.16 -47.88
CA PRO B 812 -26.09 9.29 -48.15
C PRO B 812 -25.29 8.04 -47.82
N SER B 813 -25.37 7.60 -46.57
CA SER B 813 -24.74 6.36 -46.14
C SER B 813 -25.34 5.21 -46.92
N LYS B 814 -24.51 4.44 -47.64
CA LYS B 814 -25.07 3.41 -48.52
C LYS B 814 -25.36 2.18 -47.66
N ARG B 815 -26.31 2.36 -46.75
CA ARG B 815 -26.79 1.35 -45.83
C ARG B 815 -28.15 0.84 -46.26
N SER B 816 -28.51 -0.31 -45.74
CA SER B 816 -29.82 -0.89 -45.99
C SER B 816 -30.79 -0.34 -44.95
N PRO B 817 -32.10 -0.52 -45.14
CA PRO B 817 -33.03 -0.10 -44.08
C PRO B 817 -32.87 -0.88 -42.77
N ILE B 818 -32.70 -2.21 -42.80
CA ILE B 818 -32.47 -2.94 -41.54
C ILE B 818 -31.23 -2.41 -40.86
N GLU B 819 -30.17 -2.13 -41.62
CA GLU B 819 -28.98 -1.56 -41.01
C GLU B 819 -29.30 -0.22 -40.36
N ASP B 820 -30.12 0.60 -41.01
CA ASP B 820 -30.54 1.86 -40.41
C ASP B 820 -31.31 1.64 -39.12
N LEU B 821 -32.15 0.59 -39.07
CA LEU B 821 -32.90 0.32 -37.85
C LEU B 821 -31.97 -0.13 -36.73
N LEU B 822 -31.01 -0.98 -37.06
CA LEU B 822 -30.07 -1.50 -36.07
C LEU B 822 -29.20 -0.37 -35.53
N PHE B 823 -28.79 0.55 -36.40
CA PHE B 823 -27.95 1.66 -35.97
C PHE B 823 -28.76 2.66 -35.14
N ASN B 824 -30.01 2.89 -35.51
CA ASN B 824 -30.83 3.84 -34.74
C ASN B 824 -31.16 3.30 -33.35
N LYS B 825 -31.35 1.98 -33.22
CA LYS B 825 -31.67 1.43 -31.91
C LYS B 825 -30.48 1.49 -30.96
N VAL B 826 -29.28 1.19 -31.47
CA VAL B 826 -28.07 1.22 -30.67
C VAL B 826 -27.08 2.19 -31.32
N LEU B 849 -20.93 13.70 -22.62
CA LEU B 849 -20.28 12.64 -21.87
C LEU B 849 -18.86 12.42 -22.37
N ILE B 850 -18.71 12.39 -23.69
CA ILE B 850 -17.40 12.09 -24.28
C ILE B 850 -16.40 13.15 -23.87
N CYS B 851 -16.86 14.39 -23.67
CA CYS B 851 -15.98 15.45 -23.20
C CYS B 851 -15.56 15.20 -21.76
N ALA B 852 -16.53 14.85 -20.90
CA ALA B 852 -16.22 14.62 -19.50
C ALA B 852 -15.19 13.51 -19.32
N GLN B 853 -15.27 12.47 -20.15
CA GLN B 853 -14.29 11.40 -20.07
C GLN B 853 -12.95 11.82 -20.67
N LYS B 854 -12.98 12.38 -21.89
CA LYS B 854 -11.76 12.78 -22.58
C LYS B 854 -10.92 13.72 -21.72
N PHE B 855 -11.57 14.65 -21.02
CA PHE B 855 -10.86 15.68 -20.26
C PHE B 855 -9.96 15.12 -19.17
N ASN B 856 -10.07 13.83 -18.85
CA ASN B 856 -9.22 13.20 -17.84
C ASN B 856 -8.15 12.31 -18.48
N GLY B 857 -7.91 12.48 -19.79
CA GLY B 857 -6.92 11.68 -20.48
C GLY B 857 -7.43 10.36 -20.99
N LEU B 858 -8.73 10.24 -21.25
CA LEU B 858 -9.35 9.00 -21.68
C LEU B 858 -9.83 9.21 -23.10
N THR B 859 -8.98 8.92 -24.09
CA THR B 859 -9.37 9.20 -25.46
C THR B 859 -9.91 7.94 -26.10
N VAL B 860 -10.59 8.13 -27.22
CA VAL B 860 -11.14 7.04 -28.01
C VAL B 860 -10.57 7.14 -29.42
N LEU B 861 -9.99 6.06 -29.89
CA LEU B 861 -9.40 6.02 -31.22
C LEU B 861 -10.46 5.61 -32.24
N PRO B 862 -10.46 6.21 -33.43
CA PRO B 862 -11.45 5.82 -34.43
C PRO B 862 -11.16 4.42 -34.94
N PRO B 863 -12.20 3.67 -35.31
CA PRO B 863 -11.93 2.40 -36.00
C PRO B 863 -11.18 2.67 -37.28
N LEU B 864 -10.32 1.74 -37.66
CA LEU B 864 -9.65 1.85 -38.93
C LEU B 864 -10.68 1.78 -40.05
N LEU B 865 -11.69 0.95 -39.85
CA LEU B 865 -12.77 0.72 -40.79
C LEU B 865 -13.95 1.58 -40.35
N THR B 866 -14.32 2.56 -41.16
CA THR B 866 -15.42 3.44 -40.81
C THR B 866 -16.76 2.76 -41.03
N ASP B 867 -17.81 3.36 -40.46
CA ASP B 867 -19.15 2.82 -40.62
C ASP B 867 -19.50 2.75 -42.09
N GLU B 868 -19.03 3.71 -42.91
CA GLU B 868 -19.28 3.63 -44.33
C GLU B 868 -18.56 2.43 -44.92
N MET B 869 -17.38 2.09 -44.39
CA MET B 869 -16.64 0.93 -44.89
C MET B 869 -17.17 -0.36 -44.35
N ILE B 870 -17.72 -0.35 -43.14
CA ILE B 870 -18.34 -1.57 -42.66
C ILE B 870 -19.57 -1.82 -43.52
N ALA B 871 -20.30 -0.75 -43.85
CA ALA B 871 -21.43 -0.90 -44.76
C ALA B 871 -20.98 -1.41 -46.12
N GLN B 872 -19.84 -0.92 -46.63
CA GLN B 872 -19.33 -1.42 -47.91
C GLN B 872 -18.90 -2.89 -47.82
N TYR B 873 -18.29 -3.31 -46.72
CA TYR B 873 -17.96 -4.73 -46.53
C TYR B 873 -19.20 -5.59 -46.42
N THR B 874 -20.20 -5.13 -45.67
CA THR B 874 -21.41 -5.94 -45.57
C THR B 874 -22.13 -5.96 -46.90
N SER B 875 -22.05 -4.87 -47.66
CA SER B 875 -22.62 -4.87 -49.00
C SER B 875 -21.89 -5.85 -49.91
N ALA B 876 -20.55 -5.87 -49.84
CA ALA B 876 -19.80 -6.81 -50.67
C ALA B 876 -20.05 -8.26 -50.28
N LEU B 877 -20.05 -8.56 -48.98
CA LEU B 877 -20.29 -9.92 -48.53
C LEU B 877 -21.71 -10.37 -48.81
N LEU B 878 -22.68 -9.49 -48.58
CA LEU B 878 -24.08 -9.85 -48.80
C LEU B 878 -24.37 -9.93 -50.29
N ALA B 879 -23.86 -9.00 -51.09
CA ALA B 879 -24.05 -9.02 -52.53
C ALA B 879 -23.43 -10.27 -53.12
N GLY B 880 -22.27 -10.65 -52.60
CA GLY B 880 -21.64 -11.88 -53.04
C GLY B 880 -22.51 -13.06 -52.69
N THR B 881 -22.98 -13.10 -51.45
CA THR B 881 -23.81 -14.21 -51.01
C THR B 881 -25.04 -14.37 -51.89
N ILE B 882 -25.71 -13.26 -52.26
CA ILE B 882 -26.92 -13.39 -53.08
C ILE B 882 -26.59 -13.77 -54.53
N THR B 883 -25.56 -13.16 -55.14
CA THR B 883 -25.29 -13.38 -56.56
C THR B 883 -24.31 -14.50 -56.87
N SER B 884 -23.53 -14.96 -55.89
CA SER B 884 -22.53 -15.99 -56.09
C SER B 884 -22.60 -17.11 -55.07
N GLY B 885 -23.58 -17.09 -54.16
CA GLY B 885 -23.67 -18.12 -53.14
C GLY B 885 -22.41 -18.17 -52.30
N TRP B 886 -21.86 -19.37 -52.17
CA TRP B 886 -20.65 -19.58 -51.38
C TRP B 886 -19.39 -19.62 -52.22
N THR B 887 -19.51 -19.47 -53.55
CA THR B 887 -18.35 -19.66 -54.41
C THR B 887 -17.33 -18.54 -54.26
N PHE B 888 -17.78 -17.34 -53.85
CA PHE B 888 -16.85 -16.23 -53.70
C PHE B 888 -15.93 -16.41 -52.50
N GLY B 889 -16.28 -17.29 -51.57
CA GLY B 889 -15.49 -17.51 -50.39
C GLY B 889 -14.43 -18.58 -50.54
N ALA B 890 -14.38 -19.26 -51.71
CA ALA B 890 -13.43 -20.34 -51.96
C ALA B 890 -12.67 -20.15 -53.27
N GLY B 891 -12.60 -18.92 -53.79
CA GLY B 891 -11.98 -18.64 -55.06
C GLY B 891 -12.72 -17.54 -55.81
N PRO B 892 -12.69 -17.54 -57.14
CA PRO B 892 -13.43 -16.49 -57.86
C PRO B 892 -14.92 -16.63 -57.67
N ALA B 893 -15.61 -15.49 -57.62
CA ALA B 893 -17.05 -15.54 -57.50
C ALA B 893 -17.68 -15.98 -58.81
N LEU B 894 -18.47 -17.04 -58.72
CA LEU B 894 -19.29 -17.50 -59.83
C LEU B 894 -20.60 -16.74 -59.84
N GLN B 895 -21.16 -16.57 -61.02
CA GLN B 895 -22.52 -16.09 -61.09
C GLN B 895 -23.44 -17.29 -60.90
N ILE B 896 -24.59 -17.06 -60.26
CA ILE B 896 -25.62 -18.09 -60.13
C ILE B 896 -26.97 -17.39 -60.02
N PRO B 897 -28.03 -17.86 -60.69
CA PRO B 897 -29.36 -17.32 -60.41
C PRO B 897 -29.72 -17.54 -58.94
N PHE B 898 -30.38 -16.55 -58.33
CA PHE B 898 -30.70 -16.73 -56.91
C PHE B 898 -31.61 -17.92 -56.62
N PRO B 899 -32.68 -18.23 -57.38
CA PRO B 899 -33.44 -19.44 -57.01
C PRO B 899 -32.59 -20.70 -57.10
N MET B 900 -31.63 -20.76 -58.02
CA MET B 900 -30.76 -21.93 -58.06
C MET B 900 -29.85 -21.94 -56.85
N GLN B 901 -29.42 -20.76 -56.38
CA GLN B 901 -28.64 -20.72 -55.15
C GLN B 901 -29.43 -21.32 -54.01
N MET B 902 -30.71 -20.98 -53.92
CA MET B 902 -31.56 -21.57 -52.90
C MET B 902 -31.69 -23.07 -53.10
N ALA B 903 -31.71 -23.52 -54.36
CA ALA B 903 -31.81 -24.95 -54.62
C ALA B 903 -30.58 -25.68 -54.12
N TYR B 904 -29.41 -25.03 -54.24
CA TYR B 904 -28.18 -25.65 -53.76
C TYR B 904 -28.25 -25.75 -52.24
N ARG B 905 -28.78 -24.69 -51.64
CA ARG B 905 -28.90 -24.63 -50.20
C ARG B 905 -29.91 -25.63 -49.66
N PHE B 906 -30.99 -25.87 -50.41
CA PHE B 906 -31.94 -26.90 -50.03
C PHE B 906 -31.30 -28.28 -50.09
N ASN B 907 -30.49 -28.52 -51.13
CA ASN B 907 -29.80 -29.80 -51.21
C ASN B 907 -28.90 -30.01 -50.01
N GLY B 908 -28.26 -28.93 -49.54
CA GLY B 908 -27.37 -29.04 -48.40
C GLY B 908 -28.01 -29.59 -47.14
N ILE B 909 -29.29 -29.26 -46.90
CA ILE B 909 -29.99 -29.72 -45.69
C ILE B 909 -30.74 -31.04 -45.89
N GLY B 910 -30.51 -31.71 -47.01
CA GLY B 910 -31.16 -32.98 -47.23
C GLY B 910 -32.56 -32.86 -47.78
N VAL B 911 -32.86 -31.75 -48.44
CA VAL B 911 -34.16 -31.49 -49.05
C VAL B 911 -33.91 -31.31 -50.54
N THR B 912 -34.71 -31.97 -51.36
CA THR B 912 -34.45 -31.98 -52.79
C THR B 912 -34.74 -30.61 -53.39
N GLN B 913 -34.20 -30.40 -54.58
CA GLN B 913 -34.28 -29.10 -55.25
C GLN B 913 -35.72 -28.72 -55.55
N ASN B 914 -36.55 -29.72 -55.85
CA ASN B 914 -37.92 -29.47 -56.27
C ASN B 914 -38.80 -28.87 -55.19
N VAL B 915 -38.40 -29.02 -53.94
CA VAL B 915 -39.20 -28.48 -52.87
C VAL B 915 -39.22 -26.97 -52.96
N LEU B 916 -38.06 -26.37 -53.24
CA LEU B 916 -37.96 -24.93 -53.42
C LEU B 916 -38.78 -24.44 -54.61
N TYR B 917 -38.61 -25.06 -55.77
CA TYR B 917 -39.19 -24.55 -57.00
C TYR B 917 -40.70 -24.69 -57.03
N GLU B 918 -41.24 -25.80 -56.52
CA GLU B 918 -42.69 -25.95 -56.54
C GLU B 918 -43.36 -24.85 -55.72
N ASN B 919 -42.71 -24.41 -54.65
CA ASN B 919 -43.20 -23.37 -53.77
C ASN B 919 -42.39 -22.07 -53.91
N GLN B 920 -41.73 -21.85 -55.08
CA GLN B 920 -40.86 -20.68 -55.23
C GLN B 920 -41.61 -19.40 -54.91
N LYS B 921 -42.88 -19.33 -55.28
CA LYS B 921 -43.66 -18.13 -55.01
C LYS B 921 -44.00 -18.05 -53.53
N LEU B 922 -44.40 -19.19 -52.95
CA LEU B 922 -44.66 -19.24 -51.52
C LEU B 922 -43.41 -18.93 -50.73
N ILE B 923 -42.28 -19.52 -51.10
CA ILE B 923 -41.06 -19.28 -50.34
C ILE B 923 -40.66 -17.82 -50.43
N ALA B 924 -40.75 -17.23 -51.63
CA ALA B 924 -40.44 -15.81 -51.75
C ALA B 924 -41.38 -14.97 -50.89
N ASN B 925 -42.66 -15.34 -50.85
CA ASN B 925 -43.60 -14.60 -50.01
C ASN B 925 -43.34 -14.83 -48.53
N GLN B 926 -43.05 -16.07 -48.12
CA GLN B 926 -42.75 -16.37 -46.73
C GLN B 926 -41.46 -15.71 -46.28
N PHE B 927 -40.46 -15.71 -47.13
CA PHE B 927 -39.19 -15.07 -46.82
C PHE B 927 -39.40 -13.56 -46.69
N ASN B 928 -40.06 -12.94 -47.68
CA ASN B 928 -40.27 -11.50 -47.64
C ASN B 928 -41.14 -11.13 -46.44
N SER B 929 -42.12 -11.99 -46.12
CA SER B 929 -42.97 -11.79 -44.96
C SER B 929 -42.17 -11.89 -43.67
N ALA B 930 -41.30 -12.90 -43.59
CA ALA B 930 -40.46 -13.04 -42.40
C ALA B 930 -39.59 -11.80 -42.23
N ILE B 931 -39.10 -11.26 -43.35
CA ILE B 931 -38.32 -10.03 -43.30
C ILE B 931 -39.18 -8.87 -42.83
N GLY B 932 -40.42 -8.78 -43.32
CA GLY B 932 -41.33 -7.75 -42.84
C GLY B 932 -41.53 -7.89 -41.33
N LYS B 933 -41.60 -9.13 -40.83
CA LYS B 933 -41.75 -9.39 -39.38
C LYS B 933 -40.43 -9.06 -38.70
N ILE B 934 -39.31 -9.08 -39.42
CA ILE B 934 -38.00 -8.64 -38.89
C ILE B 934 -38.09 -7.11 -38.76
N GLN B 935 -38.80 -6.44 -39.69
CA GLN B 935 -39.01 -4.96 -39.58
C GLN B 935 -39.78 -4.64 -38.32
N ASP B 936 -40.93 -5.28 -38.06
CA ASP B 936 -41.78 -4.99 -36.92
C ASP B 936 -41.12 -5.38 -35.60
N SER B 937 -40.40 -6.51 -35.57
CA SER B 937 -39.74 -6.95 -34.35
C SER B 937 -38.66 -5.97 -33.92
N LEU B 938 -37.83 -5.51 -34.85
CA LEU B 938 -36.78 -4.56 -34.50
C LEU B 938 -37.35 -3.19 -34.18
N SER B 939 -38.34 -2.72 -34.94
CA SER B 939 -38.92 -1.40 -34.68
C SER B 939 -39.67 -1.35 -33.35
N SER B 940 -40.33 -2.45 -32.99
CA SER B 940 -41.15 -2.48 -31.79
C SER B 940 -40.34 -2.74 -30.52
N THR B 941 -39.53 -3.81 -30.51
CA THR B 941 -38.93 -4.26 -29.26
C THR B 941 -37.56 -3.64 -29.04
N PRO B 942 -37.40 -2.73 -28.06
CA PRO B 942 -36.07 -2.11 -27.89
C PRO B 942 -34.95 -3.06 -27.42
N SER B 943 -35.26 -4.10 -26.66
CA SER B 943 -34.27 -5.00 -26.08
C SER B 943 -33.75 -6.04 -27.07
N ALA B 944 -34.27 -6.05 -28.31
CA ALA B 944 -33.88 -7.07 -29.28
C ALA B 944 -32.38 -7.08 -29.50
N LEU B 945 -31.72 -5.92 -29.39
CA LEU B 945 -30.29 -5.78 -29.62
C LEU B 945 -29.52 -5.73 -28.31
N GLY B 946 -30.09 -6.31 -27.25
CA GLY B 946 -29.44 -6.31 -25.95
C GLY B 946 -28.02 -6.84 -25.96
N LYS B 947 -27.74 -7.82 -26.84
CA LYS B 947 -26.40 -8.39 -26.90
C LYS B 947 -25.37 -7.35 -27.27
N LEU B 948 -25.74 -6.35 -28.07
CA LEU B 948 -24.79 -5.31 -28.39
C LEU B 948 -24.86 -4.20 -27.36
N GLN B 949 -26.08 -3.93 -26.87
CA GLN B 949 -26.24 -2.84 -25.94
C GLN B 949 -25.58 -3.14 -24.61
N ASP B 950 -25.61 -4.41 -24.18
CA ASP B 950 -24.94 -4.73 -22.94
C ASP B 950 -23.45 -4.51 -23.08
N VAL B 951 -22.90 -4.81 -24.26
CA VAL B 951 -21.47 -4.58 -24.44
C VAL B 951 -21.20 -3.09 -24.41
N VAL B 952 -22.06 -2.32 -25.09
CA VAL B 952 -21.91 -0.87 -25.05
C VAL B 952 -22.09 -0.39 -23.62
N ASN B 953 -23.09 -0.94 -22.94
CA ASN B 953 -23.34 -0.51 -21.57
C ASN B 953 -22.18 -0.93 -20.69
N GLN B 954 -21.65 -2.14 -20.90
CA GLN B 954 -20.55 -2.57 -20.07
C GLN B 954 -19.35 -1.68 -20.31
N ASN B 955 -19.12 -1.31 -21.56
CA ASN B 955 -17.96 -0.46 -21.80
C ASN B 955 -18.24 0.94 -21.31
N ALA B 956 -19.48 1.42 -21.49
CA ALA B 956 -19.77 2.74 -20.97
C ALA B 956 -19.66 2.71 -19.47
N GLN B 957 -20.16 1.62 -18.87
CA GLN B 957 -20.08 1.50 -17.43
C GLN B 957 -18.62 1.35 -17.02
N ALA B 958 -17.86 0.59 -17.81
CA ALA B 958 -16.45 0.40 -17.49
C ALA B 958 -15.74 1.74 -17.50
N LEU B 959 -16.07 2.59 -18.48
CA LEU B 959 -15.46 3.90 -18.50
C LEU B 959 -16.05 4.77 -17.40
N ASN B 960 -17.36 4.65 -17.16
CA ASN B 960 -17.98 5.47 -16.13
C ASN B 960 -17.46 5.10 -14.76
N THR B 961 -17.20 3.82 -14.53
CA THR B 961 -16.63 3.43 -13.26
C THR B 961 -15.21 3.98 -13.14
N LEU B 962 -14.42 3.84 -14.20
CA LEU B 962 -13.03 4.31 -14.17
C LEU B 962 -12.97 5.80 -13.91
N VAL B 963 -13.82 6.57 -14.59
CA VAL B 963 -13.80 8.00 -14.41
C VAL B 963 -14.25 8.34 -13.00
N LYS B 964 -15.27 7.64 -12.49
CA LYS B 964 -15.71 7.90 -11.12
C LYS B 964 -14.62 7.56 -10.11
N GLN B 965 -13.71 6.64 -10.44
CA GLN B 965 -12.64 6.36 -9.49
C GLN B 965 -11.74 7.56 -9.29
N LEU B 966 -11.76 8.53 -10.20
CA LEU B 966 -10.96 9.73 -10.03
C LEU B 966 -11.55 10.64 -8.96
N SER B 967 -12.78 10.40 -8.54
CA SER B 967 -13.41 11.19 -7.48
C SER B 967 -13.17 10.59 -6.10
N SER B 968 -12.50 9.43 -6.03
CA SER B 968 -12.20 8.76 -4.78
C SER B 968 -10.90 9.28 -4.19
N ASN B 969 -10.84 9.36 -2.86
CA ASN B 969 -9.64 9.82 -2.20
C ASN B 969 -8.61 8.71 -2.03
N PHE B 970 -9.05 7.47 -1.81
CA PHE B 970 -8.17 6.32 -1.55
C PHE B 970 -7.29 6.56 -0.32
N GLY B 971 -7.75 7.39 0.61
CA GLY B 971 -7.04 7.71 1.82
C GLY B 971 -6.34 9.06 1.77
N ALA B 972 -6.28 9.69 0.61
CA ALA B 972 -5.66 10.99 0.46
C ALA B 972 -6.57 12.09 1.02
N ILE B 973 -5.95 13.25 1.31
CA ILE B 973 -6.72 14.39 1.78
C ILE B 973 -7.69 14.94 0.72
N SER B 974 -7.47 14.66 -0.56
CA SER B 974 -8.36 15.14 -1.61
C SER B 974 -8.20 14.28 -2.84
N SER B 975 -9.29 14.04 -3.57
CA SER B 975 -9.18 13.29 -4.82
C SER B 975 -8.60 14.11 -5.98
N VAL B 976 -8.56 15.43 -5.91
CA VAL B 976 -8.09 16.26 -7.02
C VAL B 976 -6.62 16.61 -6.79
N LEU B 977 -5.80 16.21 -7.75
CA LEU B 977 -4.34 16.30 -7.69
C LEU B 977 -3.84 17.74 -7.57
N ASN B 978 -4.51 18.66 -8.24
CA ASN B 978 -4.05 20.05 -8.20
C ASN B 978 -4.18 20.65 -6.81
N ASP B 979 -5.17 20.23 -6.03
CA ASP B 979 -5.31 20.83 -4.69
C ASP B 979 -4.23 20.30 -3.77
N ILE B 980 -3.87 19.02 -3.90
CA ILE B 980 -2.80 18.48 -3.07
C ILE B 980 -1.50 19.20 -3.37
N LEU B 981 -1.22 19.39 -4.67
CA LEU B 981 0.03 20.06 -5.02
C LEU B 981 -0.02 21.55 -4.68
N SER B 982 -1.21 22.15 -4.66
CA SER B 982 -1.36 23.55 -4.29
C SER B 982 -1.26 23.77 -2.79
N ARG B 983 -1.58 22.77 -1.98
CA ARG B 983 -1.55 22.93 -0.52
C ARG B 983 -0.25 22.45 0.10
N LEU B 984 0.28 21.32 -0.35
CA LEU B 984 1.43 20.68 0.28
C LEU B 984 2.71 20.90 -0.52
N ASP B 985 3.84 20.87 0.18
CA ASP B 985 5.18 20.86 -0.38
C ASP B 985 5.62 19.43 -0.64
N PRO B 986 6.58 19.22 -1.57
CA PRO B 986 7.03 17.85 -1.93
C PRO B 986 7.24 16.93 -0.74
N PRO B 987 7.90 17.36 0.36
CA PRO B 987 8.12 16.45 1.49
C PRO B 987 6.83 15.89 2.08
N GLU B 988 5.72 16.58 1.90
CA GLU B 988 4.41 16.17 2.39
C GLU B 988 3.51 15.75 1.25
N ALA B 989 3.65 16.42 0.11
CA ALA B 989 2.81 16.12 -1.04
C ALA B 989 3.06 14.72 -1.57
N GLU B 990 4.33 14.27 -1.53
CA GLU B 990 4.65 12.97 -2.10
C GLU B 990 3.93 11.81 -1.41
N VAL B 991 3.69 11.89 -0.10
CA VAL B 991 2.98 10.82 0.58
C VAL B 991 1.53 10.73 0.10
N GLN B 992 0.85 11.87 0.02
CA GLN B 992 -0.54 11.87 -0.42
C GLN B 992 -0.63 11.50 -1.88
N ILE B 993 0.35 11.91 -2.67
CA ILE B 993 0.33 11.58 -4.08
C ILE B 993 0.57 10.09 -4.24
N ASP B 994 1.50 9.53 -3.47
CA ASP B 994 1.71 8.09 -3.52
C ASP B 994 0.41 7.36 -3.22
N ARG B 995 -0.40 7.90 -2.31
CA ARG B 995 -1.69 7.25 -2.02
C ARG B 995 -2.62 7.32 -3.23
N LEU B 996 -2.65 8.47 -3.91
CA LEU B 996 -3.50 8.57 -5.10
C LEU B 996 -2.96 7.73 -6.23
N ILE B 997 -1.64 7.67 -6.38
CA ILE B 997 -1.05 6.85 -7.44
C ILE B 997 -1.38 5.40 -7.20
N THR B 998 -1.24 4.94 -5.95
CA THR B 998 -1.54 3.54 -5.66
C THR B 998 -3.00 3.24 -5.97
N GLY B 999 -3.91 4.10 -5.54
CA GLY B 999 -5.33 3.85 -5.80
C GLY B 999 -5.68 3.94 -7.27
N ARG B 1000 -5.17 4.94 -7.98
CA ARG B 1000 -5.49 5.11 -9.39
C ARG B 1000 -4.80 4.05 -10.24
N LEU B 1001 -3.58 3.65 -9.87
CA LEU B 1001 -2.90 2.59 -10.59
C LEU B 1001 -3.61 1.27 -10.39
N GLN B 1002 -4.07 1.01 -9.17
CA GLN B 1002 -4.83 -0.22 -8.93
C GLN B 1002 -6.13 -0.18 -9.71
N SER B 1003 -6.75 1.00 -9.79
CA SER B 1003 -8.01 1.12 -10.54
C SER B 1003 -7.77 0.95 -12.03
N LEU B 1004 -6.66 1.48 -12.54
CA LEU B 1004 -6.36 1.34 -13.96
C LEU B 1004 -5.99 -0.10 -14.27
N GLN B 1005 -5.24 -0.76 -13.38
CA GLN B 1005 -4.94 -2.16 -13.60
C GLN B 1005 -6.22 -2.99 -13.55
N THR B 1006 -7.14 -2.64 -12.65
CA THR B 1006 -8.42 -3.34 -12.60
C THR B 1006 -9.18 -3.13 -13.89
N TYR B 1007 -9.21 -1.89 -14.39
CA TYR B 1007 -9.86 -1.59 -15.66
C TYR B 1007 -9.23 -2.39 -16.79
N VAL B 1008 -7.90 -2.38 -16.88
CA VAL B 1008 -7.22 -3.07 -17.97
C VAL B 1008 -7.46 -4.56 -17.86
N THR B 1009 -7.50 -5.14 -16.65
CA THR B 1009 -7.64 -6.60 -16.42
C THR B 1009 -9.07 -7.03 -16.73
N GLN B 1010 -10.05 -6.16 -16.54
CA GLN B 1010 -11.48 -6.47 -16.83
C GLN B 1010 -11.76 -6.11 -18.28
N GLN B 1011 -10.82 -5.45 -18.97
CA GLN B 1011 -10.96 -5.14 -20.42
C GLN B 1011 -10.12 -6.17 -21.18
N LEU B 1012 -9.11 -6.80 -20.59
CA LEU B 1012 -8.45 -7.95 -21.20
C LEU B 1012 -9.36 -9.17 -21.16
N ILE B 1013 -10.08 -9.35 -20.05
CA ILE B 1013 -11.01 -10.46 -19.98
C ILE B 1013 -12.22 -10.21 -20.88
N ARG B 1014 -12.75 -8.98 -20.85
CA ARG B 1014 -13.86 -8.63 -21.72
C ARG B 1014 -13.45 -8.72 -23.18
N ALA B 1015 -12.22 -8.30 -23.50
CA ALA B 1015 -11.73 -8.40 -24.85
C ALA B 1015 -11.60 -9.86 -25.25
N ALA B 1016 -11.17 -10.71 -24.33
CA ALA B 1016 -11.06 -12.12 -24.67
C ALA B 1016 -12.43 -12.72 -24.95
N GLU B 1017 -13.46 -12.35 -24.18
CA GLU B 1017 -14.80 -12.88 -24.47
C GLU B 1017 -15.32 -12.33 -25.79
N ILE B 1018 -15.18 -11.03 -26.04
CA ILE B 1018 -15.62 -10.47 -27.32
C ILE B 1018 -14.78 -11.03 -28.47
N ARG B 1019 -13.47 -11.20 -28.27
CA ARG B 1019 -12.64 -11.80 -29.30
C ARG B 1019 -13.11 -13.22 -29.60
N ALA B 1020 -13.45 -13.99 -28.56
CA ALA B 1020 -13.97 -15.33 -28.78
C ALA B 1020 -15.30 -15.25 -29.53
N SER B 1021 -16.13 -14.26 -29.18
CA SER B 1021 -17.39 -14.07 -29.89
C SER B 1021 -17.14 -13.66 -31.33
N ALA B 1022 -16.16 -12.79 -31.56
CA ALA B 1022 -15.78 -12.38 -32.90
C ALA B 1022 -15.25 -13.57 -33.69
N ASN B 1023 -14.53 -14.47 -33.03
CA ASN B 1023 -14.05 -15.67 -33.70
C ASN B 1023 -15.22 -16.57 -34.05
N LEU B 1024 -16.23 -16.60 -33.18
CA LEU B 1024 -17.43 -17.35 -33.48
C LEU B 1024 -18.19 -16.69 -34.63
N ALA B 1025 -18.26 -15.36 -34.62
CA ALA B 1025 -18.91 -14.62 -35.67
C ALA B 1025 -18.18 -14.80 -37.00
N ALA B 1026 -16.84 -14.85 -36.96
CA ALA B 1026 -16.06 -15.08 -38.17
C ALA B 1026 -16.27 -16.51 -38.66
N THR B 1027 -16.41 -17.44 -37.73
CA THR B 1027 -16.70 -18.82 -38.11
C THR B 1027 -18.07 -18.87 -38.76
N LYS B 1028 -19.02 -18.14 -38.18
CA LYS B 1028 -20.36 -18.03 -38.76
C LYS B 1028 -20.31 -17.30 -40.10
N MET B 1029 -19.45 -16.30 -40.23
CA MET B 1029 -19.31 -15.62 -41.51
C MET B 1029 -18.92 -16.62 -42.58
N SER B 1030 -17.91 -17.42 -42.26
CA SER B 1030 -17.42 -18.41 -43.20
C SER B 1030 -18.42 -19.54 -43.46
N GLU B 1031 -19.00 -20.10 -42.39
CA GLU B 1031 -19.86 -21.28 -42.51
C GLU B 1031 -21.34 -21.00 -42.72
N CYS B 1032 -21.85 -19.83 -42.31
CA CYS B 1032 -23.27 -19.52 -42.43
C CYS B 1032 -23.56 -18.55 -43.56
N VAL B 1033 -22.60 -17.67 -43.87
CA VAL B 1033 -22.77 -16.63 -44.87
C VAL B 1033 -21.98 -16.94 -46.13
N LEU B 1034 -20.73 -17.38 -45.96
CA LEU B 1034 -19.86 -17.71 -47.07
C LEU B 1034 -19.91 -19.21 -47.36
N GLY B 1035 -20.95 -19.87 -46.87
CA GLY B 1035 -21.11 -21.29 -47.04
C GLY B 1035 -22.43 -21.70 -46.45
N GLN B 1036 -22.59 -23.01 -46.28
CA GLN B 1036 -23.75 -23.57 -45.63
C GLN B 1036 -23.28 -24.57 -44.59
N SER B 1037 -23.71 -24.38 -43.35
CA SER B 1037 -23.23 -25.18 -42.25
C SER B 1037 -24.21 -26.35 -42.07
N LYS B 1038 -23.65 -27.49 -41.71
CA LYS B 1038 -24.39 -28.69 -41.36
C LYS B 1038 -24.38 -28.91 -39.85
N ARG B 1039 -23.91 -27.92 -39.09
CA ARG B 1039 -23.83 -27.99 -37.65
C ARG B 1039 -25.18 -27.55 -37.09
N VAL B 1040 -25.81 -28.44 -36.32
CA VAL B 1040 -27.15 -28.20 -35.81
C VAL B 1040 -27.13 -27.04 -34.83
N ASP B 1041 -28.07 -26.11 -35.01
CA ASP B 1041 -28.24 -24.93 -34.16
C ASP B 1041 -27.04 -24.00 -34.18
N PHE B 1042 -26.14 -24.16 -35.15
CA PHE B 1042 -25.01 -23.25 -35.28
C PHE B 1042 -25.44 -21.96 -35.96
N CYS B 1043 -26.26 -22.09 -37.01
CA CYS B 1043 -26.69 -20.95 -37.81
C CYS B 1043 -28.20 -20.78 -37.67
N GLY B 1044 -28.71 -20.74 -36.43
CA GLY B 1044 -30.14 -20.59 -36.20
C GLY B 1044 -30.82 -21.91 -35.88
N LYS B 1045 -32.07 -21.78 -35.42
CA LYS B 1045 -32.87 -22.93 -35.00
C LYS B 1045 -33.65 -23.44 -36.20
N GLY B 1046 -33.26 -24.61 -36.69
CA GLY B 1046 -33.82 -25.25 -37.86
C GLY B 1046 -32.69 -25.74 -38.73
N TYR B 1047 -33.04 -26.08 -39.97
CA TYR B 1047 -32.05 -26.52 -40.94
C TYR B 1047 -31.55 -25.28 -41.66
N HIS B 1048 -30.26 -25.02 -41.56
CA HIS B 1048 -29.70 -23.79 -42.10
C HIS B 1048 -29.75 -23.75 -43.62
N LEU B 1049 -30.28 -22.64 -44.14
CA LEU B 1049 -30.25 -22.36 -45.57
C LEU B 1049 -29.19 -21.32 -45.89
N MET B 1050 -29.25 -20.15 -45.25
CA MET B 1050 -28.28 -19.10 -45.56
C MET B 1050 -28.37 -18.02 -44.50
N SER B 1051 -27.39 -17.12 -44.51
CA SER B 1051 -27.40 -16.00 -43.59
C SER B 1051 -26.98 -14.74 -44.31
N PHE B 1052 -27.35 -13.61 -43.71
CA PHE B 1052 -27.04 -12.28 -44.23
C PHE B 1052 -26.35 -11.47 -43.13
N PRO B 1053 -25.16 -10.92 -43.39
CA PRO B 1053 -24.54 -10.07 -42.40
C PRO B 1053 -25.18 -8.69 -42.44
N GLN B 1054 -25.21 -8.06 -41.28
CA GLN B 1054 -25.61 -6.67 -41.18
C GLN B 1054 -24.64 -5.98 -40.22
N SER B 1055 -24.27 -4.76 -40.57
CA SER B 1055 -23.40 -3.98 -39.71
C SER B 1055 -24.19 -3.56 -38.48
N ALA B 1056 -23.54 -3.53 -37.34
CA ALA B 1056 -24.19 -3.04 -36.13
C ALA B 1056 -23.16 -2.31 -35.30
N PRO B 1057 -23.60 -1.43 -34.38
CA PRO B 1057 -22.64 -0.75 -33.49
C PRO B 1057 -21.74 -1.72 -32.76
N HIS B 1058 -20.44 -1.61 -33.03
CA HIS B 1058 -19.43 -2.46 -32.41
C HIS B 1058 -19.79 -3.94 -32.51
N GLY B 1059 -20.46 -4.34 -33.58
CA GLY B 1059 -20.87 -5.72 -33.67
C GLY B 1059 -21.49 -6.06 -35.01
N VAL B 1060 -21.98 -7.29 -35.10
CA VAL B 1060 -22.59 -7.78 -36.33
C VAL B 1060 -23.91 -8.44 -35.96
N VAL B 1061 -24.88 -8.29 -36.85
CA VAL B 1061 -26.18 -8.94 -36.72
C VAL B 1061 -26.33 -9.86 -37.92
N PHE B 1062 -26.64 -11.13 -37.65
CA PHE B 1062 -26.85 -12.11 -38.69
C PHE B 1062 -28.33 -12.38 -38.79
N LEU B 1063 -28.85 -12.36 -40.01
CA LEU B 1063 -30.21 -12.77 -40.28
C LEU B 1063 -30.08 -14.16 -40.85
N HIS B 1064 -30.42 -15.17 -40.05
CA HIS B 1064 -30.24 -16.55 -40.45
C HIS B 1064 -31.56 -17.02 -41.02
N VAL B 1065 -31.52 -17.51 -42.24
CA VAL B 1065 -32.69 -18.00 -42.95
C VAL B 1065 -32.60 -19.50 -42.83
N THR B 1066 -33.59 -20.07 -42.16
CA THR B 1066 -33.64 -21.49 -41.87
C THR B 1066 -34.94 -22.08 -42.36
N TYR B 1067 -34.85 -23.37 -42.66
CA TYR B 1067 -35.97 -24.19 -43.06
C TYR B 1067 -36.45 -24.88 -41.79
N VAL B 1068 -37.73 -24.74 -41.45
CA VAL B 1068 -38.28 -25.33 -40.24
C VAL B 1068 -39.51 -26.14 -40.59
N PRO B 1069 -39.53 -27.45 -40.35
CA PRO B 1069 -40.75 -28.23 -40.55
C PRO B 1069 -41.94 -27.70 -39.77
N ALA B 1070 -43.12 -27.71 -40.41
CA ALA B 1070 -44.32 -27.18 -39.77
C ALA B 1070 -45.35 -28.29 -39.60
N GLN B 1071 -46.31 -28.42 -40.52
CA GLN B 1071 -47.48 -29.27 -40.27
C GLN B 1071 -47.12 -30.74 -40.12
N GLU B 1072 -47.85 -31.41 -39.22
CA GLU B 1072 -47.63 -32.79 -38.80
C GLU B 1072 -48.58 -33.78 -39.47
N LYS B 1073 -48.08 -34.96 -39.82
CA LYS B 1073 -48.95 -36.06 -40.21
C LYS B 1073 -48.28 -37.38 -39.83
N ASN B 1074 -49.03 -38.29 -39.20
CA ASN B 1074 -48.57 -39.63 -38.89
C ASN B 1074 -48.80 -40.61 -40.01
N PHE B 1075 -47.85 -41.53 -40.19
CA PHE B 1075 -47.83 -42.65 -41.15
C PHE B 1075 -47.19 -43.87 -40.51
N THR B 1076 -47.54 -45.03 -41.04
CA THR B 1076 -46.92 -46.28 -40.62
C THR B 1076 -45.67 -46.46 -41.47
N THR B 1077 -44.63 -46.99 -40.84
CA THR B 1077 -43.31 -47.15 -41.45
C THR B 1077 -42.81 -48.57 -41.26
N ALA B 1078 -41.65 -48.82 -41.84
CA ALA B 1078 -41.01 -50.11 -41.70
C ALA B 1078 -39.53 -49.94 -41.97
N PRO B 1079 -38.66 -50.67 -41.26
CA PRO B 1079 -37.23 -50.54 -41.51
C PRO B 1079 -36.76 -51.13 -42.83
N ALA B 1080 -37.53 -52.03 -43.43
CA ALA B 1080 -37.09 -52.68 -44.64
C ALA B 1080 -38.30 -53.24 -45.34
N ILE B 1081 -38.15 -53.56 -46.62
CA ILE B 1081 -39.21 -54.20 -47.38
C ILE B 1081 -38.79 -55.57 -47.93
N CYS B 1082 -39.66 -56.57 -47.73
CA CYS B 1082 -39.48 -57.92 -48.26
C CYS B 1082 -40.28 -58.02 -49.57
N HIS B 1083 -39.61 -58.06 -50.72
CA HIS B 1083 -40.32 -58.11 -52.00
C HIS B 1083 -40.36 -59.52 -52.58
N ASP B 1084 -39.22 -59.99 -53.06
CA ASP B 1084 -39.05 -61.35 -53.59
C ASP B 1084 -38.31 -62.23 -52.59
N GLY B 1085 -38.31 -61.83 -51.32
CA GLY B 1085 -37.57 -62.48 -50.28
C GLY B 1085 -36.32 -61.73 -49.90
N LYS B 1086 -35.94 -60.72 -50.69
CA LYS B 1086 -34.82 -59.85 -50.43
C LYS B 1086 -35.28 -58.64 -49.64
N ALA B 1087 -34.39 -58.08 -48.82
CA ALA B 1087 -34.70 -56.92 -48.01
C ALA B 1087 -34.34 -55.65 -48.76
N HIS B 1088 -35.33 -54.80 -49.00
CA HIS B 1088 -35.15 -53.54 -49.70
C HIS B 1088 -35.12 -52.41 -48.67
N PHE B 1089 -34.10 -51.57 -48.78
CA PHE B 1089 -33.86 -50.42 -47.92
C PHE B 1089 -33.92 -49.13 -48.74
N PRO B 1090 -34.36 -48.01 -48.18
CA PRO B 1090 -34.37 -46.76 -48.97
C PRO B 1090 -32.96 -46.21 -49.15
N ARG B 1091 -32.71 -45.61 -50.33
CA ARG B 1091 -31.38 -45.01 -50.56
C ARG B 1091 -31.29 -43.62 -49.96
N GLU B 1092 -32.34 -42.81 -50.08
CA GLU B 1092 -32.32 -41.41 -49.64
C GLU B 1092 -33.36 -41.09 -48.58
N GLY B 1093 -34.54 -41.70 -48.63
CA GLY B 1093 -35.62 -41.34 -47.72
C GLY B 1093 -36.02 -42.44 -46.77
N VAL B 1094 -37.32 -42.48 -46.41
CA VAL B 1094 -37.87 -43.47 -45.51
C VAL B 1094 -39.11 -44.08 -46.15
N PHE B 1095 -39.45 -45.29 -45.70
CA PHE B 1095 -40.68 -45.96 -46.10
C PHE B 1095 -41.81 -45.52 -45.18
N VAL B 1096 -42.95 -45.17 -45.78
CA VAL B 1096 -44.15 -44.71 -45.10
C VAL B 1096 -45.36 -45.46 -45.64
N SER B 1097 -46.45 -45.43 -44.88
CA SER B 1097 -47.72 -45.95 -45.35
C SER B 1097 -48.86 -45.03 -44.92
N ASN B 1098 -49.83 -44.87 -45.80
CA ASN B 1098 -51.04 -44.11 -45.51
C ASN B 1098 -52.16 -44.99 -44.98
N GLY B 1099 -51.87 -46.27 -44.72
CA GLY B 1099 -52.82 -47.24 -44.20
C GLY B 1099 -53.19 -48.33 -45.19
N THR B 1100 -53.02 -48.09 -46.49
CA THR B 1100 -53.26 -49.07 -47.54
C THR B 1100 -52.10 -49.21 -48.51
N HIS B 1101 -51.43 -48.11 -48.87
CA HIS B 1101 -50.32 -48.11 -49.80
C HIS B 1101 -49.06 -47.63 -49.09
N TRP B 1102 -47.92 -48.16 -49.53
CA TRP B 1102 -46.61 -47.77 -49.04
C TRP B 1102 -45.89 -46.90 -50.06
N PHE B 1103 -45.25 -45.85 -49.58
CA PHE B 1103 -44.53 -44.88 -50.39
C PHE B 1103 -43.18 -44.63 -49.74
N VAL B 1104 -42.25 -44.07 -50.51
CA VAL B 1104 -40.97 -43.59 -49.99
C VAL B 1104 -40.93 -42.08 -50.13
N THR B 1105 -40.48 -41.40 -49.07
CA THR B 1105 -40.46 -39.95 -49.07
C THR B 1105 -39.18 -39.44 -48.41
N GLN B 1106 -38.76 -38.26 -48.85
CA GLN B 1106 -37.61 -37.60 -48.25
C GLN B 1106 -37.90 -37.26 -46.80
N ARG B 1107 -36.86 -37.39 -45.97
CA ARG B 1107 -37.02 -37.37 -44.52
C ARG B 1107 -37.59 -36.07 -43.97
N ASN B 1108 -37.21 -34.92 -44.53
CA ASN B 1108 -37.59 -33.63 -43.97
C ASN B 1108 -38.73 -32.93 -44.71
N PHE B 1109 -39.40 -33.59 -45.66
CA PHE B 1109 -40.49 -32.94 -46.38
C PHE B 1109 -41.34 -33.97 -47.10
N TYR B 1110 -42.63 -34.03 -46.77
CA TYR B 1110 -43.48 -35.06 -47.37
C TYR B 1110 -43.65 -34.80 -48.85
N GLU B 1111 -43.20 -35.77 -49.65
CA GLU B 1111 -43.27 -35.68 -51.11
C GLU B 1111 -43.34 -37.14 -51.57
N PRO B 1112 -44.53 -37.73 -51.56
CA PRO B 1112 -44.64 -39.18 -51.74
C PRO B 1112 -44.22 -39.62 -53.12
N GLN B 1113 -43.44 -40.68 -53.15
CA GLN B 1113 -43.03 -41.31 -54.39
C GLN B 1113 -43.33 -42.79 -54.31
N ILE B 1114 -43.58 -43.39 -55.46
CA ILE B 1114 -43.76 -44.84 -55.53
C ILE B 1114 -42.44 -45.48 -55.17
N ILE B 1115 -42.49 -46.56 -54.39
CA ILE B 1115 -41.26 -47.21 -53.96
C ILE B 1115 -40.77 -48.03 -55.14
N THR B 1116 -39.57 -47.73 -55.61
CA THR B 1116 -38.99 -48.35 -56.79
C THR B 1116 -37.55 -48.77 -56.53
N THR B 1117 -37.00 -49.52 -57.50
CA THR B 1117 -35.62 -49.97 -57.44
C THR B 1117 -34.63 -48.84 -57.72
N ASP B 1118 -35.10 -47.65 -58.08
CA ASP B 1118 -34.23 -46.51 -58.35
C ASP B 1118 -33.99 -45.65 -57.11
N ASN B 1119 -34.72 -45.92 -56.02
CA ASN B 1119 -34.59 -45.18 -54.77
C ASN B 1119 -34.41 -46.11 -53.58
N THR B 1120 -34.13 -47.40 -53.82
CA THR B 1120 -33.84 -48.39 -52.80
C THR B 1120 -32.60 -49.19 -53.19
N PHE B 1121 -32.07 -49.94 -52.22
CA PHE B 1121 -30.98 -50.87 -52.47
C PHE B 1121 -31.28 -52.18 -51.74
N VAL B 1122 -30.65 -53.25 -52.21
CA VAL B 1122 -30.91 -54.60 -51.72
C VAL B 1122 -29.66 -55.17 -51.06
N SER B 1123 -29.83 -55.72 -49.86
CA SER B 1123 -28.76 -56.41 -49.15
C SER B 1123 -29.38 -57.41 -48.18
N GLY B 1124 -29.13 -58.70 -48.39
CA GLY B 1124 -29.68 -59.74 -47.53
C GLY B 1124 -31.14 -60.02 -47.80
N ASN B 1125 -31.75 -60.81 -46.92
CA ASN B 1125 -33.13 -61.22 -47.04
C ASN B 1125 -33.94 -60.76 -45.84
N CYS B 1126 -35.25 -61.01 -45.90
CA CYS B 1126 -36.18 -60.52 -44.89
C CYS B 1126 -36.18 -61.33 -43.60
N ASP B 1127 -35.41 -62.41 -43.50
CA ASP B 1127 -35.43 -63.23 -42.28
C ASP B 1127 -34.47 -62.71 -41.21
N VAL B 1128 -33.68 -61.68 -41.51
CA VAL B 1128 -32.74 -61.11 -40.56
C VAL B 1128 -33.21 -59.76 -40.04
N VAL B 1129 -33.89 -58.96 -40.86
CA VAL B 1129 -34.27 -57.59 -40.52
C VAL B 1129 -35.51 -57.59 -39.64
N ILE B 1130 -35.40 -56.96 -38.47
CA ILE B 1130 -36.50 -56.87 -37.51
C ILE B 1130 -37.46 -55.76 -37.92
N GLY B 1131 -38.73 -56.13 -38.14
CA GLY B 1131 -39.78 -55.22 -38.55
C GLY B 1131 -40.06 -55.13 -40.03
N ILE B 1132 -39.43 -55.97 -40.86
CA ILE B 1132 -39.69 -55.94 -42.30
C ILE B 1132 -41.13 -56.34 -42.64
N VAL B 1133 -41.72 -55.63 -43.61
CA VAL B 1133 -43.08 -55.88 -44.07
C VAL B 1133 -43.09 -56.23 -45.56
N ASN B 1134 -44.14 -56.97 -45.97
CA ASN B 1134 -44.33 -57.36 -47.36
C ASN B 1134 -45.10 -56.33 -48.20
N ASN B 1135 -44.57 -55.98 -49.36
CA ASN B 1135 -45.23 -55.12 -50.36
C ASN B 1135 -44.41 -55.22 -51.65
N THR B 1136 -44.81 -54.45 -52.67
CA THR B 1136 -44.19 -54.50 -54.00
C THR B 1136 -43.29 -53.30 -54.28
N VAL B 1137 -42.07 -53.59 -54.76
CA VAL B 1137 -41.11 -52.59 -55.22
C VAL B 1137 -41.03 -52.66 -56.74
N TYR B 1138 -41.20 -51.52 -57.39
CA TYR B 1138 -41.30 -51.42 -58.84
C TYR B 1138 -39.93 -51.15 -59.47
N ASP B 1139 -39.73 -51.64 -60.68
CA ASP B 1139 -38.47 -51.52 -61.41
C ASP B 1139 -38.69 -50.94 -62.80
N PRO B 1140 -39.03 -49.62 -62.89
CA PRO B 1140 -39.38 -48.95 -64.16
C PRO B 1140 -38.40 -49.20 -65.30
N VAL C 2 57.38 21.45 19.94
CA VAL C 2 56.50 22.56 20.27
C VAL C 2 57.05 23.23 21.53
N GLN C 3 57.62 24.42 21.36
CA GLN C 3 58.53 25.04 22.33
C GLN C 3 58.16 26.50 22.56
N LEU C 4 56.91 26.76 22.92
CA LEU C 4 56.42 28.10 23.21
C LEU C 4 57.41 28.85 24.09
N VAL C 5 58.00 29.92 23.54
CA VAL C 5 58.97 30.75 24.25
C VAL C 5 58.26 32.04 24.63
N GLN C 6 58.00 32.19 25.93
CA GLN C 6 57.03 33.21 26.35
C GLN C 6 57.66 34.59 26.52
N SER C 7 58.51 34.76 27.52
CA SER C 7 59.02 36.07 27.90
C SER C 7 60.09 35.86 28.95
N GLY C 8 60.56 36.96 29.55
CA GLY C 8 61.48 36.92 30.67
C GLY C 8 60.75 37.13 31.99
N ALA C 9 61.31 37.99 32.85
CA ALA C 9 60.75 38.27 34.17
C ALA C 9 60.60 39.78 34.32
N GLU C 10 59.47 40.21 34.88
CA GLU C 10 59.18 41.64 35.00
C GLU C 10 58.98 42.02 36.46
N VAL C 11 59.54 43.17 36.86
CA VAL C 11 59.22 43.80 38.14
C VAL C 11 58.72 45.22 37.89
N LYS C 12 57.47 45.49 38.28
CA LYS C 12 56.85 46.80 38.00
C LYS C 12 56.02 47.24 39.20
N LYS C 13 55.75 48.62 39.29
CA LYS C 13 54.99 49.26 40.36
C LYS C 13 53.49 49.29 40.05
N PRO C 14 52.63 49.30 41.08
CA PRO C 14 51.18 49.27 40.82
C PRO C 14 50.68 50.45 40.01
N GLY C 15 49.65 50.18 39.20
CA GLY C 15 49.01 51.16 38.36
C GLY C 15 49.53 51.26 36.95
N GLU C 16 50.71 50.69 36.68
CA GLU C 16 51.29 50.73 35.34
C GLU C 16 50.68 49.65 34.45
N SER C 17 50.89 49.80 33.15
CA SER C 17 50.41 48.86 32.16
C SER C 17 51.58 48.00 31.69
N LEU C 18 51.32 46.69 31.61
CA LEU C 18 52.32 45.67 31.37
C LEU C 18 51.77 44.67 30.36
N LYS C 19 52.67 44.16 29.50
CA LYS C 19 52.30 43.18 28.48
C LYS C 19 53.22 41.98 28.51
N ILE C 20 52.64 40.78 28.57
CA ILE C 20 53.38 39.52 28.49
C ILE C 20 53.07 38.92 27.13
N SER C 21 54.12 38.58 26.39
CA SER C 21 54.00 37.91 25.11
C SER C 21 54.19 36.42 25.32
N CYS C 22 53.46 35.61 24.55
CA CYS C 22 53.64 34.17 24.51
C CYS C 22 53.90 33.79 23.06
N LYS C 23 55.17 33.70 22.70
CA LYS C 23 55.58 33.39 21.34
C LYS C 23 55.44 31.90 21.07
N GLY C 24 54.77 31.54 19.98
CA GLY C 24 54.64 30.15 19.58
C GLY C 24 55.63 29.80 18.49
N SER C 25 56.02 28.53 18.44
CA SER C 25 56.94 28.07 17.41
C SER C 25 56.79 26.56 17.25
N GLY C 26 57.22 26.06 16.09
CA GLY C 26 57.23 24.63 15.85
C GLY C 26 55.89 23.98 15.61
N TYR C 27 54.83 24.78 15.45
CA TYR C 27 53.50 24.24 15.17
C TYR C 27 52.65 25.36 14.56
N SER C 28 51.48 24.97 14.08
CA SER C 28 50.53 25.90 13.46
C SER C 28 49.84 26.75 14.52
N PHE C 29 50.56 27.81 14.94
CA PHE C 29 50.10 28.65 16.04
C PHE C 29 48.79 29.37 15.72
N THR C 30 48.44 29.46 14.44
CA THR C 30 47.26 30.20 14.01
C THR C 30 45.96 29.44 14.28
N SER C 31 46.03 28.14 14.56
CA SER C 31 44.83 27.31 14.66
C SER C 31 44.65 26.64 16.02
N TYR C 32 45.41 27.01 17.05
CA TYR C 32 45.26 26.40 18.38
C TYR C 32 44.95 27.47 19.42
N TRP C 33 44.34 27.08 20.54
CA TRP C 33 44.01 28.03 21.62
C TRP C 33 45.20 28.27 22.53
N ILE C 34 45.67 29.50 22.63
CA ILE C 34 46.79 29.78 23.52
C ILE C 34 46.28 30.36 24.83
N GLY C 35 45.87 29.46 25.75
CA GLY C 35 45.29 29.93 26.98
C GLY C 35 46.30 30.13 28.07
N TRP C 36 45.83 30.83 29.09
CA TRP C 36 46.67 31.30 30.15
C TRP C 36 46.16 30.79 31.49
N VAL C 37 47.13 30.68 32.40
CA VAL C 37 47.00 30.17 33.77
C VAL C 37 47.95 30.89 34.69
N ARG C 38 47.42 31.21 35.86
CA ARG C 38 48.12 31.88 36.92
C ARG C 38 48.60 30.83 37.90
N GLN C 39 49.67 31.16 38.61
CA GLN C 39 50.15 30.33 39.72
C GLN C 39 50.76 31.30 40.71
N MET C 40 50.02 31.54 41.78
CA MET C 40 50.57 32.30 42.89
C MET C 40 51.71 31.47 43.51
N PRO C 41 52.70 32.14 44.13
CA PRO C 41 53.86 31.39 44.65
C PRO C 41 53.51 30.32 45.67
N GLY C 42 53.73 29.06 45.31
CA GLY C 42 53.48 27.95 46.22
C GLY C 42 52.05 27.50 46.36
N LYS C 43 51.13 27.98 45.52
CA LYS C 43 49.72 27.63 45.59
C LYS C 43 49.32 26.85 44.34
N GLY C 44 48.04 26.49 44.28
CA GLY C 44 47.53 25.78 43.13
C GLY C 44 47.43 26.67 41.92
N LEU C 45 47.36 26.01 40.77
CA LEU C 45 47.20 26.69 39.49
C LEU C 45 45.76 27.17 39.37
N GLU C 46 45.56 28.42 38.96
CA GLU C 46 44.24 28.93 38.60
C GLU C 46 44.16 29.16 37.10
N TRP C 47 43.05 28.79 36.48
CA TRP C 47 42.93 29.09 35.07
C TRP C 47 42.56 30.57 34.94
N MET C 48 42.96 31.16 33.82
CA MET C 48 42.70 32.56 33.55
C MET C 48 41.82 32.71 32.32
N GLY C 49 42.24 32.20 31.18
CA GLY C 49 41.39 32.40 30.01
C GLY C 49 42.11 31.99 28.76
N VAL C 50 41.37 31.97 27.65
CA VAL C 50 41.97 31.61 26.37
C VAL C 50 41.72 32.66 25.32
N ILE C 51 42.60 32.63 24.32
CA ILE C 51 42.55 33.46 23.13
C ILE C 51 42.78 32.57 21.94
N TYR C 52 41.99 32.79 20.87
CA TYR C 52 42.21 32.02 19.67
C TYR C 52 42.93 32.98 18.73
N PRO C 53 44.25 32.90 18.52
CA PRO C 53 44.90 33.86 17.61
C PRO C 53 44.20 34.04 16.27
N GLY C 54 43.77 32.94 15.64
CA GLY C 54 43.08 33.00 14.36
C GLY C 54 41.93 33.99 14.30
N ASP C 55 41.04 33.97 15.30
CA ASP C 55 39.84 34.82 15.31
C ASP C 55 39.78 35.75 16.52
N SER C 56 40.86 35.88 17.29
CA SER C 56 40.94 36.75 18.47
C SER C 56 39.77 36.55 19.44
N ASP C 57 39.10 35.39 19.42
CA ASP C 57 38.04 35.13 20.38
C ASP C 57 38.64 34.95 21.77
N THR C 58 37.96 35.48 22.79
CA THR C 58 38.43 35.51 24.16
C THR C 58 37.44 34.86 25.13
N ARG C 59 38.01 34.15 26.11
CA ARG C 59 37.28 33.53 27.21
C ARG C 59 38.02 33.78 28.50
N TYR C 60 37.26 33.97 29.58
CA TYR C 60 37.85 34.25 30.88
C TYR C 60 37.18 33.38 31.95
N SER C 61 37.92 33.16 33.01
CA SER C 61 37.37 32.63 34.25
C SER C 61 36.62 33.75 34.98
N PRO C 62 35.63 33.43 35.82
CA PRO C 62 34.90 34.50 36.52
C PRO C 62 35.79 35.41 37.37
N SER C 63 36.85 34.90 37.97
CA SER C 63 37.73 35.73 38.80
C SER C 63 38.58 36.72 38.00
N PHE C 64 38.59 36.64 36.66
CA PHE C 64 39.43 37.47 35.81
C PHE C 64 38.67 38.31 34.79
N GLN C 65 37.46 37.94 34.40
CA GLN C 65 36.73 38.67 33.37
C GLN C 65 36.59 40.14 33.74
N GLY C 66 37.27 41.01 32.99
CA GLY C 66 37.33 42.42 33.28
C GLY C 66 38.52 42.84 34.11
N GLN C 67 39.24 41.90 34.72
CA GLN C 67 40.46 42.19 35.47
C GLN C 67 41.73 42.07 34.63
N VAL C 68 41.71 41.23 33.59
CA VAL C 68 42.81 41.13 32.63
C VAL C 68 42.22 41.19 31.22
N THR C 69 42.92 41.90 30.33
CA THR C 69 42.52 42.00 28.93
C THR C 69 43.52 41.22 28.07
N ILE C 70 43.08 40.10 27.51
CA ILE C 70 43.99 39.17 26.85
C ILE C 70 43.68 39.22 25.35
N SER C 71 44.71 39.42 24.53
CA SER C 71 44.62 39.64 23.08
C SER C 71 45.63 38.74 22.36
N ALA C 72 45.69 38.84 21.03
CA ALA C 72 46.55 37.98 20.23
C ALA C 72 47.09 38.73 19.01
N ASP C 73 48.18 38.20 18.44
CA ASP C 73 48.82 38.75 17.24
C ASP C 73 49.20 37.60 16.32
N LYS C 74 48.28 37.27 15.42
CA LYS C 74 48.42 36.12 14.53
C LYS C 74 49.42 36.36 13.41
N SER C 75 49.72 37.61 13.08
CA SER C 75 50.70 37.89 12.03
C SER C 75 52.11 37.49 12.45
N ILE C 76 52.50 37.83 13.68
CA ILE C 76 53.83 37.49 14.20
C ILE C 76 53.80 36.18 14.97
N SER C 77 52.63 35.56 15.12
CA SER C 77 52.47 34.31 15.82
C SER C 77 52.90 34.46 17.28
N THR C 78 52.18 35.34 17.99
CA THR C 78 52.43 35.56 19.41
C THR C 78 51.17 36.08 20.10
N ALA C 79 50.78 35.43 21.20
CA ALA C 79 49.58 35.83 21.92
C ALA C 79 49.94 36.67 23.14
N TYR C 80 49.09 37.64 23.48
CA TYR C 80 49.38 38.66 24.47
C TYR C 80 48.42 38.61 25.64
N LEU C 81 48.97 38.59 26.85
CA LEU C 81 48.21 38.89 28.06
C LEU C 81 48.55 40.33 28.43
N GLN C 82 47.53 41.16 28.67
CA GLN C 82 47.74 42.59 28.83
C GLN C 82 46.92 42.96 30.07
N TRP C 83 47.48 43.86 30.86
CA TRP C 83 46.83 44.35 32.07
C TRP C 83 46.23 45.73 31.81
N SER C 84 44.95 45.88 32.15
CA SER C 84 44.35 47.21 32.17
C SER C 84 44.92 48.06 33.31
N SER C 85 45.17 47.44 34.46
CA SER C 85 45.76 48.13 35.60
C SER C 85 46.47 47.10 36.45
N LEU C 86 47.76 47.29 36.67
CA LEU C 86 48.53 46.34 37.47
C LEU C 86 48.17 46.52 38.94
N LYS C 87 48.10 45.41 39.67
CA LYS C 87 47.61 45.38 41.04
C LYS C 87 48.67 44.77 41.95
N ALA C 88 48.52 45.04 43.25
CA ALA C 88 49.53 44.60 44.22
C ALA C 88 49.57 43.07 44.33
N SER C 89 48.41 42.44 44.50
CA SER C 89 48.38 41.00 44.71
C SER C 89 48.65 40.21 43.44
N ASP C 90 48.62 40.86 42.27
CA ASP C 90 48.73 40.19 40.97
C ASP C 90 50.08 39.51 40.74
N THR C 91 51.02 39.56 41.68
CA THR C 91 52.29 38.87 41.50
C THR C 91 52.08 37.36 41.49
N ALA C 92 52.60 36.70 40.47
CA ALA C 92 52.42 35.27 40.31
C ALA C 92 53.34 34.79 39.18
N MET C 93 53.29 33.49 38.95
CA MET C 93 54.14 32.80 37.98
C MET C 93 53.22 32.47 36.80
N TYR C 94 53.22 33.33 35.77
CA TYR C 94 52.18 33.27 34.75
C TYR C 94 52.63 32.39 33.60
N TYR C 95 51.86 31.33 33.31
CA TYR C 95 52.19 30.41 32.24
C TYR C 95 51.26 30.65 31.07
N CYS C 96 51.70 30.21 29.89
CA CYS C 96 50.89 30.14 28.70
C CYS C 96 51.02 28.75 28.10
N ALA C 97 49.89 28.07 27.92
CA ALA C 97 49.89 26.72 27.41
C ALA C 97 48.95 26.72 26.21
N ARG C 98 49.18 25.77 25.32
CA ARG C 98 48.36 25.63 24.14
C ARG C 98 47.29 24.60 24.42
N THR C 99 46.05 25.06 24.47
CA THR C 99 44.94 24.19 24.76
C THR C 99 44.27 23.80 23.44
N GLN C 100 43.50 22.74 23.54
CA GLN C 100 42.69 22.19 22.48
C GLN C 100 41.31 22.08 23.11
N TRP C 101 40.22 22.00 22.36
CA TRP C 101 38.90 21.75 22.98
C TRP C 101 38.05 20.90 22.04
N GLY C 102 38.63 19.98 21.33
CA GLY C 102 37.85 19.09 20.46
C GLY C 102 36.88 18.29 21.30
N TYR C 103 35.85 17.75 20.67
CA TYR C 103 34.81 16.97 21.38
C TYR C 103 35.15 15.49 21.40
N ASN C 104 36.17 15.00 20.69
CA ASN C 104 36.58 13.56 20.79
C ASN C 104 35.32 12.70 20.69
N TYR C 105 34.52 12.87 19.65
CA TYR C 105 33.25 12.13 19.44
C TYR C 105 32.25 12.47 20.53
N GLY C 106 32.21 13.71 21.02
CA GLY C 106 31.20 14.23 21.97
C GLY C 106 31.63 14.36 23.42
N SER C 107 32.75 13.76 23.83
CA SER C 107 33.33 13.90 25.19
C SER C 107 34.21 15.15 25.25
N HIS C 108 33.72 16.26 25.81
CA HIS C 108 34.45 17.56 25.83
C HIS C 108 35.76 17.40 26.60
N PHE C 109 36.87 17.98 26.14
CA PHE C 109 38.16 17.97 26.85
C PHE C 109 38.81 19.35 26.74
N PHE C 110 39.69 19.73 27.66
CA PHE C 110 40.45 21.00 27.66
C PHE C 110 41.70 20.63 28.46
N TYR C 111 42.81 20.19 27.83
CA TYR C 111 43.94 19.61 28.60
C TYR C 111 45.30 20.33 28.54
N MET C 112 45.45 21.54 28.03
CA MET C 112 46.76 22.28 28.15
C MET C 112 47.91 21.31 27.85
N ASP C 113 48.03 20.79 26.64
CA ASP C 113 49.03 19.73 26.31
C ASP C 113 50.47 20.21 26.55
N VAL C 114 50.84 21.43 26.15
CA VAL C 114 52.26 21.92 26.23
C VAL C 114 52.28 23.24 26.99
N TRP C 115 53.32 23.51 27.76
CA TRP C 115 53.40 24.71 28.63
C TRP C 115 54.70 25.47 28.38
N GLY C 116 54.69 26.80 28.48
CA GLY C 116 55.92 27.59 28.41
C GLY C 116 56.61 27.55 29.76
N LYS C 117 57.77 28.20 29.92
CA LYS C 117 58.50 28.30 31.18
C LYS C 117 58.00 29.41 32.10
N GLY C 118 56.92 30.09 31.73
CA GLY C 118 56.27 31.07 32.56
C GLY C 118 56.88 32.47 32.52
N THR C 119 56.35 33.31 33.42
CA THR C 119 56.75 34.71 33.53
C THR C 119 56.54 35.12 34.98
N THR C 120 57.63 35.18 35.74
CA THR C 120 57.56 35.61 37.14
C THR C 120 57.38 37.13 37.20
N VAL C 121 56.15 37.57 37.49
CA VAL C 121 55.83 38.99 37.56
C VAL C 121 55.85 39.41 39.02
N THR C 122 56.71 40.37 39.35
CA THR C 122 56.86 40.91 40.70
C THR C 122 56.28 42.31 40.77
N VAL C 123 55.48 42.55 41.79
CA VAL C 123 54.82 43.83 42.00
C VAL C 123 55.36 44.44 43.27
N SER C 124 55.70 45.73 43.22
CA SER C 124 56.12 46.45 44.40
C SER C 124 55.95 47.96 44.25
N CYS D 15 24.68 -33.40 51.85
CA CYS D 15 24.89 -34.29 50.71
C CYS D 15 25.90 -35.40 50.93
N VAL D 16 25.63 -36.52 50.26
CA VAL D 16 26.47 -37.71 50.29
C VAL D 16 26.74 -38.10 48.84
N ASN D 17 28.02 -38.33 48.52
CA ASN D 17 28.45 -38.74 47.19
C ASN D 17 28.50 -40.27 47.10
N LEU D 18 27.62 -40.85 46.28
CA LEU D 18 27.57 -42.29 46.08
C LEU D 18 28.54 -42.65 44.96
N THR D 19 29.49 -43.54 45.25
CA THR D 19 30.56 -43.88 44.31
C THR D 19 30.49 -45.29 43.76
N THR D 20 29.70 -46.18 44.35
CA THR D 20 29.63 -47.59 43.94
C THR D 20 28.73 -47.75 42.70
N ARG D 21 29.24 -47.28 41.57
CA ARG D 21 28.50 -47.32 40.31
C ARG D 21 29.40 -47.79 39.17
N THR D 22 28.89 -48.75 38.39
CA THR D 22 29.59 -49.28 37.23
C THR D 22 29.54 -48.28 36.06
N GLN D 23 30.67 -48.11 35.38
CA GLN D 23 30.78 -47.16 34.27
C GLN D 23 30.76 -47.86 32.91
N LEU D 24 29.60 -47.88 32.25
CA LEU D 24 29.42 -48.44 30.91
C LEU D 24 28.95 -47.33 29.98
N PRO D 25 29.16 -47.46 28.66
CA PRO D 25 28.68 -46.42 27.72
C PRO D 25 27.17 -46.38 27.61
N PRO D 26 26.60 -45.22 27.19
CA PRO D 26 25.15 -45.13 26.97
C PRO D 26 24.62 -46.07 25.89
N ALA D 27 23.40 -46.54 26.10
CA ALA D 27 22.68 -47.34 25.10
C ALA D 27 21.75 -46.42 24.31
N TYR D 28 21.34 -46.88 23.12
CA TYR D 28 20.44 -46.15 22.24
C TYR D 28 19.32 -47.05 21.72
N THR D 29 18.16 -46.45 21.48
CA THR D 29 16.99 -47.13 20.94
C THR D 29 16.29 -46.22 19.93
N ASN D 30 15.16 -46.70 19.41
CA ASN D 30 14.36 -46.04 18.37
C ASN D 30 13.10 -45.42 18.97
N SER D 31 12.91 -44.12 18.71
CA SER D 31 11.75 -43.37 19.21
C SER D 31 10.41 -43.72 18.58
N PHE D 32 10.41 -44.39 17.43
CA PHE D 32 9.18 -44.66 16.67
C PHE D 32 8.38 -43.37 16.42
N THR D 33 7.13 -43.27 16.91
CA THR D 33 6.30 -42.08 16.66
C THR D 33 5.86 -41.38 17.94
N ARG D 34 6.60 -41.56 19.03
CA ARG D 34 6.26 -40.94 20.30
C ARG D 34 6.78 -39.51 20.38
N GLY D 35 6.24 -38.76 21.33
CA GLY D 35 6.68 -37.42 21.62
C GLY D 35 5.85 -36.31 21.02
N VAL D 36 4.69 -36.63 20.47
CA VAL D 36 3.78 -35.62 19.92
C VAL D 36 2.87 -35.12 21.03
N TYR D 37 2.73 -33.79 21.10
CA TYR D 37 1.98 -33.08 22.11
C TYR D 37 1.03 -32.05 21.52
N TYR D 38 0.07 -31.64 22.33
CA TYR D 38 -0.86 -30.59 21.93
C TYR D 38 -0.10 -29.27 21.87
N PRO D 39 0.09 -28.64 20.70
CA PRO D 39 0.94 -27.45 20.66
C PRO D 39 0.30 -26.19 21.23
N ASP D 40 -1.00 -26.20 21.48
CA ASP D 40 -1.73 -25.00 21.88
C ASP D 40 -2.91 -25.34 22.79
N LYS D 41 -3.67 -24.28 23.16
CA LYS D 41 -4.79 -24.36 24.08
C LYS D 41 -6.14 -24.04 23.42
N VAL D 42 -6.26 -24.21 22.11
CA VAL D 42 -7.48 -23.87 21.36
C VAL D 42 -8.07 -25.14 20.78
N PHE D 43 -9.39 -25.30 20.90
CA PHE D 43 -10.07 -26.47 20.37
C PHE D 43 -10.31 -26.34 18.87
N ARG D 44 -9.90 -27.37 18.14
CA ARG D 44 -10.17 -27.47 16.72
C ARG D 44 -10.39 -28.95 16.42
N SER D 45 -11.18 -29.23 15.38
CA SER D 45 -11.53 -30.61 15.07
C SER D 45 -11.76 -30.77 13.57
N SER D 46 -11.52 -31.98 13.09
CA SER D 46 -11.66 -32.33 11.68
C SER D 46 -10.88 -31.38 10.78
N VAL D 47 -9.68 -31.01 11.23
CA VAL D 47 -8.79 -30.16 10.45
C VAL D 47 -7.39 -30.75 10.55
N LEU D 48 -6.55 -30.36 9.60
CA LEU D 48 -5.11 -30.64 9.61
C LEU D 48 -4.40 -29.31 9.79
N HIS D 49 -3.63 -29.18 10.87
CA HIS D 49 -2.98 -27.93 11.19
C HIS D 49 -1.46 -28.09 11.11
N SER D 50 -0.83 -27.20 10.35
CA SER D 50 0.61 -27.17 10.19
C SER D 50 1.19 -26.17 11.18
N THR D 51 2.08 -26.65 12.06
CA THR D 51 2.67 -25.81 13.09
C THR D 51 4.18 -26.02 13.14
N GLN D 52 4.90 -24.91 13.37
CA GLN D 52 6.34 -24.90 13.54
C GLN D 52 6.65 -24.74 15.03
N ASP D 53 7.21 -25.79 15.64
CA ASP D 53 7.47 -25.85 17.07
C ASP D 53 8.60 -26.85 17.35
N LEU D 54 8.96 -26.96 18.65
CA LEU D 54 10.00 -27.89 19.08
C LEU D 54 9.35 -29.23 19.38
N PHE D 55 9.65 -30.21 18.53
CA PHE D 55 9.09 -31.55 18.60
C PHE D 55 10.17 -32.62 18.51
N LEU D 56 9.87 -33.80 19.04
CA LEU D 56 10.75 -34.96 18.84
C LEU D 56 10.67 -35.55 17.43
N PRO D 57 11.76 -35.59 16.64
CA PRO D 57 11.70 -36.18 15.29
C PRO D 57 11.29 -37.65 15.30
N PHE D 58 10.60 -38.07 14.24
CA PHE D 58 10.19 -39.46 14.11
C PHE D 58 11.40 -40.35 13.86
N PHE D 59 11.40 -41.55 14.46
CA PHE D 59 12.50 -42.52 14.33
C PHE D 59 13.85 -41.94 14.74
N SER D 60 13.85 -41.08 15.76
CA SER D 60 15.11 -40.53 16.24
C SER D 60 15.76 -41.50 17.24
N ASN D 61 17.07 -41.33 17.45
CA ASN D 61 17.81 -42.08 18.47
C ASN D 61 17.62 -41.58 19.88
N VAL D 62 16.89 -42.36 20.68
CA VAL D 62 16.57 -42.00 22.06
C VAL D 62 17.52 -42.78 22.97
N THR D 63 18.20 -42.07 23.87
CA THR D 63 19.18 -42.72 24.75
C THR D 63 18.44 -43.44 25.87
N TRP D 64 18.85 -44.68 26.16
CA TRP D 64 18.11 -45.57 27.06
C TRP D 64 18.98 -46.01 28.23
N PHE D 65 18.49 -45.69 29.45
CA PHE D 65 19.17 -45.89 30.72
C PHE D 65 18.38 -46.82 31.65
N HIS D 66 19.11 -47.50 32.54
CA HIS D 66 18.50 -48.38 33.53
C HIS D 66 18.72 -47.77 34.91
N ARG D 78 21.66 -51.35 37.54
CA ARG D 78 22.77 -50.49 37.92
C ARG D 78 22.20 -49.38 38.85
N PHE D 79 22.60 -48.13 38.60
CA PHE D 79 22.13 -46.87 39.13
C PHE D 79 22.64 -45.91 38.06
N ASP D 80 21.98 -45.91 36.91
CA ASP D 80 22.48 -45.21 35.75
C ASP D 80 21.75 -43.90 35.64
N ASN D 81 22.48 -42.83 35.79
CA ASN D 81 21.96 -41.47 35.82
C ASN D 81 23.17 -40.55 35.88
N PRO D 82 23.91 -40.44 34.78
CA PRO D 82 24.98 -39.48 34.73
C PRO D 82 24.30 -38.16 34.43
N VAL D 83 25.08 -37.11 34.37
CA VAL D 83 24.53 -35.85 33.94
C VAL D 83 24.37 -35.84 32.42
N LEU D 84 23.18 -35.41 31.93
CA LEU D 84 22.87 -35.38 30.50
C LEU D 84 22.63 -33.97 29.95
N PRO D 85 22.88 -33.73 28.65
CA PRO D 85 22.49 -32.45 28.04
C PRO D 85 20.98 -32.23 27.92
N PHE D 86 20.58 -30.96 28.00
CA PHE D 86 19.22 -30.50 27.68
C PHE D 86 19.43 -29.40 26.66
N ASN D 87 18.90 -29.56 25.42
CA ASN D 87 19.28 -28.64 24.36
C ASN D 87 18.14 -27.67 24.04
N ASP D 88 17.29 -27.98 23.06
CA ASP D 88 16.12 -27.15 22.77
C ASP D 88 14.95 -27.50 23.67
N GLY D 89 14.93 -28.75 24.11
CA GLY D 89 13.92 -29.32 24.97
C GLY D 89 14.19 -30.80 24.95
N VAL D 90 13.52 -31.51 25.83
CA VAL D 90 13.73 -32.94 25.90
C VAL D 90 12.38 -33.64 25.93
N TYR D 91 12.42 -34.89 25.46
CA TYR D 91 11.34 -35.86 25.55
C TYR D 91 11.84 -36.88 26.55
N PHE D 92 11.04 -37.19 27.55
CA PHE D 92 11.46 -38.11 28.58
C PHE D 92 10.36 -39.14 28.77
N ALA D 93 10.75 -40.40 28.89
CA ALA D 93 9.77 -41.46 29.18
C ALA D 93 10.38 -42.44 30.16
N SER D 94 9.55 -43.00 31.03
CA SER D 94 9.97 -44.01 31.99
C SER D 94 9.01 -45.16 31.95
N THR D 95 9.56 -46.36 32.12
CA THR D 95 8.76 -47.56 32.24
C THR D 95 9.10 -48.06 33.64
N GLU D 96 8.07 -48.18 34.46
CA GLU D 96 8.21 -48.48 35.88
C GLU D 96 7.06 -49.38 36.33
N LYS D 97 7.31 -50.12 37.40
CA LYS D 97 6.26 -50.82 38.12
C LYS D 97 6.11 -50.37 39.56
N SER D 98 7.08 -49.62 40.11
CA SER D 98 7.08 -49.27 41.52
C SER D 98 7.48 -47.82 41.79
N ASN D 99 7.15 -46.90 40.87
CA ASN D 99 7.39 -45.46 41.06
C ASN D 99 8.83 -45.21 41.49
N ILE D 100 9.74 -45.44 40.55
CA ILE D 100 11.16 -45.27 40.85
C ILE D 100 11.54 -43.83 40.53
N ILE D 101 10.92 -43.24 39.49
CA ILE D 101 11.23 -41.88 39.09
C ILE D 101 10.78 -40.94 40.19
N ARG D 102 11.62 -39.98 40.54
CA ARG D 102 11.30 -39.01 41.57
C ARG D 102 11.18 -37.59 41.03
N GLY D 103 11.97 -37.22 40.04
CA GLY D 103 11.93 -35.86 39.57
C GLY D 103 13.21 -35.49 38.83
N TRP D 104 13.37 -34.18 38.66
CA TRP D 104 14.46 -33.61 37.88
C TRP D 104 15.01 -32.33 38.49
N ILE D 105 16.28 -32.11 38.19
CA ILE D 105 17.00 -30.89 38.49
C ILE D 105 17.37 -30.24 37.17
N PHE D 106 17.01 -28.97 36.99
CA PHE D 106 17.33 -28.19 35.80
C PHE D 106 18.13 -26.97 36.24
N GLY D 107 19.10 -26.57 35.44
CA GLY D 107 19.87 -25.38 35.76
C GLY D 107 21.01 -25.19 34.80
N THR D 108 21.95 -24.35 35.19
CA THR D 108 23.15 -24.04 34.41
C THR D 108 24.39 -24.69 35.00
N THR D 109 24.53 -24.68 36.32
CA THR D 109 25.64 -25.31 37.02
C THR D 109 25.11 -26.28 38.06
N LEU D 110 23.92 -25.99 38.61
CA LEU D 110 23.25 -26.84 39.57
C LEU D 110 24.02 -26.97 40.88
N ASP D 111 24.80 -25.96 41.27
CA ASP D 111 25.56 -26.01 42.51
C ASP D 111 25.48 -24.68 43.25
N SER D 112 24.26 -24.11 43.32
CA SER D 112 24.02 -22.84 44.00
C SER D 112 24.75 -21.63 43.39
N LYS D 113 25.50 -21.83 42.30
CA LYS D 113 26.18 -20.71 41.64
C LYS D 113 25.22 -19.96 40.73
N THR D 114 24.18 -20.64 40.24
CA THR D 114 23.17 -20.06 39.36
C THR D 114 21.80 -20.45 39.91
N GLN D 115 20.78 -19.80 39.37
CA GLN D 115 19.41 -20.15 39.74
C GLN D 115 19.09 -21.53 39.18
N SER D 116 18.46 -22.37 39.99
CA SER D 116 18.12 -23.72 39.59
C SER D 116 16.69 -24.11 39.96
N LEU D 117 16.17 -25.06 39.18
CA LEU D 117 14.84 -25.63 39.30
C LEU D 117 14.86 -27.05 39.81
N LEU D 118 14.10 -27.30 40.88
CA LEU D 118 13.96 -28.64 41.42
C LEU D 118 12.48 -29.03 41.37
N ILE D 119 12.18 -30.12 40.66
CA ILE D 119 10.83 -30.68 40.59
C ILE D 119 10.94 -32.08 41.16
N VAL D 120 10.24 -32.33 42.26
CA VAL D 120 10.27 -33.65 42.88
C VAL D 120 8.85 -34.03 43.24
N ASN D 121 8.47 -35.26 42.94
CA ASN D 121 7.19 -35.80 43.37
C ASN D 121 7.63 -36.74 44.49
N ASN D 122 7.52 -36.26 45.72
CA ASN D 122 7.94 -37.01 46.89
C ASN D 122 6.75 -37.73 47.52
N ALA D 123 7.02 -38.43 48.62
CA ALA D 123 6.01 -39.26 49.29
C ALA D 123 4.78 -38.48 49.68
N THR D 124 4.91 -37.18 49.96
CA THR D 124 3.81 -36.38 50.46
C THR D 124 3.26 -35.35 49.48
N ASN D 125 4.06 -34.84 48.53
CA ASN D 125 3.52 -33.88 47.57
C ASN D 125 4.43 -33.76 46.36
N VAL D 126 3.99 -32.95 45.40
CA VAL D 126 4.77 -32.56 44.24
C VAL D 126 5.26 -31.16 44.56
N VAL D 127 6.57 -30.95 44.50
CA VAL D 127 7.19 -29.68 44.83
C VAL D 127 7.92 -29.16 43.61
N ILE D 128 7.67 -27.90 43.28
CA ILE D 128 8.35 -27.18 42.20
C ILE D 128 8.96 -25.95 42.85
N LYS D 129 10.28 -25.81 42.75
CA LYS D 129 10.95 -24.66 43.34
C LYS D 129 12.05 -24.14 42.43
N VAL D 130 12.11 -22.82 42.34
CA VAL D 130 13.09 -22.11 41.50
C VAL D 130 13.97 -21.33 42.49
N CYS D 131 14.29 -21.96 43.60
CA CYS D 131 15.21 -21.38 44.57
C CYS D 131 16.64 -21.66 44.17
N GLU D 132 17.55 -20.92 44.78
CA GLU D 132 18.97 -21.17 44.54
C GLU D 132 19.34 -22.32 45.48
N PHE D 133 19.54 -23.51 44.93
CA PHE D 133 19.84 -24.70 45.71
C PHE D 133 21.31 -25.07 45.57
N GLN D 134 21.87 -25.61 46.65
CA GLN D 134 23.17 -26.27 46.60
C GLN D 134 22.86 -27.75 46.46
N PHE D 135 22.95 -28.26 45.24
CA PHE D 135 22.55 -29.64 45.00
C PHE D 135 23.71 -30.58 45.30
N CYS D 136 23.33 -31.82 45.57
CA CYS D 136 24.30 -32.88 45.73
C CYS D 136 24.87 -33.23 44.35
N ASN D 137 26.06 -33.83 44.33
CA ASN D 137 26.64 -34.21 43.06
C ASN D 137 26.13 -35.57 42.60
N ASP D 138 25.22 -36.17 43.38
CA ASP D 138 24.52 -37.39 42.98
C ASP D 138 23.20 -37.37 43.76
N PRO D 139 22.31 -36.43 43.43
CA PRO D 139 21.09 -36.26 44.22
C PRO D 139 20.12 -37.42 43.99
N PHE D 140 19.41 -37.79 45.06
CA PHE D 140 18.42 -38.85 44.95
C PHE D 140 17.54 -38.86 46.19
N LEU D 141 16.48 -39.66 46.10
CA LEU D 141 15.60 -40.01 47.19
C LEU D 141 15.79 -41.52 47.37
N GLY D 142 15.40 -42.04 48.54
CA GLY D 142 15.50 -43.47 48.78
C GLY D 142 14.21 -44.05 49.35
N VAL D 143 14.09 -45.36 49.17
CA VAL D 143 12.91 -46.10 49.61
C VAL D 143 13.37 -47.42 50.24
N TRP D 152 7.35 -51.68 51.11
CA TRP D 152 8.23 -50.68 50.52
C TRP D 152 7.75 -49.30 50.98
N MET D 153 8.61 -48.53 51.65
CA MET D 153 8.27 -47.21 52.13
C MET D 153 9.42 -46.24 51.83
N GLU D 154 9.07 -44.97 51.60
CA GLU D 154 10.08 -43.95 51.38
C GLU D 154 10.76 -43.55 52.68
N SER D 155 12.08 -43.32 52.61
CA SER D 155 12.85 -42.92 53.78
C SER D 155 13.80 -41.76 53.50
N GLU D 156 14.80 -41.99 52.66
CA GLU D 156 15.86 -41.02 52.41
C GLU D 156 15.41 -39.87 51.50
N PHE D 157 15.92 -38.67 51.80
CA PHE D 157 15.76 -37.51 50.93
C PHE D 157 17.11 -36.78 50.99
N ARG D 158 17.91 -36.93 49.92
CA ARG D 158 19.28 -36.42 49.86
C ARG D 158 19.52 -35.66 48.55
N VAL D 159 18.76 -34.59 48.33
CA VAL D 159 18.82 -33.86 47.06
C VAL D 159 19.69 -32.61 47.16
N TYR D 160 19.55 -31.83 48.23
CA TYR D 160 20.30 -30.58 48.36
C TYR D 160 20.58 -30.26 49.82
N SER D 161 21.55 -29.37 50.03
CA SER D 161 21.89 -28.88 51.36
C SER D 161 21.44 -27.44 51.59
N SER D 162 22.23 -26.46 51.13
CA SER D 162 21.89 -25.06 51.26
C SER D 162 20.83 -24.66 50.24
N ALA D 163 19.93 -23.76 50.64
CA ALA D 163 18.87 -23.31 49.74
C ALA D 163 18.28 -22.00 50.24
N ASN D 164 18.58 -20.87 49.58
CA ASN D 164 17.99 -19.60 50.01
C ASN D 164 17.76 -18.70 48.79
N ASN D 165 17.10 -17.57 49.06
CA ASN D 165 16.75 -16.55 48.07
C ASN D 165 15.75 -17.11 47.05
N CYS D 166 14.74 -17.79 47.60
CA CYS D 166 13.67 -18.44 46.85
C CYS D 166 12.75 -17.41 46.22
N THR D 167 12.44 -17.58 44.93
CA THR D 167 11.59 -16.65 44.21
C THR D 167 10.24 -17.22 43.82
N PHE D 168 10.10 -18.53 43.60
CA PHE D 168 8.80 -19.06 43.22
C PHE D 168 8.75 -20.44 43.85
N GLU D 169 7.58 -20.84 44.36
CA GLU D 169 7.42 -22.20 44.85
C GLU D 169 5.97 -22.60 44.62
N TYR D 170 5.76 -23.90 44.38
CA TYR D 170 4.40 -24.39 44.25
C TYR D 170 4.42 -25.80 44.83
N VAL D 171 3.39 -26.14 45.61
CA VAL D 171 3.22 -27.48 46.16
C VAL D 171 1.81 -27.98 45.87
N SER D 172 1.75 -29.17 45.24
CA SER D 172 0.49 -29.82 44.90
C SER D 172 -0.19 -30.32 46.17
N GLN D 173 -1.52 -30.38 46.13
CA GLN D 173 -2.30 -30.98 47.21
C GLN D 173 -1.69 -32.33 47.62
N PRO D 174 -1.38 -32.55 48.90
CA PRO D 174 -0.77 -33.82 49.30
C PRO D 174 -1.55 -35.08 48.91
N PHE D 175 -0.79 -36.10 48.53
CA PHE D 175 -1.33 -37.41 48.15
C PHE D 175 -0.26 -38.46 48.40
N LEU D 176 -0.70 -39.72 48.47
CA LEU D 176 0.18 -40.86 48.64
C LEU D 176 0.35 -41.62 47.32
N MET D 177 1.60 -41.76 46.87
CA MET D 177 1.90 -42.52 45.65
C MET D 177 2.23 -43.95 46.00
N ASP D 178 1.81 -44.87 45.15
CA ASP D 178 2.13 -46.28 45.37
C ASP D 178 3.57 -46.47 44.90
N LEU D 179 4.46 -46.82 45.82
CA LEU D 179 5.88 -46.98 45.56
C LEU D 179 6.28 -48.43 45.34
N GLU D 180 5.31 -49.34 45.22
CA GLU D 180 5.59 -50.75 45.01
C GLU D 180 4.41 -51.44 44.34
N ASN D 185 6.42 -57.10 32.81
CA ASN D 185 5.85 -55.95 32.12
C ASN D 185 5.65 -54.78 33.08
N PHE D 186 5.68 -53.58 32.53
CA PHE D 186 5.45 -52.36 33.28
C PHE D 186 3.97 -51.99 33.23
N LYS D 187 3.56 -51.10 34.13
CA LYS D 187 2.17 -50.64 34.18
C LYS D 187 1.96 -49.16 34.01
N ASN D 188 2.88 -48.31 34.46
CA ASN D 188 2.68 -46.87 34.44
C ASN D 188 3.70 -46.26 33.49
N LEU D 189 3.19 -45.56 32.48
CA LEU D 189 4.00 -44.81 31.53
C LEU D 189 3.75 -43.33 31.76
N ARG D 190 4.82 -42.59 31.99
CA ARG D 190 4.77 -41.16 32.12
C ARG D 190 5.67 -40.60 31.05
N GLU D 191 5.15 -39.69 30.26
CA GLU D 191 5.89 -39.05 29.19
C GLU D 191 5.90 -37.57 29.51
N PHE D 192 7.05 -36.96 29.32
CA PHE D 192 7.19 -35.54 29.57
C PHE D 192 7.95 -34.90 28.43
N VAL D 193 7.56 -33.69 28.14
CA VAL D 193 8.28 -32.79 27.26
C VAL D 193 8.56 -31.56 28.11
N PHE D 194 9.80 -31.12 28.14
CA PHE D 194 10.15 -29.99 28.98
C PHE D 194 10.61 -28.83 28.10
N LYS D 195 9.81 -27.77 28.07
CA LYS D 195 10.09 -26.58 27.29
C LYS D 195 10.22 -25.38 28.23
N ASN D 196 11.07 -24.44 27.80
CA ASN D 196 11.38 -23.19 28.51
C ASN D 196 11.23 -22.03 27.54
N ILE D 197 10.01 -21.53 27.36
CA ILE D 197 9.72 -20.56 26.32
C ILE D 197 9.01 -19.33 26.91
N ASP D 198 9.57 -18.15 26.62
CA ASP D 198 8.97 -16.86 26.96
C ASP D 198 8.58 -16.76 28.43
N GLY D 199 9.42 -17.27 29.31
CA GLY D 199 9.18 -17.14 30.72
C GLY D 199 8.42 -18.29 31.34
N TYR D 200 7.89 -19.20 30.53
CA TYR D 200 7.14 -20.34 31.03
C TYR D 200 7.88 -21.65 30.90
N PHE D 201 7.79 -22.42 31.96
CA PHE D 201 8.21 -23.80 31.98
C PHE D 201 6.97 -24.66 31.79
N LYS D 202 6.84 -25.24 30.61
CA LYS D 202 5.62 -25.97 30.26
C LYS D 202 5.86 -27.47 30.38
N ILE D 203 4.98 -28.16 31.10
CA ILE D 203 5.04 -29.60 31.32
C ILE D 203 3.87 -30.23 30.58
N TYR D 204 4.17 -31.22 29.72
CA TYR D 204 3.13 -31.95 29.00
C TYR D 204 3.17 -33.37 29.55
N SER D 205 2.02 -34.05 29.60
CA SER D 205 2.05 -35.42 30.09
C SER D 205 0.88 -36.22 29.54
N LYS D 206 1.07 -37.53 29.52
CA LYS D 206 0.06 -38.50 29.15
C LYS D 206 0.26 -39.72 30.04
N HIS D 207 -0.83 -40.31 30.50
CA HIS D 207 -0.80 -41.55 31.27
C HIS D 207 -1.57 -42.60 30.48
N THR D 208 -0.95 -43.75 30.25
CA THR D 208 -1.55 -44.86 29.55
C THR D 208 -1.11 -46.15 30.21
N PRO D 209 -1.84 -47.25 29.99
CA PRO D 209 -1.27 -48.57 30.28
C PRO D 209 -0.19 -48.93 29.26
N ILE D 210 0.77 -49.74 29.70
CA ILE D 210 1.79 -50.28 28.82
C ILE D 210 1.95 -51.76 29.14
N ASN D 211 2.44 -52.52 28.16
CA ASN D 211 2.64 -53.96 28.35
C ASN D 211 3.93 -54.50 27.75
N LEU D 212 4.87 -53.67 27.33
CA LEU D 212 6.13 -54.21 26.83
C LEU D 212 7.10 -54.42 27.98
N VAL D 213 8.01 -55.39 27.80
CA VAL D 213 9.11 -55.57 28.74
C VAL D 213 10.27 -54.63 28.46
N ARG D 214 10.69 -54.50 27.20
CA ARG D 214 11.98 -53.87 26.88
C ARG D 214 11.94 -52.79 25.79
N ASP D 215 10.81 -52.13 25.54
CA ASP D 215 10.84 -51.11 24.49
C ASP D 215 9.72 -50.09 24.68
N LEU D 216 9.72 -49.10 23.78
CA LEU D 216 8.80 -47.99 23.62
C LEU D 216 7.70 -48.41 22.63
N PRO D 217 6.41 -48.20 22.90
CA PRO D 217 5.40 -48.74 21.99
C PRO D 217 5.40 -48.04 20.64
N GLN D 218 4.87 -48.76 19.64
CA GLN D 218 4.60 -48.16 18.34
C GLN D 218 3.13 -47.79 18.35
N GLY D 219 2.80 -46.66 17.75
CA GLY D 219 1.45 -46.17 17.75
C GLY D 219 1.51 -44.68 18.01
N PHE D 220 0.37 -44.01 18.12
CA PHE D 220 0.35 -42.56 18.27
C PHE D 220 -0.54 -42.18 19.46
N SER D 221 -0.05 -41.22 20.23
CA SER D 221 -0.82 -40.60 21.30
C SER D 221 -0.28 -39.17 21.46
N ALA D 222 -1.12 -38.29 22.00
CA ALA D 222 -0.74 -36.92 22.23
C ALA D 222 -0.65 -36.61 23.72
N LEU D 223 0.33 -35.78 24.08
CA LEU D 223 0.56 -35.37 25.45
C LEU D 223 -0.23 -34.10 25.72
N GLU D 224 -1.13 -34.16 26.70
CA GLU D 224 -1.96 -33.04 27.09
C GLU D 224 -1.21 -32.08 28.02
N PRO D 225 -1.55 -30.79 28.00
CA PRO D 225 -0.94 -29.87 28.96
C PRO D 225 -1.32 -30.22 30.39
N LEU D 226 -0.33 -30.13 31.28
CA LEU D 226 -0.56 -30.42 32.69
C LEU D 226 -0.59 -29.14 33.52
N VAL D 227 0.43 -28.29 33.38
CA VAL D 227 0.57 -27.05 34.15
C VAL D 227 1.42 -26.07 33.35
N ASP D 228 1.10 -24.78 33.49
CA ASP D 228 1.87 -23.67 32.93
C ASP D 228 2.60 -23.02 34.09
N LEU D 229 3.91 -23.24 34.19
CA LEU D 229 4.63 -22.71 35.34
C LEU D 229 5.22 -21.35 34.96
N PRO D 230 4.82 -20.25 35.63
CA PRO D 230 5.32 -18.91 35.26
C PRO D 230 6.70 -18.64 35.85
N ILE D 231 7.68 -19.46 35.46
CA ILE D 231 9.02 -19.38 36.03
C ILE D 231 10.05 -19.11 34.94
N GLY D 232 10.66 -17.92 35.00
CA GLY D 232 11.63 -17.50 34.03
C GLY D 232 12.99 -18.05 34.39
N ILE D 233 13.16 -19.36 34.32
CA ILE D 233 14.39 -20.04 34.74
C ILE D 233 15.14 -20.50 33.50
N ASN D 234 16.45 -20.26 33.51
CA ASN D 234 17.36 -20.73 32.47
C ASN D 234 17.64 -22.22 32.58
N ILE D 235 17.12 -22.99 31.63
CA ILE D 235 17.29 -24.43 31.58
C ILE D 235 18.11 -24.79 30.35
N THR D 236 19.30 -25.38 30.63
CA THR D 236 20.29 -25.82 29.60
C THR D 236 20.92 -27.20 29.90
N ARG D 237 20.76 -27.82 31.08
CA ARG D 237 21.26 -29.19 31.39
C ARG D 237 20.30 -29.87 32.37
N PHE D 238 20.15 -31.20 32.37
CA PHE D 238 19.16 -31.92 33.23
C PHE D 238 19.69 -33.26 33.79
N GLN D 239 19.19 -33.74 34.96
CA GLN D 239 19.57 -35.00 35.59
C GLN D 239 18.31 -35.72 36.07
N THR D 240 18.31 -37.06 36.02
CA THR D 240 17.16 -37.86 36.43
C THR D 240 17.29 -38.34 37.87
N LEU D 241 16.22 -38.19 38.66
CA LEU D 241 16.17 -38.66 40.04
C LEU D 241 15.49 -40.03 40.17
N LEU D 242 16.17 -40.97 40.81
CA LEU D 242 15.67 -42.32 41.06
C LEU D 242 15.67 -42.66 42.54
N ALA D 243 14.75 -43.55 42.92
CA ALA D 243 14.70 -44.14 44.26
C ALA D 243 14.93 -45.64 44.21
N TRP D 258 22.03 -51.91 49.42
CA TRP D 258 20.95 -51.42 48.56
C TRP D 258 20.84 -52.30 47.32
N THR D 259 19.67 -52.26 46.68
CA THR D 259 19.39 -53.07 45.50
C THR D 259 18.77 -52.18 44.43
N ALA D 260 18.70 -52.72 43.22
CA ALA D 260 18.09 -52.05 42.07
C ALA D 260 16.71 -52.64 41.80
N GLY D 261 15.82 -51.79 41.29
CA GLY D 261 14.50 -52.20 40.87
C GLY D 261 14.43 -52.46 39.37
N ALA D 262 13.22 -52.79 38.93
CA ALA D 262 12.94 -53.06 37.52
C ALA D 262 12.39 -51.78 36.91
N ALA D 263 13.20 -51.11 36.09
CA ALA D 263 12.77 -49.87 35.49
C ALA D 263 13.72 -49.52 34.36
N ALA D 264 13.25 -48.66 33.46
CA ALA D 264 14.11 -48.10 32.43
C ALA D 264 13.57 -46.74 32.05
N TYR D 265 14.43 -45.88 31.50
CA TYR D 265 13.94 -44.61 31.01
C TYR D 265 14.66 -44.23 29.72
N TYR D 266 14.00 -43.34 28.99
CA TYR D 266 14.36 -42.91 27.65
C TYR D 266 14.48 -41.38 27.65
N VAL D 267 15.50 -40.88 26.95
CA VAL D 267 15.73 -39.43 26.78
C VAL D 267 15.91 -39.14 25.30
N GLY D 268 15.08 -38.26 24.75
CA GLY D 268 15.19 -37.82 23.38
C GLY D 268 15.31 -36.30 23.36
N TYR D 269 15.56 -35.75 22.16
CA TYR D 269 15.71 -34.30 22.01
C TYR D 269 14.79 -33.75 20.93
N LEU D 270 14.30 -32.55 21.20
CA LEU D 270 13.39 -31.82 20.34
C LEU D 270 14.20 -30.99 19.34
N GLN D 271 13.62 -30.79 18.16
CA GLN D 271 14.21 -29.96 17.14
C GLN D 271 13.15 -29.02 16.59
N PRO D 272 13.57 -27.83 16.04
CA PRO D 272 12.62 -26.99 15.30
C PRO D 272 12.11 -27.71 14.07
N ARG D 273 10.82 -28.09 14.07
CA ARG D 273 10.25 -28.81 12.95
C ARG D 273 8.83 -28.32 12.69
N THR D 274 8.39 -28.53 11.44
CA THR D 274 7.02 -28.29 11.05
C THR D 274 6.31 -29.63 11.01
N PHE D 275 5.22 -29.75 11.74
CA PHE D 275 4.36 -30.92 11.83
C PHE D 275 2.96 -30.64 11.35
N LEU D 276 2.42 -31.60 10.62
CA LEU D 276 1.02 -31.59 10.22
C LEU D 276 0.27 -32.51 11.18
N LEU D 277 -0.59 -31.92 12.00
CA LEU D 277 -1.34 -32.60 13.05
C LEU D 277 -2.80 -32.81 12.66
N LYS D 278 -3.27 -34.04 12.86
CA LYS D 278 -4.63 -34.46 12.55
C LYS D 278 -5.51 -34.47 13.80
N TYR D 279 -6.53 -33.61 13.80
CA TYR D 279 -7.49 -33.50 14.89
C TYR D 279 -8.73 -34.29 14.53
N ASN D 280 -9.20 -35.13 15.46
CA ASN D 280 -10.38 -35.96 15.25
C ASN D 280 -11.64 -35.16 15.61
N GLU D 281 -12.78 -35.84 15.60
CA GLU D 281 -14.06 -35.21 15.90
C GLU D 281 -14.08 -34.57 17.29
N ASN D 282 -13.36 -35.15 18.24
CA ASN D 282 -13.31 -34.66 19.62
C ASN D 282 -12.14 -33.71 19.87
N GLY D 283 -11.43 -33.31 18.82
CA GLY D 283 -10.35 -32.37 18.99
C GLY D 283 -9.10 -32.99 19.56
N THR D 284 -9.01 -34.33 19.51
CA THR D 284 -7.84 -35.05 19.98
C THR D 284 -6.90 -35.24 18.79
N ILE D 285 -5.62 -35.05 19.04
CA ILE D 285 -4.62 -35.26 18.01
C ILE D 285 -4.45 -36.76 17.88
N THR D 286 -4.73 -37.31 16.69
CA THR D 286 -4.69 -38.75 16.48
C THR D 286 -3.59 -39.21 15.54
N ASP D 287 -3.03 -38.33 14.71
CA ASP D 287 -1.91 -38.72 13.87
C ASP D 287 -1.09 -37.47 13.59
N ALA D 288 0.04 -37.65 12.91
CA ALA D 288 0.90 -36.52 12.58
C ALA D 288 1.90 -36.90 11.50
N VAL D 289 2.36 -35.90 10.75
CA VAL D 289 3.41 -36.02 9.74
C VAL D 289 4.58 -35.12 10.09
N ASP D 290 5.79 -35.71 10.13
CA ASP D 290 7.05 -34.99 10.31
C ASP D 290 7.53 -34.50 8.95
N CYS D 291 7.34 -33.21 8.69
CA CYS D 291 7.52 -32.69 7.36
C CYS D 291 8.95 -32.75 6.86
N ALA D 292 9.93 -32.97 7.75
CA ALA D 292 11.34 -33.02 7.37
C ALA D 292 11.92 -34.42 7.48
N LEU D 293 11.10 -35.43 7.81
CA LEU D 293 11.61 -36.81 8.02
C LEU D 293 12.20 -37.31 6.71
N ASP D 294 11.40 -37.37 5.64
CA ASP D 294 11.85 -37.92 4.33
C ASP D 294 11.04 -37.21 3.24
N PRO D 295 11.37 -37.32 1.93
CA PRO D 295 10.66 -36.56 0.93
C PRO D 295 9.15 -36.82 0.93
N LEU D 296 8.66 -37.96 1.40
CA LEU D 296 7.24 -38.33 1.39
C LEU D 296 6.47 -37.57 2.45
N SER D 297 7.06 -37.38 3.63
CA SER D 297 6.38 -36.61 4.64
C SER D 297 6.28 -35.16 4.19
N GLU D 298 7.32 -34.67 3.52
CA GLU D 298 7.31 -33.32 2.99
C GLU D 298 6.21 -33.17 1.95
N THR D 299 6.04 -34.19 1.09
CA THR D 299 4.96 -34.15 0.11
C THR D 299 3.61 -34.13 0.81
N LYS D 300 3.43 -34.97 1.83
CA LYS D 300 2.17 -34.99 2.57
C LYS D 300 1.86 -33.62 3.15
N CYS D 301 2.89 -32.95 3.66
CA CYS D 301 2.73 -31.61 4.21
C CYS D 301 2.36 -30.59 3.15
N THR D 302 2.93 -30.72 1.94
CA THR D 302 2.64 -29.75 0.88
C THR D 302 1.16 -29.70 0.55
N LEU D 303 0.50 -30.86 0.45
CA LEU D 303 -0.91 -30.91 0.12
C LEU D 303 -1.82 -30.79 1.32
N LYS D 304 -1.26 -30.67 2.53
CA LYS D 304 -2.04 -30.61 3.77
C LYS D 304 -3.02 -31.77 3.85
N SER D 305 -2.49 -32.97 3.61
CA SER D 305 -3.28 -34.19 3.64
C SER D 305 -2.36 -35.35 3.99
N PHE D 306 -2.94 -36.39 4.56
CA PHE D 306 -2.20 -37.60 4.91
C PHE D 306 -2.24 -38.63 3.78
N THR D 307 -2.93 -38.33 2.69
CA THR D 307 -3.00 -39.17 1.51
C THR D 307 -2.49 -38.36 0.33
N VAL D 308 -1.58 -38.95 -0.45
CA VAL D 308 -1.01 -38.31 -1.62
C VAL D 308 -1.35 -39.16 -2.82
N GLU D 309 -1.88 -38.51 -3.86
CA GLU D 309 -2.23 -39.22 -5.08
C GLU D 309 -0.99 -39.37 -5.96
N LYS D 310 -1.08 -40.31 -6.90
CA LYS D 310 0.00 -40.51 -7.86
C LYS D 310 0.23 -39.23 -8.67
N GLY D 311 1.49 -38.84 -8.78
CA GLY D 311 1.82 -37.66 -9.55
C GLY D 311 3.17 -37.10 -9.13
N ILE D 312 3.45 -35.91 -9.65
CA ILE D 312 4.67 -35.16 -9.37
C ILE D 312 4.28 -33.83 -8.74
N TYR D 313 4.88 -33.52 -7.59
CA TYR D 313 4.55 -32.32 -6.84
C TYR D 313 5.82 -31.54 -6.56
N GLN D 314 5.76 -30.23 -6.73
CA GLN D 314 6.89 -29.35 -6.41
C GLN D 314 6.72 -28.86 -4.97
N THR D 315 7.61 -29.31 -4.09
CA THR D 315 7.48 -29.08 -2.66
C THR D 315 8.54 -28.18 -2.03
N SER D 316 9.70 -28.03 -2.65
CA SER D 316 10.76 -27.24 -2.04
C SER D 316 11.71 -26.76 -3.12
N ASN D 317 12.83 -26.21 -2.69
CA ASN D 317 13.87 -25.72 -3.59
C ASN D 317 15.22 -26.16 -3.05
N PHE D 318 16.01 -26.79 -3.90
CA PHE D 318 17.35 -27.21 -3.56
C PHE D 318 18.27 -26.05 -3.81
N ARG D 319 19.20 -25.84 -2.88
CA ARG D 319 20.22 -24.82 -3.04
C ARG D 319 21.47 -25.22 -2.27
N VAL D 320 22.61 -25.14 -2.94
CA VAL D 320 23.88 -25.38 -2.29
C VAL D 320 24.19 -24.15 -1.44
N GLN D 321 24.55 -24.38 -0.17
CA GLN D 321 24.76 -23.25 0.72
C GLN D 321 26.22 -22.80 0.69
N PRO D 322 26.49 -21.51 0.86
CA PRO D 322 27.88 -21.04 0.90
C PRO D 322 28.58 -21.55 2.15
N THR D 323 29.88 -21.83 1.98
CA THR D 323 30.72 -22.36 3.05
C THR D 323 31.78 -21.37 3.53
N GLU D 324 32.04 -20.29 2.79
CA GLU D 324 33.03 -19.30 3.17
C GLU D 324 32.46 -17.89 2.99
N SER D 325 33.03 -16.95 3.75
CA SER D 325 32.71 -15.53 3.65
C SER D 325 33.94 -14.84 3.06
N ILE D 326 33.81 -14.31 1.86
CA ILE D 326 34.92 -13.71 1.13
C ILE D 326 34.77 -12.21 1.17
N VAL D 327 35.68 -11.54 1.88
CA VAL D 327 35.64 -10.10 2.07
C VAL D 327 36.91 -9.55 1.44
N ARG D 328 36.75 -8.64 0.48
CA ARG D 328 37.88 -8.03 -0.21
C ARG D 328 37.67 -6.53 -0.23
N PHE D 329 38.58 -5.80 0.40
CA PHE D 329 38.57 -4.35 0.39
C PHE D 329 39.97 -3.88 0.03
N PRO D 330 40.14 -2.66 -0.45
CA PRO D 330 41.50 -2.15 -0.69
C PRO D 330 42.29 -2.16 0.62
N ASN D 331 43.57 -2.52 0.52
CA ASN D 331 44.37 -2.70 1.73
C ASN D 331 45.05 -1.42 2.18
N ILE D 332 44.32 -0.31 2.17
CA ILE D 332 44.85 1.01 2.52
C ILE D 332 44.44 1.19 3.98
N THR D 333 45.37 0.89 4.90
CA THR D 333 45.08 0.89 6.31
C THR D 333 45.39 2.22 7.00
N ASN D 334 45.68 3.27 6.25
CA ASN D 334 45.83 4.61 6.84
C ASN D 334 44.54 4.96 7.57
N LEU D 335 44.64 5.43 8.81
CA LEU D 335 43.42 5.67 9.57
C LEU D 335 42.68 6.82 8.90
N CYS D 336 41.35 6.69 8.84
CA CYS D 336 40.58 7.74 8.19
C CYS D 336 40.34 8.90 9.15
N PRO D 337 40.50 10.23 8.70
CA PRO D 337 40.45 11.35 9.66
C PRO D 337 39.04 11.80 10.03
N PHE D 338 38.19 10.85 10.39
CA PHE D 338 36.87 11.20 10.89
C PHE D 338 36.97 11.96 12.19
N GLY D 339 37.90 11.52 13.04
CA GLY D 339 38.10 12.13 14.36
C GLY D 339 38.38 13.62 14.26
N GLU D 340 38.96 14.05 13.14
CA GLU D 340 39.37 15.48 13.01
C GLU D 340 38.15 16.31 12.66
N VAL D 341 37.17 15.75 11.96
CA VAL D 341 35.94 16.55 11.74
C VAL D 341 35.25 16.80 13.08
N PHE D 342 35.07 15.77 13.91
CA PHE D 342 34.44 15.91 15.24
C PHE D 342 35.39 16.63 16.20
N ASN D 343 36.68 16.32 16.13
CA ASN D 343 37.69 16.92 17.03
C ASN D 343 37.88 18.39 16.72
N ALA D 344 37.39 18.86 15.59
CA ALA D 344 37.76 20.22 15.21
C ALA D 344 37.46 21.20 16.32
N THR D 345 38.45 21.98 16.66
CA THR D 345 38.32 23.01 17.71
C THR D 345 37.35 24.08 17.26
N ARG D 346 37.40 24.48 15.99
CA ARG D 346 36.57 25.60 15.50
C ARG D 346 35.19 25.12 15.08
N PHE D 347 34.92 25.06 13.77
CA PHE D 347 33.64 24.66 13.20
C PHE D 347 32.99 25.93 12.72
N ALA D 348 32.12 25.71 11.78
CA ALA D 348 31.50 26.77 11.01
C ALA D 348 30.34 27.41 11.74
N SER D 349 29.58 28.13 10.94
CA SER D 349 28.32 28.74 11.27
C SER D 349 27.35 28.17 10.26
N VAL D 350 26.06 28.14 10.62
CA VAL D 350 25.11 27.44 9.77
C VAL D 350 25.03 28.07 8.38
N TYR D 351 25.17 29.40 8.25
CA TYR D 351 25.03 30.02 6.94
C TYR D 351 26.14 29.54 6.00
N ALA D 352 27.38 29.49 6.49
CA ALA D 352 28.54 28.98 5.75
C ALA D 352 28.97 27.71 6.48
N TRP D 353 28.48 26.57 6.02
CA TRP D 353 28.70 25.29 6.70
C TRP D 353 29.97 24.65 6.16
N ASN D 354 30.95 24.43 7.04
CA ASN D 354 32.22 23.86 6.58
C ASN D 354 31.98 22.45 6.07
N ARG D 355 32.72 22.08 5.03
CA ARG D 355 32.69 20.71 4.51
C ARG D 355 34.09 20.16 4.32
N LYS D 356 34.32 18.95 4.83
CA LYS D 356 35.53 18.20 4.59
C LYS D 356 35.12 16.99 3.75
N ARG D 357 35.83 16.74 2.65
CA ARG D 357 35.62 15.56 1.83
C ARG D 357 36.66 14.53 2.23
N ILE D 358 36.19 13.47 2.88
CA ILE D 358 37.06 12.45 3.43
C ILE D 358 37.23 11.33 2.39
N SER D 359 38.47 10.96 2.10
CA SER D 359 38.73 9.99 1.04
C SER D 359 40.05 9.26 1.23
N ASN D 360 40.18 8.15 0.50
CA ASN D 360 41.37 7.29 0.48
C ASN D 360 41.74 6.80 1.89
N CYS D 361 40.78 6.23 2.60
CA CYS D 361 41.06 5.84 3.97
C CYS D 361 40.20 4.66 4.43
N VAL D 362 40.63 4.01 5.51
CA VAL D 362 39.85 2.98 6.20
C VAL D 362 39.18 3.65 7.40
N ALA D 363 37.85 3.60 7.45
CA ALA D 363 37.05 4.28 8.45
C ALA D 363 36.41 3.28 9.41
N ASP D 364 36.65 3.46 10.71
CA ASP D 364 36.02 2.66 11.76
C ASP D 364 34.86 3.43 12.36
N TYR D 365 33.65 2.88 12.23
CA TYR D 365 32.45 3.52 12.72
C TYR D 365 32.03 3.02 14.10
N SER D 366 32.74 2.04 14.66
CA SER D 366 32.43 1.55 16.00
C SER D 366 32.57 2.67 17.01
N VAL D 367 33.57 3.52 16.80
CA VAL D 367 33.86 4.61 17.73
C VAL D 367 32.66 5.55 17.81
N LEU D 368 31.99 5.79 16.67
CA LEU D 368 30.84 6.69 16.67
C LEU D 368 29.69 6.06 17.46
N TYR D 369 29.36 4.81 17.15
CA TYR D 369 28.26 4.14 17.82
C TYR D 369 28.57 3.82 19.27
N ASN D 370 29.78 3.36 19.59
CA ASN D 370 30.04 3.00 20.98
C ASN D 370 30.11 4.22 21.89
N SER D 371 30.15 5.43 21.32
CA SER D 371 30.30 6.64 22.10
C SER D 371 29.10 6.83 23.02
N ALA D 372 29.38 7.30 24.23
CA ALA D 372 28.36 7.47 25.27
C ALA D 372 27.94 8.92 25.42
N SER D 373 28.36 9.80 24.51
CA SER D 373 28.21 11.23 24.64
C SER D 373 27.20 11.87 23.70
N PHE D 374 27.04 11.36 22.48
CA PHE D 374 26.18 12.05 21.51
C PHE D 374 24.74 12.10 22.02
N SER D 375 24.17 13.30 21.98
CA SER D 375 22.76 13.46 22.33
C SER D 375 21.85 12.88 21.26
N THR D 376 22.14 13.16 20.00
CA THR D 376 21.33 12.73 18.86
C THR D 376 22.23 12.03 17.88
N PHE D 377 21.91 10.78 17.53
CA PHE D 377 22.65 10.06 16.49
C PHE D 377 21.60 9.46 15.55
N LYS D 378 20.96 10.31 14.75
CA LYS D 378 19.85 9.88 13.89
C LYS D 378 20.36 9.59 12.48
N CYS D 379 20.17 8.35 12.01
CA CYS D 379 20.70 7.93 10.71
C CYS D 379 19.56 7.59 9.77
N TYR D 380 19.55 8.26 8.62
CA TYR D 380 18.52 8.14 7.59
C TYR D 380 19.12 7.43 6.37
N GLY D 381 18.53 6.28 6.01
CA GLY D 381 18.98 5.47 4.89
C GLY D 381 19.90 4.33 5.29
N VAL D 382 20.62 4.48 6.41
CA VAL D 382 21.53 3.48 6.94
C VAL D 382 21.38 3.48 8.45
N SER D 383 21.83 2.36 9.08
CA SER D 383 21.83 2.24 10.54
C SER D 383 23.26 2.19 11.08
N PRO D 384 23.55 2.86 12.21
CA PRO D 384 24.94 2.97 12.66
C PRO D 384 25.67 1.65 12.86
N THR D 385 25.02 0.66 13.46
CA THR D 385 25.69 -0.61 13.76
C THR D 385 26.15 -1.29 12.49
N LYS D 386 25.36 -1.21 11.43
CA LYS D 386 25.67 -1.91 10.19
C LYS D 386 26.47 -1.04 9.24
N LEU D 387 26.87 0.16 9.68
CA LEU D 387 27.69 1.02 8.82
C LEU D 387 29.06 0.41 8.56
N ASN D 388 29.63 -0.36 9.51
CA ASN D 388 30.97 -0.92 9.33
C ASN D 388 31.04 -1.86 8.14
N ASP D 389 29.96 -2.55 7.83
CA ASP D 389 30.01 -3.59 6.81
C ASP D 389 30.35 -3.04 5.43
N LEU D 390 29.79 -1.88 5.08
CA LEU D 390 29.87 -1.31 3.74
C LEU D 390 31.07 -0.39 3.50
N CYS D 391 31.35 -0.20 2.21
CA CYS D 391 32.34 0.75 1.72
C CYS D 391 31.63 1.79 0.88
N PHE D 392 31.99 3.06 1.11
CA PHE D 392 31.34 4.21 0.52
C PHE D 392 32.28 4.88 -0.47
N THR D 393 31.74 5.28 -1.62
CA THR D 393 32.55 5.95 -2.62
C THR D 393 33.11 7.27 -2.13
N ASN D 394 32.28 8.07 -1.47
CA ASN D 394 32.69 9.34 -0.92
C ASN D 394 31.89 9.66 0.33
N VAL D 395 32.55 10.27 1.29
CA VAL D 395 31.87 10.72 2.50
C VAL D 395 32.17 12.19 2.66
N TYR D 396 31.13 12.95 2.97
CA TYR D 396 31.24 14.39 3.16
C TYR D 396 30.88 14.61 4.62
N ALA D 397 31.53 15.59 5.25
CA ALA D 397 31.32 15.83 6.67
C ALA D 397 31.06 17.31 6.88
N ASP D 398 29.81 17.71 6.64
CA ASP D 398 29.43 19.09 6.91
C ASP D 398 29.46 19.31 8.40
N SER D 399 29.93 20.48 8.83
CA SER D 399 30.07 20.81 10.24
C SER D 399 29.61 22.24 10.50
N PHE D 400 28.80 22.38 11.55
CA PHE D 400 28.16 23.66 11.88
C PHE D 400 27.54 23.57 13.28
N VAL D 401 27.25 24.75 13.86
CA VAL D 401 26.72 24.87 15.22
C VAL D 401 25.30 25.43 15.13
N ILE D 402 24.30 24.55 15.24
CA ILE D 402 22.89 24.95 15.31
C ILE D 402 22.38 25.16 16.73
N ARG D 403 21.21 25.79 16.86
CA ARG D 403 20.55 25.93 18.15
C ARG D 403 19.78 24.65 18.50
N GLY D 404 19.51 24.45 19.79
CA GLY D 404 18.94 23.18 20.25
C GLY D 404 17.57 22.87 19.67
N ASP D 405 16.66 23.86 19.68
CA ASP D 405 15.30 23.63 19.20
C ASP D 405 15.32 23.28 17.73
N GLU D 406 16.31 23.77 17.02
CA GLU D 406 16.47 23.64 15.59
C GLU D 406 17.08 22.30 15.20
N VAL D 407 17.53 21.48 16.16
CA VAL D 407 18.19 20.22 15.80
C VAL D 407 17.24 19.36 14.97
N ARG D 408 15.93 19.42 15.27
CA ARG D 408 14.96 18.64 14.52
C ARG D 408 14.95 19.06 13.05
N GLN D 409 15.22 20.35 12.79
CA GLN D 409 15.17 20.86 11.42
C GLN D 409 16.23 20.21 10.56
N ILE D 410 17.40 19.93 11.11
CA ILE D 410 18.47 19.34 10.31
C ILE D 410 18.19 17.85 10.19
N ALA D 411 17.07 17.51 9.57
CA ALA D 411 16.63 16.16 9.30
C ALA D 411 15.91 16.19 7.95
N PRO D 412 15.81 15.05 7.26
CA PRO D 412 15.24 15.07 5.90
C PRO D 412 13.83 15.64 5.86
N GLY D 413 13.59 16.54 4.91
CA GLY D 413 12.26 17.08 4.68
C GLY D 413 11.63 17.81 5.84
N GLN D 414 12.41 18.63 6.55
CA GLN D 414 11.90 19.44 7.66
C GLN D 414 12.07 20.91 7.31
N THR D 415 11.33 21.76 8.02
CA THR D 415 11.21 23.17 7.70
C THR D 415 11.48 24.04 8.91
N GLY D 416 11.82 25.28 8.62
CA GLY D 416 12.19 26.26 9.62
C GLY D 416 13.22 27.19 9.01
N LYS D 417 13.68 28.13 9.85
CA LYS D 417 14.62 29.12 9.35
C LYS D 417 15.92 28.43 8.95
N ILE D 418 16.39 27.51 9.79
CA ILE D 418 17.67 26.86 9.57
C ILE D 418 17.59 25.98 8.33
N ALA D 419 16.48 25.28 8.18
CA ALA D 419 16.34 24.32 7.08
C ALA D 419 16.15 25.03 5.75
N ASP D 420 15.30 26.06 5.72
CA ASP D 420 15.03 26.77 4.48
C ASP D 420 16.17 27.67 4.02
N TYR D 421 16.65 28.60 4.86
CA TYR D 421 17.62 29.58 4.37
C TYR D 421 19.07 29.40 4.79
N ASN D 422 19.41 28.39 5.59
CA ASN D 422 20.77 28.23 6.09
C ASN D 422 21.41 26.93 5.64
N TYR D 423 20.81 25.80 5.93
CA TYR D 423 21.30 24.51 5.49
C TYR D 423 20.11 23.62 5.25
N LYS D 424 20.01 23.02 4.07
CA LYS D 424 18.91 22.13 3.72
C LYS D 424 19.49 20.76 3.45
N LEU D 425 18.93 19.79 4.13
CA LEU D 425 19.29 18.39 3.93
C LEU D 425 18.47 17.82 2.77
N PRO D 426 19.09 17.12 1.82
CA PRO D 426 18.30 16.64 0.67
C PRO D 426 17.23 15.67 1.11
N ASP D 427 16.10 15.67 0.39
CA ASP D 427 14.98 14.85 0.83
C ASP D 427 15.27 13.36 0.77
N ASP D 428 16.32 12.95 0.04
CA ASP D 428 16.71 11.56 -0.13
C ASP D 428 17.98 11.24 0.65
N PHE D 429 18.21 11.99 1.73
CA PHE D 429 19.47 11.96 2.45
C PHE D 429 19.85 10.55 2.90
N THR D 430 21.08 10.17 2.58
CA THR D 430 21.71 8.97 3.11
C THR D 430 22.81 9.50 4.03
N GLY D 431 22.59 9.39 5.34
CA GLY D 431 23.57 9.96 6.24
C GLY D 431 23.18 9.80 7.68
N CYS D 432 24.02 10.38 8.54
CA CYS D 432 23.83 10.37 9.98
C CYS D 432 23.96 11.78 10.49
N VAL D 433 22.99 12.23 11.27
CA VAL D 433 23.02 13.54 11.91
C VAL D 433 23.48 13.28 13.35
N ILE D 434 24.75 13.58 13.60
CA ILE D 434 25.38 13.35 14.90
C ILE D 434 25.45 14.68 15.61
N ALA D 435 24.79 14.80 16.75
CA ALA D 435 24.70 16.05 17.50
C ALA D 435 24.94 15.78 18.97
N TRP D 436 25.52 16.79 19.63
CA TRP D 436 25.89 16.74 21.02
C TRP D 436 25.52 18.08 21.65
N ASN D 437 25.50 18.12 22.98
CA ASN D 437 25.15 19.34 23.72
C ASN D 437 26.38 20.21 23.86
N SER D 438 26.71 20.91 22.76
CA SER D 438 27.85 21.82 22.80
C SER D 438 27.54 23.17 23.46
N ASN D 439 26.92 23.15 24.66
CA ASN D 439 26.49 24.36 25.35
C ASN D 439 27.55 24.87 26.30
N ASN D 440 28.60 24.10 26.46
CA ASN D 440 29.67 24.39 27.37
C ASN D 440 30.98 24.68 26.67
N LEU D 441 31.02 24.61 25.33
CA LEU D 441 32.18 24.99 24.54
C LEU D 441 31.96 26.23 23.69
N ASP D 442 30.79 26.34 23.06
CA ASP D 442 30.50 27.38 22.08
C ASP D 442 29.65 28.50 22.64
N SER D 443 29.34 28.47 23.93
CA SER D 443 28.59 29.52 24.58
C SER D 443 29.48 30.17 25.63
N LYS D 444 29.46 31.50 25.62
CA LYS D 444 30.21 32.36 26.50
C LYS D 444 29.22 33.16 27.34
N VAL D 445 29.70 33.67 28.47
CA VAL D 445 28.83 34.39 29.38
C VAL D 445 28.21 35.59 28.66
N GLY D 446 29.02 36.29 27.88
CA GLY D 446 28.59 37.48 27.17
C GLY D 446 27.81 37.24 25.90
N GLY D 447 27.77 36.00 25.41
CA GLY D 447 27.08 35.65 24.17
C GLY D 447 27.89 35.57 22.90
N ASN D 448 28.32 34.37 22.48
CA ASN D 448 29.07 34.30 21.23
C ASN D 448 28.23 34.69 20.04
N TYR D 449 28.80 35.56 19.22
CA TYR D 449 28.21 36.06 17.98
C TYR D 449 28.88 35.57 16.71
N ASN D 450 29.93 34.76 16.80
CA ASN D 450 30.66 34.39 15.60
C ASN D 450 29.79 33.54 14.68
N TYR D 451 28.82 32.84 15.24
CA TYR D 451 27.96 31.93 14.52
C TYR D 451 26.71 32.64 14.01
N LEU D 452 26.55 32.72 12.69
CA LEU D 452 25.54 33.51 12.02
C LEU D 452 24.57 32.60 11.27
N TYR D 453 23.26 32.83 11.43
CA TYR D 453 22.24 32.10 10.67
C TYR D 453 21.49 33.11 9.80
N ARG D 454 21.22 32.76 8.54
CA ARG D 454 20.61 33.72 7.61
C ARG D 454 19.11 33.68 7.83
N LEU D 455 18.59 34.73 8.47
CA LEU D 455 17.17 34.74 8.85
C LEU D 455 16.21 34.86 7.67
N PHE D 456 16.51 35.70 6.67
CA PHE D 456 15.60 35.96 5.57
C PHE D 456 16.36 35.77 4.26
N ARG D 457 15.76 35.03 3.34
CA ARG D 457 16.29 34.88 1.99
C ARG D 457 15.14 35.09 1.01
N LYS D 458 15.50 35.47 -0.23
CA LYS D 458 14.50 35.67 -1.26
C LYS D 458 13.74 34.38 -1.55
N SER D 459 14.46 33.25 -1.61
CA SER D 459 13.85 31.95 -1.84
C SER D 459 14.62 30.91 -1.04
N ASN D 460 13.97 29.78 -0.81
CA ASN D 460 14.57 28.74 0.02
C ASN D 460 15.87 28.25 -0.59
N LEU D 461 16.76 27.79 0.28
CA LEU D 461 18.05 27.28 -0.16
C LEU D 461 17.89 25.91 -0.79
N LYS D 462 18.50 25.71 -1.95
CA LYS D 462 18.46 24.41 -2.61
C LYS D 462 19.36 23.41 -1.87
N PRO D 463 19.08 22.11 -2.01
CA PRO D 463 19.85 21.11 -1.26
C PRO D 463 21.35 21.22 -1.44
N PHE D 464 22.08 21.18 -0.32
CA PHE D 464 23.55 21.20 -0.29
C PHE D 464 24.11 22.40 -1.07
N GLU D 465 23.49 23.56 -0.88
CA GLU D 465 23.96 24.81 -1.47
C GLU D 465 24.34 25.76 -0.34
N ARG D 466 25.48 26.41 -0.50
CA ARG D 466 26.04 27.29 0.52
C ARG D 466 25.85 28.71 0.01
N ASP D 467 25.24 29.57 0.82
CA ASP D 467 25.07 30.98 0.49
C ASP D 467 25.94 31.83 1.40
N ILE D 468 26.91 32.52 0.81
CA ILE D 468 27.82 33.42 1.50
C ILE D 468 27.47 34.87 1.22
N SER D 469 26.30 35.11 0.61
CA SER D 469 25.88 36.44 0.20
C SER D 469 25.77 37.36 1.41
N THR D 470 26.17 38.62 1.23
CA THR D 470 26.08 39.63 2.28
C THR D 470 25.20 40.79 1.82
N GLU D 471 24.41 40.57 0.77
CA GLU D 471 23.56 41.62 0.22
C GLU D 471 22.46 42.01 1.21
N ILE D 472 22.07 43.27 1.17
CA ILE D 472 21.09 43.82 2.09
C ILE D 472 19.71 43.48 1.55
N TYR D 473 18.84 42.92 2.39
CA TYR D 473 17.53 42.43 1.94
C TYR D 473 16.43 43.47 2.18
N GLN D 474 15.91 43.98 1.07
CA GLN D 474 14.80 44.93 1.04
C GLN D 474 13.47 44.20 1.23
N ALA D 475 12.69 44.62 2.23
CA ALA D 475 11.39 44.04 2.53
C ALA D 475 10.23 44.99 2.25
N GLY D 476 10.45 46.07 1.50
CA GLY D 476 9.39 46.98 1.13
C GLY D 476 9.50 47.34 -0.34
N SER D 477 8.47 48.03 -0.86
CA SER D 477 8.51 48.41 -2.27
C SER D 477 9.64 49.38 -2.56
N THR D 478 9.97 50.22 -1.59
CA THR D 478 11.02 51.22 -1.75
C THR D 478 12.33 50.47 -2.02
N PRO D 479 13.20 50.93 -2.93
CA PRO D 479 14.51 50.27 -2.92
C PRO D 479 15.04 50.66 -1.56
N CYS D 480 15.59 49.70 -0.83
CA CYS D 480 16.04 50.09 0.50
C CYS D 480 17.27 51.01 0.38
N ASN D 481 18.00 50.91 -0.76
CA ASN D 481 19.25 51.61 -1.16
C ASN D 481 20.61 50.98 -0.80
N GLY D 482 20.66 49.73 -0.35
CA GLY D 482 21.98 49.15 -0.08
C GLY D 482 22.77 49.66 1.12
N VAL D 483 22.09 50.21 2.12
CA VAL D 483 22.71 50.75 3.33
C VAL D 483 21.62 50.54 4.34
N GLU D 484 21.94 50.58 5.63
CA GLU D 484 20.82 50.23 6.50
C GLU D 484 19.81 51.38 6.58
N GLY D 485 18.61 51.00 7.01
CA GLY D 485 17.53 51.93 7.19
C GLY D 485 16.28 51.11 7.44
N PHE D 486 15.13 51.77 7.43
CA PHE D 486 13.89 51.01 7.52
C PHE D 486 13.83 50.06 6.32
N ASN D 487 13.60 48.79 6.60
CA ASN D 487 13.49 47.70 5.63
C ASN D 487 14.82 47.38 4.95
N CYS D 488 15.95 47.79 5.55
CA CYS D 488 17.31 47.36 5.16
C CYS D 488 18.00 46.93 6.43
N TYR D 489 18.45 45.69 6.43
CA TYR D 489 19.09 45.10 7.59
C TYR D 489 20.04 44.05 7.06
N PHE D 490 21.05 43.75 7.83
CA PHE D 490 21.98 42.71 7.45
C PHE D 490 21.19 41.38 7.47
N PRO D 491 21.40 40.47 6.50
CA PRO D 491 20.55 39.27 6.47
C PRO D 491 20.92 38.13 7.40
N LEU D 492 22.09 38.16 8.00
CA LEU D 492 22.55 37.11 8.89
C LEU D 492 22.33 37.76 10.25
N GLN D 493 21.45 37.20 11.05
CA GLN D 493 21.16 37.77 12.36
C GLN D 493 21.87 36.91 13.38
N SER D 494 22.71 37.53 14.19
CA SER D 494 23.52 36.79 15.12
C SER D 494 22.78 36.50 16.40
N TYR D 495 22.58 35.21 16.66
CA TYR D 495 22.02 34.75 17.90
C TYR D 495 23.04 34.78 19.04
N GLY D 496 22.55 34.98 20.27
CA GLY D 496 23.39 35.07 21.45
C GLY D 496 23.15 34.07 22.58
N PHE D 497 24.04 33.07 22.69
CA PHE D 497 24.06 32.08 23.77
C PHE D 497 24.82 32.44 25.02
N GLN D 498 24.23 32.14 26.16
CA GLN D 498 24.87 32.29 27.45
C GLN D 498 24.82 30.90 28.07
N PRO D 499 25.70 30.55 29.01
CA PRO D 499 25.72 29.16 29.50
C PRO D 499 24.42 28.68 30.12
N THR D 500 23.66 29.54 30.79
CA THR D 500 22.49 29.11 31.54
C THR D 500 21.20 29.15 30.71
N ASN D 501 21.27 29.25 29.38
CA ASN D 501 20.03 29.37 28.62
C ASN D 501 19.27 28.05 28.61
N GLY D 502 18.01 28.14 28.22
CA GLY D 502 17.18 26.96 28.17
C GLY D 502 17.59 26.08 27.01
N VAL D 503 17.18 24.82 27.09
CA VAL D 503 17.57 23.82 26.11
C VAL D 503 17.11 24.21 24.72
N GLY D 504 16.07 25.03 24.61
CA GLY D 504 15.66 25.54 23.32
C GLY D 504 16.73 26.40 22.68
N TYR D 505 17.44 27.21 23.48
CA TYR D 505 18.48 28.10 23.00
C TYR D 505 19.89 27.56 23.26
N GLN D 506 20.00 26.36 23.74
CA GLN D 506 21.30 25.75 23.91
C GLN D 506 21.89 25.26 22.58
N PRO D 507 23.21 25.41 22.37
CA PRO D 507 23.80 25.01 21.09
C PRO D 507 24.02 23.52 20.96
N TYR D 508 23.66 23.02 19.80
CA TYR D 508 23.81 21.61 19.53
C TYR D 508 24.66 21.63 18.27
N ARG D 509 25.90 21.25 18.45
CA ARG D 509 26.77 21.17 17.31
C ARG D 509 26.30 20.01 16.45
N VAL D 510 26.51 20.10 15.13
CA VAL D 510 26.17 18.98 14.27
C VAL D 510 27.30 18.72 13.29
N VAL D 511 27.43 17.43 12.95
CA VAL D 511 28.37 16.94 11.94
C VAL D 511 27.64 15.92 11.08
N VAL D 512 26.75 16.38 10.20
CA VAL D 512 26.05 15.46 9.31
C VAL D 512 27.08 14.77 8.44
N LEU D 513 27.01 13.45 8.34
CA LEU D 513 27.89 12.68 7.47
C LEU D 513 27.10 12.20 6.27
N SER D 514 27.31 12.88 5.14
CA SER D 514 26.57 12.58 3.91
C SER D 514 27.32 11.51 3.13
N PHE D 515 26.93 10.27 3.39
CA PHE D 515 27.54 9.10 2.74
C PHE D 515 27.04 8.98 1.30
N GLU D 516 27.94 8.92 0.33
CA GLU D 516 27.61 8.83 -1.09
C GLU D 516 27.73 7.38 -1.54
N LEU D 517 26.62 6.83 -2.03
CA LEU D 517 26.52 5.44 -2.42
C LEU D 517 26.48 5.27 -3.94
N LEU D 518 26.80 6.32 -4.71
CA LEU D 518 26.83 6.21 -6.16
C LEU D 518 27.81 5.11 -6.59
N HIS D 519 27.61 4.59 -7.79
CA HIS D 519 28.43 3.52 -8.33
C HIS D 519 29.70 4.08 -8.96
N ALA D 520 30.86 3.72 -8.40
CA ALA D 520 32.16 4.22 -8.83
C ALA D 520 33.25 3.61 -7.94
N PRO D 521 34.53 3.93 -8.13
CA PRO D 521 35.55 3.41 -7.19
C PRO D 521 35.29 3.91 -5.79
N ALA D 522 35.43 3.01 -4.81
CA ALA D 522 35.18 3.33 -3.42
C ALA D 522 36.44 3.29 -2.58
N THR D 523 36.69 4.41 -1.89
CA THR D 523 37.92 4.65 -1.16
C THR D 523 37.72 4.59 0.35
N VAL D 524 36.75 5.35 0.87
CA VAL D 524 36.43 5.24 2.30
C VAL D 524 35.76 3.89 2.53
N CYS D 525 36.19 3.16 3.56
CA CYS D 525 35.64 1.84 3.85
C CYS D 525 35.58 1.55 5.34
N GLY D 526 34.89 0.45 5.62
CA GLY D 526 34.69 -0.08 6.95
C GLY D 526 35.95 -0.74 7.45
N PRO D 527 36.05 -0.98 8.76
CA PRO D 527 37.31 -1.52 9.30
C PRO D 527 37.42 -3.03 9.14
N LYS D 528 36.57 -3.63 8.33
CA LYS D 528 36.53 -5.09 8.21
C LYS D 528 37.83 -5.61 7.61
N LYS D 529 38.22 -6.80 8.06
CA LYS D 529 39.40 -7.48 7.53
C LYS D 529 39.03 -8.32 6.31
N SER D 530 39.96 -8.37 5.36
CA SER D 530 39.78 -9.15 4.15
C SER D 530 40.32 -10.57 4.29
N THR D 531 39.75 -11.48 3.52
CA THR D 531 40.11 -12.88 3.47
C THR D 531 40.68 -13.22 2.09
N ASN D 532 41.16 -14.44 1.95
CA ASN D 532 41.67 -14.90 0.67
C ASN D 532 40.52 -15.10 -0.32
N LEU D 533 40.80 -14.83 -1.59
CA LEU D 533 39.81 -15.03 -2.64
C LEU D 533 39.67 -16.51 -2.97
N VAL D 534 38.43 -16.98 -3.02
CA VAL D 534 38.10 -18.37 -3.34
C VAL D 534 37.28 -18.38 -4.62
N LYS D 535 37.74 -19.15 -5.60
CA LYS D 535 37.06 -19.26 -6.89
C LYS D 535 36.50 -20.65 -7.11
N ASN D 536 35.49 -20.72 -7.98
CA ASN D 536 34.85 -21.98 -8.37
C ASN D 536 34.20 -22.69 -7.18
N LYS D 537 33.70 -21.91 -6.21
CA LYS D 537 33.02 -22.47 -5.05
C LYS D 537 31.88 -21.54 -4.66
N CYS D 538 30.83 -22.10 -4.06
CA CYS D 538 29.75 -21.30 -3.51
C CYS D 538 30.21 -20.59 -2.25
N VAL D 539 30.26 -19.25 -2.30
CA VAL D 539 30.71 -18.44 -1.19
C VAL D 539 29.79 -17.25 -1.00
N ASN D 540 29.86 -16.67 0.19
CA ASN D 540 29.28 -15.37 0.49
C ASN D 540 30.37 -14.34 0.26
N PHE D 541 30.16 -13.43 -0.69
CA PHE D 541 31.19 -12.47 -1.02
C PHE D 541 30.76 -11.05 -0.65
N ASN D 542 31.78 -10.23 -0.41
CA ASN D 542 31.64 -8.79 -0.17
C ASN D 542 32.82 -8.13 -0.87
N PHE D 543 32.57 -7.53 -2.03
CA PHE D 543 33.56 -6.85 -2.85
C PHE D 543 33.35 -5.34 -2.78
N ASN D 544 34.11 -4.68 -1.90
CA ASN D 544 34.09 -3.23 -1.78
C ASN D 544 32.70 -2.67 -1.53
N GLY D 545 31.90 -3.39 -0.74
CA GLY D 545 30.54 -3.02 -0.41
C GLY D 545 29.48 -3.78 -1.18
N LEU D 546 29.85 -4.43 -2.28
CA LEU D 546 28.93 -5.23 -3.07
C LEU D 546 28.83 -6.60 -2.41
N THR D 547 27.64 -6.99 -1.97
CA THR D 547 27.49 -8.24 -1.23
C THR D 547 26.51 -9.17 -1.92
N GLY D 548 26.74 -10.46 -1.71
CA GLY D 548 25.85 -11.46 -2.28
C GLY D 548 26.42 -12.85 -2.06
N THR D 549 25.69 -13.82 -2.61
CA THR D 549 26.07 -15.23 -2.52
C THR D 549 26.21 -15.76 -3.93
N GLY D 550 27.30 -16.49 -4.20
CA GLY D 550 27.48 -17.02 -5.54
C GLY D 550 28.82 -17.70 -5.71
N VAL D 551 29.08 -18.04 -6.97
CA VAL D 551 30.30 -18.73 -7.40
C VAL D 551 31.09 -17.75 -8.24
N LEU D 552 32.34 -17.54 -7.84
CA LEU D 552 33.25 -16.60 -8.50
C LEU D 552 34.14 -17.38 -9.46
N THR D 553 34.14 -16.98 -10.73
CA THR D 553 34.97 -17.65 -11.73
C THR D 553 35.78 -16.62 -12.49
N GLU D 554 36.82 -17.09 -13.18
CA GLU D 554 37.63 -16.18 -13.98
C GLU D 554 36.84 -15.76 -15.21
N SER D 555 36.85 -14.47 -15.48
CA SER D 555 36.10 -13.87 -16.56
C SER D 555 36.97 -13.63 -17.78
N ASN D 556 36.33 -13.58 -18.95
CA ASN D 556 36.96 -13.20 -20.21
C ASN D 556 36.47 -11.86 -20.70
N LYS D 557 35.82 -11.07 -19.83
CA LYS D 557 35.33 -9.76 -20.20
C LYS D 557 36.46 -8.73 -20.18
N LYS D 558 36.46 -7.83 -21.16
CA LYS D 558 37.47 -6.78 -21.28
C LYS D 558 36.98 -5.49 -20.61
N PHE D 559 37.14 -5.44 -19.29
CA PHE D 559 36.77 -4.24 -18.56
C PHE D 559 37.74 -3.12 -18.86
N LEU D 560 37.22 -1.91 -19.00
CA LEU D 560 38.07 -0.76 -19.17
C LEU D 560 38.71 -0.37 -17.84
N PRO D 561 39.87 0.32 -17.87
CA PRO D 561 40.60 0.66 -16.63
C PRO D 561 39.80 1.36 -15.53
N PHE D 562 38.71 2.03 -15.88
CA PHE D 562 37.92 2.80 -14.92
C PHE D 562 36.71 2.06 -14.38
N GLN D 563 36.35 0.93 -14.97
CA GLN D 563 35.14 0.21 -14.60
C GLN D 563 35.42 -0.71 -13.41
N GLN D 564 34.57 -0.64 -12.38
CA GLN D 564 34.81 -1.39 -11.15
C GLN D 564 33.96 -2.65 -11.01
N PHE D 565 32.79 -2.69 -11.63
CA PHE D 565 31.92 -3.87 -11.57
C PHE D 565 31.01 -3.81 -12.78
N GLY D 566 30.31 -4.93 -13.03
CA GLY D 566 29.39 -5.01 -14.15
C GLY D 566 28.00 -5.46 -13.75
N ARG D 567 27.08 -5.26 -14.70
CA ARG D 567 25.69 -5.65 -14.55
C ARG D 567 25.22 -6.39 -15.80
N ASP D 568 24.23 -7.26 -15.59
CA ASP D 568 23.64 -8.09 -16.62
C ASP D 568 22.53 -7.34 -17.35
N ILE D 569 21.87 -8.04 -18.29
CA ILE D 569 20.74 -7.47 -19.02
C ILE D 569 19.66 -7.02 -18.04
N ALA D 570 19.50 -7.77 -16.95
CA ALA D 570 18.54 -7.47 -15.90
C ALA D 570 18.95 -6.26 -15.05
N ASP D 571 20.12 -5.69 -15.30
CA ASP D 571 20.65 -4.59 -14.52
C ASP D 571 20.91 -5.02 -13.08
N THR D 572 21.37 -6.26 -12.93
CA THR D 572 21.80 -6.82 -11.66
C THR D 572 23.27 -7.14 -11.79
N THR D 573 24.00 -7.11 -10.68
CA THR D 573 25.43 -7.33 -10.73
C THR D 573 25.76 -8.74 -11.20
N ASP D 574 26.67 -8.83 -12.17
CA ASP D 574 27.11 -10.13 -12.68
C ASP D 574 28.62 -10.26 -12.86
N ALA D 575 29.39 -9.25 -12.47
CA ALA D 575 30.84 -9.30 -12.60
C ALA D 575 31.41 -8.25 -11.67
N VAL D 576 32.60 -8.52 -11.13
CA VAL D 576 33.24 -7.58 -10.23
C VAL D 576 34.75 -7.57 -10.43
N ARG D 577 35.34 -6.39 -10.32
CA ARG D 577 36.79 -6.24 -10.27
C ARG D 577 37.22 -6.33 -8.82
N ASP D 578 38.13 -7.26 -8.52
CA ASP D 578 38.59 -7.41 -7.15
C ASP D 578 39.32 -6.13 -6.72
N PRO D 579 39.04 -5.58 -5.53
CA PRO D 579 39.68 -4.32 -5.12
C PRO D 579 41.17 -4.37 -4.83
N GLN D 580 41.79 -5.54 -4.68
CA GLN D 580 43.22 -5.64 -4.37
C GLN D 580 44.08 -6.04 -5.55
N THR D 581 43.64 -7.01 -6.34
CA THR D 581 44.30 -7.42 -7.56
C THR D 581 43.32 -7.14 -8.69
N LEU D 582 43.77 -6.52 -9.77
CA LEU D 582 42.81 -6.04 -10.77
C LEU D 582 42.42 -7.16 -11.73
N GLU D 583 41.84 -8.20 -11.14
CA GLU D 583 41.33 -9.36 -11.84
C GLU D 583 39.86 -9.12 -12.04
N ILE D 584 39.34 -9.48 -13.20
CA ILE D 584 37.92 -9.35 -13.48
C ILE D 584 37.32 -10.73 -13.26
N LEU D 585 36.32 -10.80 -12.39
CA LEU D 585 35.64 -12.05 -12.07
C LEU D 585 34.21 -12.01 -12.56
N ASP D 586 33.72 -13.16 -13.01
CA ASP D 586 32.31 -13.33 -13.32
C ASP D 586 31.66 -13.92 -12.08
N ILE D 587 30.45 -13.47 -11.80
CA ILE D 587 29.69 -13.90 -10.63
C ILE D 587 28.46 -14.64 -11.13
N THR D 588 28.31 -15.88 -10.69
CA THR D 588 27.10 -16.63 -10.98
C THR D 588 26.46 -16.97 -9.64
N PRO D 589 25.14 -17.17 -9.58
CA PRO D 589 24.54 -17.66 -8.34
C PRO D 589 25.02 -19.06 -8.03
N CYS D 590 24.92 -19.42 -6.74
CA CYS D 590 25.21 -20.78 -6.38
C CYS D 590 24.08 -21.64 -6.92
N SER D 591 24.43 -22.87 -7.28
CA SER D 591 23.50 -23.74 -7.98
C SER D 591 22.22 -23.92 -7.16
N PHE D 592 21.09 -23.84 -7.86
CA PHE D 592 19.79 -23.99 -7.24
C PHE D 592 18.79 -24.51 -8.25
N GLY D 593 17.65 -24.95 -7.74
CA GLY D 593 16.58 -25.42 -8.61
C GLY D 593 15.45 -25.98 -7.78
N GLY D 594 14.34 -26.26 -8.48
CA GLY D 594 13.18 -26.79 -7.80
C GLY D 594 13.39 -28.24 -7.40
N VAL D 595 12.65 -28.68 -6.38
CA VAL D 595 12.69 -30.06 -5.94
C VAL D 595 11.30 -30.64 -6.11
N SER D 596 11.19 -31.69 -6.92
CA SER D 596 9.94 -32.37 -7.18
C SER D 596 10.03 -33.77 -6.62
N VAL D 597 8.95 -34.25 -6.01
CA VAL D 597 8.92 -35.58 -5.41
C VAL D 597 8.09 -36.46 -6.32
N ILE D 598 8.70 -37.53 -6.78
CA ILE D 598 8.08 -38.50 -7.66
C ILE D 598 7.61 -39.60 -6.72
N THR D 599 6.31 -39.90 -6.72
CA THR D 599 5.84 -40.90 -5.77
C THR D 599 4.61 -41.68 -6.23
N PRO D 600 4.53 -42.98 -5.93
CA PRO D 600 3.24 -43.64 -6.01
C PRO D 600 2.40 -43.17 -4.82
N GLY D 601 1.10 -43.36 -4.92
CA GLY D 601 0.23 -42.92 -3.86
C GLY D 601 0.49 -43.69 -2.58
N THR D 602 0.02 -43.12 -1.47
CA THR D 602 0.18 -43.76 -0.17
C THR D 602 -0.63 -45.06 -0.05
N ASN D 603 -1.47 -45.35 -1.05
CA ASN D 603 -2.13 -46.64 -1.12
C ASN D 603 -1.15 -47.78 -1.41
N THR D 604 -0.18 -47.47 -2.28
CA THR D 604 0.77 -48.49 -2.80
C THR D 604 2.07 -48.45 -2.02
N SER D 605 2.80 -47.34 -2.01
CA SER D 605 4.16 -47.32 -1.39
C SER D 605 4.49 -46.04 -0.66
N ASN D 606 5.42 -46.12 0.28
CA ASN D 606 5.96 -44.94 1.00
C ASN D 606 7.33 -44.66 0.40
N GLN D 607 7.77 -45.45 -0.58
CA GLN D 607 9.01 -45.23 -1.31
C GLN D 607 8.83 -44.08 -2.29
N VAL D 608 9.81 -43.17 -2.34
CA VAL D 608 9.76 -42.02 -3.23
C VAL D 608 11.09 -41.86 -3.98
N ALA D 609 11.05 -41.07 -5.04
CA ALA D 609 12.20 -40.61 -5.79
C ALA D 609 12.13 -39.10 -5.83
N VAL D 610 13.27 -38.43 -5.87
CA VAL D 610 13.33 -36.97 -5.85
C VAL D 610 14.04 -36.49 -7.10
N LEU D 611 13.42 -35.54 -7.80
CA LEU D 611 13.99 -34.92 -8.99
C LEU D 611 14.46 -33.52 -8.61
N TYR D 612 15.75 -33.26 -8.83
CA TYR D 612 16.35 -31.95 -8.65
C TYR D 612 16.40 -31.26 -10.00
N GLN D 613 15.53 -30.26 -10.18
CA GLN D 613 15.25 -29.68 -11.49
C GLN D 613 16.40 -28.79 -11.93
N ASP D 614 16.96 -29.09 -13.11
CA ASP D 614 18.09 -28.36 -13.67
C ASP D 614 19.26 -28.29 -12.69
N VAL D 615 19.56 -29.44 -12.08
CA VAL D 615 20.70 -29.59 -11.18
C VAL D 615 21.49 -30.79 -11.67
N ASN D 616 22.80 -30.69 -11.62
CA ASN D 616 23.68 -31.78 -12.03
C ASN D 616 23.86 -32.79 -10.90
N CYS D 617 24.08 -34.07 -11.26
CA CYS D 617 24.25 -35.10 -10.23
C CYS D 617 25.60 -35.05 -9.52
N THR D 618 26.50 -34.18 -9.94
CA THR D 618 27.79 -33.98 -9.30
C THR D 618 27.71 -32.85 -8.28
N GLU D 619 26.61 -32.11 -8.30
CA GLU D 619 26.34 -30.94 -7.51
C GLU D 619 25.43 -31.21 -6.32
N VAL D 620 24.54 -32.21 -6.44
CA VAL D 620 23.56 -32.48 -5.38
C VAL D 620 24.20 -32.75 -4.03
N PRO D 621 25.23 -33.62 -3.91
CA PRO D 621 25.78 -33.87 -2.58
C PRO D 621 26.83 -32.84 -2.16
N ASN D 641 21.16 -45.33 -7.14
CA ASN D 641 20.13 -44.97 -8.11
C ASN D 641 20.17 -43.48 -8.40
N VAL D 642 21.22 -43.05 -9.08
CA VAL D 642 21.41 -41.66 -9.49
C VAL D 642 21.34 -41.60 -11.01
N PHE D 643 20.29 -40.98 -11.55
CA PHE D 643 20.04 -40.93 -12.98
C PHE D 643 20.03 -39.47 -13.46
N GLN D 644 21.00 -39.12 -14.30
CA GLN D 644 21.11 -37.78 -14.84
C GLN D 644 20.35 -37.68 -16.17
N THR D 645 19.40 -36.72 -16.26
CA THR D 645 18.67 -36.49 -17.49
C THR D 645 18.69 -35.01 -17.79
N ARG D 646 18.17 -34.65 -18.97
CA ARG D 646 18.16 -33.25 -19.38
C ARG D 646 17.34 -32.40 -18.44
N ALA D 647 16.29 -32.98 -17.86
CA ALA D 647 15.42 -32.25 -16.94
C ALA D 647 16.10 -32.00 -15.59
N GLY D 648 17.14 -32.75 -15.25
CA GLY D 648 17.77 -32.62 -13.94
C GLY D 648 18.25 -33.96 -13.44
N CYS D 649 18.63 -33.97 -12.16
CA CYS D 649 19.15 -35.19 -11.51
C CYS D 649 18.05 -35.90 -10.73
N LEU D 650 17.70 -37.11 -11.14
CA LEU D 650 16.64 -37.90 -10.52
C LEU D 650 17.27 -39.01 -9.67
N ILE D 651 17.03 -38.96 -8.35
CA ILE D 651 17.62 -39.91 -7.41
C ILE D 651 16.49 -40.70 -6.75
N GLY D 652 16.62 -42.02 -6.75
CA GLY D 652 15.64 -42.90 -6.16
C GLY D 652 14.81 -43.67 -7.16
N ALA D 653 14.85 -43.29 -8.44
CA ALA D 653 14.15 -44.00 -9.50
C ALA D 653 15.19 -44.80 -10.26
N GLU D 654 14.86 -46.05 -10.55
CA GLU D 654 15.77 -46.93 -11.28
C GLU D 654 15.58 -46.73 -12.78
N HIS D 655 16.66 -46.39 -13.47
CA HIS D 655 16.60 -46.21 -14.90
C HIS D 655 16.62 -47.57 -15.57
N VAL D 656 15.70 -47.79 -16.50
CA VAL D 656 15.60 -49.05 -17.22
C VAL D 656 15.67 -48.79 -18.72
N ASN D 657 15.96 -49.86 -19.46
CA ASN D 657 16.01 -49.82 -20.91
C ASN D 657 14.64 -50.14 -21.54
N ASN D 658 13.63 -50.41 -20.72
CA ASN D 658 12.28 -50.74 -21.19
C ASN D 658 11.36 -49.52 -21.18
N SER D 659 10.81 -49.18 -22.34
CA SER D 659 9.86 -48.08 -22.41
C SER D 659 8.45 -48.58 -22.10
N TYR D 660 7.64 -47.68 -21.54
CA TYR D 660 6.24 -47.96 -21.23
C TYR D 660 5.47 -46.66 -21.45
N GLU D 661 4.15 -46.71 -21.28
CA GLU D 661 3.39 -45.46 -21.35
C GLU D 661 3.74 -44.56 -20.16
N CYS D 662 3.68 -43.25 -20.40
CA CYS D 662 3.96 -42.28 -19.36
C CYS D 662 2.97 -42.39 -18.21
N ASP D 663 3.50 -42.47 -16.99
CA ASP D 663 2.69 -42.51 -15.78
C ASP D 663 2.88 -41.23 -14.99
N ILE D 664 4.02 -41.08 -14.31
CA ILE D 664 4.38 -39.85 -13.60
C ILE D 664 5.41 -39.11 -14.45
N PRO D 665 5.10 -37.92 -14.98
CA PRO D 665 6.07 -37.25 -15.84
C PRO D 665 7.30 -36.77 -15.08
N ILE D 666 8.47 -36.95 -15.69
CA ILE D 666 9.74 -36.46 -15.16
C ILE D 666 10.19 -35.22 -15.90
N GLY D 667 10.18 -35.28 -17.23
CA GLY D 667 10.56 -34.14 -18.04
C GLY D 667 11.54 -34.55 -19.11
N ALA D 668 11.60 -33.77 -20.19
CA ALA D 668 12.54 -34.00 -21.27
C ALA D 668 12.39 -35.42 -21.81
N GLY D 669 11.13 -35.88 -21.88
CA GLY D 669 10.85 -37.18 -22.43
C GLY D 669 10.87 -38.32 -21.45
N ILE D 670 11.27 -38.09 -20.21
CA ILE D 670 11.39 -39.12 -19.20
C ILE D 670 10.14 -39.13 -18.35
N CYS D 671 9.61 -40.32 -18.10
CA CYS D 671 8.48 -40.54 -17.21
C CYS D 671 8.90 -41.61 -16.21
N ALA D 672 8.22 -41.65 -15.08
CA ALA D 672 8.48 -42.63 -14.03
C ALA D 672 7.21 -43.34 -13.62
N SER D 673 7.37 -44.55 -13.12
CA SER D 673 6.22 -45.32 -12.66
C SER D 673 6.66 -46.31 -11.59
N TYR D 674 5.68 -46.82 -10.85
CA TYR D 674 5.92 -47.81 -9.82
C TYR D 674 5.52 -49.19 -10.34
N GLN D 675 6.50 -50.07 -10.48
CA GLN D 675 6.27 -51.42 -11.01
C GLN D 675 7.13 -52.39 -10.21
N GLN D 690 8.14 -54.56 -5.74
CA GLN D 690 7.88 -53.51 -6.72
C GLN D 690 8.77 -52.31 -6.36
N SER D 691 9.07 -51.45 -7.32
CA SER D 691 9.90 -50.27 -7.05
C SER D 691 9.59 -49.18 -8.05
N ILE D 692 10.14 -47.99 -7.80
CA ILE D 692 10.00 -46.85 -8.70
C ILE D 692 11.09 -46.90 -9.76
N ILE D 693 10.68 -46.76 -11.02
CA ILE D 693 11.59 -46.76 -12.15
C ILE D 693 11.42 -45.45 -12.91
N ALA D 694 12.46 -45.11 -13.67
CA ALA D 694 12.49 -43.97 -14.57
C ALA D 694 12.81 -44.52 -15.95
N TYR D 695 12.20 -43.96 -16.98
CA TYR D 695 12.44 -44.49 -18.31
C TYR D 695 12.11 -43.43 -19.34
N THR D 696 12.58 -43.68 -20.56
CA THR D 696 12.13 -42.86 -21.67
C THR D 696 10.73 -43.36 -21.99
N MET D 697 9.78 -42.44 -22.06
CA MET D 697 8.40 -42.88 -22.21
C MET D 697 8.17 -43.47 -23.59
N SER D 698 7.28 -44.45 -23.64
CA SER D 698 6.88 -44.97 -24.91
C SER D 698 5.79 -44.05 -25.42
N LEU D 699 5.78 -43.84 -26.72
CA LEU D 699 4.78 -43.03 -27.38
C LEU D 699 3.66 -43.87 -27.96
N GLY D 700 3.72 -45.17 -27.73
CA GLY D 700 2.78 -46.15 -28.24
C GLY D 700 3.53 -47.25 -28.95
N ALA D 701 2.82 -48.32 -29.24
CA ALA D 701 3.47 -49.38 -29.97
C ALA D 701 3.76 -48.86 -31.37
N GLU D 702 4.87 -49.30 -31.96
CA GLU D 702 5.13 -48.90 -33.33
C GLU D 702 4.34 -49.79 -34.26
N ASN D 703 3.94 -49.23 -35.39
CA ASN D 703 3.19 -49.96 -36.40
C ASN D 703 3.62 -49.44 -37.76
N SER D 704 4.43 -50.23 -38.46
CA SER D 704 4.83 -49.87 -39.82
C SER D 704 3.65 -50.20 -40.71
N VAL D 705 3.16 -49.21 -41.45
CA VAL D 705 1.99 -49.45 -42.28
C VAL D 705 2.44 -50.12 -43.57
N ALA D 706 1.72 -51.18 -43.94
CA ALA D 706 2.07 -51.95 -45.13
C ALA D 706 1.57 -51.20 -46.36
N TYR D 707 2.15 -50.03 -46.60
CA TYR D 707 1.71 -49.19 -47.69
C TYR D 707 2.25 -49.71 -49.01
N SER D 708 1.37 -49.76 -50.01
CA SER D 708 1.72 -50.08 -51.37
C SER D 708 0.67 -49.44 -52.28
N ASN D 709 0.97 -49.40 -53.57
CA ASN D 709 0.07 -48.74 -54.50
C ASN D 709 -1.15 -49.59 -54.85
N ASN D 710 -1.19 -50.85 -54.44
CA ASN D 710 -2.28 -51.76 -54.78
C ASN D 710 -2.77 -52.57 -53.60
N SER D 711 -2.70 -52.02 -52.38
CA SER D 711 -3.15 -52.72 -51.19
C SER D 711 -4.09 -51.81 -50.41
N ILE D 712 -5.27 -52.33 -50.09
CA ILE D 712 -6.30 -51.62 -49.35
C ILE D 712 -6.67 -52.49 -48.16
N ALA D 713 -6.80 -51.87 -46.99
CA ALA D 713 -7.36 -52.56 -45.83
C ALA D 713 -8.81 -52.14 -45.73
N ILE D 714 -9.69 -53.07 -45.40
CA ILE D 714 -11.10 -52.76 -45.18
C ILE D 714 -11.66 -53.51 -43.98
N PRO D 715 -12.23 -52.80 -42.99
CA PRO D 715 -12.81 -53.47 -41.83
C PRO D 715 -13.91 -54.44 -42.22
N THR D 716 -13.90 -55.62 -41.58
CA THR D 716 -14.94 -56.62 -41.80
C THR D 716 -15.90 -56.73 -40.64
N ASN D 717 -15.62 -56.04 -39.54
CA ASN D 717 -16.46 -56.06 -38.36
C ASN D 717 -16.22 -54.73 -37.68
N PHE D 718 -16.96 -54.48 -36.62
CA PHE D 718 -16.81 -53.22 -35.92
C PHE D 718 -17.30 -53.45 -34.50
N THR D 719 -16.99 -52.51 -33.65
CA THR D 719 -17.56 -52.48 -32.32
C THR D 719 -18.26 -51.15 -32.14
N ILE D 720 -19.20 -51.16 -31.20
CA ILE D 720 -19.88 -49.95 -30.78
C ILE D 720 -19.27 -49.59 -29.46
N SER D 721 -18.73 -48.39 -29.40
CA SER D 721 -18.03 -47.95 -28.22
C SER D 721 -18.83 -46.83 -27.63
N VAL D 722 -18.88 -46.79 -26.31
CA VAL D 722 -19.52 -45.69 -25.62
C VAL D 722 -18.38 -45.04 -24.86
N THR D 723 -18.12 -43.80 -25.19
CA THR D 723 -17.05 -43.01 -24.61
C THR D 723 -17.70 -42.02 -23.68
N THR D 724 -17.15 -41.85 -22.50
CA THR D 724 -17.67 -40.89 -21.56
C THR D 724 -16.84 -39.64 -21.73
N GLU D 725 -17.49 -38.53 -22.09
CA GLU D 725 -16.84 -37.25 -22.21
C GLU D 725 -17.50 -36.38 -21.17
N ILE D 726 -16.70 -35.82 -20.29
CA ILE D 726 -17.19 -35.08 -19.15
C ILE D 726 -16.79 -33.64 -19.35
N LEU D 727 -17.78 -32.73 -19.30
CA LEU D 727 -17.48 -31.31 -19.48
C LEU D 727 -18.07 -30.48 -18.36
N PRO D 728 -17.31 -29.55 -17.79
CA PRO D 728 -17.93 -28.54 -16.92
C PRO D 728 -18.95 -27.71 -17.69
N VAL D 729 -20.05 -27.41 -17.00
CA VAL D 729 -21.10 -26.55 -17.50
C VAL D 729 -21.28 -25.30 -16.66
N SER D 730 -21.21 -25.46 -15.34
CA SER D 730 -21.48 -24.38 -14.44
C SER D 730 -20.48 -24.43 -13.29
N MET D 731 -20.52 -23.38 -12.51
CA MET D 731 -19.66 -23.20 -11.36
C MET D 731 -20.57 -22.91 -10.19
N THR D 732 -20.12 -23.25 -8.99
CA THR D 732 -20.92 -22.96 -7.81
C THR D 732 -21.14 -21.46 -7.77
N LYS D 733 -22.39 -21.05 -7.59
CA LYS D 733 -22.70 -19.62 -7.68
C LYS D 733 -22.39 -18.98 -6.34
N THR D 734 -21.13 -18.68 -6.16
CA THR D 734 -20.74 -18.07 -4.92
C THR D 734 -21.04 -16.59 -5.01
N SER D 735 -21.22 -15.96 -3.86
CA SER D 735 -21.43 -14.53 -3.78
C SER D 735 -20.72 -14.06 -2.52
N VAL D 736 -19.78 -13.15 -2.69
CA VAL D 736 -19.02 -12.60 -1.58
C VAL D 736 -19.41 -11.14 -1.49
N ASP D 737 -19.95 -10.76 -0.34
CA ASP D 737 -20.31 -9.38 -0.06
C ASP D 737 -19.05 -8.65 0.40
N CYS D 738 -18.53 -7.78 -0.46
CA CYS D 738 -17.26 -7.12 -0.21
C CYS D 738 -17.28 -6.40 1.13
N THR D 739 -18.36 -5.65 1.40
CA THR D 739 -18.44 -4.95 2.67
C THR D 739 -18.48 -5.92 3.83
N MET D 740 -19.30 -6.96 3.71
CA MET D 740 -19.38 -7.97 4.76
C MET D 740 -18.07 -8.73 4.93
N TYR D 741 -17.46 -9.15 3.81
CA TYR D 741 -16.22 -9.92 3.86
C TYR D 741 -15.07 -9.14 4.48
N ILE D 742 -14.87 -7.91 4.03
CA ILE D 742 -13.74 -7.11 4.51
C ILE D 742 -14.05 -6.51 5.86
N CYS D 743 -15.24 -5.92 6.01
CA CYS D 743 -15.63 -5.13 7.17
C CYS D 743 -16.87 -5.67 7.86
N GLY D 744 -16.93 -6.98 8.07
CA GLY D 744 -18.12 -7.60 8.64
C GLY D 744 -18.59 -7.03 9.96
N ASP D 745 -19.83 -6.55 10.00
CA ASP D 745 -20.45 -6.01 11.22
C ASP D 745 -19.60 -4.93 11.87
N SER D 746 -18.94 -4.10 11.05
CA SER D 746 -18.07 -3.03 11.54
C SER D 746 -18.37 -1.74 10.79
N THR D 747 -18.91 -0.75 11.50
CA THR D 747 -19.23 0.54 10.90
C THR D 747 -17.96 1.31 10.54
N GLU D 748 -16.95 1.30 11.42
CA GLU D 748 -15.73 2.06 11.20
C GLU D 748 -14.99 1.55 9.97
N CYS D 749 -14.92 0.22 9.83
CA CYS D 749 -14.26 -0.35 8.67
C CYS D 749 -15.04 -0.05 7.41
N SER D 750 -16.37 -0.19 7.45
CA SER D 750 -17.18 0.07 6.26
C SER D 750 -16.99 1.52 5.77
N ASN D 751 -16.94 2.46 6.72
CA ASN D 751 -16.74 3.84 6.33
C ASN D 751 -15.35 4.02 5.72
N LEU D 752 -14.33 3.36 6.27
CA LEU D 752 -13.02 3.43 5.61
C LEU D 752 -13.08 2.79 4.23
N LEU D 753 -13.86 1.72 4.09
CA LEU D 753 -14.00 1.03 2.82
C LEU D 753 -14.64 1.93 1.78
N LEU D 754 -15.35 2.98 2.20
CA LEU D 754 -15.95 3.88 1.23
C LEU D 754 -14.91 4.80 0.59
N GLN D 755 -13.69 4.86 1.15
CA GLN D 755 -12.65 5.71 0.59
C GLN D 755 -12.05 5.09 -0.66
N TYR D 756 -12.41 3.85 -0.99
CA TYR D 756 -11.95 3.14 -2.16
C TYR D 756 -13.00 3.14 -3.26
N GLY D 757 -14.02 3.99 -3.13
CA GLY D 757 -15.01 4.18 -4.17
C GLY D 757 -15.87 2.97 -4.47
N SER D 758 -15.89 2.58 -5.74
CA SER D 758 -16.76 1.52 -6.23
C SER D 758 -16.11 0.14 -6.26
N PHE D 759 -14.90 -0.02 -5.70
CA PHE D 759 -14.22 -1.32 -5.75
C PHE D 759 -15.12 -2.45 -5.29
N CYS D 760 -15.81 -2.26 -4.16
CA CYS D 760 -16.74 -3.28 -3.71
C CYS D 760 -17.96 -3.38 -4.62
N THR D 761 -18.41 -2.26 -5.19
CA THR D 761 -19.56 -2.33 -6.06
C THR D 761 -19.23 -3.13 -7.31
N GLN D 762 -18.06 -2.87 -7.91
CA GLN D 762 -17.67 -3.60 -9.11
C GLN D 762 -17.27 -5.04 -8.82
N LEU D 763 -16.79 -5.34 -7.61
CA LEU D 763 -16.51 -6.73 -7.28
C LEU D 763 -17.81 -7.51 -7.06
N ASN D 764 -18.78 -6.88 -6.40
CA ASN D 764 -20.07 -7.53 -6.20
C ASN D 764 -20.75 -7.70 -7.55
N ARG D 765 -20.57 -6.73 -8.44
CA ARG D 765 -21.14 -6.81 -9.78
C ARG D 765 -20.49 -7.92 -10.57
N ALA D 766 -19.17 -8.05 -10.49
CA ALA D 766 -18.48 -9.11 -11.23
C ALA D 766 -18.93 -10.48 -10.76
N LEU D 767 -19.07 -10.66 -9.45
CA LEU D 767 -19.52 -11.96 -8.96
C LEU D 767 -20.99 -12.20 -9.27
N THR D 768 -21.81 -11.15 -9.26
CA THR D 768 -23.21 -11.30 -9.64
C THR D 768 -23.29 -11.71 -11.11
N GLY D 769 -22.48 -11.05 -11.93
CA GLY D 769 -22.44 -11.37 -13.34
C GLY D 769 -22.03 -12.81 -13.57
N ILE D 770 -21.07 -13.29 -12.77
CA ILE D 770 -20.68 -14.70 -12.88
C ILE D 770 -21.84 -15.61 -12.51
N ALA D 771 -22.53 -15.33 -11.41
CA ALA D 771 -23.67 -16.17 -11.01
C ALA D 771 -24.74 -16.20 -12.10
N VAL D 772 -25.02 -15.04 -12.68
CA VAL D 772 -26.01 -14.97 -13.76
C VAL D 772 -25.50 -15.77 -14.95
N GLU D 773 -24.21 -15.63 -15.24
CA GLU D 773 -23.60 -16.40 -16.32
C GLU D 773 -23.75 -17.89 -16.08
N GLN D 774 -23.65 -18.33 -14.83
CA GLN D 774 -23.76 -19.77 -14.57
C GLN D 774 -25.19 -20.25 -14.81
N ASP D 775 -26.18 -19.40 -14.51
CA ASP D 775 -27.56 -19.80 -14.83
C ASP D 775 -27.79 -19.78 -16.33
N LYS D 776 -27.20 -18.80 -17.00
CA LYS D 776 -27.30 -18.73 -18.44
C LYS D 776 -26.63 -19.93 -19.10
N ASN D 777 -25.45 -20.30 -18.60
CA ASN D 777 -24.67 -21.41 -19.15
C ASN D 777 -25.45 -22.70 -19.03
N THR D 778 -26.09 -22.93 -17.89
CA THR D 778 -26.88 -24.14 -17.73
C THR D 778 -28.03 -24.10 -18.71
N GLN D 779 -28.63 -22.91 -18.89
CA GLN D 779 -29.74 -22.80 -19.82
C GLN D 779 -29.30 -23.10 -21.26
N GLU D 780 -28.16 -22.58 -21.67
CA GLU D 780 -27.66 -22.79 -23.05
C GLU D 780 -27.58 -24.29 -23.21
N VAL D 781 -26.85 -24.98 -22.33
CA VAL D 781 -26.57 -26.44 -22.46
C VAL D 781 -27.83 -27.30 -22.36
N PHE D 782 -28.74 -27.10 -21.42
CA PHE D 782 -29.88 -28.03 -21.18
C PHE D 782 -31.22 -27.52 -21.71
N ALA D 783 -31.51 -26.20 -21.74
CA ALA D 783 -32.78 -25.68 -22.23
C ALA D 783 -32.73 -25.44 -23.74
N GLN D 784 -32.44 -26.52 -24.47
CA GLN D 784 -32.39 -26.50 -25.93
C GLN D 784 -33.61 -27.16 -26.53
N VAL D 785 -34.54 -27.60 -25.68
CA VAL D 785 -35.74 -28.30 -26.11
C VAL D 785 -36.94 -27.44 -25.74
N LYS D 786 -37.83 -27.25 -26.70
CA LYS D 786 -38.99 -26.38 -26.52
C LYS D 786 -40.00 -26.98 -25.56
N GLN D 787 -40.21 -28.29 -25.63
CA GLN D 787 -41.20 -29.01 -24.82
C GLN D 787 -40.48 -30.04 -23.97
N ILE D 788 -41.10 -30.42 -22.86
CA ILE D 788 -40.55 -31.46 -21.98
C ILE D 788 -41.14 -32.80 -22.43
N TYR D 789 -40.31 -33.57 -23.12
CA TYR D 789 -40.72 -34.84 -23.69
C TYR D 789 -40.59 -35.95 -22.66
N LYS D 790 -41.50 -36.92 -22.74
CA LYS D 790 -41.45 -38.11 -21.91
C LYS D 790 -41.55 -39.34 -22.79
N THR D 791 -40.92 -40.42 -22.34
CA THR D 791 -40.98 -41.69 -23.04
C THR D 791 -42.30 -42.40 -22.80
N PRO D 792 -42.69 -43.34 -23.66
CA PRO D 792 -43.93 -44.07 -23.44
C PRO D 792 -43.79 -45.05 -22.28
N PRO D 793 -44.91 -45.46 -21.67
CA PRO D 793 -44.86 -46.54 -20.67
C PRO D 793 -44.19 -47.82 -21.15
N ILE D 794 -44.32 -48.18 -22.42
CA ILE D 794 -43.74 -49.40 -22.96
C ILE D 794 -42.45 -49.04 -23.70
N LYS D 795 -41.32 -49.37 -23.08
CA LYS D 795 -40.01 -49.03 -23.60
C LYS D 795 -39.52 -50.14 -24.54
N ASP D 796 -40.24 -50.27 -25.65
CA ASP D 796 -39.92 -51.24 -26.69
C ASP D 796 -39.15 -50.49 -27.79
N PHE D 797 -37.82 -50.60 -27.76
CA PHE D 797 -36.92 -49.87 -28.65
C PHE D 797 -36.16 -50.80 -29.60
N GLY D 798 -36.81 -51.88 -30.04
CA GLY D 798 -36.21 -52.73 -31.04
C GLY D 798 -35.06 -53.57 -30.53
N GLY D 799 -35.03 -53.87 -29.24
CA GLY D 799 -33.97 -54.62 -28.62
C GLY D 799 -32.95 -53.77 -27.91
N PHE D 800 -33.00 -52.44 -28.09
CA PHE D 800 -32.08 -51.53 -27.44
C PHE D 800 -32.60 -51.23 -26.05
N ASN D 801 -31.80 -51.49 -25.02
CA ASN D 801 -32.22 -51.28 -23.65
C ASN D 801 -31.73 -49.90 -23.21
N PHE D 802 -32.66 -49.07 -22.74
CA PHE D 802 -32.33 -47.73 -22.27
C PHE D 802 -32.73 -47.52 -20.82
N SER D 803 -33.10 -48.57 -20.09
CA SER D 803 -33.49 -48.40 -18.69
C SER D 803 -32.32 -47.87 -17.89
N GLN D 804 -31.11 -48.05 -18.41
CA GLN D 804 -29.88 -47.59 -17.80
C GLN D 804 -29.65 -46.11 -18.02
N ILE D 805 -30.20 -45.54 -19.09
CA ILE D 805 -30.01 -44.13 -19.40
C ILE D 805 -31.30 -43.33 -19.20
N LEU D 806 -32.46 -44.00 -19.13
CA LEU D 806 -33.75 -43.37 -18.91
C LEU D 806 -34.10 -43.34 -17.43
N PRO D 807 -34.73 -42.27 -16.94
CA PRO D 807 -34.96 -42.16 -15.49
C PRO D 807 -35.77 -43.32 -14.96
N ASP D 808 -35.41 -43.81 -13.77
CA ASP D 808 -36.14 -44.92 -13.15
C ASP D 808 -37.22 -44.37 -12.23
N PRO D 809 -38.50 -44.70 -12.44
CA PRO D 809 -39.57 -44.08 -11.62
C PRO D 809 -39.52 -44.38 -10.12
N SER D 810 -38.91 -45.51 -9.71
CA SER D 810 -38.98 -45.93 -8.31
C SER D 810 -38.38 -44.93 -7.32
N LYS D 811 -37.16 -44.46 -7.57
CA LYS D 811 -36.56 -43.54 -6.62
C LYS D 811 -37.25 -42.18 -6.74
N PRO D 812 -37.36 -41.40 -5.62
CA PRO D 812 -38.09 -40.12 -5.70
C PRO D 812 -37.60 -39.22 -6.82
N SER D 813 -36.31 -38.88 -6.79
CA SER D 813 -35.69 -38.10 -7.86
C SER D 813 -35.81 -38.88 -9.17
N LYS D 814 -36.42 -38.29 -10.19
CA LYS D 814 -36.67 -39.05 -11.41
C LYS D 814 -35.41 -39.03 -12.26
N ARG D 815 -34.36 -39.65 -11.70
CA ARG D 815 -33.06 -39.79 -12.30
C ARG D 815 -32.86 -41.20 -12.81
N SER D 816 -31.89 -41.34 -13.69
CA SER D 816 -31.50 -42.64 -14.21
C SER D 816 -30.47 -43.26 -13.27
N PRO D 817 -30.19 -44.56 -13.40
CA PRO D 817 -29.11 -45.13 -12.57
C PRO D 817 -27.73 -44.54 -12.88
N ILE D 818 -27.34 -44.33 -14.15
CA ILE D 818 -26.04 -43.70 -14.42
C ILE D 818 -25.99 -42.33 -13.78
N GLU D 819 -27.09 -41.57 -13.86
CA GLU D 819 -27.10 -40.27 -13.22
C GLU D 819 -26.89 -40.42 -11.72
N ASP D 820 -27.51 -41.43 -11.10
CA ASP D 820 -27.29 -41.68 -9.69
C ASP D 820 -25.83 -42.01 -9.40
N LEU D 821 -25.18 -42.75 -10.29
CA LEU D 821 -23.76 -43.08 -10.08
C LEU D 821 -22.89 -41.84 -10.19
N LEU D 822 -23.19 -41.00 -11.18
CA LEU D 822 -22.41 -39.78 -11.40
C LEU D 822 -22.58 -38.83 -10.22
N PHE D 823 -23.80 -38.73 -9.69
CA PHE D 823 -24.06 -37.84 -8.56
C PHE D 823 -23.42 -38.38 -7.28
N ASN D 824 -23.45 -39.70 -7.08
CA ASN D 824 -22.85 -40.26 -5.89
C ASN D 824 -21.33 -40.14 -5.89
N LYS D 825 -20.70 -40.23 -7.07
CA LYS D 825 -19.24 -40.10 -7.11
C LYS D 825 -18.79 -38.68 -6.82
N VAL D 826 -19.50 -37.69 -7.38
CA VAL D 826 -19.18 -36.29 -7.17
C VAL D 826 -20.38 -35.59 -6.56
N LEU D 849 -18.51 -27.44 6.72
CA LEU D 849 -17.67 -26.55 5.93
C LEU D 849 -18.47 -25.35 5.44
N ILE D 850 -19.68 -25.61 4.95
CA ILE D 850 -20.50 -24.54 4.37
C ILE D 850 -20.80 -23.50 5.43
N CYS D 851 -20.91 -23.92 6.68
CA CYS D 851 -21.13 -22.98 7.77
C CYS D 851 -19.89 -22.13 7.99
N ALA D 852 -18.72 -22.76 8.03
CA ALA D 852 -17.48 -22.03 8.27
C ALA D 852 -17.26 -20.95 7.21
N GLN D 853 -17.61 -21.25 5.96
CA GLN D 853 -17.46 -20.26 4.90
C GLN D 853 -18.55 -19.19 4.99
N LYS D 854 -19.81 -19.62 5.11
CA LYS D 854 -20.93 -18.68 5.15
C LYS D 854 -20.74 -17.65 6.26
N PHE D 855 -20.26 -18.09 7.42
CA PHE D 855 -20.15 -17.20 8.59
C PHE D 855 -19.26 -16.00 8.37
N ASN D 856 -18.49 -15.94 7.28
CA ASN D 856 -17.64 -14.81 6.96
C ASN D 856 -18.22 -13.97 5.83
N GLY D 857 -19.51 -14.15 5.53
CA GLY D 857 -20.15 -13.39 4.46
C GLY D 857 -20.00 -13.99 3.09
N LEU D 858 -19.79 -15.30 2.99
CA LEU D 858 -19.55 -15.98 1.73
C LEU D 858 -20.74 -16.89 1.48
N THR D 859 -21.77 -16.38 0.81
CA THR D 859 -22.97 -17.18 0.64
C THR D 859 -22.93 -17.85 -0.73
N VAL D 860 -23.79 -18.86 -0.88
CA VAL D 860 -23.95 -19.58 -2.13
C VAL D 860 -25.40 -19.48 -2.54
N LEU D 861 -25.63 -19.05 -3.78
CA LEU D 861 -26.97 -18.90 -4.30
C LEU D 861 -27.42 -20.21 -4.94
N PRO D 862 -28.68 -20.60 -4.79
CA PRO D 862 -29.13 -21.82 -5.41
C PRO D 862 -29.19 -21.67 -6.93
N PRO D 863 -28.93 -22.74 -7.68
CA PRO D 863 -29.19 -22.66 -9.11
C PRO D 863 -30.66 -22.35 -9.35
N LEU D 864 -30.91 -21.63 -10.44
CA LEU D 864 -32.30 -21.38 -10.81
C LEU D 864 -32.95 -22.70 -11.18
N LEU D 865 -32.17 -23.57 -11.81
CA LEU D 865 -32.61 -24.88 -12.25
C LEU D 865 -32.15 -25.90 -11.22
N THR D 866 -33.11 -26.53 -10.55
CA THR D 866 -32.76 -27.50 -9.51
C THR D 866 -32.32 -28.81 -10.13
N ASP D 867 -31.71 -29.65 -9.28
CA ASP D 867 -31.26 -30.96 -9.74
C ASP D 867 -32.44 -31.76 -10.28
N GLU D 868 -33.62 -31.58 -9.69
CA GLU D 868 -34.78 -32.27 -10.24
C GLU D 868 -35.12 -31.73 -11.62
N MET D 869 -34.89 -30.42 -11.84
CA MET D 869 -35.15 -29.84 -13.16
C MET D 869 -34.06 -30.14 -14.14
N ILE D 870 -32.83 -30.29 -13.68
CA ILE D 870 -31.79 -30.68 -14.61
C ILE D 870 -32.09 -32.10 -15.04
N ALA D 871 -32.53 -32.94 -14.11
CA ALA D 871 -32.94 -34.29 -14.46
C ALA D 871 -34.11 -34.26 -15.43
N GLN D 872 -35.08 -33.36 -15.22
CA GLN D 872 -36.20 -33.25 -16.17
C GLN D 872 -35.74 -32.77 -17.56
N TYR D 873 -34.80 -31.83 -17.63
CA TYR D 873 -34.25 -31.41 -18.92
C TYR D 873 -33.46 -32.53 -19.58
N THR D 874 -32.66 -33.27 -18.83
CA THR D 874 -31.92 -34.35 -19.45
C THR D 874 -32.88 -35.44 -19.87
N SER D 875 -33.96 -35.64 -19.12
CA SER D 875 -34.98 -36.59 -19.53
C SER D 875 -35.66 -36.15 -20.81
N ALA D 876 -36.00 -34.87 -20.92
CA ALA D 876 -36.64 -34.38 -22.14
C ALA D 876 -35.71 -34.44 -23.34
N LEU D 877 -34.46 -34.04 -23.18
CA LEU D 877 -33.51 -34.07 -24.28
C LEU D 877 -33.16 -35.49 -24.69
N LEU D 878 -32.97 -36.37 -23.72
CA LEU D 878 -32.63 -37.75 -24.00
C LEU D 878 -33.84 -38.49 -24.57
N ALA D 879 -35.03 -38.29 -24.00
CA ALA D 879 -36.23 -38.92 -24.50
C ALA D 879 -36.51 -38.47 -25.92
N GLY D 880 -36.28 -37.18 -26.20
CA GLY D 880 -36.44 -36.69 -27.55
C GLY D 880 -35.44 -37.36 -28.46
N THR D 881 -34.19 -37.42 -28.04
CA THR D 881 -33.16 -38.03 -28.87
C THR D 881 -33.51 -39.48 -29.23
N ILE D 882 -34.03 -40.26 -28.27
CA ILE D 882 -34.34 -41.66 -28.56
C ILE D 882 -35.60 -41.79 -29.43
N THR D 883 -36.65 -41.00 -29.15
CA THR D 883 -37.93 -41.19 -29.87
C THR D 883 -38.11 -40.32 -31.10
N SER D 884 -37.32 -39.26 -31.25
CA SER D 884 -37.44 -38.34 -32.37
C SER D 884 -36.12 -38.06 -33.06
N GLY D 885 -35.03 -38.70 -32.66
CA GLY D 885 -33.74 -38.43 -33.27
C GLY D 885 -33.36 -36.98 -33.13
N TRP D 886 -33.00 -36.36 -34.25
CA TRP D 886 -32.58 -34.96 -34.29
C TRP D 886 -33.70 -34.03 -34.69
N THR D 887 -34.89 -34.56 -34.99
CA THR D 887 -35.94 -33.72 -35.55
C THR D 887 -36.50 -32.74 -34.53
N PHE D 888 -36.42 -33.08 -33.25
CA PHE D 888 -36.96 -32.19 -32.22
C PHE D 888 -36.11 -30.94 -32.04
N GLY D 889 -34.87 -30.95 -32.53
CA GLY D 889 -33.98 -29.81 -32.40
C GLY D 889 -34.07 -28.83 -33.54
N ALA D 890 -34.89 -29.12 -34.57
CA ALA D 890 -35.02 -28.27 -35.75
C ALA D 890 -36.48 -27.96 -36.07
N GLY D 891 -37.38 -28.09 -35.10
CA GLY D 891 -38.80 -27.90 -35.31
C GLY D 891 -39.63 -28.87 -34.48
N PRO D 892 -40.82 -29.27 -34.93
CA PRO D 892 -41.60 -30.22 -34.15
C PRO D 892 -40.93 -31.59 -34.09
N ALA D 893 -41.07 -32.26 -32.96
CA ALA D 893 -40.50 -33.59 -32.85
C ALA D 893 -41.32 -34.57 -33.66
N LEU D 894 -40.64 -35.26 -34.56
CA LEU D 894 -41.22 -36.37 -35.30
C LEU D 894 -41.09 -37.65 -34.49
N GLN D 895 -42.02 -38.55 -34.69
CA GLN D 895 -41.84 -39.89 -34.16
C GLN D 895 -40.98 -40.65 -35.15
N ILE D 896 -40.16 -41.55 -34.63
CA ILE D 896 -39.36 -42.45 -35.47
C ILE D 896 -39.10 -43.73 -34.67
N PRO D 897 -39.20 -44.92 -35.26
CA PRO D 897 -38.74 -46.12 -34.55
C PRO D 897 -37.26 -46.00 -34.23
N PHE D 898 -36.85 -46.47 -33.05
CA PHE D 898 -35.44 -46.34 -32.71
C PHE D 898 -34.49 -47.07 -33.66
N PRO D 899 -34.74 -48.30 -34.11
CA PRO D 899 -33.76 -48.87 -35.07
C PRO D 899 -33.66 -48.05 -36.34
N MET D 900 -34.74 -47.41 -36.80
CA MET D 900 -34.64 -46.57 -37.97
C MET D 900 -33.84 -45.32 -37.63
N GLN D 901 -33.95 -44.81 -36.40
CA GLN D 901 -33.11 -43.68 -36.00
C GLN D 901 -31.65 -44.06 -36.12
N MET D 902 -31.31 -45.27 -35.67
CA MET D 902 -29.94 -45.73 -35.80
C MET D 902 -29.56 -45.87 -37.27
N ALA D 903 -30.51 -46.27 -38.12
CA ALA D 903 -30.22 -46.38 -39.55
C ALA D 903 -29.89 -45.04 -40.15
N TYR D 904 -30.57 -43.99 -39.68
CA TYR D 904 -30.30 -42.65 -40.19
C TYR D 904 -28.91 -42.24 -39.77
N ARG D 905 -28.58 -42.60 -38.52
CA ARG D 905 -27.29 -42.26 -37.97
C ARG D 905 -26.16 -43.03 -38.64
N PHE D 906 -26.41 -44.27 -39.04
CA PHE D 906 -25.42 -45.02 -39.80
C PHE D 906 -25.20 -44.38 -41.16
N ASN D 907 -26.28 -43.92 -41.81
CA ASN D 907 -26.12 -43.25 -43.09
C ASN D 907 -25.25 -42.02 -42.94
N GLY D 908 -25.40 -41.31 -41.82
CA GLY D 908 -24.62 -40.10 -41.61
C GLY D 908 -23.12 -40.31 -41.65
N ILE D 909 -22.63 -41.44 -41.16
CA ILE D 909 -21.19 -41.73 -41.13
C ILE D 909 -20.68 -42.45 -42.37
N GLY D 910 -21.51 -42.56 -43.40
CA GLY D 910 -21.07 -43.21 -44.62
C GLY D 910 -21.17 -44.70 -44.58
N VAL D 911 -22.05 -45.24 -43.73
CA VAL D 911 -22.30 -46.67 -43.61
C VAL D 911 -23.76 -46.90 -43.96
N THR D 912 -24.00 -47.89 -44.80
CA THR D 912 -25.35 -48.10 -45.31
C THR D 912 -26.27 -48.59 -44.21
N GLN D 913 -27.57 -48.45 -44.46
CA GLN D 913 -28.58 -48.78 -43.46
C GLN D 913 -28.55 -50.26 -43.09
N ASN D 914 -28.22 -51.12 -44.06
CA ASN D 914 -28.26 -52.56 -43.86
C ASN D 914 -27.26 -53.07 -42.87
N VAL D 915 -26.21 -52.30 -42.61
CA VAL D 915 -25.20 -52.75 -41.68
C VAL D 915 -25.79 -52.84 -40.29
N LEU D 916 -26.60 -51.84 -39.92
CA LEU D 916 -27.30 -51.86 -38.65
C LEU D 916 -28.27 -53.03 -38.52
N TYR D 917 -29.14 -53.19 -39.52
CA TYR D 917 -30.24 -54.15 -39.42
C TYR D 917 -29.76 -55.59 -39.44
N GLU D 918 -28.74 -55.91 -40.26
CA GLU D 918 -28.28 -57.29 -40.29
C GLU D 918 -27.73 -57.71 -38.94
N ASN D 919 -27.12 -56.77 -38.21
CA ASN D 919 -26.57 -57.00 -36.89
C ASN D 919 -27.38 -56.32 -35.79
N GLN D 920 -28.69 -56.06 -36.03
CA GLN D 920 -29.50 -55.32 -35.05
C GLN D 920 -29.43 -55.98 -33.68
N LYS D 921 -29.41 -57.31 -33.65
CA LYS D 921 -29.35 -58.00 -32.37
C LYS D 921 -27.95 -57.86 -31.78
N LEU D 922 -26.93 -58.02 -32.61
CA LEU D 922 -25.56 -57.83 -32.15
C LEU D 922 -25.34 -56.41 -31.68
N ILE D 923 -25.81 -55.42 -32.45
CA ILE D 923 -25.58 -54.04 -32.06
C ILE D 923 -26.30 -53.73 -30.75
N ALA D 924 -27.53 -54.21 -30.60
CA ALA D 924 -28.22 -54.01 -29.33
C ALA D 924 -27.47 -54.66 -28.18
N ASN D 925 -26.91 -55.85 -28.41
CA ASN D 925 -26.14 -56.52 -27.36
C ASN D 925 -24.82 -55.79 -27.10
N GLN D 926 -24.13 -55.35 -28.15
CA GLN D 926 -22.87 -54.62 -27.98
C GLN D 926 -23.09 -53.28 -27.31
N PHE D 927 -24.16 -52.59 -27.67
CA PHE D 927 -24.49 -51.32 -27.06
C PHE D 927 -24.83 -51.52 -25.59
N ASN D 928 -25.72 -52.48 -25.30
CA ASN D 928 -26.12 -52.72 -23.92
C ASN D 928 -24.92 -53.19 -23.09
N SER D 929 -24.05 -53.98 -23.71
CA SER D 929 -22.83 -54.45 -23.06
C SER D 929 -21.89 -53.28 -22.78
N ALA D 930 -21.73 -52.38 -23.77
CA ALA D 930 -20.88 -51.23 -23.55
C ALA D 930 -21.43 -50.39 -22.41
N ILE D 931 -22.75 -50.28 -22.32
CA ILE D 931 -23.37 -49.57 -21.20
C ILE D 931 -23.09 -50.27 -19.89
N GLY D 932 -23.19 -51.61 -19.89
CA GLY D 932 -22.84 -52.35 -18.68
C GLY D 932 -21.40 -52.08 -18.29
N LYS D 933 -20.50 -51.94 -19.27
CA LYS D 933 -19.07 -51.63 -19.01
C LYS D 933 -18.99 -50.17 -18.57
N ILE D 934 -19.96 -49.33 -18.92
CA ILE D 934 -20.05 -47.93 -18.42
C ILE D 934 -20.44 -48.05 -16.94
N GLN D 935 -21.27 -49.02 -16.57
CA GLN D 935 -21.64 -49.25 -15.14
C GLN D 935 -20.38 -49.59 -14.35
N ASP D 936 -19.58 -50.57 -14.77
CA ASP D 936 -18.41 -51.04 -14.05
C ASP D 936 -17.31 -49.99 -14.02
N SER D 937 -17.11 -49.27 -15.13
CA SER D 937 -16.07 -48.25 -15.17
C SER D 937 -16.34 -47.12 -14.19
N LEU D 938 -17.59 -46.64 -14.15
CA LEU D 938 -17.93 -45.57 -13.22
C LEU D 938 -17.94 -46.04 -11.77
N SER D 939 -18.48 -47.24 -11.52
CA SER D 939 -18.53 -47.75 -10.15
C SER D 939 -17.14 -48.05 -9.59
N SER D 940 -16.24 -48.53 -10.44
CA SER D 940 -14.92 -48.94 -10.00
C SER D 940 -13.94 -47.77 -9.88
N THR D 941 -13.81 -46.96 -10.93
CA THR D 941 -12.73 -45.98 -10.99
C THR D 941 -13.16 -44.63 -10.43
N PRO D 942 -12.66 -44.21 -9.26
CA PRO D 942 -13.11 -42.91 -8.72
C PRO D 942 -12.72 -41.68 -9.55
N SER D 943 -11.57 -41.69 -10.23
CA SER D 943 -11.05 -40.55 -10.96
C SER D 943 -11.74 -40.33 -12.30
N ALA D 944 -12.67 -41.20 -12.70
CA ALA D 944 -13.29 -41.10 -14.02
C ALA D 944 -13.95 -39.75 -14.22
N LEU D 945 -14.45 -39.12 -13.14
CA LEU D 945 -15.13 -37.84 -13.20
C LEU D 945 -14.23 -36.70 -12.76
N GLY D 946 -12.91 -36.89 -12.90
CA GLY D 946 -11.95 -35.87 -12.51
C GLY D 946 -12.21 -34.51 -13.13
N LYS D 947 -12.73 -34.48 -14.37
CA LYS D 947 -12.98 -33.21 -15.03
C LYS D 947 -14.00 -32.37 -14.26
N LEU D 948 -14.94 -33.01 -13.57
CA LEU D 948 -15.87 -32.24 -12.76
C LEU D 948 -15.31 -32.03 -11.37
N GLN D 949 -14.61 -33.04 -10.86
CA GLN D 949 -14.11 -32.95 -9.51
C GLN D 949 -13.03 -31.89 -9.40
N ASP D 950 -12.20 -31.75 -10.43
CA ASP D 950 -11.18 -30.71 -10.36
C ASP D 950 -11.83 -29.35 -10.31
N VAL D 951 -12.94 -29.18 -11.04
CA VAL D 951 -13.62 -27.89 -10.99
C VAL D 951 -14.19 -27.68 -9.61
N VAL D 952 -14.81 -28.72 -9.05
CA VAL D 952 -15.32 -28.61 -7.70
C VAL D 952 -14.17 -28.37 -6.75
N ASN D 953 -13.06 -29.09 -6.95
CA ASN D 953 -11.92 -28.91 -6.07
C ASN D 953 -11.34 -27.53 -6.24
N GLN D 954 -11.27 -27.04 -7.50
CA GLN D 954 -10.71 -25.72 -7.70
C GLN D 954 -11.60 -24.68 -7.04
N ASN D 955 -12.91 -24.88 -7.13
CA ASN D 955 -13.76 -23.88 -6.51
C ASN D 955 -13.75 -24.04 -5.01
N ALA D 956 -13.69 -25.28 -4.53
CA ALA D 956 -13.60 -25.45 -3.10
C ALA D 956 -12.29 -24.88 -2.62
N GLN D 957 -11.23 -25.13 -3.39
CA GLN D 957 -9.94 -24.59 -3.02
C GLN D 957 -9.95 -23.09 -3.13
N ALA D 958 -10.62 -22.57 -4.18
CA ALA D 958 -10.69 -21.13 -4.35
C ALA D 958 -11.39 -20.51 -3.16
N LEU D 959 -12.45 -21.16 -2.68
CA LEU D 959 -13.11 -20.63 -1.49
C LEU D 959 -12.26 -20.87 -0.25
N ASN D 960 -11.60 -22.03 -0.19
CA ASN D 960 -10.79 -22.34 0.98
C ASN D 960 -9.59 -21.41 1.06
N THR D 961 -9.03 -21.04 -0.09
CA THR D 961 -7.94 -20.09 -0.06
C THR D 961 -8.45 -18.72 0.38
N LEU D 962 -9.60 -18.29 -0.17
CA LEU D 962 -10.15 -16.99 0.17
C LEU D 962 -10.45 -16.90 1.65
N VAL D 963 -11.06 -17.95 2.20
CA VAL D 963 -11.41 -17.92 3.61
C VAL D 963 -10.12 -17.91 4.44
N LYS D 964 -9.12 -18.70 4.04
CA LYS D 964 -7.87 -18.70 4.78
C LYS D 964 -7.19 -17.35 4.73
N GLN D 965 -7.44 -16.55 3.68
CA GLN D 965 -6.82 -15.24 3.65
C GLN D 965 -7.33 -14.35 4.78
N LEU D 966 -8.48 -14.69 5.38
CA LEU D 966 -8.98 -13.92 6.50
C LEU D 966 -8.16 -14.16 7.76
N SER D 967 -7.33 -15.21 7.78
CA SER D 967 -6.48 -15.50 8.92
C SER D 967 -5.11 -14.83 8.80
N SER D 968 -4.86 -14.13 7.70
CA SER D 968 -3.60 -13.43 7.47
C SER D 968 -3.65 -12.03 8.05
N ASN D 969 -2.52 -11.57 8.58
CA ASN D 969 -2.45 -10.23 9.14
C ASN D 969 -2.23 -9.16 8.08
N PHE D 970 -1.48 -9.47 7.02
CA PHE D 970 -1.11 -8.52 5.98
C PHE D 970 -0.37 -7.31 6.55
N GLY D 971 0.31 -7.49 7.68
CA GLY D 971 1.06 -6.45 8.33
C GLY D 971 0.35 -5.84 9.52
N ALA D 972 -0.93 -6.17 9.72
CA ALA D 972 -1.70 -5.67 10.84
C ALA D 972 -1.32 -6.39 12.13
N ILE D 973 -1.65 -5.76 13.25
CA ILE D 973 -1.40 -6.39 14.55
C ILE D 973 -2.23 -7.65 14.78
N SER D 974 -3.33 -7.83 14.07
CA SER D 974 -4.16 -9.02 14.24
C SER D 974 -5.01 -9.21 12.98
N SER D 975 -5.24 -10.48 12.61
CA SER D 975 -6.13 -10.73 11.48
C SER D 975 -7.62 -10.58 11.79
N VAL D 976 -8.02 -10.56 13.06
CA VAL D 976 -9.44 -10.48 13.43
C VAL D 976 -9.79 -9.02 13.71
N LEU D 977 -10.76 -8.53 12.95
CA LEU D 977 -11.17 -7.13 12.94
C LEU D 977 -11.72 -6.66 14.28
N ASN D 978 -12.44 -7.54 14.99
CA ASN D 978 -13.02 -7.13 16.25
C ASN D 978 -11.96 -6.85 17.30
N ASP D 979 -10.81 -7.53 17.26
CA ASP D 979 -9.80 -7.28 18.28
C ASP D 979 -9.11 -5.94 18.02
N ILE D 980 -8.91 -5.60 16.75
CA ILE D 980 -8.30 -4.30 16.43
C ILE D 980 -9.22 -3.18 16.90
N LEU D 981 -10.51 -3.32 16.62
CA LEU D 981 -11.44 -2.28 17.04
C LEU D 981 -11.64 -2.27 18.55
N SER D 982 -11.47 -3.42 19.21
CA SER D 982 -11.58 -3.48 20.66
C SER D 982 -10.36 -2.93 21.37
N ARG D 983 -9.19 -2.96 20.74
CA ARG D 983 -7.97 -2.48 21.37
C ARG D 983 -7.63 -1.04 21.03
N LEU D 984 -7.81 -0.63 19.78
CA LEU D 984 -7.37 0.69 19.32
C LEU D 984 -8.55 1.63 19.14
N ASP D 985 -8.25 2.93 19.26
CA ASP D 985 -9.16 4.03 18.96
C ASP D 985 -9.03 4.42 17.50
N PRO D 986 -10.07 5.04 16.91
CA PRO D 986 -10.05 5.41 15.46
C PRO D 986 -8.72 6.01 14.99
N PRO D 987 -8.12 6.96 15.73
CA PRO D 987 -6.85 7.55 15.24
C PRO D 987 -5.75 6.54 15.00
N GLU D 988 -5.81 5.40 15.68
CA GLU D 988 -4.84 4.32 15.57
C GLU D 988 -5.43 3.12 14.85
N ALA D 989 -6.72 2.87 15.09
CA ALA D 989 -7.38 1.73 14.47
C ALA D 989 -7.45 1.86 12.97
N GLU D 990 -7.64 3.09 12.45
CA GLU D 990 -7.78 3.27 11.01
C GLU D 990 -6.55 2.83 10.22
N VAL D 991 -5.35 3.01 10.76
CA VAL D 991 -4.16 2.58 10.04
C VAL D 991 -4.10 1.06 9.91
N GLN D 992 -4.37 0.35 11.01
CA GLN D 992 -4.34 -1.10 10.97
C GLN D 992 -5.48 -1.64 10.13
N ILE D 993 -6.63 -0.97 10.17
CA ILE D 993 -7.76 -1.40 9.38
C ILE D 993 -7.46 -1.17 7.92
N ASP D 994 -6.86 -0.03 7.58
CA ASP D 994 -6.46 0.20 6.20
C ASP D 994 -5.55 -0.92 5.71
N ARG D 995 -4.68 -1.43 6.58
CA ARG D 995 -3.82 -2.54 6.18
C ARG D 995 -4.63 -3.80 5.91
N LEU D 996 -5.62 -4.09 6.76
CA LEU D 996 -6.45 -5.26 6.51
C LEU D 996 -7.34 -5.06 5.29
N ILE D 997 -7.85 -3.85 5.08
CA ILE D 997 -8.69 -3.61 3.91
C ILE D 997 -7.86 -3.79 2.66
N THR D 998 -6.63 -3.25 2.64
CA THR D 998 -5.79 -3.40 1.45
C THR D 998 -5.53 -4.87 1.17
N GLY D 999 -5.17 -5.64 2.20
CA GLY D 999 -4.89 -7.05 1.98
C GLY D 999 -6.12 -7.85 1.59
N ARG D 1000 -7.26 -7.61 2.26
CA ARG D 1000 -8.46 -8.36 1.96
C ARG D 1000 -9.05 -7.94 0.62
N LEU D 1001 -8.96 -6.65 0.28
CA LEU D 1001 -9.45 -6.19 -1.00
C LEU D 1001 -8.59 -6.76 -2.12
N GLN D 1002 -7.27 -6.80 -1.92
CA GLN D 1002 -6.41 -7.41 -2.92
C GLN D 1002 -6.71 -8.90 -3.05
N SER D 1003 -7.01 -9.55 -1.93
CA SER D 1003 -7.33 -10.97 -1.98
C SER D 1003 -8.68 -11.21 -2.66
N LEU D 1004 -9.65 -10.33 -2.41
CA LEU D 1004 -10.95 -10.49 -3.05
C LEU D 1004 -10.84 -10.18 -4.54
N GLN D 1005 -10.04 -9.17 -4.91
CA GLN D 1005 -9.83 -8.90 -6.32
C GLN D 1005 -9.12 -10.07 -6.99
N THR D 1006 -8.18 -10.68 -6.28
CA THR D 1006 -7.50 -11.85 -6.82
C THR D 1006 -8.48 -12.99 -7.01
N TYR D 1007 -9.34 -13.22 -6.00
CA TYR D 1007 -10.38 -14.23 -6.11
C TYR D 1007 -11.30 -13.97 -7.29
N VAL D 1008 -11.78 -12.73 -7.41
CA VAL D 1008 -12.72 -12.39 -8.49
C VAL D 1008 -12.03 -12.54 -9.83
N THR D 1009 -10.76 -12.15 -9.95
CA THR D 1009 -10.00 -12.18 -11.23
C THR D 1009 -9.69 -13.63 -11.58
N GLN D 1010 -9.54 -14.50 -10.60
CA GLN D 1010 -9.25 -15.94 -10.82
C GLN D 1010 -10.58 -16.66 -11.05
N GLN D 1011 -11.72 -16.04 -10.73
CA GLN D 1011 -13.06 -16.63 -10.97
C GLN D 1011 -13.62 -16.04 -12.26
N LEU D 1012 -13.16 -14.87 -12.73
CA LEU D 1012 -13.52 -14.40 -14.06
C LEU D 1012 -12.79 -15.21 -15.11
N ILE D 1013 -11.53 -15.54 -14.86
CA ILE D 1013 -10.78 -16.37 -15.80
C ILE D 1013 -11.31 -17.80 -15.77
N ARG D 1014 -11.55 -18.33 -14.58
CA ARG D 1014 -12.11 -19.68 -14.46
C ARG D 1014 -13.50 -19.74 -15.07
N ALA D 1015 -14.29 -18.70 -14.88
CA ALA D 1015 -15.62 -18.63 -15.47
C ALA D 1015 -15.50 -18.59 -16.98
N ALA D 1016 -14.52 -17.86 -17.51
CA ALA D 1016 -14.36 -17.82 -18.95
C ALA D 1016 -13.99 -19.18 -19.50
N GLU D 1017 -13.11 -19.93 -18.81
CA GLU D 1017 -12.79 -21.27 -19.31
C GLU D 1017 -14.00 -22.21 -19.20
N ILE D 1018 -14.71 -22.18 -18.08
CA ILE D 1018 -15.91 -23.02 -17.95
C ILE D 1018 -16.98 -22.56 -18.94
N ARG D 1019 -17.15 -21.25 -19.12
CA ARG D 1019 -18.10 -20.77 -20.10
C ARG D 1019 -17.73 -21.26 -21.49
N ALA D 1020 -16.45 -21.23 -21.83
CA ALA D 1020 -16.01 -21.75 -23.13
C ALA D 1020 -16.31 -23.24 -23.20
N SER D 1021 -16.09 -23.96 -22.10
CA SER D 1021 -16.40 -25.38 -22.05
C SER D 1021 -17.91 -25.60 -22.19
N ALA D 1022 -18.71 -24.77 -21.52
CA ALA D 1022 -20.15 -24.84 -21.63
C ALA D 1022 -20.60 -24.55 -23.05
N ASN D 1023 -19.92 -23.63 -23.73
CA ASN D 1023 -20.24 -23.34 -25.11
C ASN D 1023 -19.89 -24.53 -25.99
N LEU D 1024 -18.80 -25.22 -25.64
CA LEU D 1024 -18.44 -26.43 -26.36
C LEU D 1024 -19.46 -27.52 -26.07
N ALA D 1025 -19.88 -27.63 -24.81
CA ALA D 1025 -20.89 -28.60 -24.42
C ALA D 1025 -22.22 -28.30 -25.11
N ALA D 1026 -22.58 -27.03 -25.23
CA ALA D 1026 -23.80 -26.65 -25.93
C ALA D 1026 -23.68 -26.96 -27.41
N THR D 1027 -22.49 -26.77 -27.97
CA THR D 1027 -22.26 -27.11 -29.36
C THR D 1027 -22.42 -28.61 -29.52
N LYS D 1028 -21.86 -29.37 -28.57
CA LYS D 1028 -22.00 -30.83 -28.55
C LYS D 1028 -23.46 -31.22 -28.33
N MET D 1029 -24.19 -30.47 -27.51
CA MET D 1029 -25.61 -30.76 -27.31
C MET D 1029 -26.31 -30.68 -28.65
N SER D 1030 -26.06 -29.60 -29.37
CA SER D 1030 -26.70 -29.40 -30.64
C SER D 1030 -26.23 -30.38 -31.72
N GLU D 1031 -24.92 -30.59 -31.84
CA GLU D 1031 -24.35 -31.40 -32.91
C GLU D 1031 -24.19 -32.88 -32.61
N CYS D 1032 -24.08 -33.28 -31.34
CA CYS D 1032 -23.86 -34.67 -30.98
C CYS D 1032 -25.13 -35.33 -30.43
N VAL D 1033 -25.99 -34.56 -29.77
CA VAL D 1033 -27.19 -35.06 -29.12
C VAL D 1033 -28.43 -34.69 -29.92
N LEU D 1034 -28.50 -33.44 -30.36
CA LEU D 1034 -29.64 -32.93 -31.12
C LEU D 1034 -29.36 -33.02 -32.61
N GLY D 1035 -28.39 -33.84 -32.99
CA GLY D 1035 -28.00 -34.00 -34.37
C GLY D 1035 -26.92 -35.05 -34.45
N GLN D 1036 -26.28 -35.10 -35.61
CA GLN D 1036 -25.14 -35.99 -35.83
C GLN D 1036 -24.03 -35.18 -36.45
N SER D 1037 -22.87 -35.21 -35.80
CA SER D 1037 -21.75 -34.40 -36.22
C SER D 1037 -20.90 -35.22 -37.18
N LYS D 1038 -20.34 -34.53 -38.17
CA LYS D 1038 -19.39 -35.10 -39.11
C LYS D 1038 -17.98 -34.61 -38.82
N ARG D 1039 -17.79 -33.96 -37.67
CA ARG D 1039 -16.51 -33.43 -37.25
C ARG D 1039 -15.76 -34.56 -36.53
N VAL D 1040 -14.58 -34.88 -37.06
CA VAL D 1040 -13.80 -36.01 -36.56
C VAL D 1040 -13.35 -35.72 -35.13
N ASP D 1041 -13.54 -36.71 -34.26
CA ASP D 1041 -13.14 -36.65 -32.85
C ASP D 1041 -13.86 -35.53 -32.08
N PHE D 1042 -14.93 -34.98 -32.64
CA PHE D 1042 -15.70 -33.98 -31.91
C PHE D 1042 -16.62 -34.65 -30.90
N CYS D 1043 -17.25 -35.75 -31.31
CA CYS D 1043 -18.23 -36.44 -30.48
C CYS D 1043 -17.71 -37.84 -30.16
N GLY D 1044 -16.47 -37.94 -29.67
CA GLY D 1044 -15.88 -39.22 -29.32
C GLY D 1044 -14.94 -39.73 -30.40
N LYS D 1045 -14.19 -40.77 -30.03
CA LYS D 1045 -13.18 -41.37 -30.90
C LYS D 1045 -13.83 -42.47 -31.72
N GLY D 1046 -13.97 -42.21 -33.02
CA GLY D 1046 -14.63 -43.08 -33.97
C GLY D 1046 -15.57 -42.26 -34.82
N TYR D 1047 -16.45 -42.96 -35.53
CA TYR D 1047 -17.46 -42.31 -36.35
C TYR D 1047 -18.67 -42.10 -35.47
N HIS D 1048 -19.08 -40.85 -35.30
CA HIS D 1048 -20.15 -40.54 -34.37
C HIS D 1048 -21.49 -41.07 -34.83
N LEU D 1049 -22.18 -41.76 -33.93
CA LEU D 1049 -23.55 -42.18 -34.17
C LEU D 1049 -24.51 -41.31 -33.38
N MET D 1050 -24.34 -41.21 -32.07
CA MET D 1050 -25.27 -40.42 -31.25
C MET D 1050 -24.67 -40.21 -29.88
N SER D 1051 -25.29 -39.31 -29.12
CA SER D 1051 -24.86 -39.08 -27.75
C SER D 1051 -26.07 -38.96 -26.84
N PHE D 1052 -25.80 -39.15 -25.55
CA PHE D 1052 -26.82 -39.06 -24.51
C PHE D 1052 -26.34 -38.10 -23.43
N PRO D 1053 -27.12 -37.07 -23.10
CA PRO D 1053 -26.73 -36.20 -22.01
C PRO D 1053 -27.05 -36.86 -20.68
N GLN D 1054 -26.23 -36.56 -19.68
CA GLN D 1054 -26.51 -36.95 -18.32
C GLN D 1054 -26.19 -35.76 -17.43
N SER D 1055 -27.03 -35.55 -16.44
CA SER D 1055 -26.80 -34.49 -15.48
C SER D 1055 -25.62 -34.88 -14.60
N ALA D 1056 -24.81 -33.90 -14.23
CA ALA D 1056 -23.71 -34.15 -13.32
C ALA D 1056 -23.54 -32.94 -12.44
N PRO D 1057 -22.89 -33.11 -11.26
CA PRO D 1057 -22.63 -31.94 -10.39
C PRO D 1057 -21.92 -30.83 -11.12
N HIS D 1058 -22.59 -29.68 -11.22
CA HIS D 1058 -22.04 -28.50 -11.88
C HIS D 1058 -21.50 -28.82 -13.27
N GLY D 1059 -22.12 -29.78 -13.96
CA GLY D 1059 -21.60 -30.15 -15.25
C GLY D 1059 -22.48 -31.15 -15.97
N VAL D 1060 -21.99 -31.59 -17.12
CA VAL D 1060 -22.72 -32.54 -17.96
C VAL D 1060 -21.77 -33.65 -18.34
N VAL D 1061 -22.32 -34.86 -18.43
CA VAL D 1061 -21.59 -36.03 -18.90
C VAL D 1061 -22.28 -36.51 -20.16
N PHE D 1062 -21.51 -36.69 -21.22
CA PHE D 1062 -22.03 -37.17 -22.48
C PHE D 1062 -21.57 -38.61 -22.66
N LEU D 1063 -22.51 -39.46 -23.02
CA LEU D 1063 -22.20 -40.83 -23.38
C LEU D 1063 -22.26 -40.84 -24.89
N HIS D 1064 -21.10 -40.88 -25.54
CA HIS D 1064 -21.02 -40.78 -26.98
C HIS D 1064 -20.97 -42.20 -27.52
N VAL D 1065 -21.90 -42.53 -28.38
CA VAL D 1065 -22.00 -43.83 -29.00
C VAL D 1065 -21.40 -43.66 -30.38
N THR D 1066 -20.31 -44.38 -30.60
CA THR D 1066 -19.54 -44.28 -31.82
C THR D 1066 -19.37 -45.65 -32.45
N TYR D 1067 -19.23 -45.62 -33.76
CA TYR D 1067 -18.96 -46.77 -34.58
C TYR D 1067 -17.45 -46.82 -34.76
N VAL D 1068 -16.80 -47.93 -34.40
CA VAL D 1068 -15.37 -48.05 -34.52
C VAL D 1068 -15.02 -49.31 -35.30
N PRO D 1069 -14.34 -49.20 -36.44
CA PRO D 1069 -13.88 -50.40 -37.15
C PRO D 1069 -13.01 -51.31 -36.30
N ALA D 1070 -13.22 -52.62 -36.43
CA ALA D 1070 -12.47 -53.58 -35.62
C ALA D 1070 -11.62 -54.47 -36.53
N GLN D 1071 -12.10 -55.66 -36.89
CA GLN D 1071 -11.23 -56.67 -37.50
C GLN D 1071 -10.69 -56.24 -38.87
N GLU D 1072 -9.44 -56.63 -39.13
CA GLU D 1072 -8.67 -56.24 -40.29
C GLU D 1072 -8.62 -57.32 -41.37
N LYS D 1073 -8.68 -56.90 -42.64
CA LYS D 1073 -8.37 -57.82 -43.74
C LYS D 1073 -7.80 -57.01 -44.90
N ASN D 1074 -6.69 -57.50 -45.47
CA ASN D 1074 -6.08 -56.92 -46.66
C ASN D 1074 -6.68 -57.46 -47.95
N PHE D 1075 -6.79 -56.58 -48.94
CA PHE D 1075 -7.26 -56.81 -50.31
C PHE D 1075 -6.47 -55.97 -51.28
N THR D 1076 -6.43 -56.43 -52.53
CA THR D 1076 -5.82 -55.68 -53.60
C THR D 1076 -6.88 -54.74 -54.16
N THR D 1077 -6.47 -53.53 -54.53
CA THR D 1077 -7.34 -52.47 -54.99
C THR D 1077 -6.83 -51.88 -56.29
N ALA D 1078 -7.62 -50.95 -56.82
CA ALA D 1078 -7.23 -50.26 -58.02
C ALA D 1078 -7.98 -48.95 -58.08
N PRO D 1079 -7.37 -47.88 -58.58
CA PRO D 1079 -8.06 -46.59 -58.66
C PRO D 1079 -9.17 -46.54 -59.70
N ALA D 1080 -9.17 -47.42 -60.68
CA ALA D 1080 -10.15 -47.35 -61.74
C ALA D 1080 -10.20 -48.71 -62.41
N ILE D 1081 -11.28 -48.95 -63.14
CA ILE D 1081 -11.40 -50.17 -63.92
C ILE D 1081 -11.54 -49.91 -65.43
N CYS D 1082 -10.75 -50.63 -66.24
CA CYS D 1082 -10.82 -50.58 -67.70
C CYS D 1082 -11.69 -51.74 -68.18
N HIS D 1083 -12.91 -51.45 -68.66
CA HIS D 1083 -13.82 -52.54 -69.07
C HIS D 1083 -13.82 -52.69 -70.59
N ASP D 1084 -14.44 -51.74 -71.29
CA ASP D 1084 -14.50 -51.70 -72.75
C ASP D 1084 -13.52 -50.67 -73.29
N GLY D 1085 -12.54 -50.28 -72.49
CA GLY D 1085 -11.60 -49.23 -72.81
C GLY D 1085 -11.91 -47.95 -72.06
N LYS D 1086 -13.07 -47.87 -71.42
CA LYS D 1086 -13.49 -46.74 -70.60
C LYS D 1086 -13.06 -46.99 -69.16
N ALA D 1087 -12.80 -45.91 -68.44
CA ALA D 1087 -12.38 -45.99 -67.04
C ALA D 1087 -13.61 -45.92 -66.14
N HIS D 1088 -13.81 -46.97 -65.34
CA HIS D 1088 -14.93 -47.07 -64.42
C HIS D 1088 -14.42 -46.75 -63.02
N PHE D 1089 -15.11 -45.84 -62.33
CA PHE D 1089 -14.82 -45.38 -60.98
C PHE D 1089 -15.97 -45.74 -60.05
N PRO D 1090 -15.73 -46.02 -58.77
CA PRO D 1090 -16.86 -46.31 -57.87
C PRO D 1090 -17.65 -45.05 -57.52
N ARG D 1091 -18.97 -45.20 -57.39
CA ARG D 1091 -19.79 -44.04 -57.01
C ARG D 1091 -19.76 -43.81 -55.50
N GLU D 1092 -19.84 -44.88 -54.70
CA GLU D 1092 -19.94 -44.77 -53.25
C GLU D 1092 -18.79 -45.43 -52.50
N GLY D 1093 -18.26 -46.56 -52.99
CA GLY D 1093 -17.25 -47.31 -52.26
C GLY D 1093 -15.90 -47.36 -52.95
N VAL D 1094 -15.19 -48.48 -52.76
CA VAL D 1094 -13.87 -48.69 -53.35
C VAL D 1094 -13.86 -50.04 -54.03
N PHE D 1095 -12.93 -50.19 -54.98
CA PHE D 1095 -12.68 -51.45 -55.66
C PHE D 1095 -11.68 -52.26 -54.84
N VAL D 1096 -11.99 -53.53 -54.64
CA VAL D 1096 -11.17 -54.48 -53.89
C VAL D 1096 -11.04 -55.77 -54.67
N SER D 1097 -10.03 -56.57 -54.30
CA SER D 1097 -9.89 -57.91 -54.84
C SER D 1097 -9.48 -58.88 -53.75
N ASN D 1098 -10.02 -60.09 -53.82
CA ASN D 1098 -9.67 -61.17 -52.93
C ASN D 1098 -8.55 -62.04 -53.49
N GLY D 1099 -7.95 -61.64 -54.62
CA GLY D 1099 -6.88 -62.35 -55.27
C GLY D 1099 -7.27 -62.96 -56.60
N THR D 1100 -8.56 -63.23 -56.82
CA THR D 1100 -9.07 -63.75 -58.09
C THR D 1100 -10.23 -62.93 -58.64
N HIS D 1101 -11.14 -62.45 -57.78
CA HIS D 1101 -12.30 -61.68 -58.19
C HIS D 1101 -12.23 -60.28 -57.59
N TRP D 1102 -12.77 -59.33 -58.33
CA TRP D 1102 -12.86 -57.94 -57.90
C TRP D 1102 -14.29 -57.60 -57.49
N PHE D 1103 -14.42 -56.88 -56.38
CA PHE D 1103 -15.70 -56.47 -55.81
C PHE D 1103 -15.62 -55.01 -55.44
N VAL D 1104 -16.78 -54.38 -55.26
CA VAL D 1104 -16.87 -53.00 -54.74
C VAL D 1104 -17.52 -53.07 -53.37
N THR D 1105 -16.95 -52.33 -52.41
CA THR D 1105 -17.46 -52.36 -51.05
C THR D 1105 -17.45 -50.97 -50.45
N GLN D 1106 -18.37 -50.74 -49.53
CA GLN D 1106 -18.43 -49.49 -48.79
C GLN D 1106 -17.16 -49.32 -47.95
N ARG D 1107 -16.69 -48.08 -47.88
CA ARG D 1107 -15.36 -47.78 -47.35
C ARG D 1107 -15.16 -48.20 -45.90
N ASN D 1108 -16.17 -48.04 -45.05
CA ASN D 1108 -16.00 -48.28 -43.61
C ASN D 1108 -16.56 -49.62 -43.12
N PHE D 1109 -16.97 -50.51 -44.01
CA PHE D 1109 -17.50 -51.80 -43.57
C PHE D 1109 -17.52 -52.80 -44.71
N TYR D 1110 -16.82 -53.92 -44.56
CA TYR D 1110 -16.74 -54.87 -45.65
C TYR D 1110 -18.10 -55.51 -45.91
N GLU D 1111 -18.61 -55.30 -47.12
CA GLU D 1111 -19.91 -55.81 -47.52
C GLU D 1111 -19.79 -55.97 -49.04
N PRO D 1112 -19.21 -57.09 -49.49
CA PRO D 1112 -18.84 -57.19 -50.91
C PRO D 1112 -20.03 -57.20 -51.83
N GLN D 1113 -19.93 -56.44 -52.90
CA GLN D 1113 -20.95 -56.41 -53.93
C GLN D 1113 -20.26 -56.62 -55.27
N ILE D 1114 -21.01 -57.19 -56.21
CA ILE D 1114 -20.51 -57.34 -57.57
C ILE D 1114 -20.36 -55.95 -58.16
N ILE D 1115 -19.28 -55.72 -58.89
CA ILE D 1115 -19.04 -54.40 -59.45
C ILE D 1115 -19.96 -54.28 -60.67
N THR D 1116 -20.85 -53.28 -60.63
CA THR D 1116 -21.85 -53.09 -61.67
C THR D 1116 -21.92 -51.62 -62.08
N THR D 1117 -22.67 -51.38 -63.15
CA THR D 1117 -22.90 -50.03 -63.66
C THR D 1117 -23.82 -49.21 -62.77
N ASP D 1118 -24.42 -49.81 -61.74
CA ASP D 1118 -25.31 -49.11 -60.82
C ASP D 1118 -24.58 -48.53 -59.63
N ASN D 1119 -23.30 -48.87 -59.45
CA ASN D 1119 -22.49 -48.39 -58.34
C ASN D 1119 -21.16 -47.80 -58.83
N THR D 1120 -21.02 -47.58 -60.13
CA THR D 1120 -19.85 -46.96 -60.74
C THR D 1120 -20.30 -45.87 -61.72
N PHE D 1121 -19.35 -45.04 -62.13
CA PHE D 1121 -19.57 -44.05 -63.18
C PHE D 1121 -18.38 -44.06 -64.13
N VAL D 1122 -18.61 -43.57 -65.34
CA VAL D 1122 -17.63 -43.61 -66.42
C VAL D 1122 -17.22 -42.21 -66.83
N SER D 1123 -15.92 -41.97 -66.92
CA SER D 1123 -15.37 -40.72 -67.41
C SER D 1123 -13.98 -40.97 -67.97
N GLY D 1124 -13.79 -40.75 -69.27
CA GLY D 1124 -12.51 -40.97 -69.91
C GLY D 1124 -12.20 -42.44 -70.15
N ASN D 1125 -10.96 -42.70 -70.54
CA ASN D 1125 -10.51 -44.05 -70.87
C ASN D 1125 -9.35 -44.47 -69.97
N CYS D 1126 -8.93 -45.72 -70.12
CA CYS D 1126 -7.92 -46.30 -69.24
C CYS D 1126 -6.48 -45.87 -69.56
N ASP D 1127 -6.26 -45.07 -70.60
CA ASP D 1127 -4.89 -44.68 -70.95
C ASP D 1127 -4.40 -43.46 -70.17
N VAL D 1128 -5.27 -42.84 -69.37
CA VAL D 1128 -4.92 -41.67 -68.59
C VAL D 1128 -4.78 -42.00 -67.10
N VAL D 1129 -5.58 -42.93 -66.59
CA VAL D 1129 -5.63 -43.23 -65.16
C VAL D 1129 -4.47 -44.14 -64.76
N ILE D 1130 -3.69 -43.70 -63.79
CA ILE D 1130 -2.54 -44.44 -63.29
C ILE D 1130 -2.99 -45.52 -62.31
N GLY D 1131 -2.68 -46.78 -62.64
CA GLY D 1131 -3.04 -47.93 -61.84
C GLY D 1131 -4.30 -48.67 -62.24
N ILE D 1132 -4.94 -48.30 -63.35
CA ILE D 1132 -6.15 -48.99 -63.79
C ILE D 1132 -5.88 -50.44 -64.18
N VAL D 1133 -6.80 -51.33 -63.79
CA VAL D 1133 -6.70 -52.76 -64.08
C VAL D 1133 -7.91 -53.22 -64.91
N ASN D 1134 -7.70 -54.31 -65.66
CA ASN D 1134 -8.75 -54.92 -66.49
C ASN D 1134 -9.60 -55.95 -65.75
N ASN D 1135 -10.93 -55.81 -65.85
CA ASN D 1135 -11.90 -56.79 -65.35
C ASN D 1135 -13.27 -56.40 -65.94
N THR D 1136 -14.32 -57.12 -65.53
CA THR D 1136 -15.66 -56.96 -66.08
C THR D 1136 -16.60 -56.22 -65.11
N VAL D 1137 -17.31 -55.21 -65.64
CA VAL D 1137 -18.35 -54.46 -64.93
C VAL D 1137 -19.69 -54.86 -65.52
N TYR D 1138 -20.61 -55.27 -64.67
CA TYR D 1138 -21.91 -55.81 -65.05
C TYR D 1138 -22.97 -54.72 -65.11
N ASP D 1139 -23.94 -54.90 -66.02
CA ASP D 1139 -25.01 -53.91 -66.25
C ASP D 1139 -26.39 -54.58 -66.14
N PRO D 1140 -26.81 -54.98 -64.92
CA PRO D 1140 -28.06 -55.71 -64.70
C PRO D 1140 -29.29 -55.14 -65.40
N VAL E 2 1.55 -2.00 64.35
CA VAL E 2 2.87 -1.43 64.04
C VAL E 2 3.23 -0.47 65.17
N GLN E 3 4.20 -0.86 65.98
CA GLN E 3 4.44 -0.29 67.31
C GLN E 3 5.92 -0.01 67.51
N LEU E 4 6.52 0.75 66.60
CA LEU E 4 7.93 1.15 66.68
C LEU E 4 8.28 1.60 68.10
N VAL E 5 9.16 0.85 68.76
CA VAL E 5 9.59 1.15 70.13
C VAL E 5 11.00 1.70 70.02
N GLN E 6 11.14 3.00 70.28
CA GLN E 6 12.36 3.69 69.88
C GLN E 6 13.48 3.58 70.91
N SER E 7 13.29 4.22 72.06
CA SER E 7 14.36 4.35 73.06
C SER E 7 13.75 4.98 74.30
N GLY E 8 14.61 5.33 75.26
CA GLY E 8 14.22 6.07 76.45
C GLY E 8 14.54 7.54 76.32
N ALA E 9 15.13 8.13 77.36
CA ALA E 9 15.47 9.54 77.40
C ALA E 9 16.92 9.68 77.79
N GLU E 10 17.65 10.59 77.11
CA GLU E 10 19.07 10.75 77.34
C GLU E 10 19.39 12.17 77.77
N VAL E 11 20.29 12.30 78.75
CA VAL E 11 20.89 13.59 79.11
C VAL E 11 22.40 13.48 79.02
N LYS E 12 23.02 14.27 78.13
CA LYS E 12 24.46 14.17 77.88
C LYS E 12 25.04 15.58 77.69
N LYS E 13 26.43 15.69 77.92
CA LYS E 13 27.18 16.93 77.79
C LYS E 13 27.68 17.17 76.37
N PRO E 14 27.88 18.43 75.95
CA PRO E 14 28.32 18.70 74.58
C PRO E 14 29.65 18.06 74.22
N GLY E 15 29.77 17.67 72.94
CA GLY E 15 30.95 17.07 72.40
C GLY E 15 30.99 15.55 72.41
N GLU E 16 30.11 14.92 73.18
CA GLU E 16 30.07 13.47 73.26
C GLU E 16 29.30 12.88 72.09
N SER E 17 29.48 11.59 71.87
CA SER E 17 28.81 10.85 70.82
C SER E 17 27.67 10.04 71.42
N LEU E 18 26.51 10.11 70.78
CA LEU E 18 25.24 9.56 71.26
C LEU E 18 24.55 8.84 70.13
N LYS E 19 23.84 7.76 70.46
CA LYS E 19 23.11 6.96 69.50
C LYS E 19 21.68 6.71 69.94
N ILE E 20 20.72 7.02 69.07
CA ILE E 20 19.30 6.73 69.32
C ILE E 20 18.92 5.58 68.39
N SER E 21 18.34 4.55 68.96
CA SER E 21 17.85 3.40 68.21
C SER E 21 16.35 3.59 67.99
N CYS E 22 15.86 3.16 66.83
CA CYS E 22 14.43 3.11 66.52
C CYS E 22 14.11 1.67 66.15
N LYS E 23 13.66 0.90 67.14
CA LYS E 23 13.34 -0.51 66.94
C LYS E 23 11.99 -0.65 66.27
N GLY E 24 11.93 -1.43 65.19
CA GLY E 24 10.68 -1.71 64.51
C GLY E 24 10.13 -3.07 64.91
N SER E 25 8.81 -3.20 64.85
CA SER E 25 8.17 -4.47 65.16
C SER E 25 6.79 -4.51 64.51
N GLY E 26 6.27 -5.72 64.33
CA GLY E 26 4.92 -5.89 63.83
C GLY E 26 4.74 -5.64 62.35
N TYR E 27 5.82 -5.45 61.60
CA TYR E 27 5.74 -5.24 60.16
C TYR E 27 7.10 -5.55 59.55
N SER E 28 7.12 -5.58 58.21
CA SER E 28 8.35 -5.88 57.45
C SER E 28 9.28 -4.66 57.47
N PHE E 29 10.04 -4.55 58.58
CA PHE E 29 10.90 -3.40 58.81
C PHE E 29 11.99 -3.28 57.75
N THR E 30 12.29 -4.35 57.03
CA THR E 30 13.37 -4.37 56.08
C THR E 30 13.03 -3.65 54.77
N SER E 31 11.75 -3.36 54.53
CA SER E 31 11.31 -2.82 53.24
C SER E 31 10.63 -1.46 53.34
N TYR E 32 10.68 -0.76 54.48
CA TYR E 32 10.05 0.55 54.61
C TYR E 32 11.09 1.59 55.02
N TRP E 33 10.81 2.88 54.74
CA TRP E 33 11.73 3.96 55.11
C TRP E 33 11.52 4.40 56.54
N ILE E 34 12.55 4.28 57.38
CA ILE E 34 12.41 4.72 58.76
C ILE E 34 13.01 6.10 58.92
N GLY E 35 12.22 7.13 58.60
CA GLY E 35 12.75 8.47 58.64
C GLY E 35 12.55 9.13 59.97
N TRP E 36 13.29 10.23 60.13
CA TRP E 36 13.40 10.91 61.39
C TRP E 36 12.96 12.37 61.23
N VAL E 37 12.50 12.90 62.36
CA VAL E 37 11.95 14.23 62.55
C VAL E 37 12.29 14.75 63.94
N ARG E 38 12.66 16.02 63.95
CA ARG E 38 13.01 16.74 65.16
C ARG E 38 11.79 17.54 65.58
N GLN E 39 11.73 17.82 66.88
CA GLN E 39 10.72 18.71 67.42
C GLN E 39 11.37 19.41 68.61
N MET E 40 11.75 20.65 68.39
CA MET E 40 12.21 21.47 69.49
C MET E 40 11.05 21.69 70.46
N PRO E 41 11.33 21.90 71.76
CA PRO E 41 10.23 22.01 72.73
C PRO E 41 9.24 23.13 72.43
N GLY E 42 8.00 22.77 72.11
CA GLY E 42 6.95 23.74 71.86
C GLY E 42 6.95 24.40 70.50
N LYS E 43 7.74 23.90 69.54
CA LYS E 43 7.84 24.47 68.20
C LYS E 43 7.30 23.46 67.19
N GLY E 44 7.37 23.86 65.92
CA GLY E 44 6.93 22.99 64.86
C GLY E 44 7.90 21.85 64.62
N LEU E 45 7.38 20.82 63.96
CA LEU E 45 8.17 19.66 63.61
C LEU E 45 9.06 20.03 62.43
N GLU E 46 10.34 19.66 62.50
CA GLU E 46 11.25 19.76 61.36
C GLU E 46 11.60 18.37 60.86
N TRP E 47 11.64 18.19 59.54
CA TRP E 47 12.07 16.90 59.05
C TRP E 47 13.58 16.86 59.13
N MET E 48 14.11 15.65 59.29
CA MET E 48 15.55 15.44 59.40
C MET E 48 16.04 14.58 58.25
N GLY E 49 15.52 13.38 58.07
CA GLY E 49 16.05 12.57 56.99
C GLY E 49 15.54 11.16 57.08
N VAL E 50 15.82 10.38 56.03
CA VAL E 50 15.39 8.99 56.02
C VAL E 50 16.55 8.05 55.77
N ILE E 51 16.33 6.81 56.20
CA ILE E 51 17.22 5.69 56.00
C ILE E 51 16.39 4.51 55.53
N TYR E 52 16.92 3.78 54.53
CA TYR E 52 16.21 2.61 54.08
C TYR E 52 16.99 1.44 54.69
N PRO E 53 16.51 0.80 55.77
CA PRO E 53 17.29 -0.32 56.34
C PRO E 53 17.79 -1.35 55.31
N GLY E 54 16.92 -1.74 54.38
CA GLY E 54 17.28 -2.70 53.34
C GLY E 54 18.56 -2.40 52.60
N ASP E 55 18.74 -1.15 52.14
CA ASP E 55 19.91 -0.75 51.36
C ASP E 55 20.72 0.36 52.00
N SER E 56 20.46 0.70 53.26
CA SER E 56 21.18 1.75 53.99
C SER E 56 21.27 3.08 53.23
N ASP E 57 20.37 3.33 52.27
CA ASP E 57 20.38 4.61 51.58
C ASP E 57 19.92 5.72 52.53
N THR E 58 20.56 6.88 52.43
CA THR E 58 20.34 8.01 53.33
C THR E 58 19.94 9.27 52.58
N ARG E 59 19.04 10.03 53.20
CA ARG E 59 18.57 11.33 52.73
C ARG E 59 18.50 12.28 53.90
N TYR E 60 18.83 13.54 53.66
CA TYR E 60 18.81 14.55 54.70
C TYR E 60 18.10 15.80 54.21
N SER E 61 17.60 16.56 55.16
CA SER E 61 17.18 17.93 54.93
C SER E 61 18.41 18.83 54.86
N PRO E 62 18.34 19.97 54.17
CA PRO E 62 19.52 20.86 54.10
C PRO E 62 20.06 21.30 55.44
N SER E 63 19.21 21.51 56.44
CA SER E 63 19.67 21.95 57.76
C SER E 63 20.41 20.88 58.54
N PHE E 64 20.42 19.62 58.07
CA PHE E 64 21.04 18.50 58.78
C PHE E 64 22.15 17.77 58.03
N GLN E 65 22.18 17.84 56.70
CA GLN E 65 23.16 17.10 55.93
C GLN E 65 24.58 17.45 56.39
N GLY E 66 25.26 16.48 57.00
CA GLY E 66 26.56 16.68 57.59
C GLY E 66 26.54 17.02 59.06
N GLN E 67 25.38 17.39 59.62
CA GLN E 67 25.23 17.65 61.05
C GLN E 67 24.80 16.42 61.85
N VAL E 68 24.08 15.49 61.22
CA VAL E 68 23.71 14.22 61.83
C VAL E 68 24.06 13.10 60.85
N THR E 69 24.59 12.00 61.38
CA THR E 69 24.92 10.80 60.60
C THR E 69 23.93 9.69 60.94
N ILE E 70 23.05 9.35 60.01
CA ILE E 70 21.93 8.46 60.31
C ILE E 70 22.19 7.16 59.53
N SER E 71 22.11 6.02 60.23
CA SER E 71 22.47 4.69 59.74
C SER E 71 21.36 3.70 60.12
N ALA E 72 21.54 2.43 59.73
CA ALA E 72 20.52 1.40 59.96
C ALA E 72 21.16 0.05 60.27
N ASP E 73 20.37 -0.84 60.87
CA ASP E 73 20.80 -2.21 61.20
C ASP E 73 19.65 -3.16 60.87
N LYS E 74 19.68 -3.68 59.64
CA LYS E 74 18.61 -4.50 59.11
C LYS E 74 18.62 -5.91 59.69
N SER E 75 19.75 -6.38 60.23
CA SER E 75 19.79 -7.71 60.83
C SER E 75 18.96 -7.79 62.11
N ILE E 76 19.06 -6.78 62.97
CA ILE E 76 18.30 -6.74 64.21
C ILE E 76 17.01 -5.96 64.05
N SER E 77 16.77 -5.40 62.87
CA SER E 77 15.57 -4.63 62.57
C SER E 77 15.48 -3.42 63.50
N THR E 78 16.47 -2.54 63.39
CA THR E 78 16.51 -1.30 64.16
C THR E 78 17.32 -0.24 63.43
N ALA E 79 16.74 0.95 63.26
CA ALA E 79 17.44 2.02 62.56
C ALA E 79 18.03 3.02 63.56
N TYR E 80 19.18 3.59 63.22
CA TYR E 80 19.99 4.38 64.14
C TYR E 80 20.14 5.81 63.67
N LEU E 81 19.87 6.76 64.55
CA LEU E 81 20.31 8.14 64.39
C LEU E 81 21.53 8.32 65.26
N GLN E 82 22.61 8.86 64.69
CA GLN E 82 23.90 8.90 65.37
C GLN E 82 24.41 10.32 65.19
N TRP E 83 25.04 10.84 66.22
CA TRP E 83 25.61 12.17 66.21
C TRP E 83 27.12 12.09 66.02
N SER E 84 27.63 12.85 65.04
CA SER E 84 29.06 13.02 64.93
C SER E 84 29.61 13.86 66.08
N SER E 85 28.86 14.88 66.51
CA SER E 85 29.26 15.71 67.64
C SER E 85 28.01 16.31 68.24
N LEU E 86 27.77 16.06 69.52
CA LEU E 86 26.58 16.57 70.17
C LEU E 86 26.74 18.07 70.41
N LYS E 87 25.66 18.82 70.25
CA LYS E 87 25.69 20.28 70.28
C LYS E 87 24.72 20.79 71.34
N ALA E 88 24.92 22.04 71.74
CA ALA E 88 24.12 22.63 72.82
C ALA E 88 22.65 22.76 72.42
N SER E 89 22.40 23.35 71.26
CA SER E 89 21.02 23.61 70.86
C SER E 89 20.28 22.36 70.42
N ASP E 90 20.99 21.25 70.20
CA ASP E 90 20.42 20.02 69.64
C ASP E 90 19.38 19.35 70.56
N THR E 91 19.07 19.91 71.72
CA THR E 91 18.05 19.32 72.58
C THR E 91 16.68 19.45 71.91
N ALA E 92 15.97 18.34 71.83
CA ALA E 92 14.67 18.30 71.16
C ALA E 92 14.02 16.95 71.45
N MET E 93 12.82 16.78 70.93
CA MET E 93 11.98 15.61 71.14
C MET E 93 12.04 14.83 69.83
N TYR E 94 12.92 13.84 69.74
CA TYR E 94 13.26 13.25 68.44
C TYR E 94 12.37 12.05 68.17
N TYR E 95 11.62 12.08 67.07
CA TYR E 95 10.73 11.00 66.73
C TYR E 95 11.33 10.21 65.56
N CYS E 96 10.85 8.97 65.43
CA CYS E 96 11.13 8.13 64.26
C CYS E 96 9.81 7.58 63.75
N ALA E 97 9.52 7.83 62.48
CA ALA E 97 8.28 7.40 61.88
C ALA E 97 8.65 6.60 60.65
N ARG E 98 7.75 5.73 60.26
CA ARG E 98 7.95 4.89 59.08
C ARG E 98 7.28 5.58 57.90
N THR E 99 8.07 6.04 56.96
CA THR E 99 7.57 6.73 55.80
C THR E 99 7.50 5.73 54.65
N GLN E 100 6.52 6.02 53.78
CA GLN E 100 6.29 5.25 52.56
C GLN E 100 6.24 6.36 51.54
N TRP E 101 7.22 6.49 50.66
CA TRP E 101 7.30 7.66 49.74
C TRP E 101 7.10 7.29 48.28
N GLY E 102 6.41 6.20 47.99
CA GLY E 102 6.15 5.80 46.60
C GLY E 102 5.27 6.78 45.85
N TYR E 103 4.92 6.48 44.60
CA TYR E 103 4.05 7.33 43.76
C TYR E 103 2.69 6.64 43.58
N ASN E 104 1.60 7.24 44.03
CA ASN E 104 0.25 6.63 43.92
C ASN E 104 -0.23 6.92 42.50
N TYR E 105 0.17 6.10 41.53
CA TYR E 105 -0.21 6.25 40.10
C TYR E 105 0.37 7.54 39.56
N GLY E 106 1.60 7.86 39.93
CA GLY E 106 2.36 9.02 39.39
C GLY E 106 2.31 10.25 40.25
N SER E 107 1.28 10.39 41.08
CA SER E 107 1.22 11.50 42.07
C SER E 107 2.23 11.10 43.12
N HIS E 108 2.87 12.02 43.83
CA HIS E 108 3.94 11.70 44.80
C HIS E 108 3.32 11.80 46.18
N PHE E 109 3.81 11.10 47.19
CA PHE E 109 3.34 11.24 48.59
C PHE E 109 4.46 10.86 49.51
N PHE E 110 4.80 11.67 50.52
CA PHE E 110 5.76 11.33 51.59
C PHE E 110 4.96 11.60 52.87
N TYR E 111 4.35 10.59 53.49
CA TYR E 111 3.51 10.80 54.69
C TYR E 111 3.95 9.85 55.79
N MET E 112 4.05 10.33 57.03
CA MET E 112 4.47 9.52 58.20
C MET E 112 3.22 8.93 58.85
N ASP E 113 2.80 7.74 58.44
CA ASP E 113 1.54 7.13 58.94
C ASP E 113 1.67 6.73 60.41
N VAL E 114 2.79 6.12 60.84
CA VAL E 114 2.94 5.59 62.23
C VAL E 114 4.12 6.29 62.87
N TRP E 115 4.03 6.57 64.17
CA TRP E 115 5.06 7.37 64.88
C TRP E 115 5.45 6.74 66.22
N GLY E 116 6.74 6.74 66.55
CA GLY E 116 7.24 6.32 67.85
C GLY E 116 6.93 7.36 68.94
N LYS E 117 7.11 6.97 70.19
CA LYS E 117 6.89 7.89 71.31
C LYS E 117 8.04 8.89 71.52
N GLY E 118 9.03 8.90 70.65
CA GLY E 118 10.10 9.86 70.65
C GLY E 118 11.24 9.55 71.62
N THR E 119 12.13 10.55 71.72
CA THR E 119 13.33 10.46 72.54
C THR E 119 13.68 11.88 72.97
N THR E 120 13.35 12.22 74.21
CA THR E 120 13.69 13.53 74.76
C THR E 120 15.17 13.59 75.09
N VAL E 121 15.93 14.29 74.25
CA VAL E 121 17.37 14.40 74.41
C VAL E 121 17.66 15.75 75.06
N THR E 122 18.30 15.73 76.22
CA THR E 122 18.66 16.91 76.99
C THR E 122 20.16 17.13 76.93
N VAL E 123 20.56 18.36 76.65
CA VAL E 123 21.96 18.73 76.53
C VAL E 123 22.28 19.72 77.63
N SER E 124 23.39 19.51 78.30
CA SER E 124 23.87 20.45 79.31
C SER E 124 25.37 20.29 79.57
N VAL F 2 -7.11 59.98 22.64
CA VAL F 2 -6.94 59.21 23.86
C VAL F 2 -6.22 60.09 24.88
N GLN F 3 -6.95 60.53 25.90
CA GLN F 3 -6.57 61.66 26.75
C GLN F 3 -6.77 61.33 28.22
N LEU F 4 -6.17 60.22 28.68
CA LEU F 4 -6.24 59.80 30.07
C LEU F 4 -6.02 60.98 31.01
N VAL F 5 -7.05 61.33 31.77
CA VAL F 5 -6.99 62.44 32.73
C VAL F 5 -6.89 61.83 34.12
N GLN F 6 -5.73 61.95 34.73
CA GLN F 6 -5.42 61.12 35.89
C GLN F 6 -5.93 61.72 37.20
N SER F 7 -5.35 62.82 37.63
CA SER F 7 -5.62 63.37 38.96
C SER F 7 -4.92 64.72 39.05
N GLY F 8 -4.92 65.30 40.24
CA GLY F 8 -4.18 66.52 40.54
C GLY F 8 -2.86 66.22 41.24
N ALA F 9 -2.57 66.96 42.31
CA ALA F 9 -1.33 66.82 43.06
C ALA F 9 -1.67 66.67 44.53
N GLU F 10 -1.00 65.74 45.21
CA GLU F 10 -1.31 65.44 46.62
C GLU F 10 -0.08 65.68 47.48
N VAL F 11 -0.29 66.27 48.66
CA VAL F 11 0.72 66.33 49.71
C VAL F 11 0.15 65.72 51.00
N LYS F 12 0.77 64.64 51.47
CA LYS F 12 0.25 63.92 52.64
C LYS F 12 1.40 63.46 53.52
N LYS F 13 1.08 63.19 54.86
CA LYS F 13 2.03 62.76 55.88
C LYS F 13 2.19 61.23 55.91
N PRO F 14 3.35 60.72 56.33
CA PRO F 14 3.57 59.26 56.33
C PRO F 14 2.58 58.49 57.18
N GLY F 15 2.25 57.29 56.73
CA GLY F 15 1.36 56.38 57.40
C GLY F 15 -0.09 56.46 56.97
N GLU F 16 -0.48 57.51 56.25
CA GLU F 16 -1.85 57.67 55.79
C GLU F 16 -2.09 56.86 54.52
N SER F 17 -3.37 56.67 54.20
CA SER F 17 -3.78 55.95 53.01
C SER F 17 -4.23 56.94 51.95
N LEU F 18 -3.76 56.74 50.72
CA LEU F 18 -3.92 57.66 49.61
C LEU F 18 -4.31 56.87 48.37
N LYS F 19 -5.15 57.48 47.53
CA LYS F 19 -5.61 56.87 46.29
C LYS F 19 -5.43 57.80 45.10
N ILE F 20 -4.79 57.31 44.04
CA ILE F 20 -4.65 58.03 42.79
C ILE F 20 -5.55 57.36 41.78
N SER F 21 -6.40 58.15 41.13
CA SER F 21 -7.27 57.68 40.08
C SER F 21 -6.62 57.97 38.73
N CYS F 22 -6.80 57.08 37.77
CA CYS F 22 -6.38 57.29 36.39
C CYS F 22 -7.63 57.12 35.53
N LYS F 23 -8.28 58.24 35.23
CA LYS F 23 -9.51 58.24 34.43
C LYS F 23 -9.18 58.08 32.96
N GLY F 24 -9.83 57.12 32.29
CA GLY F 24 -9.67 56.93 30.87
C GLY F 24 -10.80 57.56 30.09
N SER F 25 -10.52 57.98 28.85
CA SER F 25 -11.54 58.55 28.00
C SER F 25 -11.10 58.42 26.55
N GLY F 26 -12.09 58.49 25.65
CA GLY F 26 -11.81 58.50 24.22
C GLY F 26 -11.40 57.17 23.64
N TYR F 27 -11.52 56.08 24.38
CA TYR F 27 -11.18 54.76 23.88
C TYR F 27 -11.86 53.72 24.77
N SER F 28 -11.81 52.47 24.34
CA SER F 28 -12.41 51.34 25.06
C SER F 28 -11.56 50.98 26.27
N PHE F 29 -11.76 51.74 27.36
CA PHE F 29 -10.94 51.60 28.56
C PHE F 29 -11.09 50.22 29.20
N THR F 30 -12.16 49.50 28.88
CA THR F 30 -12.45 48.22 29.50
C THR F 30 -11.57 47.10 28.97
N SER F 31 -10.88 47.29 27.85
CA SER F 31 -10.15 46.23 27.19
C SER F 31 -8.66 46.48 27.04
N TYR F 32 -8.08 47.50 27.69
CA TYR F 32 -6.66 47.78 27.59
C TYR F 32 -6.01 47.76 28.98
N TRP F 33 -4.69 47.52 29.04
CA TRP F 33 -3.97 47.50 30.32
C TRP F 33 -3.59 48.89 30.78
N ILE F 34 -4.08 49.33 31.93
CA ILE F 34 -3.70 50.65 32.42
C ILE F 34 -2.59 50.53 33.45
N GLY F 35 -1.36 50.45 32.95
CA GLY F 35 -0.25 50.24 33.86
C GLY F 35 0.36 51.53 34.35
N TRP F 36 1.16 51.37 35.39
CA TRP F 36 1.68 52.47 36.15
C TRP F 36 3.20 52.41 36.15
N VAL F 37 3.77 53.59 36.31
CA VAL F 37 5.20 53.91 36.30
C VAL F 37 5.50 55.07 37.24
N ARG F 38 6.58 54.89 37.97
CA ARG F 38 7.07 55.86 38.92
C ARG F 38 8.18 56.65 38.24
N GLN F 39 8.38 57.87 38.72
CA GLN F 39 9.50 58.69 38.29
C GLN F 39 9.88 59.53 39.49
N MET F 40 10.96 59.14 40.14
CA MET F 40 11.52 59.97 41.18
C MET F 40 12.03 61.27 40.56
N PRO F 41 12.05 62.39 41.32
CA PRO F 41 12.44 63.67 40.72
C PRO F 41 13.82 63.69 40.09
N GLY F 42 13.88 63.83 38.77
CA GLY F 42 15.13 63.92 38.06
C GLY F 42 15.85 62.61 37.79
N LYS F 43 15.20 61.47 38.01
CA LYS F 43 15.80 60.15 37.81
C LYS F 43 15.09 59.43 36.67
N GLY F 44 15.52 58.20 36.41
CA GLY F 44 14.91 57.40 35.39
C GLY F 44 13.55 56.90 35.81
N LEU F 45 12.77 56.52 34.80
CA LEU F 45 11.45 55.96 35.01
C LEU F 45 11.60 54.52 35.51
N GLU F 46 10.86 54.17 36.55
CA GLU F 46 10.74 52.77 37.00
C GLU F 46 9.35 52.25 36.71
N TRP F 47 9.26 51.01 36.23
CA TRP F 47 7.94 50.46 36.03
C TRP F 47 7.41 50.02 37.39
N MET F 48 6.09 50.04 37.53
CA MET F 48 5.44 49.65 38.77
C MET F 48 4.55 48.44 38.55
N GLY F 49 3.60 48.52 37.65
CA GLY F 49 2.74 47.35 37.50
C GLY F 49 1.55 47.68 36.63
N VAL F 50 0.80 46.64 36.27
CA VAL F 50 -0.39 46.85 35.46
C VAL F 50 -1.63 46.25 36.10
N ILE F 51 -2.76 46.79 35.66
CA ILE F 51 -4.10 46.35 36.03
C ILE F 51 -4.92 46.24 34.77
N TYR F 52 -5.71 45.16 34.66
CA TYR F 52 -6.57 45.03 33.51
C TYR F 52 -7.96 45.40 34.04
N PRO F 53 -8.50 46.61 33.79
CA PRO F 53 -9.84 46.92 34.33
C PRO F 53 -10.89 45.83 34.10
N GLY F 54 -10.94 45.28 32.88
CA GLY F 54 -11.89 44.23 32.54
C GLY F 54 -11.95 43.07 33.51
N ASP F 55 -10.79 42.53 33.90
CA ASP F 55 -10.73 41.37 34.79
C ASP F 55 -9.96 41.63 36.09
N SER F 56 -9.64 42.89 36.40
CA SER F 56 -8.92 43.28 37.61
C SER F 56 -7.64 42.46 37.85
N ASP F 57 -7.06 41.87 36.80
CA ASP F 57 -5.79 41.16 36.97
C ASP F 57 -4.68 42.16 37.24
N THR F 58 -3.76 41.79 38.13
CA THR F 58 -2.68 42.65 38.60
C THR F 58 -1.31 42.03 38.39
N ARG F 59 -0.35 42.89 38.03
CA ARG F 59 1.06 42.54 37.86
C ARG F 59 1.90 43.63 38.51
N TYR F 60 3.02 43.23 39.11
CA TYR F 60 3.91 44.16 39.77
C TYR F 60 5.34 43.88 39.36
N SER F 61 6.17 44.91 39.49
CA SER F 61 7.61 44.79 39.45
C SER F 61 8.08 44.25 40.80
N PRO F 62 9.24 43.56 40.86
CA PRO F 62 9.70 43.05 42.16
C PRO F 62 9.87 44.10 43.24
N SER F 63 10.27 45.33 42.90
CA SER F 63 10.46 46.37 43.89
C SER F 63 9.16 46.90 44.49
N PHE F 64 7.99 46.51 43.95
CA PHE F 64 6.69 47.02 44.38
C PHE F 64 5.71 45.97 44.87
N GLN F 65 5.86 44.71 44.47
CA GLN F 65 4.90 43.67 44.84
C GLN F 65 4.76 43.59 46.35
N GLY F 66 3.59 43.98 46.86
CA GLY F 66 3.34 44.07 48.28
C GLY F 66 3.58 45.44 48.88
N GLN F 67 4.24 46.34 48.16
CA GLN F 67 4.44 47.72 48.60
C GLN F 67 3.36 48.67 48.12
N VAL F 68 2.73 48.39 46.97
CA VAL F 68 1.59 49.14 46.46
C VAL F 68 0.50 48.17 46.08
N THR F 69 -0.76 48.52 46.39
CA THR F 69 -1.92 47.72 46.03
C THR F 69 -2.70 48.45 44.93
N ILE F 70 -2.70 47.90 43.72
CA ILE F 70 -3.22 48.62 42.56
C ILE F 70 -4.48 47.86 42.11
N SER F 71 -5.58 48.59 41.93
CA SER F 71 -6.91 48.06 41.66
C SER F 71 -7.55 48.85 40.50
N ALA F 72 -8.77 48.49 40.12
CA ALA F 72 -9.44 49.10 38.98
C ALA F 72 -10.94 49.23 39.23
N ASP F 73 -11.59 50.12 38.46
CA ASP F 73 -13.04 50.34 38.51
C ASP F 73 -13.56 50.48 37.08
N LYS F 74 -13.98 49.34 36.53
CA LYS F 74 -14.40 49.25 35.14
C LYS F 74 -15.77 49.86 34.90
N SER F 75 -16.61 50.00 35.95
CA SER F 75 -17.92 50.61 35.77
C SER F 75 -17.83 52.09 35.45
N ILE F 76 -16.96 52.82 36.16
CA ILE F 76 -16.77 54.26 35.93
C ILE F 76 -15.62 54.51 34.98
N SER F 77 -14.93 53.46 34.53
CA SER F 77 -13.82 53.57 33.60
C SER F 77 -12.69 54.41 34.22
N THR F 78 -12.16 53.91 35.34
CA THR F 78 -11.06 54.57 36.02
C THR F 78 -10.26 53.55 36.82
N ALA F 79 -8.93 53.54 36.63
CA ALA F 79 -8.08 52.59 37.34
C ALA F 79 -7.39 53.27 38.52
N TYR F 80 -7.18 52.53 39.60
CA TYR F 80 -6.74 53.06 40.88
C TYR F 80 -5.39 52.50 41.30
N LEU F 81 -4.48 53.39 41.66
CA LEU F 81 -3.28 53.01 42.41
C LEU F 81 -3.55 53.40 43.87
N GLN F 82 -3.33 52.46 44.80
CA GLN F 82 -3.74 52.65 46.18
C GLN F 82 -2.55 52.23 47.01
N TRP F 83 -2.32 52.95 48.09
CA TRP F 83 -1.22 52.69 49.01
C TRP F 83 -1.75 51.98 50.25
N SER F 84 -1.12 50.85 50.59
CA SER F 84 -1.40 50.24 51.89
C SER F 84 -0.85 51.09 53.03
N SER F 85 0.31 51.69 52.84
CA SER F 85 0.90 52.58 53.84
C SER F 85 1.82 53.56 53.12
N LEU F 86 1.56 54.85 53.28
CA LEU F 86 2.39 55.84 52.60
C LEU F 86 3.73 55.94 53.31
N LYS F 87 4.80 56.14 52.52
CA LYS F 87 6.17 56.08 53.01
C LYS F 87 6.87 57.39 52.67
N ALA F 88 7.98 57.64 53.38
CA ALA F 88 8.70 58.89 53.24
C ALA F 88 9.32 59.03 51.85
N SER F 89 10.04 58.00 51.40
CA SER F 89 10.74 58.09 50.12
C SER F 89 9.80 58.00 48.93
N ASP F 90 8.54 57.59 49.13
CA ASP F 90 7.59 57.33 48.05
C ASP F 90 7.23 58.57 47.24
N THR F 91 7.76 59.75 47.54
CA THR F 91 7.47 60.94 46.74
C THR F 91 8.06 60.78 45.35
N ALA F 92 7.23 61.00 44.34
CA ALA F 92 7.63 60.84 42.95
C ALA F 92 6.53 61.39 42.06
N MET F 93 6.80 61.34 40.75
CA MET F 93 5.93 61.88 39.72
C MET F 93 5.26 60.66 39.07
N TYR F 94 4.04 60.32 39.52
CA TYR F 94 3.47 59.01 39.19
C TYR F 94 2.62 59.13 37.93
N TYR F 95 2.96 58.36 36.90
CA TYR F 95 2.23 58.39 35.65
C TYR F 95 1.38 57.14 35.52
N CYS F 96 0.36 57.23 34.68
CA CYS F 96 -0.44 56.09 34.26
C CYS F 96 -0.52 56.09 32.74
N ALA F 97 -0.12 54.99 32.13
CA ALA F 97 -0.10 54.89 30.68
C ALA F 97 -0.89 53.64 30.33
N ARG F 98 -1.41 53.63 29.12
CA ARG F 98 -2.18 52.50 28.64
C ARG F 98 -1.25 51.59 27.85
N THR F 99 -1.00 50.41 28.38
CA THR F 99 -0.11 49.47 27.75
C THR F 99 -0.95 48.47 26.98
N GLN F 100 -0.28 47.93 25.94
CA GLN F 100 -0.82 46.89 25.07
C GLN F 100 0.31 45.87 25.06
N TRP F 101 0.15 44.68 25.64
CA TRP F 101 1.25 43.70 25.80
C TRP F 101 1.13 42.58 24.77
N GLY F 102 0.40 42.76 23.70
CA GLY F 102 0.14 41.64 22.77
C GLY F 102 1.38 41.15 22.08
N TYR F 103 1.33 39.99 21.43
CA TYR F 103 2.46 39.45 20.64
C TYR F 103 2.22 39.75 19.17
N ASN F 104 3.10 40.52 18.52
CA ASN F 104 2.93 40.89 17.09
C ASN F 104 3.44 39.70 16.29
N TYR F 105 2.60 38.70 16.02
CA TYR F 105 2.95 37.49 15.25
C TYR F 105 3.98 36.71 16.04
N GLY F 106 3.90 36.70 17.37
CA GLY F 106 4.76 35.89 18.26
C GLY F 106 5.92 36.66 18.86
N SER F 107 6.21 37.86 18.37
CA SER F 107 7.30 38.71 18.87
C SER F 107 6.72 39.60 19.98
N HIS F 108 6.96 39.28 21.25
CA HIS F 108 6.39 40.00 22.41
C HIS F 108 6.67 41.49 22.28
N PHE F 109 5.78 42.38 22.75
CA PHE F 109 6.04 43.84 22.85
C PHE F 109 5.27 44.33 24.07
N PHE F 110 5.82 45.24 24.87
CA PHE F 110 5.11 45.89 26.01
C PHE F 110 5.51 47.36 25.93
N TYR F 111 4.77 48.20 25.21
CA TYR F 111 5.12 49.63 24.99
C TYR F 111 3.98 50.50 25.48
N MET F 112 4.30 51.62 26.14
CA MET F 112 3.29 52.56 26.69
C MET F 112 2.96 53.57 25.59
N ASP F 113 1.93 53.32 24.81
CA ASP F 113 1.56 54.16 23.63
C ASP F 113 1.16 55.58 24.05
N VAL F 114 0.32 55.73 25.09
CA VAL F 114 -0.23 57.05 25.50
C VAL F 114 0.03 57.24 26.98
N TRP F 115 0.19 58.47 27.44
CA TRP F 115 0.56 58.77 28.84
C TRP F 115 -0.31 59.87 29.43
N GLY F 116 -0.57 59.82 30.73
CA GLY F 116 -1.29 60.91 31.41
C GLY F 116 -0.28 61.98 31.80
N LYS F 117 -0.71 63.09 32.38
CA LYS F 117 0.16 64.17 32.86
C LYS F 117 0.75 63.93 34.25
N GLY F 118 0.50 62.76 34.83
CA GLY F 118 1.08 62.34 36.09
C GLY F 118 0.39 62.86 37.34
N THR F 119 1.04 62.60 38.46
CA THR F 119 0.53 62.96 39.79
C THR F 119 1.73 63.18 40.69
N THR F 120 2.07 64.43 40.93
CA THR F 120 3.18 64.77 41.82
C THR F 120 2.75 64.55 43.28
N VAL F 121 3.24 63.47 43.87
CA VAL F 121 2.88 63.13 45.25
C VAL F 121 4.03 63.57 46.14
N THR F 122 3.73 64.44 47.10
CA THR F 122 4.70 64.97 48.05
C THR F 122 4.44 64.39 49.43
N VAL F 123 5.50 63.92 50.07
CA VAL F 123 5.44 63.29 51.38
C VAL F 123 6.20 64.17 52.36
N SER F 124 5.60 64.43 53.51
CA SER F 124 6.28 65.16 54.57
C SER F 124 5.66 64.89 55.94
N VAL G 3 35.20 23.93 42.50
CA VAL G 3 36.42 23.83 43.29
C VAL G 3 36.70 22.38 43.63
N LEU G 4 37.86 21.88 43.21
CA LEU G 4 38.27 20.51 43.48
C LEU G 4 39.06 20.47 44.77
N THR G 5 38.72 19.51 45.62
CA THR G 5 39.28 19.39 46.96
C THR G 5 40.29 18.25 46.99
N GLN G 6 41.48 18.51 47.52
CA GLN G 6 42.57 17.53 47.59
C GLN G 6 43.25 17.57 48.95
N PRO G 7 43.76 16.44 49.43
CA PRO G 7 44.47 16.45 50.71
C PRO G 7 45.74 17.28 50.60
N PRO G 8 46.13 18.01 51.65
CA PRO G 8 47.30 18.90 51.52
C PRO G 8 48.64 18.18 51.35
N SER G 9 48.70 16.88 51.61
CA SER G 9 49.97 16.16 51.49
C SER G 9 49.71 14.68 51.34
N ALA G 10 50.73 13.97 50.84
CA ALA G 10 50.76 12.51 50.83
C ALA G 10 52.19 12.07 51.04
N SER G 11 52.35 10.89 51.65
CA SER G 11 53.69 10.42 51.98
C SER G 11 53.69 8.90 52.09
N GLY G 12 54.81 8.29 51.69
CA GLY G 12 54.96 6.86 51.75
C GLY G 12 56.37 6.43 51.41
N THR G 13 56.64 5.15 51.64
CA THR G 13 57.95 4.54 51.40
C THR G 13 58.14 4.25 49.90
N PRO G 14 59.32 4.53 49.32
CA PRO G 14 59.53 4.16 47.92
C PRO G 14 59.37 2.67 47.67
N GLY G 15 58.82 2.33 46.50
CA GLY G 15 58.45 0.96 46.19
C GLY G 15 57.04 0.58 46.60
N GLN G 16 56.31 1.46 47.27
CA GLN G 16 54.93 1.25 47.68
C GLN G 16 54.00 1.73 46.56
N ARG G 17 52.70 1.83 46.87
CA ARG G 17 51.70 2.42 46.00
C ARG G 17 50.94 3.45 46.80
N VAL G 18 50.83 4.66 46.25
CA VAL G 18 50.23 5.80 46.94
C VAL G 18 48.99 6.20 46.17
N THR G 19 47.91 6.51 46.89
CA THR G 19 46.67 6.96 46.28
C THR G 19 46.36 8.38 46.75
N ILE G 20 45.88 9.20 45.84
CA ILE G 20 45.53 10.60 46.11
C ILE G 20 44.08 10.80 45.71
N SER G 21 43.30 11.41 46.62
CA SER G 21 41.90 11.72 46.42
C SER G 21 41.75 13.11 45.82
N CYS G 22 40.64 13.32 45.11
CA CYS G 22 40.29 14.65 44.60
C CYS G 22 38.76 14.78 44.53
N SER G 23 38.17 15.47 45.49
CA SER G 23 36.71 15.47 45.60
C SER G 23 36.10 16.65 44.86
N GLY G 24 34.92 16.41 44.28
CA GLY G 24 34.17 17.42 43.57
C GLY G 24 32.69 17.12 43.59
N SER G 25 31.93 17.96 42.90
CA SER G 25 30.48 17.87 42.83
C SER G 25 30.06 17.19 41.53
N SER G 26 28.79 17.31 41.15
CA SER G 26 28.28 16.76 39.92
C SER G 26 28.35 17.74 38.76
N SER G 27 28.70 19.00 39.04
CA SER G 27 28.86 20.02 38.02
C SER G 27 30.15 19.81 37.23
N ASN G 28 31.24 19.57 37.96
CA ASN G 28 32.59 19.45 37.41
C ASN G 28 32.99 18.05 36.96
N ILE G 29 33.05 17.08 37.86
CA ILE G 29 33.51 15.72 37.55
C ILE G 29 32.36 14.87 37.02
N GLY G 30 31.15 15.42 36.93
CA GLY G 30 30.06 14.67 36.31
C GLY G 30 30.33 14.33 34.85
N SER G 31 31.31 14.98 34.18
CA SER G 31 31.51 14.78 32.70
C SER G 31 32.95 14.53 32.20
N ASP G 32 33.50 13.31 32.30
CA ASP G 32 34.79 12.91 31.65
C ASP G 32 35.94 13.89 31.91
N HIS G 33 36.14 14.33 33.14
CA HIS G 33 37.19 15.32 33.47
C HIS G 33 38.00 14.89 34.69
N VAL G 34 39.15 14.23 34.53
CA VAL G 34 40.05 13.94 35.66
C VAL G 34 41.49 14.07 35.20
N TYR G 35 41.86 15.24 34.70
CA TYR G 35 43.18 15.41 34.13
C TYR G 35 44.19 15.51 35.25
N TRP G 36 45.43 15.10 34.95
CA TRP G 36 46.47 15.13 35.96
C TRP G 36 47.77 15.66 35.39
N TYR G 37 48.34 16.62 36.11
CA TYR G 37 49.63 17.20 35.73
C TYR G 37 50.44 17.37 36.99
N GLN G 38 51.74 17.12 36.92
CA GLN G 38 52.57 17.38 38.08
C GLN G 38 53.50 18.55 37.80
N GLN G 39 53.80 19.28 38.86
CA GLN G 39 54.70 20.43 38.79
C GLN G 39 55.87 20.12 39.70
N LEU G 40 56.93 19.56 39.11
CA LEU G 40 58.18 19.38 39.82
C LEU G 40 58.79 20.76 40.08
N PRO G 41 59.58 20.91 41.14
CA PRO G 41 60.09 22.26 41.50
C PRO G 41 60.81 22.96 40.35
N GLY G 42 60.36 24.16 40.03
CA GLY G 42 60.96 24.93 38.97
C GLY G 42 60.58 24.54 37.56
N THR G 43 59.57 23.68 37.37
CA THR G 43 59.22 23.19 36.05
C THR G 43 57.75 23.39 35.78
N ALA G 44 57.42 23.38 34.50
CA ALA G 44 56.07 23.59 34.03
C ALA G 44 55.29 22.27 34.00
N PRO G 45 54.00 22.26 34.35
CA PRO G 45 53.21 21.03 34.22
C PRO G 45 53.09 20.64 32.76
N LYS G 46 52.80 19.37 32.53
CA LYS G 46 52.58 18.85 31.18
C LYS G 46 51.62 17.68 31.27
N LEU G 47 50.96 17.34 30.16
CA LEU G 47 49.84 16.42 30.22
C LEU G 47 50.39 15.07 30.60
N PHE G 48 49.86 14.56 31.71
CA PHE G 48 50.29 13.30 32.23
C PHE G 48 49.21 12.21 32.34
N ILE G 49 47.95 12.57 32.55
CA ILE G 49 46.78 11.70 32.46
C ILE G 49 45.67 12.47 31.78
N TYR G 50 45.06 11.88 30.76
CA TYR G 50 43.86 12.47 30.19
C TYR G 50 42.79 11.40 30.05
N ARG G 51 41.58 11.91 29.79
CA ARG G 51 40.37 11.13 29.65
C ARG G 51 40.25 10.14 30.79
N ASN G 52 40.35 10.68 32.00
CA ASN G 52 40.22 9.98 33.27
C ASN G 52 41.43 9.10 33.58
N ASN G 53 41.86 8.28 32.61
CA ASN G 53 42.96 7.34 32.82
C ASN G 53 43.96 7.27 31.67
N GLN G 54 43.59 7.64 30.43
CA GLN G 54 44.47 7.54 29.28
C GLN G 54 45.78 8.24 29.59
N ARG G 55 46.88 7.71 29.06
CA ARG G 55 48.22 8.21 29.38
C ARG G 55 48.96 8.64 28.13
N PRO G 56 49.56 9.84 28.08
CA PRO G 56 50.27 10.26 26.86
C PRO G 56 51.52 9.43 26.59
N SER G 57 51.85 9.33 25.29
CA SER G 57 53.13 8.77 24.88
C SER G 57 54.28 9.71 25.25
N GLY G 58 55.18 9.21 26.10
CA GLY G 58 56.25 10.01 26.68
C GLY G 58 56.19 10.03 28.20
N VAL G 59 55.34 9.19 28.79
CA VAL G 59 55.01 9.25 30.21
C VAL G 59 55.33 7.91 30.87
N PRO G 60 55.90 7.89 32.08
CA PRO G 60 56.13 6.59 32.74
C PRO G 60 54.83 5.83 32.97
N ASP G 61 54.90 4.52 32.79
CA ASP G 61 53.72 3.65 32.75
C ASP G 61 53.13 3.34 34.13
N ARG G 62 53.85 3.64 35.20
CA ARG G 62 53.45 3.34 36.58
C ARG G 62 52.29 4.18 37.11
N PHE G 63 51.91 5.25 36.40
CA PHE G 63 50.89 6.18 36.87
C PHE G 63 49.53 5.78 36.32
N SER G 64 48.60 5.42 37.20
CA SER G 64 47.24 5.16 36.73
C SER G 64 46.22 5.70 37.73
N GLY G 65 45.26 6.48 37.20
CA GLY G 65 44.19 7.00 38.01
C GLY G 65 42.85 6.68 37.36
N SER G 66 41.80 6.95 38.13
CA SER G 66 40.45 6.59 37.76
C SER G 66 39.46 7.49 38.50
N LYS G 67 38.22 7.45 38.04
CA LYS G 67 37.16 8.22 38.68
C LYS G 67 36.42 7.37 39.68
N SER G 68 36.02 7.99 40.78
CA SER G 68 35.17 7.39 41.80
C SER G 68 34.05 8.40 41.86
N GLY G 69 32.99 8.16 41.11
CA GLY G 69 31.84 9.04 41.11
C GLY G 69 32.03 10.51 40.75
N THR G 70 32.00 11.36 41.77
CA THR G 70 32.29 12.79 41.64
C THR G 70 33.62 13.16 42.29
N SER G 71 34.45 12.15 42.56
CA SER G 71 35.78 12.31 43.10
C SER G 71 36.74 11.60 42.14
N ALA G 72 37.97 12.08 42.10
CA ALA G 72 39.03 11.53 41.31
C ALA G 72 40.01 10.78 42.21
N SER G 73 40.80 9.90 41.60
CA SER G 73 41.72 9.04 42.34
C SER G 73 42.94 8.78 41.48
N LEU G 74 44.14 9.01 42.01
CA LEU G 74 45.38 8.79 41.28
C LEU G 74 46.27 7.86 42.07
N ALA G 75 46.83 6.84 41.40
CA ALA G 75 47.60 5.80 42.04
C ALA G 75 48.97 5.78 41.38
N ILE G 76 49.99 6.03 42.18
CA ILE G 76 51.39 5.93 41.78
C ILE G 76 51.88 4.61 42.34
N SER G 77 51.98 3.60 41.48
CA SER G 77 52.47 2.28 41.86
C SER G 77 53.98 2.22 41.70
N GLY G 78 54.64 1.62 42.69
CA GLY G 78 56.09 1.60 42.70
C GLY G 78 56.65 3.01 42.75
N LEU G 79 56.40 3.72 43.84
CA LEU G 79 56.87 5.08 43.97
C LEU G 79 58.39 5.12 43.89
N ARG G 80 58.91 6.16 43.25
CA ARG G 80 60.35 6.48 43.17
C ARG G 80 60.66 7.88 43.69
N SER G 81 61.95 8.21 43.67
CA SER G 81 62.46 9.43 44.30
C SER G 81 61.96 10.69 43.60
N GLU G 82 61.99 10.70 42.28
CA GLU G 82 61.74 11.91 41.49
C GLU G 82 60.30 12.41 41.62
N ASP G 83 59.40 11.64 42.22
CA ASP G 83 57.98 11.95 42.24
C ASP G 83 57.60 13.16 43.16
N GLU G 84 58.53 13.92 43.74
CA GLU G 84 58.22 15.12 44.52
C GLU G 84 57.76 16.19 43.55
N ALA G 85 56.49 16.07 43.19
CA ALA G 85 55.91 16.89 42.16
C ALA G 85 54.50 17.22 42.59
N ASP G 86 54.14 18.48 42.52
CA ASP G 86 52.82 18.92 42.97
C ASP G 86 51.77 18.35 42.03
N TYR G 87 51.07 17.30 42.47
CA TYR G 87 50.17 16.51 41.62
C TYR G 87 48.81 17.22 41.59
N TYR G 88 48.41 17.67 40.41
CA TYR G 88 47.20 18.46 40.22
C TYR G 88 46.15 17.63 39.54
N CYS G 89 44.98 17.50 40.18
CA CYS G 89 43.80 16.96 39.53
C CYS G 89 43.04 18.16 38.99
N ALA G 90 42.64 18.09 37.74
CA ALA G 90 41.92 19.20 37.16
C ALA G 90 40.61 18.73 36.57
N ALA G 91 39.75 19.73 36.36
CA ALA G 91 38.43 19.56 35.77
C ALA G 91 37.84 20.96 35.66
N TRP G 92 37.05 21.22 34.64
CA TRP G 92 36.38 22.50 34.44
C TRP G 92 34.91 22.45 34.87
N ASP G 93 34.61 23.21 35.93
CA ASP G 93 33.34 23.31 36.64
C ASP G 93 32.06 23.14 35.83
N ALA G 94 31.89 23.90 34.74
CA ALA G 94 30.74 23.97 33.83
C ALA G 94 29.71 25.00 34.28
N SER G 95 29.79 25.51 35.51
CA SER G 95 28.95 26.60 35.99
C SER G 95 29.81 27.83 35.79
N LEU G 96 29.52 28.59 34.73
CA LEU G 96 30.33 29.72 34.30
C LEU G 96 31.62 29.22 33.69
N SER G 97 31.61 27.96 33.25
CA SER G 97 32.74 27.25 32.65
C SER G 97 33.93 27.37 33.61
N GLY G 98 35.13 27.46 33.08
CA GLY G 98 36.34 27.62 33.85
C GLY G 98 37.05 26.40 34.44
N TYR G 99 38.19 26.07 33.82
CA TYR G 99 39.06 25.03 34.32
C TYR G 99 39.54 25.34 35.72
N VAL G 100 39.29 24.40 36.64
CA VAL G 100 39.69 24.53 38.03
C VAL G 100 40.63 23.39 38.34
N PHE G 101 41.75 23.73 38.98
CA PHE G 101 42.73 22.82 39.50
C PHE G 101 42.44 22.56 40.99
N GLY G 102 42.71 21.34 41.42
CA GLY G 102 42.57 21.03 42.82
C GLY G 102 43.57 21.77 43.67
N THR G 103 43.41 21.61 44.98
CA THR G 103 44.24 22.33 45.95
C THR G 103 45.69 21.90 45.88
N GLY G 104 46.01 20.79 45.20
CA GLY G 104 47.39 20.39 44.99
C GLY G 104 47.91 19.58 46.15
N THR G 105 48.71 18.55 45.84
CA THR G 105 49.24 17.62 46.83
C THR G 105 50.74 17.55 46.66
N LYS G 106 51.48 17.80 47.73
CA LYS G 106 52.94 17.76 47.71
C LYS G 106 53.38 16.41 48.27
N VAL G 107 53.84 15.52 47.40
CA VAL G 107 54.16 14.16 47.83
C VAL G 107 55.56 14.17 48.42
N THR G 108 55.70 13.68 49.65
CA THR G 108 57.00 13.50 50.28
C THR G 108 57.39 12.02 50.29
N VAL G 109 58.60 11.71 49.78
CA VAL G 109 59.11 10.33 49.80
C VAL G 109 59.86 10.09 51.09
N LEU G 110 59.62 8.91 51.66
CA LEU G 110 60.19 8.54 52.94
C LEU G 110 61.19 7.41 52.77
N VAL H 3 9.03 26.70 53.05
CA VAL H 3 8.49 27.03 54.36
C VAL H 3 7.01 27.33 54.26
N LEU H 4 6.21 26.55 54.99
CA LEU H 4 4.77 26.73 55.00
C LEU H 4 4.39 27.66 56.14
N THR H 5 3.53 28.64 55.84
CA THR H 5 3.17 29.70 56.76
C THR H 5 1.76 29.43 57.29
N GLN H 6 1.60 29.51 58.61
CA GLN H 6 0.32 29.24 59.28
C GLN H 6 0.07 30.28 60.37
N PRO H 7 -1.20 30.61 60.63
CA PRO H 7 -1.49 31.56 61.71
C PRO H 7 -1.10 30.98 63.05
N PRO H 8 -0.59 31.79 63.99
CA PRO H 8 -0.10 31.21 65.26
C PRO H 8 -1.19 30.63 66.15
N SER H 9 -2.47 30.92 65.89
CA SER H 9 -3.53 30.40 66.74
C SER H 9 -4.86 30.43 65.98
N ALA H 10 -5.81 29.64 66.49
CA ALA H 10 -7.20 29.70 66.06
C ALA H 10 -8.09 29.43 67.26
N SER H 11 -9.29 29.99 67.24
CA SER H 11 -10.18 29.87 68.38
C SER H 11 -11.63 30.05 67.95
N GLY H 12 -12.53 29.31 68.60
CA GLY H 12 -13.94 29.40 68.29
C GLY H 12 -14.76 28.61 69.29
N THR H 13 -16.08 28.80 69.20
CA THR H 13 -17.05 28.16 70.09
C THR H 13 -17.28 26.70 69.65
N PRO H 14 -17.36 25.74 70.57
CA PRO H 14 -17.68 24.36 70.16
C PRO H 14 -19.03 24.27 69.46
N GLY H 15 -19.11 23.38 68.46
CA GLY H 15 -20.26 23.30 67.59
C GLY H 15 -20.22 24.18 66.37
N GLN H 16 -19.19 25.02 66.23
CA GLN H 16 -18.99 25.90 65.09
C GLN H 16 -18.16 25.15 64.03
N ARG H 17 -17.68 25.88 63.03
CA ARG H 17 -16.75 25.38 62.03
C ARG H 17 -15.58 26.34 61.96
N VAL H 18 -14.38 25.80 62.05
CA VAL H 18 -13.15 26.59 62.12
C VAL H 18 -12.33 26.28 60.89
N THR H 19 -11.75 27.31 60.28
CA THR H 19 -10.89 27.16 59.11
C THR H 19 -9.48 27.64 59.46
N ILE H 20 -8.49 26.90 58.97
CA ILE H 20 -7.08 27.20 59.20
C ILE H 20 -6.40 27.32 57.84
N SER H 21 -5.64 28.40 57.67
CA SER H 21 -4.89 28.69 56.45
C SER H 21 -3.49 28.10 56.54
N CYS H 22 -2.90 27.82 55.39
CA CYS H 22 -1.49 27.40 55.33
C CYS H 22 -0.89 27.85 54.00
N SER H 23 -0.10 28.93 54.02
CA SER H 23 0.34 29.53 52.77
C SER H 23 1.70 28.98 52.36
N GLY H 24 1.88 28.87 51.03
CA GLY H 24 3.13 28.41 50.45
C GLY H 24 3.30 28.96 49.05
N SER H 25 4.37 28.53 48.41
CA SER H 25 4.75 28.98 47.07
C SER H 25 4.32 27.93 46.04
N SER H 26 4.86 28.02 44.83
CA SER H 26 4.57 27.07 43.76
C SER H 26 5.56 25.91 43.74
N SER H 27 6.61 25.98 44.55
CA SER H 27 7.60 24.92 44.65
C SER H 27 7.04 23.75 45.45
N ASN H 28 6.43 24.06 46.60
CA ASN H 28 5.94 23.07 47.56
C ASN H 28 4.50 22.59 47.31
N ILE H 29 3.45 23.42 47.37
CA ILE H 29 2.02 22.98 47.28
C ILE H 29 1.59 23.10 45.81
N GLY H 30 2.49 23.46 44.89
CA GLY H 30 2.17 23.45 43.45
C GLY H 30 1.83 22.03 43.07
N SER H 31 2.57 21.03 43.58
CA SER H 31 2.27 19.59 43.40
C SER H 31 1.20 19.18 44.43
N ASP H 32 0.57 18.01 44.32
CA ASP H 32 -0.57 17.62 45.20
C ASP H 32 -0.01 17.15 46.55
N HIS H 33 0.43 18.12 47.36
CA HIS H 33 1.05 17.82 48.66
C HIS H 33 0.38 18.66 49.73
N VAL H 34 -0.79 18.26 50.19
CA VAL H 34 -1.41 18.93 51.37
C VAL H 34 -1.76 17.79 52.32
N TYR H 35 -0.94 17.56 53.36
CA TYR H 35 -1.18 16.52 54.38
C TYR H 35 -1.53 17.24 55.68
N TRP H 36 -2.07 16.55 56.68
CA TRP H 36 -2.44 17.13 57.96
C TRP H 36 -2.31 16.13 59.07
N TYR H 37 -1.62 16.54 60.13
CA TYR H 37 -1.45 15.70 61.31
C TYR H 37 -1.63 16.60 62.52
N GLN H 38 -2.27 16.10 63.57
CA GLN H 38 -2.36 16.88 64.78
C GLN H 38 -1.53 16.23 65.88
N GLN H 39 -0.99 17.08 66.74
CA GLN H 39 -0.18 16.64 67.87
C GLN H 39 -0.90 17.11 69.14
N LEU H 40 -1.72 16.21 69.68
CA LEU H 40 -2.34 16.45 70.98
C LEU H 40 -1.24 16.41 72.04
N PRO H 41 -1.40 17.12 73.15
CA PRO H 41 -0.31 17.21 74.15
C PRO H 41 0.19 15.85 74.61
N GLY H 42 1.50 15.64 74.48
CA GLY H 42 2.10 14.40 74.89
C GLY H 42 1.94 13.23 73.95
N THR H 43 1.45 13.45 72.73
CA THR H 43 1.19 12.36 71.79
C THR H 43 1.86 12.61 70.46
N ALA H 44 2.04 11.53 69.73
CA ALA H 44 2.69 11.53 68.44
C ALA H 44 1.68 11.86 67.33
N PRO H 45 2.05 12.63 66.30
CA PRO H 45 1.15 12.84 65.17
C PRO H 45 0.91 11.53 64.44
N LYS H 46 -0.20 11.49 63.71
CA LYS H 46 -0.52 10.33 62.87
C LYS H 46 -1.35 10.81 61.69
N LEU H 47 -1.38 10.02 60.61
CA LEU H 47 -1.92 10.51 59.35
C LEU H 47 -3.39 10.76 59.54
N PHE H 48 -3.77 12.00 59.30
CA PHE H 48 -5.13 12.41 59.46
C PHE H 48 -5.83 12.94 58.20
N ILE H 49 -5.10 13.56 57.28
CA ILE H 49 -5.56 13.92 55.93
C ILE H 49 -4.44 13.64 54.96
N TYR H 50 -4.74 12.92 53.87
CA TYR H 50 -3.77 12.78 52.82
C TYR H 50 -4.43 13.07 51.47
N ARG H 51 -3.56 13.22 50.49
CA ARG H 51 -3.91 13.55 49.11
C ARG H 51 -4.88 14.71 49.09
N ASN H 52 -4.48 15.79 49.76
CA ASN H 52 -5.18 17.06 49.87
C ASN H 52 -6.42 16.96 50.77
N ASN H 53 -7.27 15.95 50.55
CA ASN H 53 -8.52 15.82 51.30
C ASN H 53 -8.82 14.40 51.78
N GLN H 54 -8.28 13.35 51.12
CA GLN H 54 -8.58 11.97 51.48
C GLN H 54 -8.34 11.77 52.97
N ARG H 55 -9.17 10.92 53.59
CA ARG H 55 -9.13 10.73 55.04
C ARG H 55 -8.87 9.27 55.40
N PRO H 56 -7.92 8.96 56.29
CA PRO H 56 -7.67 7.55 56.63
C PRO H 56 -8.82 6.91 57.37
N SER H 57 -8.95 5.59 57.19
CA SER H 57 -9.85 4.78 58.00
C SER H 57 -9.34 4.68 59.43
N GLY H 58 -10.15 5.19 60.37
CA GLY H 58 -9.78 5.32 61.76
C GLY H 58 -9.83 6.76 62.25
N VAL H 59 -10.40 7.65 61.44
CA VAL H 59 -10.32 9.09 61.65
C VAL H 59 -11.73 9.65 61.74
N PRO H 60 -12.02 10.60 62.66
CA PRO H 60 -13.35 11.21 62.68
C PRO H 60 -13.67 11.92 61.36
N ASP H 61 -14.94 11.79 60.94
CA ASP H 61 -15.39 12.22 59.62
C ASP H 61 -15.59 13.73 59.48
N ARG H 62 -15.59 14.46 60.59
CA ARG H 62 -15.84 15.91 60.60
C ARG H 62 -14.71 16.76 60.03
N PHE H 63 -13.54 16.18 59.79
CA PHE H 63 -12.36 16.91 59.34
C PHE H 63 -12.28 16.90 57.82
N SER H 64 -12.38 18.06 57.19
CA SER H 64 -12.17 18.12 55.75
C SER H 64 -11.40 19.36 55.37
N GLY H 65 -10.33 19.16 54.59
CA GLY H 65 -9.55 20.27 54.08
C GLY H 65 -9.39 20.16 52.57
N SER H 66 -8.85 21.22 51.99
CA SER H 66 -8.73 21.35 50.55
C SER H 66 -7.63 22.34 50.23
N LYS H 67 -7.24 22.36 48.96
CA LYS H 67 -6.23 23.28 48.49
C LYS H 67 -6.87 24.52 47.91
N SER H 68 -6.22 25.66 48.13
CA SER H 68 -6.59 26.94 47.55
C SER H 68 -5.28 27.33 46.89
N GLY H 69 -5.13 27.00 45.61
CA GLY H 69 -3.93 27.36 44.88
C GLY H 69 -2.59 26.88 45.39
N THR H 70 -1.82 27.80 45.99
CA THR H 70 -0.55 27.49 46.65
C THR H 70 -0.67 27.62 48.16
N SER H 71 -1.90 27.65 48.67
CA SER H 71 -2.21 27.68 50.08
C SER H 71 -3.11 26.49 50.38
N ALA H 72 -3.04 26.01 51.60
CA ALA H 72 -3.85 24.91 52.10
C ALA H 72 -4.93 25.45 53.04
N SER H 73 -5.98 24.66 53.24
CA SER H 73 -7.12 25.07 54.04
C SER H 73 -7.70 23.85 54.74
N LEU H 74 -7.88 23.93 56.05
CA LEU H 74 -8.43 22.81 56.83
C LEU H 74 -9.65 23.30 57.60
N ALA H 75 -10.74 22.53 57.53
CA ALA H 75 -12.02 22.92 58.11
C ALA H 75 -12.42 21.83 59.08
N ILE H 76 -12.55 22.21 60.35
CA ILE H 76 -13.07 21.35 61.41
C ILE H 76 -14.50 21.78 61.61
N SER H 77 -15.43 20.99 61.09
CA SER H 77 -16.86 21.24 61.23
C SER H 77 -17.39 20.58 62.49
N GLY H 78 -18.23 21.30 63.23
CA GLY H 78 -18.69 20.82 64.51
C GLY H 78 -17.54 20.58 65.45
N LEU H 79 -16.86 21.66 65.84
CA LEU H 79 -15.72 21.55 66.73
C LEU H 79 -16.16 20.94 68.06
N ARG H 80 -15.31 20.10 68.63
CA ARG H 80 -15.45 19.52 69.96
C ARG H 80 -14.24 19.82 70.86
N SER H 81 -14.34 19.33 72.11
CA SER H 81 -13.38 19.68 73.16
C SER H 81 -11.99 19.13 72.88
N GLU H 82 -11.91 17.88 72.45
CA GLU H 82 -10.64 17.17 72.33
C GLU H 82 -9.72 17.76 71.27
N ASP H 83 -10.21 18.69 70.44
CA ASP H 83 -9.46 19.18 69.29
C ASP H 83 -8.26 20.11 69.66
N GLU H 84 -7.87 20.29 70.92
CA GLU H 84 -6.67 21.06 71.29
C GLU H 84 -5.45 20.26 70.89
N ALA H 85 -5.15 20.37 69.60
CA ALA H 85 -4.14 19.56 69.00
C ALA H 85 -3.40 20.44 68.00
N ASP H 86 -2.08 20.43 68.05
CA ASP H 86 -1.28 21.29 67.20
C ASP H 86 -1.44 20.80 65.76
N TYR H 87 -2.24 21.51 64.95
CA TYR H 87 -2.65 21.07 63.62
C TYR H 87 -1.56 21.48 62.63
N TYR H 88 -0.92 20.49 62.01
CA TYR H 88 0.22 20.69 61.12
C TYR H 88 -0.19 20.47 59.69
N CYS H 89 0.01 21.47 58.85
CA CYS H 89 -0.08 21.30 57.41
C CYS H 89 1.32 21.00 56.93
N ALA H 90 1.46 19.98 56.11
CA ALA H 90 2.78 19.62 55.64
C ALA H 90 2.77 19.55 54.13
N ALA H 91 4.00 19.58 53.61
CA ALA H 91 4.30 19.52 52.19
C ALA H 91 5.81 19.54 52.08
N TRP H 92 6.37 18.84 51.10
CA TRP H 92 7.82 18.83 50.84
C TRP H 92 8.19 19.75 49.68
N ASP H 93 8.95 20.80 50.03
CA ASP H 93 9.40 21.90 49.18
C ASP H 93 9.69 21.60 47.71
N ALA H 94 10.53 20.60 47.43
CA ALA H 94 11.01 20.13 46.12
C ALA H 94 12.28 20.86 45.68
N SER H 95 12.67 21.95 46.35
CA SER H 95 13.94 22.65 46.10
C SER H 95 14.84 22.10 47.19
N LEU H 96 15.72 21.17 46.81
CA LEU H 96 16.57 20.42 47.73
C LEU H 96 15.72 19.42 48.50
N SER H 97 14.55 19.08 47.94
CA SER H 97 13.57 18.16 48.51
C SER H 97 13.25 18.65 49.92
N GLY H 98 12.99 17.73 50.84
CA GLY H 98 12.71 18.03 52.23
C GLY H 98 11.30 18.38 52.67
N TYR H 99 10.67 17.43 53.36
CA TYR H 99 9.37 17.65 53.97
C TYR H 99 9.43 18.78 54.98
N VAL H 100 8.56 19.77 54.78
CA VAL H 100 8.48 20.93 55.65
C VAL H 100 7.07 20.96 56.24
N PHE H 101 7.01 21.15 57.54
CA PHE H 101 5.80 21.35 58.30
C PHE H 101 5.55 22.84 58.48
N GLY H 102 4.29 23.22 58.48
CA GLY H 102 3.95 24.60 58.74
C GLY H 102 4.27 25.00 60.16
N THR H 103 4.10 26.30 60.41
CA THR H 103 4.45 26.87 61.71
C THR H 103 3.59 26.33 62.84
N GLY H 104 2.50 25.64 62.53
CA GLY H 104 1.69 24.99 63.55
C GLY H 104 0.67 25.93 64.15
N THR H 105 -0.52 25.42 64.43
CA THR H 105 -1.63 26.21 64.94
C THR H 105 -2.16 25.52 66.19
N LYS H 106 -2.23 26.28 67.30
CA LYS H 106 -2.72 25.74 68.56
C LYS H 106 -4.17 26.19 68.71
N VAL H 107 -5.10 25.26 68.55
CA VAL H 107 -6.51 25.62 68.55
C VAL H 107 -6.99 25.69 69.99
N THR H 108 -7.57 26.82 70.38
CA THR H 108 -8.19 26.96 71.70
C THR H 108 -9.72 26.91 71.57
N VAL H 109 -10.37 26.04 72.36
CA VAL H 109 -11.83 25.96 72.39
C VAL H 109 -12.38 26.91 73.42
N LEU H 110 -13.45 27.58 73.05
CA LEU H 110 -14.06 28.61 73.85
C LEU H 110 -15.44 28.16 74.33
N VAL I 3 18.76 45.80 34.17
CA VAL I 3 19.13 47.21 34.27
C VAL I 3 19.88 47.63 33.01
N LEU I 4 19.32 48.62 32.30
CA LEU I 4 19.93 49.13 31.09
C LEU I 4 20.85 50.30 31.44
N THR I 5 22.05 50.28 30.88
CA THR I 5 23.10 51.24 31.21
C THR I 5 23.23 52.24 30.07
N GLN I 6 23.24 53.53 30.40
CA GLN I 6 23.33 54.62 29.43
C GLN I 6 24.31 55.68 29.90
N PRO I 7 24.98 56.37 28.97
CA PRO I 7 25.89 57.44 29.38
C PRO I 7 25.11 58.58 30.02
N PRO I 8 25.65 59.25 31.03
CA PRO I 8 24.85 60.28 31.72
C PRO I 8 24.56 61.52 30.89
N SER I 9 25.25 61.72 29.76
CA SER I 9 25.01 62.91 28.95
C SER I 9 25.51 62.67 27.53
N ALA I 10 25.01 63.51 26.61
CA ALA I 10 25.52 63.59 25.26
C ALA I 10 25.43 65.03 24.80
N SER I 11 26.34 65.43 23.91
CA SER I 11 26.39 66.81 23.47
C SER I 11 27.04 66.90 22.09
N GLY I 12 26.56 67.86 21.30
CA GLY I 12 27.09 68.07 19.97
C GLY I 12 26.52 69.32 19.34
N THR I 13 27.11 69.70 18.20
CA THR I 13 26.73 70.89 17.45
C THR I 13 25.45 70.61 16.63
N PRO I 14 24.48 71.54 16.59
CA PRO I 14 23.31 71.31 15.74
C PRO I 14 23.68 71.14 14.27
N GLY I 15 22.94 70.26 13.58
CA GLY I 15 23.28 69.86 12.23
C GLY I 15 24.21 68.67 12.12
N GLN I 16 24.70 68.15 13.24
CA GLN I 16 25.56 66.98 13.29
C GLN I 16 24.69 65.73 13.43
N ARG I 17 25.31 64.59 13.74
CA ARG I 17 24.63 63.35 14.06
C ARG I 17 25.19 62.84 15.37
N VAL I 18 24.31 62.52 16.30
CA VAL I 18 24.69 62.12 17.66
C VAL I 18 24.23 60.69 17.85
N THR I 19 25.09 59.87 18.48
CA THR I 19 24.77 58.48 18.80
C THR I 19 24.77 58.29 20.31
N ILE I 20 23.80 57.52 20.79
CA ILE I 20 23.63 57.22 22.21
C ILE I 20 23.66 55.71 22.37
N SER I 21 24.46 55.24 23.33
CA SER I 21 24.61 53.83 23.65
C SER I 21 23.62 53.45 24.74
N CYS I 22 23.26 52.16 24.79
CA CYS I 22 22.44 51.62 25.87
C CYS I 22 22.79 50.16 26.10
N SER I 23 23.57 49.86 27.13
CA SER I 23 24.11 48.51 27.28
C SER I 23 23.21 47.65 28.17
N GLY I 24 23.14 46.37 27.84
CA GLY I 24 22.38 45.40 28.59
C GLY I 24 22.96 44.00 28.43
N SER I 25 22.28 43.03 29.02
CA SER I 25 22.69 41.64 29.03
C SER I 25 21.91 40.87 27.96
N SER I 26 21.93 39.55 28.06
CA SER I 26 21.19 38.68 27.13
C SER I 26 19.79 38.35 27.64
N SER I 27 19.48 38.73 28.87
CA SER I 27 18.16 38.52 29.46
C SER I 27 17.16 39.51 28.87
N ASN I 28 17.56 40.79 28.83
CA ASN I 28 16.69 41.89 28.42
C ASN I 28 16.68 42.19 26.91
N ILE I 29 17.82 42.56 26.32
CA ILE I 29 17.90 42.95 24.91
C ILE I 29 18.08 41.72 24.01
N GLY I 30 18.17 40.53 24.60
CA GLY I 30 18.24 39.32 23.77
C GLY I 30 16.99 39.14 22.91
N SER I 31 15.86 39.82 23.23
CA SER I 31 14.57 39.56 22.52
C SER I 31 13.79 40.79 22.02
N ASP I 32 14.12 41.40 20.86
CA ASP I 32 13.30 42.44 20.18
C ASP I 32 12.79 43.55 21.10
N HIS I 33 13.65 44.13 21.94
CA HIS I 33 13.26 45.23 22.85
C HIS I 33 14.27 46.38 22.80
N VAL I 34 14.07 47.42 21.99
CA VAL I 34 14.88 48.63 22.05
C VAL I 34 13.99 49.85 21.88
N TYR I 35 13.03 50.00 22.78
CA TYR I 35 12.06 51.07 22.63
C TYR I 35 12.69 52.38 23.03
N TRP I 36 12.21 53.47 22.45
CA TRP I 36 12.78 54.78 22.74
C TRP I 36 11.69 55.81 22.94
N TYR I 37 11.79 56.55 24.04
CA TYR I 37 10.86 57.63 24.33
C TYR I 37 11.66 58.78 24.87
N GLN I 38 11.29 60.00 24.52
CA GLN I 38 11.97 61.15 25.11
C GLN I 38 11.02 61.91 26.01
N GLN I 39 11.59 62.49 27.05
CA GLN I 39 10.84 63.27 28.02
C GLN I 39 11.40 64.69 27.96
N LEU I 40 10.76 65.53 27.15
CA LEU I 40 11.08 66.94 27.13
C LEU I 40 10.62 67.55 28.46
N PRO I 41 11.25 68.63 28.91
CA PRO I 41 10.92 69.17 30.25
C PRO I 41 9.44 69.47 30.44
N GLY I 42 8.86 68.89 31.49
CA GLY I 42 7.46 69.11 31.77
C GLY I 42 6.47 68.33 30.93
N THR I 43 6.93 67.34 30.15
CA THR I 43 6.05 66.61 29.25
C THR I 43 6.19 65.11 29.47
N ALA I 44 5.17 64.41 29.03
CA ALA I 44 5.07 62.98 29.16
C ALA I 44 5.77 62.27 27.99
N PRO I 45 6.48 61.16 28.21
CA PRO I 45 7.04 60.41 27.08
C PRO I 45 5.94 59.86 26.21
N LYS I 46 6.29 59.56 24.96
CA LYS I 46 5.34 58.94 24.02
C LYS I 46 6.15 58.10 23.04
N LEU I 47 5.49 57.15 22.38
CA LEU I 47 6.22 56.14 21.63
C LEU I 47 6.88 56.82 20.47
N PHE I 48 8.20 56.68 20.43
CA PHE I 48 8.99 57.31 19.40
C PHE I 48 9.80 56.36 18.53
N ILE I 49 10.25 55.21 19.04
CA ILE I 49 10.84 54.11 18.28
C ILE I 49 10.29 52.81 18.85
N TYR I 50 9.80 51.94 17.98
CA TYR I 50 9.45 50.60 18.42
C TYR I 50 10.03 49.57 17.47
N ARG I 51 9.99 48.33 17.95
CA ARG I 51 10.51 47.16 17.27
C ARG I 51 11.92 47.44 16.76
N ASN I 52 12.76 47.90 17.68
CA ASN I 52 14.17 48.18 17.49
C ASN I 52 14.39 49.47 16.69
N ASN I 53 13.71 49.61 15.55
CA ASN I 53 13.90 50.76 14.65
C ASN I 53 12.60 51.35 14.10
N GLN I 54 11.49 50.58 14.03
CA GLN I 54 10.24 51.07 13.46
C GLN I 54 9.86 52.39 14.12
N ARG I 55 9.26 53.30 13.35
CA ARG I 55 8.96 54.65 13.82
C ARG I 55 7.46 54.94 13.71
N PRO I 56 6.81 55.44 14.77
CA PRO I 56 5.36 55.72 14.68
C PRO I 56 5.05 56.85 13.71
N SER I 57 3.85 56.77 13.12
CA SER I 57 3.29 57.88 12.35
C SER I 57 2.93 59.05 13.26
N GLY I 58 3.59 60.19 13.03
CA GLY I 58 3.48 61.35 13.89
C GLY I 58 4.83 61.78 14.45
N VAL I 59 5.91 61.18 13.95
CA VAL I 59 7.24 61.30 14.54
C VAL I 59 8.21 61.87 13.50
N PRO I 60 9.11 62.79 13.86
CA PRO I 60 10.10 63.26 12.87
C PRO I 60 10.96 62.11 12.34
N ASP I 61 11.26 62.18 11.05
CA ASP I 61 11.91 61.08 10.33
C ASP I 61 13.42 60.97 10.58
N ARG I 62 14.03 61.98 11.18
CA ARG I 62 15.47 62.03 11.42
C ARG I 62 15.98 61.07 12.49
N PHE I 63 15.09 60.45 13.25
CA PHE I 63 15.47 59.59 14.38
C PHE I 63 15.56 58.14 13.92
N SER I 64 16.74 57.54 13.97
CA SER I 64 16.83 56.12 13.67
C SER I 64 17.82 55.44 14.61
N GLY I 65 17.37 54.34 15.23
CA GLY I 65 18.22 53.56 16.08
C GLY I 65 18.17 52.09 15.67
N SER I 66 19.06 51.33 16.27
CA SER I 66 19.28 49.93 15.93
C SER I 66 19.90 49.20 17.10
N LYS I 67 19.90 47.88 17.00
CA LYS I 67 20.50 47.04 18.03
C LYS I 67 21.93 46.68 17.65
N SER I 68 22.78 46.62 18.66
CA SER I 68 24.16 46.16 18.52
C SER I 68 24.19 45.07 19.58
N GLY I 69 23.93 43.84 19.17
CA GLY I 69 23.96 42.72 20.09
C GLY I 69 23.06 42.74 21.31
N THR I 70 23.65 42.99 22.48
CA THR I 70 22.93 43.18 23.73
C THR I 70 22.97 44.63 24.20
N SER I 71 23.33 45.54 23.29
CA SER I 71 23.33 46.97 23.51
C SER I 71 22.45 47.60 22.45
N ALA I 72 21.88 48.73 22.78
CA ALA I 72 21.05 49.53 21.89
C ALA I 72 21.81 50.76 21.44
N SER I 73 21.36 51.35 20.34
CA SER I 73 22.04 52.49 19.73
C SER I 73 21.00 53.38 19.07
N LEU I 74 21.03 54.68 19.39
CA LEU I 74 20.08 55.64 18.82
C LEU I 74 20.84 56.76 18.16
N ALA I 75 20.46 57.12 16.93
CA ALA I 75 21.17 58.10 16.14
C ALA I 75 20.19 59.19 15.76
N ILE I 76 20.48 60.41 16.20
CA ILE I 76 19.74 61.61 15.85
C ILE I 76 20.57 62.29 14.78
N SER I 77 20.14 62.16 13.53
CA SER I 77 20.80 62.79 12.39
C SER I 77 20.23 64.18 12.16
N GLY I 78 21.11 65.13 11.91
CA GLY I 78 20.69 66.52 11.77
C GLY I 78 20.05 66.99 13.06
N LEU I 79 20.84 67.08 14.12
CA LEU I 79 20.31 67.52 15.40
C LEU I 79 19.76 68.94 15.28
N ARG I 80 18.67 69.20 15.98
CA ARG I 80 18.04 70.52 16.12
C ARG I 80 17.89 70.93 17.60
N SER I 81 17.37 72.13 17.79
CA SER I 81 17.32 72.77 19.11
C SER I 81 16.40 72.04 20.08
N GLU I 82 15.22 71.65 19.61
CA GLU I 82 14.17 71.12 20.48
C GLU I 82 14.54 69.78 21.11
N ASP I 83 15.62 69.14 20.68
CA ASP I 83 15.96 67.78 21.09
C ASP I 83 16.45 67.67 22.58
N GLU I 84 16.40 68.71 23.42
CA GLU I 84 16.74 68.60 24.83
C GLU I 84 15.64 67.83 25.52
N ALA I 85 15.76 66.51 25.39
CA ALA I 85 14.72 65.62 25.82
C ALA I 85 15.42 64.39 26.40
N ASP I 86 14.99 63.98 27.58
CA ASP I 86 15.64 62.86 28.26
C ASP I 86 15.34 61.59 27.48
N TYR I 87 16.32 61.09 26.70
CA TYR I 87 16.13 60.01 25.75
C TYR I 87 16.26 58.68 26.49
N TYR I 88 15.18 57.92 26.55
CA TYR I 88 15.10 56.68 27.31
C TYR I 88 15.12 55.50 26.37
N CYS I 89 16.08 54.60 26.57
CA CYS I 89 16.06 53.29 25.94
C CYS I 89 15.39 52.37 26.92
N ALA I 90 14.43 51.58 26.45
CA ALA I 90 13.73 50.68 27.34
C ALA I 90 13.78 49.27 26.79
N ALA I 91 13.50 48.35 27.71
CA ALA I 91 13.45 46.93 27.45
C ALA I 91 13.01 46.28 28.77
N TRP I 92 12.26 45.20 28.70
CA TRP I 92 11.83 44.45 29.89
C TRP I 92 12.67 43.19 30.11
N ASP I 93 13.42 43.22 31.22
CA ASP I 93 14.39 42.23 31.67
C ASP I 93 14.13 40.76 31.32
N ALA I 94 12.95 40.23 31.66
CA ALA I 94 12.47 38.86 31.48
C ALA I 94 12.80 37.98 32.69
N SER I 95 13.67 38.43 33.60
CA SER I 95 13.97 37.73 34.86
C SER I 95 13.08 38.44 35.87
N LEU I 96 11.96 37.81 36.21
CA LEU I 96 10.92 38.39 37.04
C LEU I 96 10.17 39.45 36.25
N SER I 97 10.25 39.35 34.93
CA SER I 97 9.63 40.26 33.97
C SER I 97 10.08 41.69 34.32
N GLY I 98 9.21 42.65 34.13
CA GLY I 98 9.46 44.04 34.44
C GLY I 98 10.20 44.94 33.47
N TYR I 99 9.43 45.84 32.85
CA TYR I 99 9.99 46.87 31.98
C TYR I 99 10.97 47.75 32.73
N VAL I 100 12.19 47.84 32.21
CA VAL I 100 13.24 48.64 32.79
C VAL I 100 13.66 49.68 31.76
N PHE I 101 13.74 50.92 32.21
CA PHE I 101 14.25 52.06 31.47
C PHE I 101 15.73 52.25 31.77
N GLY I 102 16.47 52.69 30.78
CA GLY I 102 17.86 52.99 31.00
C GLY I 102 18.04 54.19 31.90
N THR I 103 19.30 54.45 32.24
CA THR I 103 19.64 55.51 33.17
C THR I 103 19.29 56.89 32.64
N GLY I 104 19.00 57.01 31.35
CA GLY I 104 18.54 58.28 30.79
C GLY I 104 19.70 59.16 30.39
N THR I 105 19.55 59.86 29.27
CA THR I 105 20.59 60.71 28.71
C THR I 105 20.01 62.08 28.46
N LYS I 106 20.65 63.12 29.01
CA LYS I 106 20.20 64.49 28.85
C LYS I 106 21.05 65.13 27.76
N VAL I 107 20.47 65.33 26.59
CA VAL I 107 21.25 65.81 25.46
C VAL I 107 21.32 67.33 25.55
N THR I 108 22.55 67.86 25.52
CA THR I 108 22.77 69.31 25.48
C THR I 108 23.20 69.72 24.06
N VAL I 109 22.50 70.73 23.48
CA VAL I 109 22.87 71.27 22.17
C VAL I 109 23.86 72.40 22.35
N LEU I 110 24.86 72.40 21.48
CA LEU I 110 25.95 73.34 21.54
C LEU I 110 25.91 74.29 20.34
C1 NAG J . 0.38 1.79 47.79
C2 NAG J . -0.28 2.13 49.12
C3 NAG J . -0.76 0.90 49.87
C4 NAG J . -1.75 0.19 48.97
C5 NAG J . -1.08 -0.12 47.65
C6 NAG J . -2.05 -0.70 46.63
C7 NAG J . 0.45 4.22 50.24
C8 NAG J . -0.82 4.98 49.93
N2 NAG J . 0.62 2.93 49.91
O3 NAG J . -1.36 1.31 51.09
O4 NAG J . -2.16 -1.01 49.65
O5 NAG J . -0.60 1.08 47.04
O6 NAG J . -2.83 0.38 46.10
O7 NAG J . 1.36 4.79 50.79
C1 NAG J . -3.56 -1.00 50.04
C2 NAG J . -3.83 -2.08 51.06
C3 NAG J . -5.32 -2.13 51.32
C4 NAG J . -5.79 -0.78 51.83
C5 NAG J . -5.45 0.27 50.77
C6 NAG J . -5.85 1.68 51.16
C7 NAG J . -2.18 -3.90 50.85
C8 NAG J . -1.96 -5.26 50.28
N2 NAG J . -3.39 -3.38 50.59
O3 NAG J . -5.61 -3.14 52.29
O4 NAG J . -7.18 -0.84 52.13
O5 NAG J . -4.04 0.23 50.56
O6 NAG J . -7.27 1.84 51.01
O7 NAG J . -1.32 -3.32 51.49
C1 FUC J . -4.23 0.04 46.11
C2 FUC J . -5.08 1.24 46.50
C3 FUC J . -5.15 2.27 45.39
C4 FUC J . -5.64 1.63 44.10
C5 FUC J . -4.75 0.42 43.78
C6 FUC J . -5.28 -0.28 42.53
O2 FUC J . -4.60 1.88 47.67
O3 FUC J . -6.01 3.35 45.76
O4 FUC J . -7.01 1.25 44.24
O5 FUC J . -4.71 -0.50 44.86
C1 NAG K . 40.51 35.33 1.00
C2 NAG K . 40.71 36.65 0.26
C3 NAG K . 39.64 37.64 0.70
C4 NAG K . 38.27 37.04 0.43
C5 NAG K . 38.14 35.70 1.17
C6 NAG K . 36.82 35.01 0.95
C7 NAG K . 42.69 37.99 -0.33
C8 NAG K . 44.05 38.43 0.11
N2 NAG K . 42.04 37.19 0.53
O3 NAG K . 39.78 38.86 -0.01
O4 NAG K . 37.26 37.93 0.91
O5 NAG K . 39.17 34.80 0.74
O6 NAG K . 35.99 35.10 2.10
O7 NAG K . 42.21 38.32 -1.40
C1 NAG L . 27.23 30.94 -10.00
C2 NAG L . 25.95 30.47 -9.32
C3 NAG L . 24.75 31.05 -10.04
C4 NAG L . 24.85 32.57 -10.02
C5 NAG L . 26.17 32.98 -10.68
C6 NAG L . 26.39 34.48 -10.66
C7 NAG L . 25.73 28.27 -8.21
C8 NAG L . 25.71 26.79 -8.40
N2 NAG L . 25.88 29.01 -9.31
O3 NAG L . 23.56 30.63 -9.39
O4 NAG L . 23.76 33.15 -10.73
O5 NAG L . 27.27 32.38 -9.99
O6 NAG L . 26.85 34.95 -11.92
O7 NAG L . 25.61 28.78 -7.10
C1 NAG M . 22.63 27.86 -35.52
C2 NAG M . 22.21 27.51 -36.98
C3 NAG M . 22.44 28.75 -37.85
C4 NAG M . 21.64 29.91 -37.28
C5 NAG M . 22.04 30.17 -35.84
C6 NAG M . 21.22 31.26 -35.18
C7 NAG M . 23.59 26.13 -38.64
C8 NAG M . 24.10 24.74 -38.87
N2 NAG M . 22.88 26.31 -37.50
O3 NAG M . 22.05 28.51 -39.20
O4 NAG M . 21.90 31.08 -38.05
O5 NAG M . 21.85 28.99 -35.05
O6 NAG M . 21.11 32.39 -36.01
O7 NAG M . 23.83 27.04 -39.42
C1 NAG N . 36.63 -6.28 -28.44
C2 NAG N . 36.46 -5.88 -29.89
C3 NAG N . 37.33 -6.78 -30.77
C4 NAG N . 38.78 -6.67 -30.32
C5 NAG N . 38.87 -7.06 -28.86
C6 NAG N . 40.27 -6.91 -28.30
C7 NAG N . 34.39 -4.98 -30.87
C8 NAG N . 32.97 -5.27 -31.24
N2 NAG N . 35.07 -5.98 -30.31
O3 NAG N . 37.20 -6.39 -32.13
O4 NAG N . 39.59 -7.54 -31.11
O5 NAG N . 38.03 -6.21 -28.07
O6 NAG N . 40.32 -7.26 -26.93
O7 NAG N . 34.90 -3.87 -31.08
C1 NAG O . -14.90 44.38 -7.17
C2 NAG O . -15.05 45.26 -8.41
C3 NAG O . -16.41 45.93 -8.37
C4 NAG O . -17.49 44.85 -8.33
C5 NAG O . -17.28 43.98 -7.10
C6 NAG O . -18.25 42.83 -7.01
C7 NAG O . -13.13 46.37 -9.48
C8 NAG O . -12.11 47.45 -9.36
N2 NAG O . -14.00 46.26 -8.48
O3 NAG O . -16.57 46.74 -9.52
O4 NAG O . -18.77 45.46 -8.25
O5 NAG O . -15.96 43.39 -7.15
O6 NAG O . -19.16 43.00 -5.93
O7 NAG O . -13.17 45.62 -10.46
C1 NAG P . 15.75 -4.97 -44.08
C2 NAG P . 15.02 -6.04 -44.89
C3 NAG P . 15.23 -7.41 -44.26
C4 NAG P . 16.72 -7.69 -44.16
C5 NAG P . 17.36 -6.58 -43.33
C6 NAG P . 18.86 -6.71 -43.21
C7 NAG P . 13.05 -4.98 -45.94
C8 NAG P . 11.57 -4.80 -45.86
N2 NAG P . 13.61 -5.75 -44.99
O3 NAG P . 14.61 -8.40 -45.08
O4 NAG P . 16.97 -8.96 -43.56
O5 NAG P . 17.11 -5.32 -43.96
O6 NAG P . 19.45 -5.46 -42.86
O7 NAG P . 13.73 -4.45 -46.82
C1 NAG Q . -10.58 22.78 -37.40
C2 NAG Q . -11.77 21.83 -37.44
C3 NAG Q . -12.71 22.25 -38.56
C4 NAG Q . -13.16 23.68 -38.32
C5 NAG Q . -11.92 24.58 -38.25
C6 NAG Q . -12.28 26.01 -37.95
C7 NAG Q . -11.34 19.56 -36.59
C8 NAG Q . -10.86 18.18 -36.95
N2 NAG Q . -11.35 20.44 -37.60
O3 NAG Q . -13.84 21.37 -38.57
O4 NAG Q . -14.01 24.11 -39.37
O5 NAG Q . -11.05 24.14 -37.21
O6 NAG Q . -11.15 26.72 -37.41
O7 NAG Q . -11.68 19.85 -35.46
C1 NAG R . -7.44 14.81 -54.65
C2 NAG R . -6.31 15.87 -54.55
C3 NAG R . -6.95 17.25 -54.40
C4 NAG R . -7.88 17.53 -55.56
C5 NAG R . -8.96 16.44 -55.61
C6 NAG R . -9.88 16.59 -56.80
C7 NAG R . -4.38 16.32 -53.11
C8 NAG R . -3.66 15.95 -51.86
N2 NAG R . -5.47 15.61 -53.40
O3 NAG R . -5.96 18.29 -54.38
O4 NAG R . -8.49 18.80 -55.41
O5 NAG R . -8.33 15.17 -55.74
O6 NAG R . -11.24 16.48 -56.43
O7 NAG R . -3.99 17.24 -53.83
C1 NAG S . -34.56 -12.75 -65.81
C2 NAG S . -35.96 -13.30 -66.11
C3 NAG S . -36.19 -13.32 -67.61
C4 NAG S . -36.03 -11.91 -68.16
C5 NAG S . -34.63 -11.39 -67.82
C6 NAG S . -34.40 -9.97 -68.26
C7 NAG S . -37.31 -15.17 -65.28
C8 NAG S . -37.29 -16.57 -64.73
N2 NAG S . -36.13 -14.64 -65.57
O3 NAG S . -37.49 -13.81 -67.91
O4 NAG S . -36.21 -11.91 -69.57
O5 NAG S . -34.44 -11.42 -66.39
O6 NAG S . -33.11 -9.51 -67.91
O7 NAG S . -38.36 -14.56 -65.45
C1 NAG T . -19.77 -13.36 -68.42
C2 NAG T . -18.64 -12.86 -69.29
C3 NAG T . -18.55 -11.35 -69.19
C4 NAG T . -19.87 -10.76 -69.62
C5 NAG T . -20.98 -11.31 -68.71
C6 NAG T . -22.36 -10.88 -69.13
C7 NAG T . -16.72 -14.34 -69.75
C8 NAG T . -15.45 -14.92 -69.20
N2 NAG T . -17.38 -13.49 -68.94
O3 NAG T . -17.50 -10.88 -70.04
O4 NAG T . -19.85 -9.34 -69.53
O5 NAG T . -20.98 -12.75 -68.80
O6 NAG T . -23.23 -12.01 -69.24
O7 NAG T . -17.14 -14.64 -70.86
C1 NAG U . -1.37 44.75 16.41
C2 NAG U . -2.24 45.91 15.95
C3 NAG U . -1.45 47.10 15.44
C4 NAG U . -0.43 47.53 16.49
C5 NAG U . 0.40 46.34 16.93
C6 NAG U . 1.16 46.67 18.20
C7 NAG U . -2.85 44.71 13.89
C8 NAG U . -3.93 43.79 13.41
N2 NAG U . -3.19 45.47 14.92
O3 NAG U . -2.34 48.18 15.15
O4 NAG U . 0.42 48.55 15.95
O5 NAG U . -0.42 45.27 17.35
O6 NAG U . 0.17 46.59 19.22
O7 NAG U . -1.76 44.75 13.35
C1 NAG V . -23.60 37.63 30.37
C2 NAG V . -24.78 37.54 31.33
C3 NAG V . -24.40 36.62 32.49
C4 NAG V . -24.01 35.25 31.94
C5 NAG V . -22.86 35.42 30.95
C6 NAG V . -22.41 34.10 30.33
C7 NAG V . -26.36 39.19 32.23
C8 NAG V . -26.54 40.60 32.70
N2 NAG V . -25.13 38.86 31.83
O3 NAG V . -25.49 36.50 33.39
O4 NAG V . -23.59 34.41 33.02
O5 NAG V . -23.25 36.29 29.89
O6 NAG V . -21.17 33.68 30.87
O7 NAG V . -27.29 38.38 32.23
C1 NAG W . -27.82 21.74 23.53
C2 NAG W . -26.66 20.76 23.42
C3 NAG W . -27.14 19.37 23.82
C4 NAG W . -27.69 19.41 25.23
C5 NAG W . -28.82 20.45 25.30
C6 NAG W . -29.38 20.63 26.69
C7 NAG W . -24.85 20.96 21.76
C8 NAG W . -24.51 20.93 20.30
N2 NAG W . -26.14 20.74 22.06
O3 NAG W . -26.06 18.45 23.73
O4 NAG W . -28.18 18.14 25.62
O5 NAG W . -28.33 21.73 24.88
O6 NAG W . -30.80 20.66 26.68
O7 NAG W . -24.00 21.19 22.62
C1 NAG X . -48.02 9.56 12.33
C2 NAG X . -49.06 8.72 11.53
C3 NAG X . -50.33 8.61 12.37
C4 NAG X . -49.99 7.99 13.72
C5 NAG X . -48.92 8.82 14.43
C6 NAG X . -48.47 8.21 15.73
C7 NAG X . -50.47 9.55 9.58
C8 NAG X . -50.35 10.02 8.16
N2 NAG X . -49.31 9.22 10.18
O3 NAG X . -51.33 7.84 11.72
O4 NAG X . -51.16 7.96 14.54
O5 NAG X . -47.75 8.92 13.60
O6 NAG X . -49.56 7.79 16.53
O7 NAG X . -51.55 9.52 10.14
C1 NAG Y . -34.13 26.23 -18.35
C2 NAG Y . -35.51 25.60 -18.46
C3 NAG Y . -36.23 26.18 -19.67
C4 NAG Y . -36.32 27.69 -19.52
C5 NAG Y . -34.91 28.26 -19.40
C6 NAG Y . -34.89 29.75 -19.17
C7 NAG Y . -36.07 23.30 -17.78
C8 NAG Y . -35.86 21.84 -18.07
N2 NAG Y . -35.42 24.15 -18.58
O3 NAG Y . -37.54 25.63 -19.75
O4 NAG Y . -36.96 28.27 -20.65
O5 NAG Y . -34.25 27.67 -18.26
O6 NAG Y . -33.56 30.24 -19.03
O7 NAG Y . -36.78 23.68 -16.86
C1 NAG Z . -17.21 -17.87 40.33
C2 NAG Z . -18.56 -18.42 40.74
C3 NAG Z . -18.35 -19.73 41.50
C4 NAG Z . -17.61 -20.70 40.59
C5 NAG Z . -16.29 -20.08 40.16
C6 NAG Z . -15.51 -20.94 39.19
C7 NAG Z . -20.49 -16.97 41.27
C8 NAG Z . -21.06 -16.00 42.26
N2 NAG Z . -19.28 -17.48 41.58
O3 NAG Z . -19.61 -20.27 41.88
O4 NAG Z . -17.37 -21.92 41.28
O5 NAG Z . -16.52 -18.82 39.49
O6 NAG Z . -14.33 -21.48 39.79
O7 NAG Z . -21.08 -17.28 40.25
C1 NAG AA . -42.14 1.50 -20.83
C2 NAG AA . -42.28 0.59 -22.06
C3 NAG AA . -41.30 1.03 -23.14
C4 NAG AA . -41.56 2.49 -23.48
C5 NAG AA . -41.41 3.32 -22.21
C6 NAG AA . -41.70 4.78 -22.39
C7 NAG AA . -42.97 -1.64 -21.26
C8 NAG AA . -42.52 -3.04 -20.95
N2 NAG AA . -42.03 -0.80 -21.70
O3 NAG AA . -41.49 0.22 -24.29
O4 NAG AA . -40.67 2.95 -24.48
O5 NAG AA . -42.33 2.84 -21.21
O6 NAG AA . -42.01 5.40 -21.15
O7 NAG AA . -44.14 -1.30 -21.11
C1 NAG BA . -37.86 -22.40 9.49
C2 NAG BA . -37.21 -23.52 8.67
C3 NAG BA . -38.06 -24.77 8.74
C4 NAG BA . -38.21 -25.17 10.21
C5 NAG BA . -38.83 -24.01 10.99
C6 NAG BA . -38.96 -24.29 12.46
C7 NAG BA . -35.80 -22.76 6.80
C8 NAG BA . -35.78 -22.37 5.34
N2 NAG BA . -37.00 -23.12 7.29
O3 NAG BA . -37.43 -25.81 8.01
O4 NAG BA . -39.03 -26.32 10.32
O5 NAG BA . -38.01 -22.84 10.85
O6 NAG BA . -39.07 -23.09 13.21
O7 NAG BA . -34.79 -22.74 7.48
C1 NAG CA . -51.37 -24.50 -4.09
C2 NAG CA . -51.98 -23.44 -3.16
C3 NAG CA . -52.14 -24.04 -1.75
C4 NAG CA . -52.98 -25.30 -1.82
C5 NAG CA . -52.32 -26.30 -2.77
C6 NAG CA . -53.15 -27.54 -2.96
C7 NAG CA . -51.45 -21.17 -2.39
C8 NAG CA . -50.43 -20.08 -2.36
N2 NAG CA . -51.12 -22.26 -3.08
O3 NAG CA . -52.77 -23.14 -0.86
O4 NAG CA . -53.11 -25.88 -0.53
O5 NAG CA . -52.18 -25.69 -4.06
O6 NAG CA . -52.37 -28.73 -2.83
O7 NAG CA . -52.52 -21.07 -1.80
C1 NAG DA . -43.50 -52.78 -31.63
C2 NAG DA . -43.14 -54.18 -32.14
C3 NAG DA . -44.41 -54.86 -32.65
C4 NAG DA . -45.42 -54.93 -31.53
C5 NAG DA . -45.72 -53.51 -31.04
C6 NAG DA . -46.68 -53.48 -29.86
C7 NAG DA . -41.35 -55.15 -33.51
C8 NAG DA . -40.39 -54.90 -34.64
N2 NAG DA . -42.14 -54.12 -33.20
O3 NAG DA . -44.10 -56.18 -33.11
O4 NAG DA . -46.63 -55.54 -31.98
O5 NAG DA . -44.51 -52.89 -30.59
O6 NAG DA . -46.91 -52.16 -29.41
O7 NAG DA . -41.39 -56.22 -32.92
C1 NAG EA . -50.07 -39.52 -34.23
C2 NAG EA . -51.38 -38.73 -34.14
C3 NAG EA . -51.84 -38.66 -32.70
C4 NAG EA . -52.02 -40.08 -32.18
C5 NAG EA . -50.69 -40.82 -32.32
C6 NAG EA . -50.78 -42.29 -31.94
C7 NAG EA . -51.84 -37.00 -35.83
C8 NAG EA . -51.55 -35.60 -36.28
N2 NAG EA . -51.23 -37.40 -34.72
O3 NAG EA . -53.06 -37.95 -32.62
O4 NAG EA . -52.43 -40.08 -30.83
O5 NAG EA . -50.26 -40.80 -33.68
O6 NAG EA . -50.23 -43.10 -32.97
O7 NAG EA . -52.60 -37.74 -36.46
C1 NAG FA . 42.47 15.15 17.05
C2 NAG FA . 42.50 15.02 18.57
C3 NAG FA . 43.52 13.96 19.00
C4 NAG FA . 43.33 12.66 18.22
C5 NAG FA . 43.30 12.99 16.73
C6 NAG FA . 43.14 11.73 15.88
C7 NAG FA . 42.87 16.46 20.52
C8 NAG FA . 43.06 17.87 21.01
N2 NAG FA . 42.83 16.28 19.20
O3 NAG FA . 43.39 13.73 20.41
O4 NAG FA . 44.46 11.78 18.37
O5 NAG FA . 42.23 13.89 16.46
O6 NAG FA . 41.87 11.18 16.17
O7 NAG FA . 42.76 15.52 21.31
C1 NAG GA . 21.03 -14.33 47.35
C2 NAG GA . 22.28 -15.14 47.69
C3 NAG GA . 23.51 -14.40 47.19
C4 NAG GA . 23.38 -14.16 45.69
C5 NAG GA . 22.10 -13.37 45.42
C6 NAG GA . 21.87 -13.10 43.95
C7 NAG GA . 22.99 -16.42 49.66
C8 NAG GA . 22.97 -16.49 51.16
N2 NAG GA . 22.37 -15.37 49.13
O3 NAG GA . 24.68 -15.15 47.47
O4 NAG GA . 24.50 -13.40 45.25
O5 NAG GA . 20.96 -14.10 45.91
O6 NAG GA . 22.11 -11.74 43.64
O7 NAG GA . 23.54 -17.28 48.97
C1 NAG HA . 21.76 -19.92 30.47
C2 NAG HA . 21.65 -18.82 29.41
C3 NAG HA . 22.63 -19.11 28.28
C4 NAG HA . 24.04 -19.18 28.86
C5 NAG HA . 24.08 -20.28 29.93
C6 NAG HA . 25.42 -20.39 30.62
C7 NAG HA . 19.55 -17.62 28.90
C8 NAG HA . 18.16 -17.75 28.36
N2 NAG HA . 20.29 -18.74 28.90
O3 NAG HA . 22.55 -18.08 27.31
O4 NAG HA . 24.97 -19.49 27.83
O5 NAG HA . 23.11 -19.98 30.96
O6 NAG HA . 25.82 -21.73 30.75
O7 NAG HA . 19.99 -16.55 29.34
C1 NAG IA . 22.15 -42.17 16.81
C2 NAG IA . 22.05 -43.38 15.82
C3 NAG IA . 23.23 -44.32 16.12
C4 NAG IA . 24.54 -43.56 15.96
C5 NAG IA . 24.54 -42.35 16.90
C6 NAG IA . 25.78 -41.49 16.72
C7 NAG IA . 20.45 -45.35 16.05
C8 NAG IA . 18.99 -45.69 15.99
N2 NAG IA . 20.75 -44.05 15.86
O3 NAG IA . 23.22 -45.44 15.24
O4 NAG IA . 25.63 -44.41 16.30
O5 NAG IA . 23.43 -41.50 16.62
O6 NAG IA . 26.96 -42.27 16.70
O7 NAG IA . 21.30 -46.21 16.29
C1 NAG JA . -15.07 -39.07 20.94
C2 NAG JA . -14.53 -40.41 20.41
C3 NAG JA . -15.58 -41.49 20.61
C4 NAG JA . -15.96 -41.57 22.08
C5 NAG JA . -16.47 -40.21 22.54
C6 NAG JA . -16.80 -40.18 24.01
C7 NAG JA . -12.96 -40.64 18.53
C8 NAG JA . -12.77 -40.48 17.05
N2 NAG JA . -14.16 -40.30 19.02
O3 NAG JA . -15.07 -42.73 20.15
O4 NAG JA . -16.96 -42.55 22.28
O5 NAG JA . -15.45 -39.22 22.31
O6 NAG JA . -17.24 -38.89 24.42
O7 NAG JA . -12.06 -41.04 19.26
C1 NAG KA . 47.19 -3.27 -1.77
C2 NAG KA . 48.17 -4.40 -2.04
C3 NAG KA . 49.22 -3.94 -3.03
C4 NAG KA . 48.53 -3.47 -4.31
C5 NAG KA . 47.53 -2.37 -3.98
C6 NAG KA . 46.74 -1.90 -5.17
C7 NAG KA . 48.71 -6.12 -0.36
C8 NAG KA . 49.42 -6.39 0.93
N2 NAG KA . 48.80 -4.87 -0.81
O3 NAG KA . 50.12 -4.99 -3.31
O4 NAG KA . 49.49 -2.98 -5.24
O5 NAG KA . 46.58 -2.84 -3.01
O6 NAG KA . 47.10 -0.59 -5.55
O7 NAG KA . 48.09 -6.99 -0.96
C1 NAG LA . -6.27 -46.61 -2.48
C2 NAG LA . -7.00 -47.09 -3.73
C3 NAG LA . -8.40 -46.52 -3.76
C4 NAG LA . -9.13 -46.92 -2.50
C5 NAG LA . -8.34 -46.40 -1.30
C6 NAG LA . -8.93 -46.80 0.03
C7 NAG LA . -5.30 -47.42 -5.50
C8 NAG LA . -4.68 -46.85 -6.74
N2 NAG LA . -6.27 -46.70 -4.94
O3 NAG LA . -9.09 -47.02 -4.90
O4 NAG LA . -10.46 -46.40 -2.47
O5 NAG LA . -7.02 -46.96 -1.33
O6 NAG LA . -7.95 -46.71 1.06
O7 NAG LA . -4.95 -48.50 -5.04
C1 NAG MA . 27.64 -32.30 -14.90
C2 NAG MA . 27.10 -31.90 -16.28
C3 NAG MA . 27.87 -32.64 -17.36
C4 NAG MA . 29.35 -32.32 -17.23
C5 NAG MA . 29.82 -32.71 -15.82
C6 NAG MA . 31.27 -32.36 -15.59
C7 NAG MA . 24.75 -31.18 -16.32
C8 NAG MA . 23.32 -31.62 -16.45
N2 NAG MA . 25.68 -32.15 -16.39
O3 NAG MA . 27.39 -32.24 -18.64
O4 NAG MA . 30.09 -33.03 -18.21
O5 NAG MA . 29.05 -32.02 -14.83
O6 NAG MA . 31.56 -32.27 -14.20
O7 NAG MA . 25.05 -30.01 -16.14
C1 NAG NA . 20.40 -49.28 -20.43
C2 NAG NA . 21.05 -49.62 -19.08
C3 NAG NA . 22.55 -49.30 -19.15
C4 NAG NA . 23.18 -50.09 -20.30
C5 NAG NA . 22.50 -49.72 -21.60
C6 NAG NA . 23.01 -50.53 -22.77
C7 NAG NA . 20.78 -48.95 -16.73
C8 NAG NA . 20.12 -48.01 -15.78
N2 NAG NA . 20.45 -48.82 -18.02
O3 NAG NA . 23.23 -49.67 -17.96
O4 NAG NA . 24.57 -49.78 -20.38
O5 NAG NA . 21.09 -50.01 -21.49
O6 NAG NA . 23.29 -49.71 -23.90
O7 NAG NA . 21.59 -49.79 -16.35
C1 NAG OA . 3.38 -49.40 -56.92
C2 NAG OA . 3.31 -49.18 -58.43
C3 NAG OA . 3.47 -50.51 -59.14
C4 NAG OA . 4.80 -51.12 -58.75
C5 NAG OA . 4.85 -51.30 -57.23
C6 NAG OA . 6.16 -51.85 -56.73
C7 NAG OA . 1.88 -47.86 -59.93
C8 NAG OA . 0.50 -47.30 -60.16
N2 NAG OA . 2.04 -48.56 -58.81
O3 NAG OA . 3.42 -50.32 -60.55
O4 NAG OA . 4.97 -52.39 -59.38
O5 NAG OA . 4.65 -50.02 -56.59
O6 NAG OA . 6.17 -51.98 -55.32
O7 NAG OA . 2.79 -47.69 -60.73
C1 NAG PA . -1.53 -56.91 -44.85
C2 NAG PA . -1.34 -58.14 -43.99
C3 NAG PA . 0.06 -58.14 -43.40
C4 NAG PA . 1.07 -58.10 -44.54
C5 NAG PA . 0.81 -56.86 -45.39
C6 NAG PA . 1.67 -56.78 -46.62
C7 NAG PA . -3.30 -59.17 -42.90
C8 NAG PA . -4.26 -59.08 -41.77
N2 NAG PA . -2.35 -58.22 -42.95
O3 NAG PA . 0.26 -59.30 -42.60
O4 NAG PA . 2.39 -58.07 -44.03
O5 NAG PA . -0.54 -56.88 -45.85
O6 NAG PA . 0.88 -56.55 -47.78
O7 NAG PA . -3.37 -60.06 -43.74
#